data_8KAJ
#
_entry.id   8KAJ
#
_cell.length_a   144.735
_cell.length_b   131.105
_cell.length_c   146.631
_cell.angle_alpha   90.000
_cell.angle_beta   103.680
_cell.angle_gamma   90.000
#
_symmetry.space_group_name_H-M   'P 1 21 1'
#
loop_
_entity.id
_entity.type
_entity.pdbx_description
1 polymer 'RNA (34-MER)'
2 polymer 'CRISPR-associated endonuclease Cas9/Csn1'
3 polymer "DNA (5'-D(*CP*AP*AP*TP*AP*CP*CP*TP*TP*TP*TP*AP*TP*CP*CP*AP*TP*AP*AP*AP*TP*TP*CP*G)-3')"
4 polymer "DNA (5'-D(*TP*TP*TP*AP*GP*GP*TP*AP*TP*TP*G)-3')"
5 polymer 'RNA (65-MER)'
#
loop_
_entity_poly.entity_id
_entity_poly.type
_entity_poly.pdbx_seq_one_letter_code
_entity_poly.pdbx_strand_id
1 'polyribonucleotide' UUAACGAAUUUAUGGAUAAAGUUUUAGAGCUAUG A,E
2 'polypeptide(L)'
;MDKKYSIGLAIGTNSVGWAVITDEYKVPSKKFKVLGNTDRHSIKKNLIGALLFDSGETAEATRLKRTARRRYTRRKNRIC
YLQEIFSNEMAKVDDSFFHRLEESFLVEEDKKHERHPIFGNIVDEVAYHEKYPTIYHLRKKLVDSTDKADLRLIYLALAH
MIKFRGHFLIEGDLNPDNSDVDKLFIQLVQTYNQLFEENPINASGVDAKAILSARLSKSRRLENLIAQLPGEKKNGLFGN
LIALSLGLTPNFKSNFDLAEDAKLQLSKDTYDDDLDNLLAQIGDQYADLFLAAKNLSDAILLSDILRVNTEITKAPLSAS
MIKRYDEHHQDLTLLKALVRQQLPEKYKEIFFDQSKNGYAGYIDGGASQEEFYKFIKPILEKMDGTEELLVKLNREDLLR
KQRTFDNGSIPHQIHLGELHAILRRQEDFYPFLKDNREKIEKILTFRIPYYVGPLARGNSRFAWMTRKSEETITPWNFEE
VVDKGASAQSFIERMTNFDKNLPNEKVLPKHSLLYEYFTVYNELTKVKYVTEGMRKPAFLSGEQKKAIVDLLFKTNRKVT
VKQLKEDYFKKIECFDSVEISGVEDRFNASLGTYHDLLKIIKDKDFLDNEENEDILEDIVLTLTLFEDREMIEERLKTYA
HLFDDKVMKQLKRRRYTGWGRLSRKLINGIRDKQSGKTILDFLKSDGFANRNFMQLIHDDSLTFKEDIQKAQVSGQGDSL
HEHIANLAGSPAIKKGILQTVKVVDELVKVMGRHKPENIVIEMARENQTTQKGQKNSRERMKRIEEGIKELGSQILKEHP
VENTQLQNEKLYLYYLQNGRDMYVDQELDINRLSDYDVDAIVPQSFLKDDSIDNKVLTRSDKNRGKSDNVPSEEVVKKMK
NYWRQLLNAKLITQRKFDNLTKAERGGLSELDKAGFIKRQLVETRQITKHVAQILDSRMNTKYDENDKLIREVKVITLKS
KLVSDFRKDFQFYKVREINNYHHAHDAYLNAVVGTALIKKYPKLESEFVYGDYKVYDVRKMIAKSEQEIGKATAKYFFYS
NIMNFFKTEITLANGEIRKRPLIETNGETGEIVWDKGRDFATVRKVLSMPQVNIVKKTEVQTGGFSKESILPKRNSDKLI
ARKKDWDPKKYGGFDSPTVAYSVLVVAKVEKGKSKKLKSVKELLGITIMERSSFEKNPIDFLEAKGYKEVKKDLIIKLPK
YSLFELENGRKRMLASAGELQKGNELALPSKYVNFLYLASHYEKLKGSPEDNEQKQLFVEQHKHYLDEIIEQISEFSKRV
ILADANLDKVLSAYNKHRDKPIREQAENIIHLFTLTNLGAPAAFKYFDTTIDRKRYTSTKEVLDATLIHQSITGLYETRI
DLSQLGGD
;
B,F
3 'polydeoxyribonucleotide'
;(DC)(DA)(DA)(DT)(DA)(DC)(DC)(DT)(DT)(DT)(DT)(DA)(DT)(DC)(DC)(DA)(DT)(DA)(DA)(DA)
(DT)(DT)(DC)(DG)
;
C,G
4 'polydeoxyribonucleotide' (DT)(DT)(DT)(DA)(DG)(DG)(DT)(DA)(DT)(DT)(DG) D,H
5 'polyribonucleotide' GGUAGCAAGUUAAAAUAAGGCUAGUCCGUUAUCAACUUGAAAAAGUGGCACCGAGUCGGUGCUUC I,J
#
# COMPACT_ATOMS: atom_id res chain seq x y z
N LYS B 4 -28.92 12.97 40.60
CA LYS B 4 -30.33 12.76 40.97
C LYS B 4 -31.03 11.54 40.34
N TYR B 5 -30.24 10.61 39.76
CA TYR B 5 -30.76 9.38 39.14
C TYR B 5 -29.70 8.29 39.12
N SER B 6 -30.16 7.07 38.82
CA SER B 6 -29.31 5.88 38.73
C SER B 6 -29.88 4.95 37.65
N ILE B 7 -28.99 4.26 36.92
CA ILE B 7 -29.37 3.43 35.77
C ILE B 7 -29.20 1.95 36.11
N GLY B 8 -30.20 1.16 35.71
CA GLY B 8 -30.16 -0.28 35.87
C GLY B 8 -30.29 -0.96 34.52
N LEU B 9 -29.36 -1.88 34.22
CA LEU B 9 -29.35 -2.65 32.98
C LEU B 9 -29.60 -4.13 33.27
N ALA B 10 -30.15 -4.83 32.27
CA ALA B 10 -30.30 -6.29 32.34
C ALA B 10 -30.00 -6.83 30.94
N ILE B 11 -28.75 -7.30 30.75
CA ILE B 11 -28.21 -7.63 29.43
C ILE B 11 -28.40 -9.13 29.15
N GLY B 12 -28.90 -9.45 27.96
CA GLY B 12 -29.10 -10.83 27.57
C GLY B 12 -28.72 -11.02 26.11
N THR B 13 -29.15 -12.14 25.53
CA THR B 13 -28.71 -12.47 24.17
C THR B 13 -29.52 -11.71 23.15
N ASN B 14 -30.79 -11.50 23.47
CA ASN B 14 -31.78 -10.94 22.58
C ASN B 14 -32.34 -9.64 23.11
N SER B 15 -31.96 -9.22 24.31
CA SER B 15 -32.57 -8.04 24.88
C SER B 15 -31.61 -7.34 25.82
N VAL B 16 -31.63 -6.01 25.77
CA VAL B 16 -31.04 -5.16 26.81
C VAL B 16 -32.21 -4.53 27.55
N GLY B 17 -32.28 -4.76 28.86
CA GLY B 17 -33.31 -4.16 29.69
C GLY B 17 -32.74 -2.99 30.48
N TRP B 18 -33.56 -1.93 30.62
CA TRP B 18 -33.08 -0.69 31.21
C TRP B 18 -34.20 0.03 31.95
N ALA B 19 -33.90 0.46 33.18
CA ALA B 19 -34.81 1.27 33.99
C ALA B 19 -34.00 2.26 34.82
N VAL B 20 -34.67 3.32 35.28
CA VAL B 20 -34.06 4.45 35.97
C VAL B 20 -34.64 4.57 37.37
N ILE B 21 -33.82 4.93 38.35
CA ILE B 21 -34.31 5.02 39.73
C ILE B 21 -33.93 6.34 40.39
N THR B 22 -34.77 6.76 41.35
CA THR B 22 -34.70 8.00 42.12
C THR B 22 -34.00 7.75 43.46
N ASP B 23 -33.91 8.80 44.26
CA ASP B 23 -33.33 8.64 45.60
C ASP B 23 -34.22 7.71 46.40
N GLU B 24 -35.54 7.83 46.20
CA GLU B 24 -36.55 7.07 46.91
C GLU B 24 -37.16 5.94 46.07
N TYR B 25 -36.57 5.62 44.91
CA TYR B 25 -36.84 4.43 44.09
C TYR B 25 -38.09 4.53 43.20
N LYS B 26 -38.50 5.73 42.81
CA LYS B 26 -39.49 5.92 41.75
C LYS B 26 -38.83 5.86 40.38
N VAL B 27 -39.59 5.47 39.36
CA VAL B 27 -39.13 5.54 37.96
C VAL B 27 -39.75 6.79 37.33
N PRO B 28 -38.95 7.67 36.75
CA PRO B 28 -39.48 8.96 36.26
C PRO B 28 -40.25 8.82 34.96
N SER B 29 -40.81 9.94 34.53
CA SER B 29 -41.45 10.12 33.23
C SER B 29 -40.98 11.46 32.68
N LYS B 30 -41.21 11.69 31.40
CA LYS B 30 -40.89 12.97 30.80
C LYS B 30 -41.65 13.11 29.48
N LYS B 31 -42.05 14.34 29.19
CA LYS B 31 -42.66 14.69 27.92
C LYS B 31 -41.55 14.75 26.87
N PHE B 32 -41.79 14.14 25.71
CA PHE B 32 -40.78 14.00 24.68
C PHE B 32 -41.28 14.66 23.42
N LYS B 33 -40.38 15.32 22.71
CA LYS B 33 -40.79 15.96 21.47
C LYS B 33 -40.98 14.86 20.42
N VAL B 34 -41.90 15.09 19.49
CA VAL B 34 -42.13 14.20 18.36
C VAL B 34 -41.90 14.98 17.09
N LEU B 35 -41.05 14.46 16.24
CA LEU B 35 -40.72 15.14 15.00
C LEU B 35 -41.68 14.71 13.89
N GLY B 36 -41.45 15.25 12.67
CA GLY B 36 -42.24 14.82 11.53
C GLY B 36 -43.51 15.63 11.37
N ASN B 37 -44.20 15.37 10.27
CA ASN B 37 -45.37 16.13 9.88
C ASN B 37 -46.67 15.77 10.63
N THR B 38 -46.66 14.84 11.59
CA THR B 38 -47.90 14.48 12.30
C THR B 38 -48.24 15.48 13.40
N ASP B 39 -49.56 15.66 13.61
CA ASP B 39 -50.11 16.62 14.55
C ASP B 39 -49.68 16.37 15.98
N ARG B 40 -49.33 15.13 16.31
CA ARG B 40 -48.77 14.82 17.62
C ARG B 40 -47.43 15.53 17.71
N HIS B 41 -47.33 16.48 18.63
CA HIS B 41 -46.09 17.19 18.81
C HIS B 41 -45.42 16.83 20.11
N SER B 42 -46.07 16.07 20.96
CA SER B 42 -45.42 15.69 22.20
C SER B 42 -46.02 14.42 22.77
N ILE B 43 -45.21 13.69 23.54
CA ILE B 43 -45.67 12.49 24.24
C ILE B 43 -44.90 12.36 25.55
N LYS B 44 -45.57 11.84 26.59
CA LYS B 44 -44.94 11.46 27.85
C LYS B 44 -44.72 9.95 27.86
N LYS B 45 -43.54 9.54 28.27
CA LYS B 45 -43.16 8.14 28.28
C LYS B 45 -42.36 7.90 29.55
N ASN B 46 -42.49 6.71 30.13
CA ASN B 46 -41.69 6.40 31.31
C ASN B 46 -40.23 6.11 30.95
N LEU B 47 -39.33 6.43 31.88
CA LEU B 47 -37.89 6.24 31.72
C LEU B 47 -37.49 4.83 32.11
N ILE B 48 -38.27 3.87 31.64
CA ILE B 48 -37.98 2.45 31.72
C ILE B 48 -38.19 1.88 30.34
N GLY B 49 -37.40 0.87 29.99
CA GLY B 49 -37.60 0.24 28.70
C GLY B 49 -36.83 -1.05 28.57
N ALA B 50 -36.94 -1.64 27.39
CA ALA B 50 -36.10 -2.76 26.98
C ALA B 50 -35.97 -2.71 25.47
N LEU B 51 -34.94 -3.39 24.96
CA LEU B 51 -34.57 -3.40 23.56
C LEU B 51 -34.46 -4.82 23.05
N LEU B 52 -35.44 -5.24 22.27
CA LEU B 52 -35.38 -6.57 21.68
C LEU B 52 -34.54 -6.54 20.40
N PHE B 53 -33.85 -7.63 20.11
CA PHE B 53 -33.11 -7.65 18.84
C PHE B 53 -32.82 -9.09 18.45
N ASP B 54 -32.61 -9.30 17.15
CA ASP B 54 -32.20 -10.62 16.68
C ASP B 54 -30.76 -10.91 17.12
N SER B 55 -30.49 -12.18 17.41
CA SER B 55 -29.22 -12.58 18.01
C SER B 55 -28.05 -12.27 17.09
N GLY B 56 -26.87 -12.16 17.71
CA GLY B 56 -25.68 -12.03 16.92
C GLY B 56 -25.23 -13.36 16.33
N GLU B 57 -24.90 -13.34 15.05
CA GLU B 57 -24.59 -14.55 14.31
C GLU B 57 -23.06 -14.73 14.21
N THR B 58 -22.58 -15.91 14.59
CA THR B 58 -21.17 -16.29 14.55
C THR B 58 -20.61 -16.35 13.11
N ALA B 59 -19.31 -16.08 12.96
CA ALA B 59 -18.73 -16.21 11.63
C ALA B 59 -18.63 -17.65 11.13
N GLU B 60 -18.80 -18.63 12.01
CA GLU B 60 -18.49 -20.01 11.65
C GLU B 60 -19.32 -20.46 10.46
N ALA B 61 -20.62 -20.23 10.52
CA ALA B 61 -21.49 -20.62 9.42
C ALA B 61 -20.95 -20.04 8.12
N THR B 62 -20.51 -18.78 8.16
CA THR B 62 -20.00 -18.14 6.97
C THR B 62 -18.71 -18.76 6.51
N ARG B 63 -17.79 -18.99 7.45
CA ARG B 63 -16.47 -19.48 7.10
C ARG B 63 -16.55 -20.82 6.39
N LEU B 64 -17.39 -21.72 6.90
CA LEU B 64 -17.58 -22.99 6.22
C LEU B 64 -17.93 -22.79 4.74
N LYS B 65 -18.84 -21.86 4.42
CA LYS B 65 -19.14 -21.56 3.03
C LYS B 65 -17.90 -21.17 2.31
N ARG B 66 -17.03 -20.43 2.97
CA ARG B 66 -15.79 -20.08 2.30
C ARG B 66 -14.96 -21.30 1.96
N THR B 67 -14.92 -22.30 2.86
CA THR B 67 -14.06 -23.44 2.58
C THR B 67 -14.47 -24.08 1.26
N ALA B 68 -15.75 -24.29 1.07
CA ALA B 68 -16.23 -24.88 -0.18
C ALA B 68 -16.04 -23.93 -1.34
N ARG B 69 -16.26 -22.67 -1.10
CA ARG B 69 -16.07 -21.72 -2.17
C ARG B 69 -14.68 -21.91 -2.79
N ARG B 70 -13.66 -22.15 -1.96
CA ARG B 70 -12.31 -22.43 -2.45
C ARG B 70 -12.19 -23.87 -2.91
N ARG B 71 -12.88 -24.76 -2.21
CA ARG B 71 -12.80 -26.17 -2.54
C ARG B 71 -13.29 -26.37 -3.96
N TYR B 72 -14.28 -25.57 -4.44
CA TYR B 72 -14.78 -25.72 -5.82
C TYR B 72 -13.89 -25.02 -6.84
N THR B 73 -13.41 -23.79 -6.52
CA THR B 73 -12.51 -23.12 -7.45
C THR B 73 -11.12 -23.73 -7.46
N ARG B 74 -10.83 -24.74 -6.65
CA ARG B 74 -9.54 -25.44 -6.76
C ARG B 74 -9.66 -26.78 -7.44
N ARG B 75 -10.87 -27.30 -7.54
CA ARG B 75 -11.11 -28.61 -8.12
C ARG B 75 -11.35 -28.48 -9.59
N LYS B 76 -12.10 -27.44 -10.00
CA LYS B 76 -12.20 -27.17 -11.42
C LYS B 76 -10.83 -26.83 -11.94
N ASN B 77 -9.96 -26.34 -11.08
CA ASN B 77 -8.63 -26.11 -11.56
C ASN B 77 -7.89 -27.43 -11.72
N ARG B 78 -8.16 -28.42 -10.88
CA ARG B 78 -7.40 -29.65 -11.02
C ARG B 78 -7.75 -30.34 -12.30
N ILE B 79 -9.03 -30.35 -12.65
CA ILE B 79 -9.39 -30.98 -13.90
C ILE B 79 -8.90 -30.17 -15.07
N CYS B 80 -8.87 -28.86 -14.93
CA CYS B 80 -8.29 -28.01 -15.96
C CYS B 80 -6.83 -28.34 -16.18
N TYR B 81 -6.16 -28.83 -15.13
CA TYR B 81 -4.75 -29.20 -15.21
C TYR B 81 -4.58 -30.46 -16.03
N LEU B 82 -5.41 -31.50 -15.78
CA LEU B 82 -5.35 -32.66 -16.64
C LEU B 82 -5.67 -32.33 -18.09
N GLN B 83 -6.61 -31.43 -18.30
CA GLN B 83 -7.02 -31.19 -19.67
C GLN B 83 -5.87 -30.56 -20.43
N GLU B 84 -5.13 -29.64 -19.78
CA GLU B 84 -4.04 -29.00 -20.50
C GLU B 84 -3.02 -30.03 -20.94
N ILE B 85 -2.79 -31.06 -20.12
CA ILE B 85 -1.85 -32.09 -20.54
C ILE B 85 -2.38 -32.80 -21.76
N PHE B 86 -3.68 -33.05 -21.79
CA PHE B 86 -4.20 -33.76 -22.94
C PHE B 86 -4.42 -32.83 -24.13
N SER B 87 -4.54 -31.51 -23.91
CA SER B 87 -5.09 -30.69 -24.98
C SER B 87 -4.38 -30.94 -26.30
N ASN B 88 -3.06 -30.91 -26.26
CA ASN B 88 -2.30 -31.08 -27.48
C ASN B 88 -2.53 -32.47 -28.06
N GLU B 89 -2.41 -33.52 -27.24
CA GLU B 89 -2.51 -34.89 -27.75
C GLU B 89 -3.94 -35.28 -28.11
N MET B 90 -4.91 -34.85 -27.31
CA MET B 90 -6.31 -35.22 -27.50
C MET B 90 -6.90 -34.66 -28.78
N ALA B 91 -6.51 -33.44 -29.17
CA ALA B 91 -7.11 -32.85 -30.37
C ALA B 91 -6.85 -33.72 -31.59
N LYS B 92 -5.74 -34.48 -31.56
CA LYS B 92 -5.46 -35.42 -32.65
C LYS B 92 -6.54 -36.49 -32.71
N VAL B 93 -6.93 -37.00 -31.55
CA VAL B 93 -7.95 -38.04 -31.47
C VAL B 93 -9.35 -37.46 -31.65
N ASP B 94 -9.75 -36.46 -30.86
CA ASP B 94 -11.13 -35.93 -30.97
C ASP B 94 -11.14 -34.40 -30.92
N ASP B 95 -11.48 -33.78 -32.05
CA ASP B 95 -11.37 -32.34 -32.23
C ASP B 95 -12.13 -31.60 -31.16
N SER B 96 -13.33 -32.05 -30.83
CA SER B 96 -14.05 -31.26 -29.86
C SER B 96 -14.55 -32.11 -28.69
N PHE B 97 -13.73 -33.06 -28.24
CA PHE B 97 -14.12 -33.89 -27.09
C PHE B 97 -14.36 -33.05 -25.85
N PHE B 98 -13.41 -32.16 -25.51
CA PHE B 98 -13.57 -31.38 -24.26
C PHE B 98 -14.71 -30.40 -24.39
N HIS B 99 -14.87 -29.79 -25.56
CA HIS B 99 -16.04 -28.97 -25.78
C HIS B 99 -17.30 -29.74 -25.50
N ARG B 100 -17.38 -30.98 -26.01
CA ARG B 100 -18.61 -31.73 -25.76
C ARG B 100 -18.88 -31.86 -24.28
N LEU B 101 -17.83 -31.98 -23.47
CA LEU B 101 -18.06 -32.11 -22.02
C LEU B 101 -18.44 -30.79 -21.40
N GLU B 102 -17.78 -29.69 -21.78
CA GLU B 102 -18.06 -28.40 -21.16
C GLU B 102 -19.56 -28.09 -21.20
N GLU B 103 -20.17 -28.40 -22.34
CA GLU B 103 -21.57 -28.12 -22.69
C GLU B 103 -22.48 -29.31 -22.47
N SER B 104 -22.06 -30.26 -21.63
CA SER B 104 -22.90 -31.39 -21.26
C SER B 104 -24.20 -30.92 -20.64
N PHE B 105 -24.13 -29.85 -19.85
CA PHE B 105 -25.31 -29.34 -19.18
C PHE B 105 -26.28 -28.59 -20.08
N LEU B 106 -25.87 -28.11 -21.26
CA LEU B 106 -26.79 -27.36 -22.11
C LEU B 106 -27.77 -28.29 -22.82
N VAL B 107 -29.02 -27.79 -22.97
CA VAL B 107 -30.11 -28.50 -23.63
C VAL B 107 -29.82 -28.57 -25.13
N GLU B 108 -30.39 -29.57 -25.80
CA GLU B 108 -29.96 -29.86 -27.16
C GLU B 108 -30.13 -28.64 -28.07
N GLU B 109 -31.15 -27.83 -27.79
CA GLU B 109 -31.40 -26.57 -28.48
C GLU B 109 -30.26 -25.56 -28.25
N ASP B 110 -29.58 -25.65 -27.12
CA ASP B 110 -28.53 -24.71 -26.85
C ASP B 110 -27.17 -25.31 -27.05
N LYS B 111 -27.07 -26.64 -27.15
CA LYS B 111 -25.80 -27.29 -27.34
C LYS B 111 -25.18 -26.85 -28.64
N LYS B 112 -23.87 -26.61 -28.62
CA LYS B 112 -23.19 -26.15 -29.80
C LYS B 112 -22.52 -27.29 -30.59
N HIS B 113 -22.48 -28.48 -30.03
CA HIS B 113 -21.90 -29.64 -30.69
C HIS B 113 -22.87 -30.79 -30.49
N GLU B 114 -22.38 -31.98 -30.82
CA GLU B 114 -23.12 -33.21 -30.67
C GLU B 114 -23.64 -33.41 -29.24
N ARG B 115 -24.80 -34.08 -29.11
CA ARG B 115 -25.32 -34.36 -27.77
C ARG B 115 -24.53 -35.46 -27.03
N HIS B 116 -23.79 -36.33 -27.72
CA HIS B 116 -23.20 -37.37 -26.87
C HIS B 116 -21.74 -37.08 -26.54
N PRO B 117 -21.34 -37.06 -25.29
CA PRO B 117 -20.00 -36.54 -24.96
C PRO B 117 -18.83 -37.46 -25.27
N ILE B 118 -18.85 -38.64 -24.70
CA ILE B 118 -17.72 -39.55 -24.77
C ILE B 118 -17.30 -39.80 -26.22
N PHE B 119 -18.26 -39.99 -27.12
CA PHE B 119 -18.00 -40.04 -28.56
C PHE B 119 -19.08 -39.23 -29.24
N GLY B 120 -18.78 -38.64 -30.39
CA GLY B 120 -19.82 -37.87 -31.03
C GLY B 120 -21.05 -38.70 -31.36
N ASN B 121 -20.82 -39.84 -31.98
CA ASN B 121 -21.91 -40.62 -32.57
C ASN B 121 -22.79 -41.30 -31.53
N ILE B 122 -24.10 -41.35 -31.82
CA ILE B 122 -25.07 -42.01 -30.95
C ILE B 122 -24.79 -43.49 -30.77
N VAL B 123 -24.28 -44.15 -31.80
CA VAL B 123 -24.07 -45.60 -31.71
C VAL B 123 -22.95 -45.95 -30.71
N ASP B 124 -21.84 -45.21 -30.73
CA ASP B 124 -20.72 -45.66 -29.89
C ASP B 124 -20.93 -45.30 -28.44
N GLU B 125 -21.73 -44.29 -28.18
CA GLU B 125 -21.98 -43.94 -26.80
C GLU B 125 -22.85 -44.98 -26.08
N VAL B 126 -23.86 -45.52 -26.76
CA VAL B 126 -24.73 -46.57 -26.21
C VAL B 126 -23.94 -47.84 -25.95
N ALA B 127 -23.09 -48.20 -26.90
CA ALA B 127 -22.17 -49.30 -26.72
C ALA B 127 -21.35 -49.08 -25.46
N TYR B 128 -20.96 -47.82 -25.19
CA TYR B 128 -20.14 -47.51 -24.02
C TYR B 128 -20.85 -47.91 -22.72
N HIS B 129 -22.04 -47.36 -22.46
CA HIS B 129 -22.77 -47.73 -21.24
C HIS B 129 -23.15 -49.21 -21.28
N GLU B 130 -23.29 -49.76 -22.48
CA GLU B 130 -23.55 -51.18 -22.60
C GLU B 130 -22.40 -51.95 -21.95
N LYS B 131 -21.16 -51.57 -22.25
CA LYS B 131 -20.03 -52.34 -21.74
C LYS B 131 -19.60 -51.89 -20.35
N TYR B 132 -19.56 -50.60 -20.08
CA TYR B 132 -19.09 -50.12 -18.79
C TYR B 132 -20.19 -49.28 -18.16
N PRO B 133 -21.13 -49.93 -17.49
CA PRO B 133 -22.25 -49.21 -16.91
C PRO B 133 -21.84 -48.18 -15.89
N THR B 134 -20.79 -48.42 -15.12
CA THR B 134 -20.32 -47.44 -14.15
C THR B 134 -18.92 -46.97 -14.55
N ILE B 135 -18.55 -45.74 -14.16
CA ILE B 135 -17.15 -45.40 -14.26
C ILE B 135 -16.35 -46.44 -13.53
N TYR B 136 -16.91 -46.99 -12.44
CA TYR B 136 -16.19 -47.97 -11.64
C TYR B 136 -15.93 -49.26 -12.43
N HIS B 137 -16.83 -49.61 -13.32
CA HIS B 137 -16.57 -50.73 -14.17
C HIS B 137 -15.36 -50.43 -15.04
N LEU B 138 -15.34 -49.23 -15.63
CA LEU B 138 -14.27 -48.85 -16.55
C LEU B 138 -12.91 -48.80 -15.85
N ARG B 139 -12.89 -48.35 -14.59
CA ARG B 139 -11.61 -48.21 -13.91
C ARG B 139 -10.92 -49.55 -13.80
N LYS B 140 -11.67 -50.59 -13.48
CA LYS B 140 -11.04 -51.89 -13.40
C LYS B 140 -10.39 -52.26 -14.75
N LYS B 141 -11.12 -52.07 -15.87
CA LYS B 141 -10.55 -52.47 -17.16
C LYS B 141 -9.32 -51.66 -17.48
N LEU B 142 -9.37 -50.35 -17.25
CA LEU B 142 -8.20 -49.50 -17.53
C LEU B 142 -7.02 -49.89 -16.65
N VAL B 143 -7.29 -50.39 -15.44
CA VAL B 143 -6.24 -50.95 -14.58
C VAL B 143 -5.81 -52.33 -15.05
N ASP B 144 -6.76 -53.21 -15.34
CA ASP B 144 -6.43 -54.64 -15.56
C ASP B 144 -5.97 -55.00 -16.98
N SER B 145 -6.65 -54.57 -18.03
CA SER B 145 -6.28 -55.05 -19.36
C SER B 145 -4.89 -54.55 -19.76
N THR B 146 -4.31 -55.22 -20.73
CA THR B 146 -3.10 -54.76 -21.38
C THR B 146 -3.38 -54.09 -22.72
N ASP B 147 -4.62 -54.13 -23.17
CA ASP B 147 -4.92 -53.61 -24.48
C ASP B 147 -4.86 -52.09 -24.50
N LYS B 148 -4.41 -51.55 -25.63
CA LYS B 148 -4.49 -50.11 -25.81
C LYS B 148 -5.92 -49.59 -25.80
N ALA B 149 -6.33 -48.99 -24.71
CA ALA B 149 -7.67 -48.44 -24.55
C ALA B 149 -7.77 -47.00 -25.07
N ASP B 150 -8.94 -46.64 -25.63
CA ASP B 150 -9.16 -45.31 -26.23
C ASP B 150 -8.75 -44.16 -25.31
N LEU B 151 -8.07 -43.17 -25.90
CA LEU B 151 -7.61 -42.07 -25.08
C LEU B 151 -8.76 -41.36 -24.37
N ARG B 152 -9.94 -41.30 -25.00
CA ARG B 152 -11.12 -40.71 -24.34
C ARG B 152 -11.50 -41.46 -23.09
N LEU B 153 -11.44 -42.78 -23.12
CA LEU B 153 -11.72 -43.48 -21.88
C LEU B 153 -10.65 -43.19 -20.84
N ILE B 154 -9.37 -43.23 -21.25
CA ILE B 154 -8.31 -43.02 -20.26
C ILE B 154 -8.56 -41.71 -19.53
N TYR B 155 -8.89 -40.69 -20.30
CA TYR B 155 -9.17 -39.41 -19.68
C TYR B 155 -10.34 -39.51 -18.71
N LEU B 156 -11.43 -40.13 -19.13
CA LEU B 156 -12.57 -40.18 -18.23
C LEU B 156 -12.22 -40.83 -16.90
N ALA B 157 -11.49 -41.96 -16.93
CA ALA B 157 -11.15 -42.61 -15.69
C ALA B 157 -10.23 -41.72 -14.86
N LEU B 158 -9.12 -41.26 -15.47
CA LEU B 158 -8.15 -40.45 -14.74
C LEU B 158 -8.77 -39.18 -14.19
N ALA B 159 -9.46 -38.44 -15.03
CA ALA B 159 -10.10 -37.22 -14.54
C ALA B 159 -11.10 -37.54 -13.43
N HIS B 160 -11.72 -38.73 -13.45
CA HIS B 160 -12.71 -39.10 -12.42
C HIS B 160 -12.06 -39.39 -11.07
N MET B 161 -10.81 -39.84 -11.07
CA MET B 161 -10.08 -39.98 -9.80
C MET B 161 -9.60 -38.61 -9.29
N ILE B 162 -9.14 -37.76 -10.20
CA ILE B 162 -8.71 -36.45 -9.78
C ILE B 162 -9.89 -35.62 -9.30
N LYS B 163 -11.07 -35.75 -9.89
CA LYS B 163 -12.18 -34.94 -9.40
C LYS B 163 -12.55 -35.30 -7.97
N PHE B 164 -12.51 -36.60 -7.62
CA PHE B 164 -12.88 -37.12 -6.29
C PHE B 164 -11.72 -37.94 -5.74
N ARG B 165 -10.85 -37.34 -4.90
CA ARG B 165 -9.63 -38.04 -4.49
C ARG B 165 -9.85 -39.01 -3.38
N GLY B 166 -10.82 -38.75 -2.55
CA GLY B 166 -10.82 -39.38 -1.25
C GLY B 166 -9.88 -38.55 -0.38
N HIS B 167 -9.69 -38.97 0.86
CA HIS B 167 -9.21 -38.01 1.87
C HIS B 167 -7.71 -38.14 2.09
N PHE B 168 -7.16 -37.14 2.72
CA PHE B 168 -5.73 -37.13 2.94
C PHE B 168 -5.36 -37.45 4.36
N LEU B 169 -6.20 -38.17 5.10
CA LEU B 169 -5.99 -38.36 6.52
C LEU B 169 -4.93 -39.40 6.84
N ILE B 170 -4.21 -39.83 5.84
CA ILE B 170 -3.06 -40.69 6.05
C ILE B 170 -1.84 -40.01 5.46
N GLU B 171 -0.69 -40.19 6.11
CA GLU B 171 0.57 -39.75 5.53
C GLU B 171 1.44 -40.98 5.32
N GLY B 172 2.01 -41.08 4.12
CA GLY B 172 2.80 -42.24 3.74
C GLY B 172 2.21 -42.84 2.48
N ASP B 173 2.47 -44.09 2.17
CA ASP B 173 1.88 -44.66 0.97
C ASP B 173 1.49 -46.10 1.23
N LEU B 174 0.40 -46.51 0.60
CA LEU B 174 -0.12 -47.88 0.69
C LEU B 174 -0.06 -48.49 -0.71
N ASN B 175 0.21 -49.79 -0.81
CA ASN B 175 0.43 -50.43 -2.10
C ASN B 175 -0.68 -51.36 -2.51
N PRO B 176 -0.83 -51.58 -3.82
CA PRO B 176 -1.83 -52.56 -4.31
C PRO B 176 -1.46 -53.98 -3.94
N ASP B 177 -0.16 -54.30 -3.87
CA ASP B 177 0.27 -55.63 -3.42
C ASP B 177 -0.14 -55.89 -1.97
N ASN B 178 -0.16 -54.87 -1.13
CA ASN B 178 -0.26 -55.09 0.30
C ASN B 178 -1.67 -55.25 0.85
N SER B 179 -2.50 -56.15 0.33
CA SER B 179 -3.82 -56.32 0.95
C SER B 179 -3.92 -57.56 1.83
N ASP B 180 -3.22 -58.64 1.46
CA ASP B 180 -3.29 -59.90 2.18
C ASP B 180 -2.30 -59.90 3.32
N VAL B 181 -2.82 -59.74 4.54
CA VAL B 181 -1.94 -59.61 5.70
C VAL B 181 -1.15 -60.89 5.86
N ASP B 182 -1.80 -62.05 5.68
CA ASP B 182 -1.13 -63.33 5.85
C ASP B 182 -0.01 -63.49 4.84
N LYS B 183 -0.27 -63.08 3.60
CA LYS B 183 0.76 -63.20 2.60
C LYS B 183 1.93 -62.33 3.00
N LEU B 184 1.61 -61.13 3.48
CA LEU B 184 2.64 -60.25 4.00
C LEU B 184 3.19 -60.75 5.33
N PHE B 185 2.33 -61.35 6.18
CA PHE B 185 2.79 -61.86 7.46
C PHE B 185 3.86 -62.93 7.25
N ILE B 186 3.59 -63.88 6.35
CA ILE B 186 4.55 -64.95 6.13
C ILE B 186 5.88 -64.37 5.71
N GLN B 187 5.87 -63.36 4.82
CA GLN B 187 7.11 -62.70 4.45
C GLN B 187 7.76 -62.11 5.69
N LEU B 188 6.95 -61.55 6.60
CA LEU B 188 7.50 -61.00 7.83
C LEU B 188 8.11 -62.10 8.69
N VAL B 189 7.43 -63.24 8.79
CA VAL B 189 8.06 -64.38 9.45
C VAL B 189 9.21 -64.91 8.61
N GLN B 190 9.03 -64.99 7.29
CA GLN B 190 10.04 -65.62 6.42
C GLN B 190 11.37 -64.90 6.49
N THR B 191 11.36 -63.57 6.43
CA THR B 191 12.61 -62.83 6.45
C THR B 191 13.32 -63.06 7.78
N TYR B 192 12.56 -63.03 8.89
CA TYR B 192 13.12 -63.32 10.21
C TYR B 192 13.80 -64.69 10.27
N ASN B 193 13.36 -65.64 9.43
CA ASN B 193 13.99 -66.96 9.38
C ASN B 193 15.25 -67.01 8.54
N GLN B 194 15.31 -66.23 7.45
CA GLN B 194 16.53 -66.17 6.66
C GLN B 194 17.64 -65.44 7.37
N LEU B 195 17.28 -64.70 8.42
CA LEU B 195 18.22 -63.94 9.23
C LEU B 195 18.55 -64.60 10.56
N PHE B 196 17.64 -65.43 11.11
CA PHE B 196 17.76 -65.96 12.46
C PHE B 196 17.62 -67.49 12.46
N GLU B 197 18.74 -68.19 12.26
CA GLU B 197 18.71 -69.65 12.31
C GLU B 197 18.84 -70.18 13.73
N GLU B 198 19.26 -69.33 14.68
CA GLU B 198 19.36 -69.73 16.09
C GLU B 198 18.00 -69.73 16.79
N ASN B 199 17.09 -68.83 16.40
CA ASN B 199 15.74 -68.77 16.97
C ASN B 199 14.75 -68.59 15.81
N PRO B 200 14.60 -69.61 14.95
CA PRO B 200 13.60 -69.58 13.87
C PRO B 200 12.18 -69.85 14.35
N ILE B 201 11.23 -69.13 13.75
CA ILE B 201 9.83 -69.13 14.16
C ILE B 201 9.03 -69.82 13.07
N ASN B 202 7.88 -70.38 13.45
CA ASN B 202 7.04 -71.06 12.47
C ASN B 202 5.63 -70.49 12.53
N ALA B 203 5.06 -70.19 11.36
CA ALA B 203 3.73 -69.58 11.32
C ALA B 203 2.65 -70.65 11.42
N SER B 204 2.98 -71.87 10.98
CA SER B 204 2.18 -73.04 11.31
C SER B 204 0.77 -72.89 10.81
N GLY B 205 -0.10 -72.46 11.72
CA GLY B 205 -1.50 -72.25 11.43
C GLY B 205 -2.06 -71.07 12.19
N VAL B 206 -1.23 -70.08 12.50
CA VAL B 206 -1.77 -68.86 13.09
C VAL B 206 -2.72 -68.22 12.09
N ASP B 207 -3.87 -67.77 12.58
CA ASP B 207 -4.79 -66.99 11.74
C ASP B 207 -4.36 -65.54 11.88
N ALA B 208 -3.43 -65.12 11.03
CA ALA B 208 -2.96 -63.73 11.05
C ALA B 208 -4.05 -62.78 10.58
N LYS B 209 -4.87 -63.21 9.62
CA LYS B 209 -5.90 -62.33 9.09
C LYS B 209 -6.84 -61.87 10.19
N ALA B 210 -7.44 -62.82 10.90
CA ALA B 210 -8.41 -62.47 11.91
C ALA B 210 -7.77 -61.72 13.07
N ILE B 211 -6.63 -62.21 13.56
CA ILE B 211 -6.05 -61.66 14.79
C ILE B 211 -5.59 -60.23 14.57
N LEU B 212 -4.92 -59.98 13.45
CA LEU B 212 -4.31 -58.67 13.28
C LEU B 212 -5.36 -57.60 12.99
N SER B 213 -6.25 -57.85 12.03
CA SER B 213 -7.20 -56.83 11.61
C SER B 213 -8.48 -56.91 12.46
N ALA B 214 -8.46 -56.26 13.62
CA ALA B 214 -9.63 -56.28 14.50
C ALA B 214 -9.83 -54.90 15.14
N ARG B 215 -11.09 -54.55 15.40
CA ARG B 215 -11.42 -53.24 15.97
C ARG B 215 -10.83 -53.05 17.39
N LEU B 216 -10.04 -54.01 17.90
CA LEU B 216 -9.50 -53.93 19.25
C LEU B 216 -8.37 -52.90 19.34
N SER B 217 -7.96 -52.66 20.58
CA SER B 217 -6.78 -51.83 20.85
C SER B 217 -5.61 -52.29 19.98
N LYS B 218 -4.79 -51.33 19.52
CA LYS B 218 -3.54 -51.71 18.86
C LYS B 218 -2.71 -52.62 19.77
N SER B 219 -3.00 -52.58 21.07
CA SER B 219 -2.32 -53.35 22.10
C SER B 219 -2.90 -54.76 22.25
N ARG B 220 -4.22 -54.87 22.30
CA ARG B 220 -4.82 -56.18 22.52
C ARG B 220 -4.55 -57.12 21.35
N ARG B 221 -4.49 -56.60 20.12
CA ARG B 221 -4.23 -57.50 18.99
C ARG B 221 -2.82 -58.04 19.10
N LEU B 222 -1.87 -57.20 19.54
CA LEU B 222 -0.48 -57.63 19.67
C LEU B 222 -0.38 -58.82 20.60
N GLU B 223 -1.04 -58.72 21.76
CA GLU B 223 -1.01 -59.81 22.74
C GLU B 223 -1.67 -61.05 22.19
N ASN B 224 -2.81 -60.88 21.49
CA ASN B 224 -3.49 -62.04 20.96
C ASN B 224 -2.64 -62.77 19.92
N LEU B 225 -1.86 -62.03 19.12
CA LEU B 225 -0.99 -62.73 18.18
C LEU B 225 0.08 -63.52 18.89
N ILE B 226 0.89 -62.87 19.73
CA ILE B 226 2.01 -63.63 20.25
C ILE B 226 1.54 -64.76 21.16
N ALA B 227 0.35 -64.61 21.73
CA ALA B 227 -0.26 -65.72 22.45
C ALA B 227 -0.49 -66.91 21.53
N GLN B 228 -0.88 -66.63 20.28
CA GLN B 228 -1.11 -67.73 19.36
C GLN B 228 0.19 -68.44 19.02
N LEU B 229 1.29 -67.69 18.89
CA LEU B 229 2.56 -68.31 18.55
C LEU B 229 3.08 -69.07 19.76
N PRO B 230 4.12 -69.89 19.59
CA PRO B 230 4.43 -70.88 20.63
C PRO B 230 4.86 -70.31 21.96
N GLY B 231 4.65 -69.04 22.17
CA GLY B 231 5.11 -68.51 23.42
C GLY B 231 6.39 -67.77 23.10
N GLU B 232 6.25 -66.46 22.91
CA GLU B 232 7.36 -65.51 22.83
C GLU B 232 6.88 -64.22 23.49
N LYS B 233 7.83 -63.45 23.99
CA LYS B 233 7.52 -62.23 24.74
C LYS B 233 7.17 -61.07 23.81
N LYS B 234 6.11 -60.34 24.18
CA LYS B 234 5.88 -59.06 23.55
C LYS B 234 7.15 -58.21 23.57
N ASN B 235 7.93 -58.31 24.67
CA ASN B 235 9.28 -57.73 24.76
C ASN B 235 10.30 -58.43 23.89
N GLY B 236 10.09 -59.70 23.53
CA GLY B 236 10.95 -60.35 22.56
C GLY B 236 10.87 -59.65 21.22
N LEU B 237 11.88 -59.90 20.36
CA LEU B 237 12.03 -59.08 19.15
C LEU B 237 10.86 -59.25 18.17
N PHE B 238 10.38 -60.48 17.97
CA PHE B 238 9.29 -60.68 17.03
C PHE B 238 8.06 -59.87 17.41
N GLY B 239 7.76 -59.79 18.70
CA GLY B 239 6.66 -58.93 19.12
C GLY B 239 6.93 -57.46 18.87
N ASN B 240 8.18 -57.03 19.08
CA ASN B 240 8.53 -55.64 18.77
C ASN B 240 8.30 -55.35 17.31
N LEU B 241 8.56 -56.34 16.44
CA LEU B 241 8.25 -56.17 15.04
C LEU B 241 6.74 -56.16 14.83
N ILE B 242 6.03 -57.13 15.43
CA ILE B 242 4.59 -57.20 15.24
C ILE B 242 3.95 -55.95 15.77
N ALA B 243 4.42 -55.45 16.91
CA ALA B 243 3.92 -54.18 17.39
C ALA B 243 4.19 -53.08 16.38
N LEU B 244 5.30 -53.17 15.65
CA LEU B 244 5.64 -52.11 14.70
C LEU B 244 4.63 -52.05 13.56
N SER B 245 4.17 -53.20 13.11
CA SER B 245 3.13 -53.27 12.12
C SER B 245 1.87 -52.70 12.69
N LEU B 246 1.58 -53.04 13.94
CA LEU B 246 0.42 -52.50 14.59
C LEU B 246 0.79 -51.05 14.74
N GLY B 247 -0.18 -50.17 14.84
CA GLY B 247 0.13 -48.75 14.79
C GLY B 247 0.59 -48.42 16.17
N LEU B 248 1.74 -48.96 16.52
CA LEU B 248 2.23 -48.93 17.88
C LEU B 248 3.68 -48.57 17.86
N THR B 249 4.17 -48.01 18.97
CA THR B 249 5.58 -47.71 19.07
C THR B 249 6.24 -48.70 19.99
N PRO B 250 7.21 -49.40 19.44
CA PRO B 250 8.07 -50.33 20.16
C PRO B 250 9.50 -49.83 20.28
N ASN B 251 10.17 -50.32 21.31
CA ASN B 251 11.60 -50.07 21.50
C ASN B 251 12.41 -51.34 21.22
N PHE B 252 13.40 -51.25 20.35
CA PHE B 252 14.27 -52.41 20.11
C PHE B 252 15.50 -52.41 20.97
N LYS B 253 15.63 -51.46 21.89
CA LYS B 253 16.84 -51.36 22.69
C LYS B 253 17.04 -52.61 23.54
N SER B 254 15.95 -53.23 23.99
CA SER B 254 16.08 -54.35 24.91
C SER B 254 16.82 -55.51 24.26
N ASN B 255 16.55 -55.78 22.98
CA ASN B 255 17.20 -56.89 22.28
C ASN B 255 18.69 -56.64 22.05
N PHE B 256 19.02 -55.44 21.63
CA PHE B 256 20.39 -55.10 21.29
C PHE B 256 21.14 -54.36 22.41
N ASP B 257 20.42 -53.93 23.45
CA ASP B 257 20.94 -53.21 24.64
C ASP B 257 21.77 -51.99 24.24
N LEU B 258 21.26 -51.25 23.27
CA LEU B 258 21.91 -50.03 22.82
C LEU B 258 21.88 -48.98 23.92
N ALA B 259 22.88 -48.07 23.87
CA ALA B 259 23.11 -47.15 24.97
C ALA B 259 21.92 -46.23 25.24
N GLU B 260 21.27 -45.72 24.21
CA GLU B 260 20.09 -44.91 24.45
C GLU B 260 18.90 -45.50 23.70
N ASP B 261 17.72 -45.30 24.30
CA ASP B 261 16.49 -45.83 23.73
C ASP B 261 16.22 -45.25 22.35
N ALA B 262 15.88 -46.11 21.40
CA ALA B 262 15.51 -45.73 20.04
C ALA B 262 14.21 -46.46 19.67
N LYS B 263 13.10 -45.76 19.78
CA LYS B 263 11.81 -46.30 19.40
C LYS B 263 11.49 -45.91 17.96
N LEU B 264 10.52 -46.61 17.37
CA LEU B 264 10.22 -46.46 15.94
C LEU B 264 8.71 -46.46 15.74
N GLN B 265 8.13 -45.32 15.38
CA GLN B 265 6.71 -45.28 15.08
C GLN B 265 6.50 -44.95 13.60
N LEU B 266 5.47 -45.56 13.03
CA LEU B 266 5.25 -45.50 11.61
C LEU B 266 4.40 -44.30 11.17
N SER B 267 3.59 -43.73 12.07
CA SER B 267 2.91 -42.51 11.67
C SER B 267 3.83 -41.30 11.82
N LYS B 268 4.59 -41.22 12.92
CA LYS B 268 5.43 -40.06 13.20
C LYS B 268 6.53 -39.92 12.14
N ASP B 269 6.93 -38.67 11.90
CA ASP B 269 7.85 -38.39 10.80
C ASP B 269 9.17 -39.11 11.01
N THR B 270 9.63 -39.17 12.24
CA THR B 270 10.99 -39.59 12.50
C THR B 270 11.23 -41.08 12.30
N TYR B 271 10.72 -41.68 11.21
CA TYR B 271 10.94 -43.12 11.04
C TYR B 271 11.99 -43.47 9.98
N ASP B 272 11.92 -42.90 8.77
CA ASP B 272 12.92 -43.21 7.74
C ASP B 272 14.31 -42.80 8.18
N ASP B 273 14.40 -41.64 8.80
CA ASP B 273 15.63 -41.11 9.36
C ASP B 273 16.13 -41.93 10.55
N ASP B 274 15.21 -42.24 11.50
CA ASP B 274 15.56 -43.01 12.69
C ASP B 274 16.05 -44.39 12.35
N LEU B 275 15.56 -44.98 11.26
CA LEU B 275 15.94 -46.35 10.96
C LEU B 275 17.44 -46.47 10.77
N ASP B 276 18.03 -45.62 9.93
CA ASP B 276 19.46 -45.75 9.64
C ASP B 276 20.35 -45.40 10.84
N ASN B 277 19.94 -44.46 11.69
CA ASN B 277 20.73 -44.18 12.88
C ASN B 277 20.78 -45.40 13.81
N LEU B 278 19.65 -46.14 13.92
CA LEU B 278 19.62 -47.44 14.59
C LEU B 278 20.14 -48.58 13.72
N LEU B 279 19.80 -48.56 12.43
CA LEU B 279 20.11 -49.66 11.51
C LEU B 279 21.60 -49.82 11.31
N ALA B 280 22.36 -48.72 11.37
CA ALA B 280 23.80 -48.78 11.12
C ALA B 280 24.52 -49.66 12.16
N GLN B 281 24.11 -49.59 13.44
CA GLN B 281 24.80 -50.37 14.47
C GLN B 281 24.58 -51.86 14.25
N ILE B 282 23.33 -52.27 14.04
CA ILE B 282 23.04 -53.67 13.76
C ILE B 282 23.59 -54.11 12.41
N GLY B 283 23.64 -53.21 11.44
CA GLY B 283 24.08 -53.51 10.09
C GLY B 283 22.94 -53.45 9.08
N ASP B 284 23.33 -53.23 7.82
CA ASP B 284 22.37 -53.01 6.75
C ASP B 284 21.56 -54.26 6.39
N GLN B 285 22.08 -55.44 6.70
CA GLN B 285 21.38 -56.70 6.38
C GLN B 285 20.00 -56.74 7.00
N TYR B 286 19.87 -56.23 8.22
CA TYR B 286 18.60 -56.27 8.92
C TYR B 286 17.53 -55.48 8.19
N ALA B 287 17.91 -54.39 7.51
CA ALA B 287 16.90 -53.46 7.01
C ALA B 287 15.89 -54.18 6.13
N ASP B 288 16.32 -55.22 5.40
CA ASP B 288 15.40 -55.98 4.56
C ASP B 288 14.22 -56.47 5.41
N LEU B 289 14.48 -56.76 6.68
CA LEU B 289 13.44 -57.16 7.61
C LEU B 289 12.50 -56.01 7.92
N PHE B 290 13.03 -54.82 8.23
CA PHE B 290 12.17 -53.74 8.68
C PHE B 290 11.20 -53.28 7.59
N LEU B 291 11.64 -53.23 6.33
CA LEU B 291 10.70 -52.94 5.25
C LEU B 291 9.60 -53.98 5.18
N ALA B 292 9.91 -55.25 5.45
CA ALA B 292 8.85 -56.24 5.46
C ALA B 292 7.82 -55.88 6.50
N ALA B 293 8.27 -55.47 7.69
CA ALA B 293 7.34 -55.08 8.73
C ALA B 293 6.53 -53.86 8.33
N LYS B 294 7.16 -52.86 7.71
CA LYS B 294 6.42 -51.68 7.29
C LYS B 294 5.33 -52.10 6.31
N ASN B 295 5.63 -53.05 5.45
CA ASN B 295 4.64 -53.45 4.48
C ASN B 295 3.40 -53.98 5.16
N LEU B 296 3.58 -54.80 6.20
CA LEU B 296 2.45 -55.34 6.93
C LEU B 296 1.60 -54.24 7.52
N SER B 297 2.24 -53.21 8.05
CA SER B 297 1.48 -52.08 8.56
C SER B 297 0.56 -51.56 7.48
N ASP B 298 1.11 -51.36 6.29
CA ASP B 298 0.29 -50.91 5.17
C ASP B 298 -0.76 -51.95 4.83
N ALA B 299 -0.50 -53.22 5.08
CA ALA B 299 -1.54 -54.21 4.89
C ALA B 299 -2.64 -54.04 5.93
N ILE B 300 -2.26 -53.90 7.19
CA ILE B 300 -3.27 -53.75 8.25
C ILE B 300 -4.15 -52.52 7.99
N LEU B 301 -3.53 -51.37 7.71
CA LEU B 301 -4.25 -50.10 7.63
C LEU B 301 -5.41 -50.17 6.65
N LEU B 302 -5.17 -50.66 5.46
CA LEU B 302 -6.26 -50.79 4.51
C LEU B 302 -7.06 -52.06 4.70
N SER B 303 -6.74 -52.86 5.71
CA SER B 303 -7.52 -54.06 6.00
C SER B 303 -8.95 -53.72 6.42
N ASP B 304 -9.14 -52.63 7.16
CA ASP B 304 -10.52 -52.23 7.43
C ASP B 304 -11.16 -51.49 6.25
N ILE B 305 -10.37 -50.75 5.42
CA ILE B 305 -11.01 -49.88 4.44
C ILE B 305 -11.59 -50.72 3.30
N LEU B 306 -10.81 -51.68 2.83
CA LEU B 306 -11.17 -52.47 1.66
C LEU B 306 -11.26 -53.89 2.22
N ARG B 307 -12.44 -54.26 2.72
CA ARG B 307 -12.56 -55.52 3.46
C ARG B 307 -12.61 -56.73 2.54
N VAL B 308 -13.32 -56.60 1.43
CA VAL B 308 -13.48 -57.68 0.46
C VAL B 308 -12.15 -58.23 -0.08
N ASN B 309 -12.22 -59.47 -0.61
CA ASN B 309 -11.09 -60.04 -1.34
C ASN B 309 -10.70 -59.21 -2.55
N THR B 310 -9.41 -58.90 -2.63
CA THR B 310 -8.80 -58.10 -3.68
C THR B 310 -7.60 -58.80 -4.33
N GLU B 311 -7.58 -60.14 -4.33
CA GLU B 311 -6.46 -60.91 -4.88
C GLU B 311 -6.44 -60.91 -6.42
N ILE B 312 -7.61 -60.91 -7.06
CA ILE B 312 -7.63 -61.05 -8.51
C ILE B 312 -7.12 -59.80 -9.25
N THR B 313 -7.28 -58.60 -8.66
CA THR B 313 -7.06 -57.32 -9.35
C THR B 313 -6.16 -56.39 -8.55
N LYS B 314 -5.59 -55.43 -9.29
CA LYS B 314 -4.82 -54.33 -8.74
C LYS B 314 -5.70 -53.12 -8.48
N ALA B 315 -7.00 -53.25 -8.71
CA ALA B 315 -7.92 -52.15 -8.50
C ALA B 315 -9.03 -52.62 -7.57
N PRO B 316 -8.74 -52.73 -6.26
CA PRO B 316 -9.74 -53.31 -5.36
C PRO B 316 -10.95 -52.44 -5.26
N LEU B 317 -10.75 -51.12 -5.27
CA LEU B 317 -11.86 -50.22 -5.00
C LEU B 317 -12.95 -50.36 -6.04
N SER B 318 -12.58 -50.15 -7.31
CA SER B 318 -13.55 -50.34 -8.40
C SER B 318 -14.12 -51.76 -8.40
N ALA B 319 -13.29 -52.75 -8.06
CA ALA B 319 -13.79 -54.11 -7.97
C ALA B 319 -14.86 -54.21 -6.89
N SER B 320 -14.64 -53.51 -5.78
CA SER B 320 -15.62 -53.43 -4.70
C SER B 320 -16.94 -52.82 -5.15
N MET B 321 -16.86 -51.84 -6.06
CA MET B 321 -18.05 -51.21 -6.62
C MET B 321 -18.75 -52.15 -7.58
N ILE B 322 -17.99 -52.78 -8.49
CA ILE B 322 -18.58 -53.67 -9.47
C ILE B 322 -19.38 -54.76 -8.78
N LYS B 323 -18.86 -55.27 -7.67
CA LYS B 323 -19.62 -56.23 -6.88
C LYS B 323 -20.90 -55.59 -6.35
N ARG B 324 -20.83 -54.35 -5.84
CA ARG B 324 -22.05 -53.72 -5.35
C ARG B 324 -23.05 -53.56 -6.49
N TYR B 325 -22.57 -53.26 -7.68
CA TYR B 325 -23.49 -53.12 -8.81
C TYR B 325 -24.21 -54.43 -9.12
N ASP B 326 -23.43 -55.51 -9.29
CA ASP B 326 -24.01 -56.80 -9.65
C ASP B 326 -24.95 -57.31 -8.56
N GLU B 327 -24.57 -57.17 -7.29
CA GLU B 327 -25.48 -57.54 -6.20
C GLU B 327 -26.78 -56.76 -6.28
N HIS B 328 -26.69 -55.47 -6.57
CA HIS B 328 -27.90 -54.70 -6.75
C HIS B 328 -28.73 -55.26 -7.90
N HIS B 329 -28.08 -55.59 -9.02
CA HIS B 329 -28.78 -56.16 -10.17
C HIS B 329 -29.45 -57.48 -9.84
N GLN B 330 -28.69 -58.40 -9.24
CA GLN B 330 -29.16 -59.70 -8.75
C GLN B 330 -30.38 -59.55 -7.85
N ASP B 331 -30.22 -58.78 -6.78
CA ASP B 331 -31.27 -58.60 -5.78
C ASP B 331 -32.44 -57.76 -6.28
N LEU B 332 -32.22 -56.90 -7.26
CA LEU B 332 -33.38 -56.21 -7.84
C LEU B 332 -34.29 -57.22 -8.52
N THR B 333 -33.72 -58.13 -9.31
CA THR B 333 -34.60 -59.04 -10.06
C THR B 333 -35.35 -59.96 -9.11
N LEU B 334 -34.63 -60.53 -8.14
CA LEU B 334 -35.28 -61.37 -7.12
C LEU B 334 -36.38 -60.61 -6.41
N LEU B 335 -36.12 -59.34 -6.05
CA LEU B 335 -37.15 -58.50 -5.44
C LEU B 335 -38.26 -58.17 -6.43
N LYS B 336 -37.88 -57.77 -7.64
CA LYS B 336 -38.87 -57.49 -8.68
C LYS B 336 -39.69 -58.73 -9.00
N ALA B 337 -39.03 -59.89 -9.10
CA ALA B 337 -39.74 -61.13 -9.37
C ALA B 337 -40.65 -61.57 -8.21
N LEU B 338 -40.08 -61.72 -7.00
CA LEU B 338 -40.87 -62.22 -5.88
C LEU B 338 -42.12 -61.37 -5.63
N VAL B 339 -42.09 -60.06 -5.93
CA VAL B 339 -43.32 -59.26 -5.84
C VAL B 339 -44.28 -59.64 -6.97
N ARG B 340 -43.76 -59.90 -8.17
CA ARG B 340 -44.66 -60.31 -9.25
C ARG B 340 -45.33 -61.63 -8.90
N GLN B 341 -44.54 -62.55 -8.34
CA GLN B 341 -44.99 -63.89 -7.97
C GLN B 341 -46.10 -63.88 -6.92
N GLN B 342 -45.91 -63.14 -5.82
CA GLN B 342 -46.86 -63.16 -4.71
C GLN B 342 -47.72 -61.93 -4.60
N LEU B 343 -47.17 -60.74 -4.80
CA LEU B 343 -47.91 -59.52 -4.48
C LEU B 343 -48.03 -58.57 -5.67
N PRO B 344 -48.41 -59.04 -6.87
CA PRO B 344 -48.25 -58.18 -8.06
C PRO B 344 -49.28 -57.07 -8.16
N GLU B 345 -49.80 -56.63 -7.03
CA GLU B 345 -50.67 -55.47 -7.03
C GLU B 345 -49.98 -54.18 -6.65
N LYS B 346 -49.03 -54.24 -5.71
CA LYS B 346 -48.26 -53.10 -5.22
C LYS B 346 -47.11 -52.70 -6.16
N TYR B 347 -46.74 -53.58 -7.11
CA TYR B 347 -45.59 -53.35 -7.99
C TYR B 347 -45.62 -52.00 -8.70
N LYS B 348 -46.79 -51.57 -9.19
CA LYS B 348 -46.84 -50.25 -9.81
C LYS B 348 -46.49 -49.16 -8.80
N GLU B 349 -46.91 -49.31 -7.55
CA GLU B 349 -46.55 -48.32 -6.53
C GLU B 349 -45.05 -48.37 -6.24
N ILE B 350 -44.47 -49.58 -6.23
CA ILE B 350 -43.10 -49.76 -5.78
C ILE B 350 -42.08 -49.24 -6.81
N PHE B 351 -42.20 -49.69 -8.06
CA PHE B 351 -41.14 -49.50 -9.06
C PHE B 351 -41.45 -48.40 -10.08
N PHE B 352 -42.62 -47.75 -9.98
CA PHE B 352 -43.04 -46.78 -10.98
C PHE B 352 -43.41 -45.40 -10.43
N ASP B 353 -43.74 -45.27 -9.14
CA ASP B 353 -44.23 -44.04 -8.55
C ASP B 353 -43.03 -43.32 -7.95
N GLN B 354 -42.68 -42.16 -8.52
CA GLN B 354 -41.49 -41.45 -8.08
C GLN B 354 -41.65 -40.94 -6.66
N SER B 355 -42.84 -40.47 -6.34
CA SER B 355 -43.09 -39.80 -5.08
C SER B 355 -43.13 -40.77 -3.88
N LYS B 356 -43.25 -42.08 -4.09
CA LYS B 356 -43.58 -43.01 -2.99
C LYS B 356 -42.40 -43.51 -2.12
N ASN B 357 -41.14 -43.12 -2.37
CA ASN B 357 -39.97 -43.71 -1.70
C ASN B 357 -39.86 -45.20 -2.00
N GLY B 358 -40.35 -45.66 -3.14
CA GLY B 358 -40.09 -47.00 -3.58
C GLY B 358 -38.76 -47.00 -4.29
N TYR B 359 -38.41 -48.15 -4.85
CA TYR B 359 -37.23 -48.16 -5.69
C TYR B 359 -37.32 -47.04 -6.73
N ALA B 360 -38.52 -46.82 -7.29
CA ALA B 360 -38.70 -45.68 -8.18
C ALA B 360 -38.45 -44.40 -7.42
N GLY B 361 -38.89 -44.33 -6.18
CA GLY B 361 -38.51 -43.20 -5.35
C GLY B 361 -37.02 -43.19 -5.02
N TYR B 362 -36.45 -44.36 -4.78
CA TYR B 362 -35.03 -44.41 -4.42
C TYR B 362 -34.16 -43.88 -5.55
N ILE B 363 -34.46 -44.28 -6.80
CA ILE B 363 -33.69 -43.85 -7.96
C ILE B 363 -34.21 -42.52 -8.49
N ASP B 364 -35.42 -42.47 -9.04
CA ASP B 364 -35.88 -41.25 -9.71
C ASP B 364 -36.42 -40.21 -8.73
N GLY B 365 -37.01 -40.64 -7.62
CA GLY B 365 -37.53 -39.68 -6.66
C GLY B 365 -36.44 -39.20 -5.74
N GLY B 366 -36.82 -38.35 -4.80
CA GLY B 366 -35.80 -37.84 -3.89
C GLY B 366 -35.66 -38.57 -2.57
N ALA B 367 -35.45 -39.88 -2.63
CA ALA B 367 -35.56 -40.69 -1.44
C ALA B 367 -34.21 -41.27 -1.07
N SER B 368 -33.87 -41.14 0.22
CA SER B 368 -32.58 -41.62 0.68
C SER B 368 -32.63 -43.12 0.95
N GLN B 369 -31.45 -43.74 0.89
CA GLN B 369 -31.34 -45.16 1.17
C GLN B 369 -31.88 -45.46 2.55
N GLU B 370 -31.72 -44.52 3.49
CA GLU B 370 -32.34 -44.73 4.78
C GLU B 370 -33.86 -44.68 4.64
N GLU B 371 -34.40 -43.75 3.82
CA GLU B 371 -35.85 -43.68 3.60
C GLU B 371 -36.38 -44.87 2.79
N PHE B 372 -35.62 -45.37 1.82
CA PHE B 372 -36.05 -46.52 1.01
C PHE B 372 -36.04 -47.80 1.82
N TYR B 373 -34.97 -48.05 2.57
CA TYR B 373 -34.87 -49.27 3.34
C TYR B 373 -36.04 -49.40 4.28
N LYS B 374 -36.40 -48.30 4.95
CA LYS B 374 -37.49 -48.28 5.91
C LYS B 374 -38.82 -48.61 5.26
N PHE B 375 -39.06 -48.06 4.07
CA PHE B 375 -40.34 -48.22 3.39
C PHE B 375 -40.60 -49.66 2.96
N ILE B 376 -39.59 -50.38 2.49
CA ILE B 376 -39.80 -51.75 2.00
C ILE B 376 -39.55 -52.82 3.07
N LYS B 377 -38.90 -52.47 4.19
CA LYS B 377 -38.69 -53.48 5.22
C LYS B 377 -39.99 -54.15 5.61
N PRO B 378 -41.12 -53.45 5.72
CA PRO B 378 -42.37 -54.18 6.00
C PRO B 378 -42.72 -55.19 4.92
N ILE B 379 -42.61 -54.81 3.64
CA ILE B 379 -42.98 -55.72 2.55
C ILE B 379 -42.07 -56.95 2.52
N LEU B 380 -40.79 -56.77 2.83
CA LEU B 380 -39.84 -57.88 2.70
C LEU B 380 -40.25 -59.10 3.52
N GLU B 381 -40.77 -58.89 4.73
CA GLU B 381 -41.00 -59.97 5.68
C GLU B 381 -42.37 -60.65 5.53
N LYS B 382 -43.19 -60.21 4.58
CA LYS B 382 -44.45 -60.88 4.27
C LYS B 382 -44.36 -61.90 3.12
N MET B 383 -43.33 -61.83 2.32
CA MET B 383 -43.11 -62.77 1.23
C MET B 383 -41.99 -63.74 1.60
N ASP B 384 -42.06 -64.93 1.02
CA ASP B 384 -41.15 -66.01 1.33
C ASP B 384 -39.81 -65.89 0.65
N GLY B 385 -38.80 -66.50 1.25
CA GLY B 385 -37.46 -66.50 0.69
C GLY B 385 -36.77 -65.19 1.03
N THR B 386 -37.44 -64.34 1.77
CA THR B 386 -36.87 -63.08 2.12
C THR B 386 -36.05 -63.19 3.39
N GLU B 387 -34.97 -63.96 3.30
CA GLU B 387 -33.98 -63.96 4.36
C GLU B 387 -32.65 -63.47 3.80
N GLU B 388 -32.17 -64.10 2.74
CA GLU B 388 -30.98 -63.57 2.11
C GLU B 388 -31.13 -62.09 1.75
N LEU B 389 -32.35 -61.58 1.55
CA LEU B 389 -32.53 -60.14 1.36
C LEU B 389 -32.76 -59.35 2.65
N LEU B 390 -33.40 -59.94 3.66
CA LEU B 390 -33.55 -59.23 4.92
C LEU B 390 -32.24 -59.18 5.68
N VAL B 391 -31.48 -60.27 5.67
CA VAL B 391 -30.17 -60.17 6.29
C VAL B 391 -29.36 -59.10 5.57
N LYS B 392 -29.58 -58.94 4.25
CA LYS B 392 -28.92 -57.86 3.52
C LYS B 392 -29.42 -56.49 3.94
N LEU B 393 -30.64 -56.39 4.44
CA LEU B 393 -31.13 -55.08 4.87
C LEU B 393 -30.66 -54.72 6.28
N ASN B 394 -30.66 -55.67 7.22
CA ASN B 394 -30.05 -55.40 8.52
C ASN B 394 -28.55 -55.19 8.38
N ARG B 395 -27.90 -55.92 7.48
CA ARG B 395 -26.51 -55.62 7.14
C ARG B 395 -26.41 -54.20 6.59
N GLU B 396 -27.53 -53.64 6.16
CA GLU B 396 -27.61 -52.29 5.61
C GLU B 396 -26.93 -52.19 4.27
N ASP B 397 -26.73 -53.34 3.61
CA ASP B 397 -26.12 -53.46 2.28
C ASP B 397 -27.13 -54.13 1.35
N LEU B 398 -28.15 -53.39 0.90
CA LEU B 398 -29.12 -53.97 -0.04
C LEU B 398 -29.54 -52.98 -1.11
N LEU B 399 -29.25 -53.30 -2.39
CA LEU B 399 -29.56 -52.45 -3.56
C LEU B 399 -28.86 -51.10 -3.43
N ARG B 400 -27.61 -51.17 -3.01
CA ARG B 400 -26.74 -50.03 -2.74
C ARG B 400 -26.37 -49.26 -4.00
N LYS B 401 -26.39 -47.93 -3.91
CA LYS B 401 -25.78 -47.16 -4.97
C LYS B 401 -24.23 -47.21 -4.84
N GLN B 402 -23.52 -46.94 -5.95
CA GLN B 402 -22.06 -46.98 -5.85
C GLN B 402 -21.51 -45.72 -5.18
N ARG B 403 -22.09 -44.57 -5.46
CA ARG B 403 -21.67 -43.31 -4.88
C ARG B 403 -22.61 -42.99 -3.73
N THR B 404 -22.12 -43.01 -2.50
CA THR B 404 -22.96 -42.77 -1.34
C THR B 404 -22.20 -42.08 -0.23
N PHE B 405 -22.94 -41.86 0.88
CA PHE B 405 -22.53 -41.05 2.03
C PHE B 405 -21.43 -41.73 2.82
N ASP B 406 -21.39 -43.06 2.79
CA ASP B 406 -20.36 -43.74 3.56
C ASP B 406 -18.99 -43.75 2.87
N ASN B 407 -18.88 -43.37 1.62
CA ASN B 407 -17.55 -43.36 1.01
C ASN B 407 -16.77 -42.25 1.72
N GLY B 408 -15.58 -41.89 1.24
CA GLY B 408 -14.92 -40.85 1.96
C GLY B 408 -14.26 -41.35 3.21
N SER B 409 -14.68 -42.54 3.69
CA SER B 409 -13.76 -43.30 4.51
C SER B 409 -12.61 -43.81 3.64
N ILE B 410 -12.74 -43.70 2.32
CA ILE B 410 -11.71 -44.12 1.37
C ILE B 410 -10.55 -43.15 1.43
N PRO B 411 -9.33 -43.65 1.60
CA PRO B 411 -8.17 -42.76 1.62
C PRO B 411 -7.69 -42.51 0.21
N HIS B 412 -7.27 -41.27 -0.04
CA HIS B 412 -6.90 -40.89 -1.39
C HIS B 412 -5.83 -41.81 -1.95
N GLN B 413 -5.08 -42.48 -1.10
CA GLN B 413 -4.07 -43.37 -1.62
C GLN B 413 -4.64 -44.50 -2.46
N ILE B 414 -5.78 -45.08 -2.09
CA ILE B 414 -6.22 -46.23 -2.92
C ILE B 414 -6.63 -45.77 -4.31
N HIS B 415 -7.22 -44.57 -4.44
CA HIS B 415 -7.48 -44.00 -5.75
C HIS B 415 -6.20 -43.86 -6.54
N LEU B 416 -5.20 -43.22 -5.93
CA LEU B 416 -3.90 -43.07 -6.58
C LEU B 416 -3.36 -44.43 -7.01
N GLY B 417 -3.67 -45.47 -6.25
CA GLY B 417 -3.26 -46.79 -6.70
C GLY B 417 -3.87 -47.18 -8.04
N GLU B 418 -5.16 -46.91 -8.23
CA GLU B 418 -5.78 -47.16 -9.53
C GLU B 418 -5.29 -46.18 -10.58
N LEU B 419 -5.08 -44.92 -10.20
CA LEU B 419 -4.50 -43.98 -11.15
C LEU B 419 -3.15 -44.51 -11.61
N HIS B 420 -2.29 -44.88 -10.65
CA HIS B 420 -0.96 -45.34 -11.05
C HIS B 420 -1.05 -46.52 -11.97
N ALA B 421 -1.91 -47.49 -11.65
CA ALA B 421 -2.00 -48.63 -12.52
C ALA B 421 -2.39 -48.21 -13.93
N ILE B 422 -3.39 -47.35 -14.05
CA ILE B 422 -3.82 -46.98 -15.38
C ILE B 422 -2.69 -46.32 -16.13
N LEU B 423 -1.97 -45.41 -15.49
CA LEU B 423 -0.90 -44.77 -16.22
C LEU B 423 0.13 -45.79 -16.63
N ARG B 424 0.49 -46.69 -15.73
CA ARG B 424 1.55 -47.61 -16.04
C ARG B 424 1.12 -48.51 -17.19
N ARG B 425 -0.16 -48.88 -17.21
CA ARG B 425 -0.66 -49.82 -18.19
C ARG B 425 -0.48 -49.31 -19.61
N GLN B 426 -0.95 -48.09 -19.85
CA GLN B 426 -1.07 -47.44 -21.15
C GLN B 426 0.06 -46.50 -21.50
N GLU B 427 1.11 -46.43 -20.71
CA GLU B 427 2.13 -45.50 -21.13
C GLU B 427 2.88 -46.00 -22.35
N ASP B 428 3.03 -47.29 -22.54
CA ASP B 428 3.70 -47.76 -23.74
C ASP B 428 3.03 -47.25 -25.01
N PHE B 429 1.69 -47.09 -24.99
CA PHE B 429 0.93 -46.71 -26.19
C PHE B 429 0.94 -45.21 -26.47
N TYR B 430 0.97 -44.41 -25.41
CA TYR B 430 0.88 -42.96 -25.50
C TYR B 430 2.12 -42.30 -24.91
N PRO B 431 2.98 -41.65 -25.70
CA PRO B 431 4.21 -41.14 -25.12
C PRO B 431 3.96 -40.12 -24.05
N PHE B 432 2.94 -39.29 -24.21
CA PHE B 432 2.81 -38.21 -23.26
C PHE B 432 2.46 -38.78 -21.89
N LEU B 433 1.78 -39.92 -21.86
CA LEU B 433 1.48 -40.45 -20.55
C LEU B 433 2.75 -40.81 -19.80
N LYS B 434 3.69 -41.47 -20.47
CA LYS B 434 4.93 -41.85 -19.79
C LYS B 434 5.73 -40.60 -19.36
N ASP B 435 5.84 -39.56 -20.22
CA ASP B 435 6.55 -38.34 -19.77
C ASP B 435 5.82 -37.65 -18.62
N ASN B 436 4.52 -37.49 -18.74
CA ASN B 436 3.86 -36.74 -17.71
C ASN B 436 3.30 -37.61 -16.58
N ARG B 437 3.71 -38.88 -16.44
CA ARG B 437 3.09 -39.68 -15.40
C ARG B 437 3.23 -39.04 -14.04
N GLU B 438 4.45 -38.64 -13.67
CA GLU B 438 4.69 -38.00 -12.37
C GLU B 438 3.94 -36.68 -12.32
N LYS B 439 3.94 -35.93 -13.43
CA LYS B 439 3.25 -34.64 -13.43
C LYS B 439 1.77 -34.83 -13.17
N ILE B 440 1.18 -35.88 -13.73
CA ILE B 440 -0.24 -36.10 -13.48
C ILE B 440 -0.49 -36.62 -12.07
N GLU B 441 0.30 -37.55 -11.58
CA GLU B 441 0.04 -38.05 -10.24
C GLU B 441 0.08 -36.93 -9.22
N LYS B 442 0.97 -35.94 -9.38
CA LYS B 442 0.98 -34.92 -8.35
C LYS B 442 -0.37 -34.20 -8.29
N ILE B 443 -1.09 -34.16 -9.41
CA ILE B 443 -2.41 -33.51 -9.40
C ILE B 443 -3.29 -34.18 -8.39
N LEU B 444 -3.31 -35.50 -8.36
CA LEU B 444 -4.15 -36.20 -7.41
C LEU B 444 -3.63 -36.07 -5.99
N THR B 445 -2.32 -35.99 -5.81
CA THR B 445 -1.72 -36.07 -4.48
C THR B 445 -1.54 -34.71 -3.81
N PHE B 446 -1.42 -33.65 -4.60
CA PHE B 446 -1.08 -32.36 -4.03
C PHE B 446 -2.22 -31.75 -3.23
N ARG B 447 -1.83 -31.08 -2.16
CA ARG B 447 -2.81 -30.42 -1.31
C ARG B 447 -2.07 -29.20 -0.80
N ILE B 448 -2.67 -28.01 -0.85
CA ILE B 448 -1.98 -26.82 -0.36
C ILE B 448 -1.78 -27.02 1.13
N PRO B 449 -0.57 -26.96 1.65
CA PRO B 449 -0.38 -27.19 3.08
C PRO B 449 -1.08 -26.10 3.90
N TYR B 450 -1.74 -26.52 4.98
CA TYR B 450 -2.59 -25.59 5.71
C TYR B 450 -1.81 -24.37 6.19
N TYR B 451 -0.61 -24.56 6.71
CA TYR B 451 0.13 -23.41 7.19
C TYR B 451 0.41 -22.39 6.10
N VAL B 452 0.33 -22.77 4.81
CA VAL B 452 0.63 -21.86 3.70
C VAL B 452 -0.49 -20.84 3.52
N GLY B 453 -1.73 -21.26 3.69
CA GLY B 453 -2.87 -20.39 3.49
C GLY B 453 -3.19 -20.20 2.03
N PRO B 454 -4.21 -19.41 1.72
CA PRO B 454 -4.57 -19.20 0.33
C PRO B 454 -3.50 -18.43 -0.42
N LEU B 455 -3.19 -18.90 -1.60
CA LEU B 455 -2.09 -18.35 -2.37
C LEU B 455 -2.51 -17.03 -2.99
N ALA B 456 -2.23 -15.94 -2.31
CA ALA B 456 -2.79 -14.66 -2.70
C ALA B 456 -1.72 -13.77 -3.34
N ARG B 457 -2.21 -12.66 -3.90
CA ARG B 457 -1.32 -11.67 -4.43
C ARG B 457 -1.74 -10.36 -3.79
N GLY B 458 -1.53 -10.30 -2.47
CA GLY B 458 -1.81 -9.19 -1.57
C GLY B 458 -3.26 -8.75 -1.50
N ASN B 459 -4.14 -9.45 -2.19
CA ASN B 459 -5.51 -8.99 -2.30
C ASN B 459 -6.48 -9.90 -1.60
N SER B 460 -6.03 -10.61 -0.57
CA SER B 460 -6.91 -11.42 0.26
C SER B 460 -6.65 -11.15 1.73
N ARG B 461 -7.73 -10.77 2.43
CA ARG B 461 -7.68 -10.55 3.88
C ARG B 461 -7.10 -11.74 4.63
N PHE B 462 -7.49 -12.94 4.25
CA PHE B 462 -7.11 -14.07 5.09
C PHE B 462 -5.67 -14.48 4.87
N ALA B 463 -5.13 -14.24 3.68
CA ALA B 463 -3.85 -14.79 3.27
C ALA B 463 -2.68 -14.19 4.04
N TRP B 464 -1.64 -15.01 4.23
CA TRP B 464 -0.43 -14.50 4.84
C TRP B 464 0.83 -14.94 4.11
N MET B 465 0.67 -15.67 3.02
CA MET B 465 1.82 -16.35 2.48
C MET B 465 2.84 -15.41 1.84
N THR B 466 4.03 -15.96 1.67
CA THR B 466 5.16 -15.27 1.12
C THR B 466 5.59 -16.05 -0.10
N ARG B 467 6.08 -15.36 -1.13
CA ARG B 467 6.43 -16.01 -2.39
C ARG B 467 7.90 -15.78 -2.75
N LYS B 468 8.53 -16.82 -3.32
CA LYS B 468 9.91 -16.65 -3.81
C LYS B 468 9.98 -15.94 -5.17
N SER B 469 9.12 -16.33 -6.13
CA SER B 469 9.07 -15.70 -7.45
C SER B 469 7.66 -15.20 -7.70
N GLU B 470 7.52 -14.04 -8.34
CA GLU B 470 6.15 -13.52 -8.52
C GLU B 470 5.34 -14.30 -9.58
N GLU B 471 5.72 -15.54 -9.82
CA GLU B 471 5.09 -16.31 -10.88
C GLU B 471 4.01 -17.21 -10.33
N THR B 472 3.13 -17.63 -11.23
CA THR B 472 1.91 -18.37 -10.90
C THR B 472 2.22 -19.73 -10.31
N ILE B 473 1.39 -20.15 -9.39
CA ILE B 473 1.67 -21.32 -8.58
C ILE B 473 0.95 -22.53 -9.11
N THR B 474 1.69 -23.61 -9.31
CA THR B 474 1.07 -24.85 -9.69
C THR B 474 1.54 -25.94 -8.75
N PRO B 475 0.85 -27.08 -8.72
CA PRO B 475 1.23 -28.12 -7.76
C PRO B 475 2.63 -28.65 -7.98
N TRP B 476 3.18 -28.44 -9.19
CA TRP B 476 4.46 -29.03 -9.57
C TRP B 476 5.66 -28.12 -9.26
N ASN B 477 5.45 -26.80 -9.25
CA ASN B 477 6.48 -25.81 -8.93
C ASN B 477 6.26 -25.17 -7.55
N PHE B 478 5.44 -25.81 -6.72
CA PHE B 478 5.02 -25.23 -5.46
C PHE B 478 6.17 -24.91 -4.54
N GLU B 479 7.15 -25.79 -4.44
CA GLU B 479 8.28 -25.53 -3.56
C GLU B 479 9.07 -24.30 -3.99
N GLU B 480 9.29 -24.14 -5.29
CA GLU B 480 10.14 -23.06 -5.78
C GLU B 480 9.46 -21.70 -5.67
N VAL B 481 8.16 -21.63 -5.89
CA VAL B 481 7.50 -20.33 -5.95
C VAL B 481 7.11 -19.85 -4.56
N VAL B 482 6.73 -20.80 -3.68
CA VAL B 482 6.21 -20.51 -2.33
C VAL B 482 7.30 -20.71 -1.28
N ASP B 483 7.42 -19.74 -0.36
CA ASP B 483 8.39 -19.84 0.72
C ASP B 483 7.69 -20.62 1.79
N LYS B 484 7.85 -21.93 1.77
CA LYS B 484 7.10 -22.72 2.71
C LYS B 484 7.44 -22.34 4.15
N GLY B 485 8.72 -22.29 4.49
CA GLY B 485 9.05 -22.02 5.87
C GLY B 485 8.53 -20.68 6.38
N ALA B 486 8.98 -19.59 5.74
CA ALA B 486 8.60 -18.24 6.20
C ALA B 486 7.09 -18.04 6.22
N SER B 487 6.34 -18.79 5.40
CA SER B 487 4.90 -18.83 5.62
C SER B 487 4.57 -19.52 6.93
N ALA B 488 5.18 -20.67 7.23
CA ALA B 488 4.79 -21.35 8.47
C ALA B 488 5.01 -20.46 9.68
N GLN B 489 6.02 -19.59 9.63
CA GLN B 489 6.21 -18.68 10.75
C GLN B 489 5.13 -17.60 10.75
N SER B 490 4.97 -16.91 9.61
CA SER B 490 3.92 -15.89 9.47
C SER B 490 2.58 -16.46 9.88
N PHE B 491 2.43 -17.76 9.72
CA PHE B 491 1.19 -18.45 10.08
C PHE B 491 0.95 -18.33 11.57
N ILE B 492 1.92 -18.70 12.40
CA ILE B 492 1.65 -18.52 13.83
C ILE B 492 1.84 -17.07 14.26
N GLU B 493 2.79 -16.34 13.69
CA GLU B 493 3.03 -14.99 14.21
C GLU B 493 1.79 -14.11 14.10
N ARG B 494 0.90 -14.39 13.14
CA ARG B 494 -0.29 -13.55 13.07
C ARG B 494 -1.35 -13.92 14.10
N MET B 495 -1.30 -15.13 14.65
CA MET B 495 -2.23 -15.50 15.71
C MET B 495 -1.63 -15.39 17.10
N THR B 496 -0.33 -15.12 17.22
CA THR B 496 0.23 -14.96 18.56
C THR B 496 -0.11 -13.59 19.09
N ASN B 497 -0.36 -13.54 20.39
CA ASN B 497 -0.71 -12.34 21.13
C ASN B 497 0.39 -11.29 21.03
N PHE B 498 0.04 -10.03 21.30
CA PHE B 498 0.99 -8.93 21.41
C PHE B 498 1.24 -8.62 22.89
N ASP B 499 2.16 -7.68 23.16
CA ASP B 499 2.50 -7.39 24.55
C ASP B 499 1.45 -6.45 25.11
N LYS B 500 0.85 -6.83 26.25
CA LYS B 500 -0.21 -6.00 26.83
C LYS B 500 0.30 -4.60 27.20
N ASN B 501 1.49 -4.50 27.78
CA ASN B 501 2.01 -3.20 28.18
C ASN B 501 2.42 -2.38 26.98
N LEU B 502 3.01 -3.00 25.98
CA LEU B 502 3.38 -2.29 24.76
C LEU B 502 2.82 -3.07 23.57
N PRO B 503 1.60 -2.75 23.12
CA PRO B 503 0.89 -3.59 22.14
C PRO B 503 1.31 -3.38 20.69
N ASN B 504 2.41 -2.70 20.46
CA ASN B 504 2.93 -2.67 19.11
C ASN B 504 3.97 -3.75 18.85
N GLU B 505 4.59 -4.28 19.90
CA GLU B 505 5.69 -5.22 19.79
C GLU B 505 5.17 -6.65 20.02
N LYS B 506 5.81 -7.58 19.34
CA LYS B 506 5.40 -8.97 19.45
C LYS B 506 5.80 -9.60 20.79
N VAL B 507 4.95 -10.49 21.29
CA VAL B 507 5.34 -11.31 22.42
C VAL B 507 6.50 -12.23 22.07
N LEU B 508 7.46 -12.36 23.00
CA LEU B 508 8.60 -13.28 22.91
C LEU B 508 8.15 -14.70 23.26
N PRO B 509 8.92 -15.71 22.85
CA PRO B 509 8.56 -17.10 23.16
C PRO B 509 8.59 -17.32 24.67
N LYS B 510 7.76 -18.24 25.16
CA LYS B 510 7.75 -18.45 26.60
C LYS B 510 9.06 -19.04 27.08
N HIS B 511 9.72 -19.85 26.27
CA HIS B 511 11.03 -20.37 26.69
C HIS B 511 12.20 -19.51 26.22
N SER B 512 11.94 -18.29 25.70
CA SER B 512 13.02 -17.39 25.34
C SER B 512 13.96 -17.20 26.51
N LEU B 513 15.26 -17.15 26.21
CA LEU B 513 16.25 -17.03 27.28
C LEU B 513 16.12 -15.69 28.01
N LEU B 514 15.84 -14.62 27.27
CA LEU B 514 15.65 -13.30 27.88
C LEU B 514 14.42 -13.29 28.76
N TYR B 515 13.38 -14.00 28.36
CA TYR B 515 12.19 -14.14 29.20
C TYR B 515 12.53 -14.86 30.51
N GLU B 516 13.44 -15.84 30.47
CA GLU B 516 13.78 -16.60 31.66
C GLU B 516 14.53 -15.74 32.67
N TYR B 517 15.52 -14.97 32.18
CA TYR B 517 16.30 -14.11 33.06
C TYR B 517 15.40 -13.10 33.72
N PHE B 518 14.66 -12.34 32.90
CA PHE B 518 13.74 -11.35 33.41
C PHE B 518 12.83 -12.00 34.42
N THR B 519 12.40 -13.23 34.14
CA THR B 519 11.48 -13.82 35.08
C THR B 519 12.24 -14.25 36.35
N VAL B 520 13.53 -14.57 36.26
CA VAL B 520 14.30 -14.85 37.47
C VAL B 520 14.58 -13.59 38.27
N TYR B 521 15.11 -12.56 37.61
CA TYR B 521 15.45 -11.34 38.33
C TYR B 521 14.22 -10.64 38.94
N ASN B 522 13.05 -10.73 38.32
CA ASN B 522 11.89 -10.08 38.94
C ASN B 522 11.55 -10.76 40.25
N GLU B 523 11.78 -12.07 40.36
CA GLU B 523 11.56 -12.70 41.64
C GLU B 523 12.69 -12.38 42.61
N LEU B 524 13.90 -12.07 42.11
CA LEU B 524 15.05 -11.86 43.01
C LEU B 524 15.08 -10.46 43.63
N THR B 525 14.62 -9.45 42.89
CA THR B 525 14.69 -8.07 43.36
C THR B 525 13.93 -7.85 44.65
N LYS B 526 12.79 -8.55 44.85
CA LYS B 526 11.98 -8.41 46.06
C LYS B 526 12.33 -9.42 47.14
N VAL B 527 13.56 -9.92 47.17
CA VAL B 527 14.01 -10.81 48.24
C VAL B 527 14.74 -9.94 49.24
N LYS B 528 14.29 -9.97 50.48
CA LYS B 528 14.99 -9.28 51.55
C LYS B 528 15.57 -10.31 52.51
N TYR B 529 16.78 -10.02 53.00
CA TYR B 529 17.50 -10.90 53.93
C TYR B 529 17.80 -10.14 55.23
N VAL B 530 17.51 -10.81 56.34
CA VAL B 530 17.70 -10.28 57.69
C VAL B 530 18.69 -11.18 58.40
N THR B 531 19.69 -10.57 59.02
CA THR B 531 20.72 -11.33 59.73
C THR B 531 20.98 -10.66 61.08
N GLU B 532 21.70 -11.41 61.94
CA GLU B 532 21.97 -10.94 63.30
C GLU B 532 22.80 -9.67 63.28
N GLY B 533 23.74 -9.58 62.34
CA GLY B 533 24.57 -8.39 62.22
C GLY B 533 23.78 -7.16 61.82
N MET B 534 22.78 -7.35 60.98
CA MET B 534 21.99 -6.25 60.44
C MET B 534 20.83 -5.88 61.36
N ARG B 535 20.61 -4.57 61.49
CA ARG B 535 19.51 -4.04 62.28
C ARG B 535 18.15 -4.30 61.63
N LYS B 536 18.04 -4.08 60.32
CA LYS B 536 16.80 -4.05 59.55
C LYS B 536 16.90 -4.92 58.32
N PRO B 537 15.79 -5.52 57.85
CA PRO B 537 15.86 -6.30 56.62
C PRO B 537 16.23 -5.40 55.46
N ALA B 538 17.04 -5.93 54.53
CA ALA B 538 17.49 -5.16 53.37
C ALA B 538 17.23 -5.94 52.10
N PHE B 539 16.86 -5.23 51.01
CA PHE B 539 16.68 -5.88 49.72
C PHE B 539 17.99 -6.51 49.28
N LEU B 540 17.91 -7.51 48.42
CA LEU B 540 19.15 -8.01 47.84
C LEU B 540 19.82 -6.91 47.03
N SER B 541 21.15 -6.77 47.20
CA SER B 541 21.88 -5.71 46.51
C SER B 541 22.43 -6.19 45.16
N GLY B 542 22.93 -5.23 44.37
CA GLY B 542 23.22 -5.50 42.97
C GLY B 542 24.18 -6.65 42.70
N GLU B 543 25.22 -6.80 43.52
CA GLU B 543 26.16 -7.88 43.25
C GLU B 543 25.53 -9.24 43.49
N GLN B 544 24.81 -9.42 44.61
CA GLN B 544 24.33 -10.76 44.98
C GLN B 544 23.34 -11.31 43.94
N LYS B 545 22.42 -10.48 43.45
CA LYS B 545 21.55 -10.98 42.40
C LYS B 545 22.42 -11.55 41.29
N LYS B 546 23.40 -10.77 40.83
CA LYS B 546 24.27 -11.23 39.75
C LYS B 546 25.17 -12.36 40.23
N ALA B 547 25.45 -12.42 41.53
CA ALA B 547 26.22 -13.53 42.08
C ALA B 547 25.38 -14.80 42.17
N ILE B 548 24.19 -14.69 42.80
CA ILE B 548 23.38 -15.85 43.08
C ILE B 548 22.99 -16.54 41.77
N VAL B 549 22.64 -15.74 40.76
CA VAL B 549 22.31 -16.26 39.45
C VAL B 549 23.48 -17.06 38.87
N ASP B 550 24.69 -16.48 38.92
CA ASP B 550 25.85 -17.18 38.37
C ASP B 550 26.16 -18.43 39.17
N LEU B 551 25.99 -18.36 40.50
CA LEU B 551 26.34 -19.46 41.40
C LEU B 551 25.30 -20.59 41.37
N LEU B 552 24.02 -20.25 41.49
CA LEU B 552 23.02 -21.26 41.82
C LEU B 552 22.04 -21.55 40.70
N PHE B 553 21.72 -20.57 39.86
CA PHE B 553 20.70 -20.81 38.84
C PHE B 553 21.28 -21.50 37.62
N LYS B 554 22.47 -21.11 37.20
CA LYS B 554 23.13 -21.83 36.12
C LYS B 554 23.57 -23.23 36.55
N THR B 555 23.79 -23.47 37.83
CA THR B 555 24.28 -24.80 38.24
C THR B 555 23.17 -25.88 38.31
N ASN B 556 21.96 -25.53 38.77
CA ASN B 556 20.85 -26.48 38.95
C ASN B 556 19.52 -25.91 38.44
N ARG B 557 18.58 -26.81 38.12
CA ARG B 557 17.28 -26.40 37.57
C ARG B 557 16.44 -25.60 38.55
N LYS B 558 16.12 -26.16 39.69
CA LYS B 558 15.32 -25.41 40.66
C LYS B 558 16.14 -25.08 41.89
N VAL B 559 15.87 -23.91 42.46
CA VAL B 559 16.61 -23.37 43.61
C VAL B 559 15.65 -23.31 44.81
N THR B 560 15.86 -24.19 45.79
CA THR B 560 15.10 -24.18 47.05
C THR B 560 15.71 -23.16 48.02
N VAL B 561 14.88 -22.67 48.96
CA VAL B 561 15.36 -21.68 49.94
C VAL B 561 16.55 -22.22 50.71
N LYS B 562 16.52 -23.49 51.10
CA LYS B 562 17.64 -24.06 51.88
C LYS B 562 18.94 -23.98 51.10
N GLN B 563 18.90 -24.20 49.80
CA GLN B 563 20.11 -24.09 48.99
C GLN B 563 20.69 -22.68 49.05
N LEU B 564 19.82 -21.66 49.03
CA LEU B 564 20.28 -20.27 49.03
C LEU B 564 21.01 -19.93 50.33
N LYS B 565 20.43 -20.26 51.48
CA LYS B 565 21.08 -19.97 52.77
C LYS B 565 22.35 -20.79 52.95
N GLU B 566 22.33 -22.05 52.51
CA GLU B 566 23.48 -22.93 52.66
C GLU B 566 24.56 -22.62 51.62
N ASP B 567 24.18 -22.58 50.34
CA ASP B 567 25.16 -22.52 49.25
C ASP B 567 25.73 -21.14 49.01
N TYR B 568 24.92 -20.10 49.13
CA TYR B 568 25.45 -18.76 48.91
C TYR B 568 25.66 -17.99 50.22
N PHE B 569 24.60 -17.81 51.01
CA PHE B 569 24.69 -16.94 52.19
C PHE B 569 25.71 -17.47 53.17
N LYS B 570 25.63 -18.74 53.54
CA LYS B 570 26.59 -19.28 54.48
C LYS B 570 27.96 -19.50 53.84
N LYS B 571 28.01 -20.05 52.63
CA LYS B 571 29.30 -20.40 52.04
C LYS B 571 30.09 -19.18 51.56
N ILE B 572 29.43 -18.17 51.00
CA ILE B 572 30.11 -17.09 50.27
C ILE B 572 30.21 -15.80 51.09
N GLU B 573 29.17 -15.48 51.86
CA GLU B 573 29.16 -14.35 52.78
C GLU B 573 29.40 -14.75 54.23
N CYS B 574 29.45 -16.06 54.50
CA CYS B 574 29.79 -16.66 55.80
C CYS B 574 28.85 -16.18 56.93
N PHE B 575 27.56 -16.07 56.59
CA PHE B 575 26.50 -15.88 57.57
C PHE B 575 25.98 -17.26 57.93
N ASP B 576 26.05 -17.62 59.21
CA ASP B 576 25.66 -18.97 59.61
C ASP B 576 24.15 -19.12 59.72
N SER B 577 23.45 -18.03 60.03
CA SER B 577 22.01 -18.05 60.09
C SER B 577 21.43 -16.74 59.58
N VAL B 578 20.29 -16.87 58.92
CA VAL B 578 19.66 -15.74 58.24
C VAL B 578 18.21 -16.14 58.00
N GLU B 579 17.36 -15.15 57.82
CA GLU B 579 15.95 -15.36 57.51
C GLU B 579 15.61 -14.62 56.23
N ILE B 580 14.86 -15.28 55.35
CA ILE B 580 14.54 -14.71 54.05
C ILE B 580 13.05 -14.38 54.04
N SER B 581 12.73 -13.12 53.81
CA SER B 581 11.35 -12.66 53.82
C SER B 581 10.68 -12.76 52.46
N GLY B 582 11.42 -12.46 51.38
CA GLY B 582 10.78 -12.23 50.10
C GLY B 582 10.30 -13.50 49.41
N VAL B 583 11.15 -14.50 49.35
CA VAL B 583 10.83 -15.65 48.53
C VAL B 583 10.11 -16.66 49.40
N GLU B 584 9.34 -17.54 48.75
CA GLU B 584 8.60 -18.58 49.44
C GLU B 584 9.51 -19.81 49.57
N ASP B 585 8.95 -21.01 49.52
CA ASP B 585 9.71 -22.23 49.86
C ASP B 585 10.81 -22.58 48.84
N ARG B 586 10.58 -22.30 47.55
CA ARG B 586 11.55 -22.51 46.47
C ARG B 586 11.35 -21.39 45.46
N PHE B 587 12.35 -21.19 44.60
CA PHE B 587 12.27 -20.09 43.66
C PHE B 587 11.33 -20.50 42.53
N ASN B 588 10.26 -19.71 42.32
CA ASN B 588 9.28 -20.09 41.31
C ASN B 588 9.92 -20.12 39.93
N ALA B 589 10.83 -19.20 39.66
CA ALA B 589 11.52 -19.12 38.38
C ALA B 589 12.58 -20.20 38.26
N SER B 590 13.00 -20.42 37.01
CA SER B 590 14.00 -21.40 36.63
C SER B 590 14.65 -20.94 35.33
N LEU B 591 15.88 -21.40 35.10
CA LEU B 591 16.60 -21.15 33.85
C LEU B 591 16.60 -22.38 32.96
N GLY B 592 15.37 -22.82 32.68
CA GLY B 592 15.16 -24.11 32.06
C GLY B 592 15.74 -24.22 30.66
N THR B 593 15.62 -23.14 29.87
CA THR B 593 16.23 -23.10 28.54
C THR B 593 17.75 -23.07 28.62
N TYR B 594 18.30 -22.46 29.66
CA TYR B 594 19.75 -22.42 29.82
C TYR B 594 20.33 -23.82 29.89
N HIS B 595 19.80 -24.64 30.79
CA HIS B 595 20.37 -25.96 31.01
C HIS B 595 20.08 -26.88 29.84
N ASP B 596 18.86 -26.84 29.30
CA ASP B 596 18.58 -27.69 28.15
C ASP B 596 19.53 -27.34 27.02
N LEU B 597 19.79 -26.04 26.85
CA LEU B 597 20.78 -25.62 25.87
C LEU B 597 22.18 -25.92 26.36
N LEU B 598 22.44 -25.77 27.67
CA LEU B 598 23.77 -26.09 28.16
C LEU B 598 24.13 -27.56 27.93
N LYS B 599 23.18 -28.48 28.17
CA LYS B 599 23.46 -29.91 27.96
C LYS B 599 23.78 -30.24 26.49
N ILE B 600 23.11 -29.62 25.52
CA ILE B 600 23.37 -30.01 24.12
C ILE B 600 24.71 -29.49 23.61
N ILE B 601 24.93 -28.17 23.71
CA ILE B 601 26.11 -27.53 23.12
C ILE B 601 27.35 -27.70 24.01
N LYS B 602 27.16 -27.78 25.33
CA LYS B 602 28.22 -28.09 26.30
C LYS B 602 29.35 -27.07 26.29
N ASP B 603 29.03 -25.79 26.06
CA ASP B 603 30.02 -24.71 26.11
C ASP B 603 29.46 -23.65 27.07
N LYS B 604 29.78 -23.76 28.36
CA LYS B 604 29.24 -22.79 29.30
C LYS B 604 29.75 -21.39 29.00
N ASP B 605 30.95 -21.29 28.47
CA ASP B 605 31.47 -20.00 28.00
C ASP B 605 30.54 -19.43 26.94
N PHE B 606 30.06 -20.28 26.02
CA PHE B 606 29.19 -19.84 24.92
C PHE B 606 27.89 -19.21 25.42
N LEU B 607 27.31 -19.75 26.47
CA LEU B 607 26.02 -19.22 26.90
C LEU B 607 26.16 -17.92 27.64
N ASP B 608 27.35 -17.54 28.05
CA ASP B 608 27.55 -16.35 28.85
C ASP B 608 27.95 -15.12 28.07
N ASN B 609 28.46 -15.27 26.85
CA ASN B 609 28.91 -14.09 26.10
C ASN B 609 27.68 -13.34 25.61
N GLU B 610 27.46 -12.14 26.17
CA GLU B 610 26.29 -11.36 25.84
C GLU B 610 26.20 -11.09 24.34
N GLU B 611 27.33 -11.23 23.62
CA GLU B 611 27.33 -11.11 22.16
C GLU B 611 26.44 -12.15 21.50
N ASN B 612 26.15 -13.26 22.19
CA ASN B 612 25.41 -14.39 21.65
C ASN B 612 23.93 -14.32 21.96
N GLU B 613 23.47 -13.32 22.71
CA GLU B 613 22.06 -13.29 23.09
C GLU B 613 21.18 -13.18 21.84
N ASP B 614 21.64 -12.43 20.82
CA ASP B 614 20.90 -12.37 19.56
C ASP B 614 20.80 -13.76 18.91
N ILE B 615 21.87 -14.57 19.00
CA ILE B 615 21.87 -15.89 18.36
C ILE B 615 21.08 -16.92 19.14
N LEU B 616 21.06 -16.81 20.46
CA LEU B 616 20.35 -17.79 21.27
C LEU B 616 18.86 -17.51 21.32
N GLU B 617 18.45 -16.26 21.19
CA GLU B 617 17.02 -16.00 21.11
C GLU B 617 16.45 -16.66 19.85
N ASP B 618 17.17 -16.53 18.73
CA ASP B 618 16.71 -17.00 17.42
C ASP B 618 16.52 -18.50 17.39
N ILE B 619 17.34 -19.26 18.11
CA ILE B 619 17.17 -20.70 18.06
C ILE B 619 15.88 -21.13 18.74
N VAL B 620 15.53 -20.52 19.86
CA VAL B 620 14.29 -20.88 20.53
C VAL B 620 13.09 -20.41 19.70
N LEU B 621 13.15 -19.20 19.18
CA LEU B 621 12.08 -18.72 18.32
C LEU B 621 11.86 -19.62 17.12
N THR B 622 12.93 -20.08 16.45
CA THR B 622 12.79 -21.10 15.40
C THR B 622 12.36 -22.46 15.95
N LEU B 623 12.89 -22.87 17.09
CA LEU B 623 12.46 -24.15 17.66
C LEU B 623 11.05 -24.10 18.22
N THR B 624 10.67 -22.98 18.82
CA THR B 624 9.33 -22.99 19.41
C THR B 624 8.29 -22.98 18.28
N LEU B 625 8.58 -22.20 17.23
CA LEU B 625 7.64 -21.90 16.16
C LEU B 625 7.26 -23.14 15.33
N PHE B 626 8.25 -23.91 14.88
CA PHE B 626 8.14 -24.81 13.73
C PHE B 626 7.83 -26.25 14.11
N GLU B 627 6.89 -26.82 13.39
CA GLU B 627 6.55 -28.23 13.55
C GLU B 627 7.43 -29.18 12.74
N ASP B 628 7.79 -28.78 11.52
CA ASP B 628 8.34 -29.68 10.51
C ASP B 628 9.83 -29.90 10.77
N ARG B 629 10.24 -31.17 10.78
CA ARG B 629 11.63 -31.46 11.03
C ARG B 629 12.53 -30.78 10.00
N GLU B 630 12.17 -30.85 8.73
CA GLU B 630 13.04 -30.34 7.68
C GLU B 630 13.24 -28.82 7.80
N MET B 631 12.17 -28.08 8.08
CA MET B 631 12.26 -26.61 8.02
C MET B 631 13.13 -26.05 9.16
N ILE B 632 13.08 -26.67 10.33
CA ILE B 632 14.00 -26.30 11.41
C ILE B 632 15.43 -26.29 10.90
N GLU B 633 15.78 -27.29 10.12
CA GLU B 633 17.13 -27.41 9.63
C GLU B 633 17.47 -26.24 8.72
N GLU B 634 16.55 -25.86 7.83
CA GLU B 634 16.78 -24.72 6.94
C GLU B 634 17.09 -23.43 7.66
N ARG B 635 16.47 -23.21 8.82
CA ARG B 635 16.72 -21.98 9.56
C ARG B 635 18.07 -22.04 10.24
N LEU B 636 18.33 -23.15 10.95
CA LEU B 636 19.56 -23.35 11.72
C LEU B 636 20.82 -23.48 10.87
N LYS B 637 20.71 -23.75 9.56
CA LYS B 637 21.93 -23.98 8.80
C LYS B 637 22.93 -22.83 8.99
N THR B 638 22.45 -21.57 9.02
CA THR B 638 23.32 -20.40 9.26
C THR B 638 24.12 -20.55 10.54
N TYR B 639 23.62 -21.33 11.48
CA TYR B 639 24.33 -21.52 12.73
C TYR B 639 25.28 -22.70 12.71
N ALA B 640 25.28 -23.52 11.65
CA ALA B 640 26.02 -24.78 11.69
C ALA B 640 27.53 -24.60 11.86
N HIS B 641 28.09 -23.44 11.44
CA HIS B 641 29.54 -23.23 11.50
C HIS B 641 30.02 -23.08 12.95
N LEU B 642 29.25 -22.38 13.77
CA LEU B 642 29.58 -22.29 15.18
C LEU B 642 29.56 -23.67 15.84
N PHE B 643 28.71 -24.57 15.35
CA PHE B 643 28.46 -25.82 16.05
C PHE B 643 29.10 -27.04 15.40
N ASP B 644 29.48 -27.98 16.27
CA ASP B 644 29.92 -29.30 15.87
C ASP B 644 28.77 -30.03 15.18
N ASP B 645 29.11 -30.93 14.26
CA ASP B 645 28.06 -31.62 13.52
C ASP B 645 27.17 -32.50 14.41
N LYS B 646 27.74 -33.13 15.44
CA LYS B 646 26.93 -33.87 16.42
C LYS B 646 26.05 -32.94 17.27
N VAL B 647 26.52 -31.73 17.58
CA VAL B 647 25.75 -30.78 18.39
C VAL B 647 24.44 -30.43 17.69
N MET B 648 24.50 -30.23 16.38
CA MET B 648 23.32 -29.87 15.59
C MET B 648 22.23 -30.95 15.63
N LYS B 649 22.62 -32.22 15.75
CA LYS B 649 21.65 -33.29 15.66
C LYS B 649 20.65 -33.22 16.81
N GLN B 650 21.13 -33.06 18.04
CA GLN B 650 20.24 -32.96 19.19
C GLN B 650 19.42 -31.66 19.18
N LEU B 651 19.96 -30.56 18.61
CA LEU B 651 19.24 -29.29 18.62
C LEU B 651 17.92 -29.40 17.88
N LYS B 652 17.93 -30.01 16.69
CA LYS B 652 16.73 -30.14 15.87
C LYS B 652 15.64 -30.90 16.60
N ARG B 653 16.01 -31.84 17.47
CA ARG B 653 15.00 -32.61 18.19
C ARG B 653 14.21 -31.76 19.19
N ARG B 654 14.89 -30.95 20.01
CA ARG B 654 14.18 -30.27 21.10
C ARG B 654 13.23 -29.24 20.53
N ARG B 655 11.94 -29.38 20.85
CA ARG B 655 10.92 -28.43 20.42
C ARG B 655 10.35 -27.74 21.64
N TYR B 656 9.99 -26.46 21.51
CA TYR B 656 9.48 -25.65 22.61
C TYR B 656 8.07 -25.22 22.30
N THR B 657 7.22 -25.31 23.31
CA THR B 657 5.79 -25.05 23.15
C THR B 657 5.39 -23.99 24.14
N GLY B 658 4.76 -22.96 23.62
CA GLY B 658 4.20 -21.91 24.43
C GLY B 658 4.69 -20.53 24.06
N TRP B 659 3.85 -19.56 24.35
CA TRP B 659 4.17 -18.19 24.09
C TRP B 659 3.95 -17.39 25.37
N GLY B 660 4.89 -16.48 25.65
CA GLY B 660 4.95 -15.75 26.90
C GLY B 660 4.09 -14.52 26.88
N ARG B 661 4.44 -13.54 27.73
CA ARG B 661 3.61 -12.36 27.83
C ARG B 661 4.24 -11.08 27.34
N LEU B 662 5.57 -10.95 27.35
CA LEU B 662 6.18 -9.63 27.27
C LEU B 662 7.14 -9.54 26.10
N SER B 663 7.30 -8.33 25.57
CA SER B 663 8.12 -8.13 24.38
C SER B 663 9.60 -8.04 24.73
N ARG B 664 10.46 -8.17 23.70
CA ARG B 664 11.88 -7.83 23.87
C ARG B 664 12.04 -6.34 24.09
N LYS B 665 11.40 -5.50 23.26
CA LYS B 665 11.59 -4.08 23.47
C LYS B 665 11.20 -3.67 24.90
N LEU B 666 10.17 -4.28 25.50
CA LEU B 666 9.76 -3.79 26.81
C LEU B 666 10.88 -3.97 27.82
N ILE B 667 11.38 -5.19 27.90
CA ILE B 667 12.39 -5.57 28.88
C ILE B 667 13.74 -4.93 28.60
N ASN B 668 14.23 -5.00 27.38
CA ASN B 668 15.58 -4.48 27.17
C ASN B 668 15.70 -3.39 26.11
N GLY B 669 14.64 -3.06 25.39
CA GLY B 669 14.71 -1.94 24.46
C GLY B 669 14.38 -0.60 25.11
N ILE B 670 13.28 -0.57 25.87
CA ILE B 670 12.86 0.69 26.47
C ILE B 670 13.90 1.09 27.49
N ARG B 671 14.20 2.38 27.51
CA ARG B 671 15.28 2.93 28.32
C ARG B 671 14.79 4.25 28.86
N ASP B 672 14.98 4.49 30.16
CA ASP B 672 14.69 5.79 30.74
C ASP B 672 15.60 6.90 30.21
N LYS B 673 15.00 8.02 29.78
CA LYS B 673 15.80 9.07 29.13
C LYS B 673 16.86 9.59 30.08
N GLN B 674 16.54 9.67 31.38
CA GLN B 674 17.45 10.21 32.39
C GLN B 674 18.42 9.14 32.92
N SER B 675 17.91 7.96 33.25
CA SER B 675 18.73 6.92 33.88
C SER B 675 19.63 6.21 32.88
N GLY B 676 19.25 6.22 31.61
CA GLY B 676 19.89 5.49 30.53
C GLY B 676 19.68 3.99 30.60
N LYS B 677 18.86 3.53 31.55
CA LYS B 677 18.74 2.12 31.88
C LYS B 677 17.42 1.53 31.38
N THR B 678 17.46 0.20 31.18
CA THR B 678 16.32 -0.55 30.67
C THR B 678 15.52 -1.13 31.84
N ILE B 679 14.44 -1.84 31.54
CA ILE B 679 13.66 -2.53 32.57
C ILE B 679 14.50 -3.59 33.26
N LEU B 680 15.17 -4.44 32.47
CA LEU B 680 16.07 -5.45 33.00
C LEU B 680 17.20 -4.86 33.81
N ASP B 681 17.77 -3.74 33.36
CA ASP B 681 18.92 -3.19 34.06
C ASP B 681 18.50 -2.58 35.38
N PHE B 682 17.22 -2.21 35.51
CA PHE B 682 16.72 -1.81 36.82
C PHE B 682 16.40 -3.02 37.68
N LEU B 683 16.16 -4.19 37.07
CA LEU B 683 15.86 -5.40 37.85
C LEU B 683 17.09 -5.94 38.55
N LYS B 684 18.27 -5.63 38.05
CA LYS B 684 19.47 -5.76 38.87
C LYS B 684 19.82 -4.33 39.29
N SER B 685 20.53 -4.17 40.38
CA SER B 685 21.05 -2.85 40.74
C SER B 685 20.02 -1.72 40.80
N ASP B 686 18.95 -1.89 41.56
CA ASP B 686 18.04 -0.79 41.80
C ASP B 686 18.32 -0.06 43.09
N GLY B 687 19.50 -0.27 43.67
CA GLY B 687 19.88 0.46 44.87
C GLY B 687 19.40 -0.23 46.11
N PHE B 688 19.29 0.49 47.22
CA PHE B 688 18.87 -0.13 48.47
C PHE B 688 17.49 -0.72 48.27
N ALA B 689 16.65 -0.01 47.55
CA ALA B 689 15.30 -0.49 47.31
C ALA B 689 15.27 -1.12 45.93
N ASN B 690 14.93 -2.40 45.86
CA ASN B 690 14.91 -3.07 44.59
C ASN B 690 13.48 -3.07 44.11
N ARG B 691 13.22 -2.40 43.02
CA ARG B 691 11.85 -2.23 42.57
C ARG B 691 11.36 -3.39 41.71
N ASN B 692 10.06 -3.66 41.83
CA ASN B 692 9.41 -4.74 41.11
C ASN B 692 8.99 -4.29 39.73
N PHE B 693 8.60 -5.26 38.89
CA PHE B 693 8.28 -4.95 37.51
C PHE B 693 7.08 -3.99 37.41
N MET B 694 6.02 -4.28 38.17
CA MET B 694 4.89 -3.36 38.20
C MET B 694 5.33 -1.99 38.70
N GLN B 695 6.17 -1.98 39.74
CA GLN B 695 6.69 -0.75 40.34
C GLN B 695 7.46 0.08 39.32
N LEU B 696 8.24 -0.59 38.48
CA LEU B 696 9.03 0.11 37.47
C LEU B 696 8.15 0.88 36.49
N ILE B 697 7.03 0.28 36.03
CA ILE B 697 6.16 0.97 35.06
C ILE B 697 5.34 2.07 35.74
N HIS B 698 5.04 1.87 37.03
CA HIS B 698 4.18 2.73 37.83
C HIS B 698 4.98 3.72 38.69
N ASP B 699 6.11 4.23 38.19
CA ASP B 699 6.91 5.21 38.91
C ASP B 699 6.97 6.47 38.08
N ASP B 700 6.34 7.54 38.56
CA ASP B 700 6.21 8.76 37.74
C ASP B 700 7.57 9.43 37.47
N SER B 701 8.55 9.24 38.35
CA SER B 701 9.89 9.77 38.12
C SER B 701 10.55 9.14 36.89
N LEU B 702 10.27 7.85 36.64
CA LEU B 702 10.76 7.11 35.48
C LEU B 702 9.91 7.31 34.23
N THR B 703 10.56 7.17 33.08
CA THR B 703 9.91 7.57 31.85
C THR B 703 8.97 6.47 31.36
N PHE B 704 8.81 5.41 32.16
CA PHE B 704 8.10 4.25 31.66
C PHE B 704 6.58 4.51 31.61
N LYS B 705 6.02 5.15 32.65
CA LYS B 705 4.61 5.50 32.63
C LYS B 705 4.28 6.47 31.51
N GLU B 706 5.19 7.39 31.19
CA GLU B 706 4.97 8.33 30.09
C GLU B 706 5.17 7.67 28.73
N ASP B 707 6.20 6.81 28.62
CA ASP B 707 6.44 6.08 27.37
C ASP B 707 5.33 5.07 27.09
N ILE B 708 4.88 4.33 28.12
CA ILE B 708 3.80 3.35 27.95
C ILE B 708 2.56 4.01 27.36
N GLN B 709 2.13 5.12 27.95
CA GLN B 709 0.91 5.77 27.50
C GLN B 709 0.98 6.23 26.04
N LYS B 710 2.18 6.50 25.50
CA LYS B 710 2.28 6.94 24.10
C LYS B 710 1.86 5.85 23.13
N ALA B 711 2.34 4.61 23.36
CA ALA B 711 2.03 3.52 22.44
C ALA B 711 0.56 3.13 22.46
N GLN B 712 -0.08 3.19 23.63
CA GLN B 712 -1.45 2.70 23.76
C GLN B 712 -2.50 3.64 23.14
N VAL B 713 -2.40 4.95 23.37
CA VAL B 713 -3.42 5.86 22.85
C VAL B 713 -3.33 5.99 21.33
N SER B 714 -2.13 5.91 20.75
CA SER B 714 -1.97 6.03 19.30
C SER B 714 -2.84 5.06 18.50
N GLY B 717 -8.08 5.33 22.79
CA GLY B 717 -7.14 4.53 22.04
C GLY B 717 -7.69 4.18 20.67
N ASP B 718 -8.87 3.55 20.67
CA ASP B 718 -9.56 3.07 19.47
C ASP B 718 -11.06 3.21 19.64
N SER B 719 -11.79 3.17 18.53
CA SER B 719 -13.25 3.36 18.57
C SER B 719 -13.94 2.21 19.32
N LEU B 720 -15.26 2.34 19.49
CA LEU B 720 -16.00 1.39 20.32
C LEU B 720 -15.98 -0.02 19.74
N HIS B 721 -16.18 -0.19 18.43
CA HIS B 721 -16.26 -1.53 17.85
C HIS B 721 -15.04 -2.35 18.24
N GLU B 722 -13.86 -1.80 17.98
CA GLU B 722 -12.64 -2.53 18.29
C GLU B 722 -12.56 -2.85 19.77
N HIS B 723 -12.93 -1.89 20.63
CA HIS B 723 -12.88 -2.17 22.06
C HIS B 723 -13.85 -3.28 22.42
N ILE B 724 -15.03 -3.29 21.79
CA ILE B 724 -16.06 -4.30 22.06
C ILE B 724 -15.74 -5.62 21.38
N ALA B 725 -15.24 -5.56 20.14
CA ALA B 725 -14.98 -6.78 19.36
C ALA B 725 -13.82 -7.58 19.93
N ASN B 726 -12.82 -6.90 20.48
CA ASN B 726 -11.72 -7.58 21.16
C ASN B 726 -12.23 -8.43 22.33
N LEU B 727 -13.45 -8.17 22.80
CA LEU B 727 -13.97 -8.89 23.95
C LEU B 727 -13.94 -10.39 23.64
N ALA B 728 -13.53 -11.20 24.62
CA ALA B 728 -13.56 -12.63 24.40
C ALA B 728 -14.89 -13.18 24.89
N GLY B 729 -15.50 -14.07 24.09
CA GLY B 729 -16.84 -14.58 24.41
C GLY B 729 -17.85 -14.72 23.26
N SER B 730 -19.07 -15.20 23.55
CA SER B 730 -20.03 -15.47 22.49
C SER B 730 -20.28 -14.23 21.65
N PRO B 731 -20.21 -14.33 20.33
CA PRO B 731 -20.34 -13.15 19.46
C PRO B 731 -21.70 -12.51 19.42
N ALA B 732 -22.73 -13.16 19.99
CA ALA B 732 -24.03 -12.50 20.13
C ALA B 732 -24.14 -11.68 21.42
N ILE B 733 -23.58 -12.16 22.54
CA ILE B 733 -23.64 -11.40 23.78
C ILE B 733 -22.81 -10.12 23.71
N LYS B 734 -21.90 -10.03 22.74
CA LYS B 734 -21.24 -8.77 22.42
C LYS B 734 -22.22 -7.77 21.79
N LYS B 735 -23.21 -8.26 21.05
CA LYS B 735 -24.20 -7.35 20.48
C LYS B 735 -24.94 -6.63 21.58
N GLY B 736 -25.46 -7.39 22.56
CA GLY B 736 -26.13 -6.76 23.67
C GLY B 736 -25.22 -5.77 24.37
N ILE B 737 -23.92 -6.11 24.47
CA ILE B 737 -23.00 -5.16 25.08
C ILE B 737 -23.00 -3.86 24.28
N LEU B 738 -22.74 -3.95 22.98
CA LEU B 738 -22.76 -2.71 22.20
C LEU B 738 -24.09 -2.00 22.39
N GLN B 739 -25.19 -2.74 22.28
CA GLN B 739 -26.50 -2.15 22.49
C GLN B 739 -26.67 -1.68 23.93
N THR B 740 -26.14 -2.42 24.91
CA THR B 740 -26.31 -1.93 26.26
C THR B 740 -25.55 -0.63 26.44
N VAL B 741 -24.38 -0.48 25.80
CA VAL B 741 -23.63 0.77 25.92
C VAL B 741 -24.21 1.87 25.05
N LYS B 742 -24.86 1.53 23.93
CA LYS B 742 -25.55 2.57 23.17
C LYS B 742 -26.73 3.11 23.95
N VAL B 743 -27.35 2.25 24.77
CA VAL B 743 -28.44 2.63 25.64
C VAL B 743 -27.99 3.63 26.71
N VAL B 744 -26.87 3.33 27.38
CA VAL B 744 -26.41 4.21 28.44
C VAL B 744 -26.07 5.59 27.87
N ASP B 745 -25.35 5.65 26.73
CA ASP B 745 -24.99 6.96 26.21
C ASP B 745 -26.22 7.80 25.92
N GLU B 746 -27.34 7.16 25.53
CA GLU B 746 -28.56 7.92 25.28
C GLU B 746 -29.26 8.34 26.56
N LEU B 747 -29.31 7.49 27.59
CA LEU B 747 -29.91 7.91 28.85
C LEU B 747 -29.29 9.20 29.38
N VAL B 748 -27.96 9.32 29.35
CA VAL B 748 -27.26 10.54 29.80
C VAL B 748 -27.70 11.76 28.99
N LYS B 749 -27.90 11.60 27.68
CA LYS B 749 -28.41 12.70 26.85
C LYS B 749 -29.77 13.18 27.34
N VAL B 750 -30.68 12.23 27.66
CA VAL B 750 -32.00 12.56 28.20
C VAL B 750 -31.90 13.39 29.47
N MET B 751 -31.01 13.01 30.38
CA MET B 751 -30.84 13.72 31.67
C MET B 751 -30.10 15.05 31.54
N GLY B 752 -30.21 15.70 30.38
CA GLY B 752 -29.55 16.98 30.22
C GLY B 752 -28.04 16.86 30.25
N ARG B 753 -27.52 15.78 29.69
CA ARG B 753 -26.08 15.54 29.62
C ARG B 753 -25.42 15.49 31.01
N HIS B 754 -26.19 15.07 32.01
CA HIS B 754 -25.71 14.81 33.37
C HIS B 754 -25.29 13.35 33.52
N LYS B 755 -24.14 13.10 34.23
CA LYS B 755 -23.70 11.75 34.57
C LYS B 755 -24.44 11.25 35.83
N PRO B 756 -24.89 9.99 35.86
CA PRO B 756 -25.58 9.42 37.04
C PRO B 756 -24.66 8.84 38.10
N GLU B 757 -25.16 8.85 39.35
CA GLU B 757 -24.35 8.35 40.47
C GLU B 757 -24.13 6.83 40.37
N ASN B 758 -25.20 6.07 40.11
CA ASN B 758 -25.11 4.61 40.09
C ASN B 758 -25.49 3.99 38.75
N ILE B 759 -24.85 2.84 38.45
CA ILE B 759 -25.14 2.01 37.29
C ILE B 759 -25.10 0.54 37.71
N VAL B 760 -26.18 -0.21 37.41
CA VAL B 760 -26.29 -1.63 37.79
C VAL B 760 -26.45 -2.50 36.51
N ILE B 761 -25.43 -3.35 36.23
CA ILE B 761 -25.41 -4.26 35.09
C ILE B 761 -25.53 -5.70 35.58
N GLU B 762 -26.32 -6.50 34.87
CA GLU B 762 -26.42 -7.93 35.12
C GLU B 762 -26.67 -8.64 33.79
N MET B 763 -26.09 -9.83 33.61
CA MET B 763 -26.27 -10.61 32.39
C MET B 763 -26.69 -12.05 32.73
N ALA B 764 -27.72 -12.54 32.03
CA ALA B 764 -28.16 -13.92 32.22
C ALA B 764 -27.18 -14.91 31.59
N ARG B 765 -27.25 -16.16 32.06
CA ARG B 765 -26.45 -17.26 31.49
C ARG B 765 -26.56 -17.44 29.97
N ASN B 776 -28.67 -35.43 32.93
CA ASN B 776 -28.93 -35.28 34.36
C ASN B 776 -30.11 -36.14 34.83
N SER B 777 -30.93 -36.59 33.88
CA SER B 777 -32.10 -37.40 34.23
C SER B 777 -31.67 -38.77 34.76
N ARG B 778 -30.66 -39.37 34.14
CA ARG B 778 -30.10 -40.67 34.50
C ARG B 778 -28.98 -40.59 35.54
N GLU B 779 -28.35 -39.43 35.71
CA GLU B 779 -27.36 -39.28 36.77
C GLU B 779 -27.95 -39.65 38.12
N ARG B 780 -29.20 -39.26 38.35
CA ARG B 780 -29.87 -39.52 39.62
C ARG B 780 -30.03 -41.01 39.87
N MET B 781 -30.28 -41.79 38.82
CA MET B 781 -30.47 -43.23 38.99
C MET B 781 -29.17 -43.93 39.34
N LYS B 782 -28.03 -43.40 38.88
CA LYS B 782 -26.73 -44.07 39.05
C LYS B 782 -26.07 -43.81 40.41
N ARG B 783 -26.26 -42.62 40.99
CA ARG B 783 -25.68 -42.33 42.31
C ARG B 783 -26.40 -43.05 43.45
N ILE B 784 -27.64 -43.46 43.25
CA ILE B 784 -28.32 -44.35 44.19
C ILE B 784 -28.04 -45.81 43.86
N GLU B 785 -27.88 -46.15 42.58
CA GLU B 785 -27.69 -47.54 42.17
C GLU B 785 -26.44 -48.13 42.81
N GLU B 786 -25.31 -47.44 42.69
CA GLU B 786 -24.01 -47.90 43.18
C GLU B 786 -23.76 -47.60 44.66
N GLY B 787 -24.51 -46.66 45.24
CA GLY B 787 -24.37 -46.31 46.65
C GLY B 787 -25.15 -47.18 47.59
N ILE B 788 -26.11 -47.95 47.04
CA ILE B 788 -26.75 -49.04 47.78
C ILE B 788 -26.14 -50.39 47.40
N LYS B 789 -25.25 -50.43 46.39
CA LYS B 789 -24.50 -51.64 46.09
C LYS B 789 -23.32 -51.83 47.05
N GLU B 790 -22.65 -50.74 47.44
CA GLU B 790 -21.58 -50.78 48.42
C GLU B 790 -22.08 -50.67 49.86
N LEU B 791 -23.24 -50.03 50.07
CA LEU B 791 -23.91 -50.12 51.37
C LEU B 791 -24.55 -51.49 51.57
N GLY B 792 -25.00 -52.14 50.49
CA GLY B 792 -25.58 -53.47 50.58
C GLY B 792 -26.97 -53.53 51.15
N SER B 793 -27.56 -52.39 51.49
CA SER B 793 -28.91 -52.29 52.00
C SER B 793 -29.94 -52.70 50.94
N GLN B 794 -31.15 -53.03 51.40
CA GLN B 794 -32.23 -53.48 50.53
C GLN B 794 -33.31 -52.42 50.33
N ILE B 795 -32.99 -51.13 50.60
CA ILE B 795 -33.99 -50.08 50.46
C ILE B 795 -34.30 -49.79 48.99
N LEU B 796 -33.39 -50.17 48.09
CA LEU B 796 -33.68 -50.10 46.66
C LEU B 796 -34.60 -51.23 46.22
N LYS B 797 -34.34 -52.45 46.69
CA LYS B 797 -35.22 -53.57 46.35
C LYS B 797 -36.55 -53.49 47.09
N GLU B 798 -36.54 -53.03 48.35
CA GLU B 798 -37.78 -52.99 49.13
C GLU B 798 -38.82 -52.08 48.49
N HIS B 799 -38.40 -50.91 47.99
CA HIS B 799 -39.28 -50.04 47.21
C HIS B 799 -38.51 -49.57 45.99
N PRO B 800 -38.97 -49.89 44.77
CA PRO B 800 -38.30 -49.38 43.57
C PRO B 800 -38.92 -48.10 43.03
N VAL B 801 -38.12 -47.30 42.31
CA VAL B 801 -38.53 -46.03 41.68
C VAL B 801 -37.96 -45.98 40.26
N GLU B 802 -38.29 -44.89 39.55
CA GLU B 802 -37.95 -44.76 38.14
C GLU B 802 -37.01 -43.58 37.88
N ASN B 803 -36.50 -43.54 36.65
CA ASN B 803 -35.48 -42.59 36.23
C ASN B 803 -36.00 -41.19 35.94
N THR B 804 -37.31 -41.03 35.67
CA THR B 804 -37.91 -39.72 35.42
C THR B 804 -38.36 -38.98 36.68
N GLN B 805 -38.39 -39.64 37.84
CA GLN B 805 -39.00 -39.09 39.03
C GLN B 805 -38.08 -38.21 39.89
N LEU B 806 -36.76 -38.40 39.79
CA LEU B 806 -35.82 -37.92 40.79
C LEU B 806 -35.47 -36.43 40.68
N GLN B 807 -36.13 -35.67 39.79
CA GLN B 807 -36.02 -34.22 39.81
C GLN B 807 -36.86 -33.60 40.92
N ASN B 808 -37.60 -34.43 41.66
CA ASN B 808 -38.24 -34.04 42.92
C ASN B 808 -37.18 -34.10 44.03
N GLU B 809 -36.98 -32.98 44.73
CA GLU B 809 -35.90 -32.88 45.73
C GLU B 809 -36.10 -33.86 46.88
N LYS B 810 -37.29 -33.83 47.51
CA LYS B 810 -37.53 -34.59 48.72
C LYS B 810 -37.42 -36.11 48.49
N LEU B 811 -37.95 -36.60 47.35
CA LEU B 811 -37.80 -38.00 46.99
C LEU B 811 -36.33 -38.35 46.76
N TYR B 812 -35.64 -37.54 45.95
CA TYR B 812 -34.24 -37.79 45.63
C TYR B 812 -33.33 -37.73 46.87
N LEU B 813 -33.61 -36.80 47.80
CA LEU B 813 -32.78 -36.69 49.02
C LEU B 813 -32.94 -37.91 49.91
N TYR B 814 -34.17 -38.43 50.04
CA TYR B 814 -34.43 -39.66 50.78
C TYR B 814 -33.51 -40.79 50.31
N TYR B 815 -33.37 -40.94 48.98
CA TYR B 815 -32.63 -42.09 48.44
C TYR B 815 -31.13 -42.00 48.68
N LEU B 816 -30.52 -40.82 48.55
CA LEU B 816 -29.13 -40.68 48.99
C LEU B 816 -29.01 -40.84 50.51
N GLN B 817 -29.99 -40.35 51.28
CA GLN B 817 -29.97 -40.49 52.74
C GLN B 817 -30.17 -41.93 53.20
N ASN B 818 -30.81 -42.78 52.36
CA ASN B 818 -31.09 -44.21 52.57
C ASN B 818 -32.35 -44.46 53.40
N GLY B 819 -33.21 -43.45 53.52
CA GLY B 819 -34.40 -43.58 54.34
C GLY B 819 -34.25 -43.09 55.76
N ARG B 820 -33.06 -42.66 56.16
CA ARG B 820 -32.83 -42.19 57.51
C ARG B 820 -32.47 -40.72 57.46
N ASP B 821 -32.98 -39.97 58.42
CA ASP B 821 -32.66 -38.55 58.51
C ASP B 821 -31.31 -38.38 59.20
N MET B 822 -30.47 -37.49 58.64
CA MET B 822 -29.14 -37.22 59.22
C MET B 822 -29.22 -36.56 60.59
N TYR B 823 -30.31 -35.83 60.87
CA TYR B 823 -30.44 -35.09 62.14
C TYR B 823 -31.06 -35.92 63.27
N VAL B 824 -31.76 -37.02 62.98
CA VAL B 824 -32.48 -37.73 64.02
C VAL B 824 -32.07 -39.21 64.14
N ASP B 825 -31.74 -39.86 63.02
CA ASP B 825 -31.40 -41.28 62.91
C ASP B 825 -32.60 -42.21 63.13
N GLN B 826 -33.54 -42.20 62.19
CA GLN B 826 -34.75 -43.01 62.29
C GLN B 826 -35.18 -43.37 60.89
N GLU B 827 -36.09 -44.33 60.77
CA GLU B 827 -36.65 -44.65 59.47
C GLU B 827 -37.73 -43.64 59.10
N LEU B 828 -37.68 -43.15 57.87
CA LEU B 828 -38.57 -42.10 57.38
C LEU B 828 -39.63 -42.70 56.46
N ASP B 829 -40.89 -42.28 56.65
CA ASP B 829 -42.00 -42.72 55.81
C ASP B 829 -41.80 -42.23 54.39
N ILE B 830 -42.14 -43.09 53.42
CA ILE B 830 -42.00 -42.71 52.00
C ILE B 830 -43.13 -41.78 51.53
N ASN B 831 -44.34 -41.92 52.09
CA ASN B 831 -45.53 -41.27 51.52
C ASN B 831 -45.61 -39.76 51.80
N ARG B 832 -45.27 -39.31 53.02
CA ARG B 832 -45.43 -37.91 53.42
C ARG B 832 -44.07 -37.23 53.60
N LEU B 833 -43.56 -36.65 52.51
CA LEU B 833 -42.40 -35.76 52.54
C LEU B 833 -42.76 -34.27 52.70
N SER B 834 -44.03 -33.90 52.49
CA SER B 834 -44.46 -32.50 52.67
C SER B 834 -44.23 -32.02 54.09
N ASP B 835 -44.41 -32.91 55.07
CA ASP B 835 -44.22 -32.52 56.46
C ASP B 835 -42.75 -32.40 56.81
N TYR B 836 -41.90 -33.20 56.16
CA TYR B 836 -40.47 -33.15 56.35
C TYR B 836 -39.89 -31.96 55.58
N ASP B 837 -38.94 -31.28 56.21
CA ASP B 837 -38.34 -30.08 55.63
C ASP B 837 -37.08 -30.44 54.85
N VAL B 838 -36.86 -29.74 53.73
CA VAL B 838 -35.56 -29.78 53.09
C VAL B 838 -34.68 -28.79 53.85
N ASP B 839 -33.53 -29.26 54.29
CA ASP B 839 -32.69 -28.47 55.18
C ASP B 839 -31.33 -28.27 54.55
N ALA B 840 -30.92 -27.01 54.43
CA ALA B 840 -29.58 -26.69 53.96
C ALA B 840 -28.60 -26.84 55.10
N ILE B 841 -27.44 -27.45 54.81
CA ILE B 841 -26.36 -27.57 55.79
C ILE B 841 -25.95 -26.18 56.30
N VAL B 842 -25.81 -25.23 55.39
CA VAL B 842 -25.46 -23.85 55.71
C VAL B 842 -26.66 -22.95 55.38
N PRO B 843 -27.14 -22.12 56.33
CA PRO B 843 -28.36 -21.32 56.06
C PRO B 843 -28.19 -20.45 54.83
N GLN B 844 -29.27 -20.30 54.07
CA GLN B 844 -29.13 -19.59 52.81
C GLN B 844 -28.66 -18.14 53.00
N ASP B 849 -27.93 -22.01 49.72
CA ASP B 849 -27.58 -23.11 48.83
C ASP B 849 -28.78 -24.04 48.66
N ASP B 850 -29.15 -24.27 47.40
CA ASP B 850 -30.27 -25.13 47.04
C ASP B 850 -29.86 -26.34 46.22
N SER B 851 -28.56 -26.54 45.98
CA SER B 851 -28.10 -27.71 45.25
C SER B 851 -28.10 -28.94 46.17
N ILE B 852 -27.84 -30.12 45.58
CA ILE B 852 -27.75 -31.35 46.37
C ILE B 852 -26.59 -31.31 47.35
N ASP B 853 -25.49 -30.63 46.99
CA ASP B 853 -24.30 -30.61 47.85
C ASP B 853 -24.61 -30.04 49.23
N ASN B 854 -25.61 -29.17 49.35
CA ASN B 854 -25.94 -28.54 50.61
C ASN B 854 -27.39 -28.80 51.03
N LYS B 855 -28.11 -29.72 50.37
CA LYS B 855 -29.49 -30.02 50.73
C LYS B 855 -29.59 -31.36 51.46
N VAL B 856 -30.42 -31.38 52.52
CA VAL B 856 -30.68 -32.52 53.39
C VAL B 856 -32.16 -32.48 53.70
N LEU B 857 -32.79 -33.65 53.82
CA LEU B 857 -34.22 -33.75 54.15
C LEU B 857 -34.36 -34.42 55.52
N THR B 858 -34.97 -33.71 56.48
CA THR B 858 -35.28 -34.20 57.83
C THR B 858 -36.68 -33.76 58.27
N ARG B 859 -37.24 -34.48 59.25
CA ARG B 859 -38.61 -34.23 59.72
C ARG B 859 -38.80 -32.82 60.25
N SER B 860 -37.80 -32.31 60.97
CA SER B 860 -37.85 -30.94 61.48
C SER B 860 -36.46 -30.33 61.36
N ASP B 861 -36.40 -29.11 60.80
CA ASP B 861 -35.15 -28.40 60.56
C ASP B 861 -34.61 -27.69 61.81
N LYS B 862 -35.36 -27.72 62.91
CA LYS B 862 -34.91 -27.20 64.20
C LYS B 862 -34.06 -28.21 64.98
N ASN B 863 -34.05 -29.48 64.55
CA ASN B 863 -33.24 -30.52 65.18
C ASN B 863 -31.74 -30.26 65.05
N ARG B 864 -31.34 -29.43 64.08
CA ARG B 864 -29.96 -29.01 63.94
C ARG B 864 -29.52 -28.12 65.09
N GLY B 865 -30.48 -27.53 65.82
CA GLY B 865 -30.25 -26.68 66.96
C GLY B 865 -30.71 -25.25 66.70
N LYS B 866 -29.75 -24.34 66.66
CA LYS B 866 -30.01 -22.95 66.32
C LYS B 866 -29.96 -22.77 64.81
N SER B 867 -31.05 -22.23 64.25
CA SER B 867 -31.08 -22.07 62.81
C SER B 867 -30.16 -20.94 62.35
N ASP B 868 -29.59 -20.16 63.28
CA ASP B 868 -28.47 -19.26 62.99
C ASP B 868 -27.12 -19.99 63.06
N ASN B 869 -27.11 -21.24 63.56
CA ASN B 869 -25.93 -22.06 63.82
C ASN B 869 -25.85 -23.25 62.86
N VAL B 870 -24.64 -23.80 62.74
CA VAL B 870 -24.32 -25.05 62.05
C VAL B 870 -25.12 -26.19 62.67
N PRO B 871 -25.47 -27.25 61.95
CA PRO B 871 -26.11 -28.40 62.61
C PRO B 871 -25.28 -28.83 63.82
N SER B 872 -25.94 -28.88 64.98
CA SER B 872 -25.28 -28.81 66.28
C SER B 872 -24.41 -30.04 66.55
N GLU B 873 -23.58 -29.91 67.59
CA GLU B 873 -22.77 -31.03 68.11
C GLU B 873 -23.65 -32.16 68.62
N GLU B 874 -24.91 -31.86 68.94
CA GLU B 874 -25.83 -32.88 69.44
C GLU B 874 -26.16 -33.90 68.36
N VAL B 875 -26.49 -33.42 67.16
CA VAL B 875 -26.79 -34.35 66.09
C VAL B 875 -25.52 -34.96 65.50
N VAL B 876 -24.42 -34.19 65.43
CA VAL B 876 -23.17 -34.71 64.88
C VAL B 876 -22.70 -35.91 65.67
N LYS B 877 -22.76 -35.84 67.00
CA LYS B 877 -22.29 -36.97 67.80
C LYS B 877 -23.15 -38.19 67.53
N LYS B 878 -24.43 -37.98 67.20
CA LYS B 878 -25.31 -39.09 66.84
C LYS B 878 -24.99 -39.60 65.45
N MET B 879 -24.69 -38.70 64.51
CA MET B 879 -24.66 -39.07 63.10
C MET B 879 -23.34 -38.75 62.38
N LYS B 880 -22.25 -38.45 63.11
CA LYS B 880 -20.97 -38.23 62.45
C LYS B 880 -20.53 -39.48 61.71
N ASN B 881 -21.01 -40.65 62.17
CA ASN B 881 -20.71 -41.93 61.54
C ASN B 881 -21.56 -42.16 60.29
N TYR B 882 -22.87 -41.86 60.36
CA TYR B 882 -23.75 -42.18 59.23
C TYR B 882 -23.38 -41.40 57.97
N TRP B 883 -23.03 -40.12 58.11
CA TRP B 883 -22.67 -39.32 56.94
C TRP B 883 -21.34 -39.75 56.31
N ARG B 884 -20.47 -40.44 57.08
CA ARG B 884 -19.24 -40.98 56.52
C ARG B 884 -19.52 -42.22 55.68
N GLN B 885 -20.43 -43.10 56.13
CA GLN B 885 -20.90 -44.20 55.30
C GLN B 885 -21.43 -43.70 53.97
N LEU B 886 -22.16 -42.59 53.99
CA LEU B 886 -22.69 -42.00 52.77
C LEU B 886 -21.58 -41.41 51.88
N LEU B 887 -20.49 -40.90 52.47
CA LEU B 887 -19.40 -40.34 51.67
C LEU B 887 -18.68 -41.44 50.89
N ASN B 888 -18.29 -42.51 51.59
CA ASN B 888 -17.57 -43.62 50.97
C ASN B 888 -18.42 -44.33 49.92
N ALA B 889 -19.75 -44.21 50.00
CA ALA B 889 -20.68 -44.71 48.98
C ALA B 889 -21.07 -43.63 47.96
N LYS B 890 -20.39 -42.48 47.96
CA LYS B 890 -20.68 -41.37 47.05
C LYS B 890 -22.17 -41.00 47.09
N LEU B 891 -22.78 -41.19 48.25
CA LEU B 891 -24.14 -40.72 48.50
C LEU B 891 -24.17 -39.30 49.02
N ILE B 892 -23.01 -38.75 49.42
CA ILE B 892 -22.83 -37.33 49.64
C ILE B 892 -21.46 -36.93 49.12
N THR B 893 -21.29 -35.64 48.87
CA THR B 893 -20.05 -35.08 48.36
C THR B 893 -19.15 -34.62 49.50
N GLN B 894 -17.84 -34.54 49.22
CA GLN B 894 -16.89 -34.08 50.22
C GLN B 894 -17.24 -32.69 50.76
N ARG B 895 -17.76 -31.81 49.90
CA ARG B 895 -18.24 -30.52 50.38
C ARG B 895 -19.43 -30.70 51.31
N LYS B 896 -20.36 -31.60 50.97
CA LYS B 896 -21.52 -31.85 51.83
C LYS B 896 -21.12 -32.40 53.19
N PHE B 897 -20.16 -33.32 53.23
CA PHE B 897 -19.69 -33.93 54.47
C PHE B 897 -18.90 -32.91 55.31
N ASP B 898 -17.99 -32.16 54.65
CA ASP B 898 -17.14 -31.17 55.32
C ASP B 898 -17.95 -30.01 55.92
N ASN B 899 -19.11 -29.66 55.31
CA ASN B 899 -20.03 -28.70 55.94
C ASN B 899 -20.90 -29.33 57.02
N LEU B 900 -21.25 -30.61 56.89
CA LEU B 900 -21.97 -31.30 57.98
C LEU B 900 -21.09 -31.41 59.23
N THR B 901 -19.86 -31.91 59.06
CA THR B 901 -18.96 -32.11 60.20
C THR B 901 -18.38 -30.81 60.77
N LYS B 902 -18.46 -29.69 60.03
CA LYS B 902 -17.80 -28.42 60.37
C LYS B 902 -18.13 -27.95 61.79
N ALA B 903 -19.14 -28.57 62.41
CA ALA B 903 -19.45 -28.27 63.80
C ALA B 903 -18.28 -28.56 64.72
N GLU B 904 -17.46 -29.57 64.39
CA GLU B 904 -16.29 -29.90 65.18
C GLU B 904 -15.07 -29.01 64.89
N ARG B 905 -15.06 -28.27 63.79
CA ARG B 905 -14.06 -27.21 63.56
C ARG B 905 -14.58 -25.85 64.02
N GLY B 906 -15.15 -25.82 65.23
CA GLY B 906 -15.72 -24.62 65.81
C GLY B 906 -16.92 -24.08 65.06
N GLY B 907 -17.44 -24.84 64.11
CA GLY B 907 -18.61 -24.44 63.33
C GLY B 907 -18.27 -23.47 62.19
N LEU B 908 -19.31 -22.82 61.69
CA LEU B 908 -19.10 -21.85 60.61
C LEU B 908 -18.47 -20.64 61.24
N SER B 909 -17.19 -20.49 61.03
CA SER B 909 -16.48 -19.41 61.67
C SER B 909 -16.89 -18.08 61.05
N GLU B 910 -16.67 -17.00 61.80
CA GLU B 910 -16.86 -15.67 61.23
C GLU B 910 -16.06 -15.52 59.94
N LEU B 911 -14.77 -15.93 59.97
CA LEU B 911 -13.96 -16.02 58.76
C LEU B 911 -14.43 -17.12 57.81
N ASP B 912 -15.06 -18.20 58.34
CA ASP B 912 -15.67 -19.19 57.47
C ASP B 912 -17.02 -18.70 56.93
N LYS B 913 -17.81 -18.02 57.77
CA LYS B 913 -19.12 -17.53 57.35
C LYS B 913 -19.00 -16.39 56.34
N ALA B 914 -17.91 -15.62 56.43
CA ALA B 914 -17.62 -14.59 55.41
C ALA B 914 -17.39 -15.24 54.04
N GLY B 915 -16.68 -16.37 54.01
CA GLY B 915 -16.56 -17.14 52.78
C GLY B 915 -17.90 -17.65 52.28
N PHE B 916 -18.88 -17.80 53.18
CA PHE B 916 -20.22 -18.22 52.77
C PHE B 916 -20.93 -17.16 51.93
N ILE B 917 -20.98 -15.92 52.42
CA ILE B 917 -21.77 -14.92 51.69
C ILE B 917 -20.96 -14.28 50.57
N LYS B 918 -19.69 -13.94 50.81
CA LYS B 918 -18.89 -13.15 49.87
C LYS B 918 -18.72 -13.87 48.53
N ARG B 919 -18.44 -15.17 48.56
CA ARG B 919 -18.31 -15.93 47.33
C ARG B 919 -19.61 -15.92 46.53
N GLN B 920 -20.75 -15.92 47.23
CA GLN B 920 -22.05 -15.95 46.58
C GLN B 920 -22.33 -14.67 45.80
N LEU B 921 -21.90 -13.52 46.30
CA LEU B 921 -22.35 -12.25 45.72
C LEU B 921 -21.55 -11.84 44.49
N VAL B 922 -20.26 -12.18 44.41
CA VAL B 922 -19.42 -11.56 43.37
C VAL B 922 -19.57 -12.34 42.07
N GLU B 923 -19.50 -11.60 40.98
CA GLU B 923 -19.60 -12.14 39.63
C GLU B 923 -18.23 -12.65 39.17
N THR B 924 -18.15 -13.94 38.79
CA THR B 924 -16.89 -14.56 38.40
C THR B 924 -16.60 -14.41 36.91
N ARG B 925 -17.62 -14.04 36.12
CA ARG B 925 -17.53 -14.10 34.68
C ARG B 925 -16.64 -13.00 34.13
N GLN B 926 -15.60 -13.39 33.37
CA GLN B 926 -14.63 -12.43 32.87
C GLN B 926 -15.25 -11.41 31.94
N ILE B 927 -16.29 -11.80 31.21
CA ILE B 927 -16.89 -10.87 30.25
C ILE B 927 -17.54 -9.72 31.00
N THR B 928 -18.31 -10.05 32.04
CA THR B 928 -19.05 -9.02 32.78
C THR B 928 -18.09 -7.97 33.34
N LYS B 929 -16.97 -8.44 33.91
CA LYS B 929 -15.94 -7.54 34.43
C LYS B 929 -15.53 -6.56 33.35
N HIS B 930 -15.21 -7.09 32.18
CA HIS B 930 -14.80 -6.22 31.08
C HIS B 930 -15.89 -5.22 30.75
N VAL B 931 -17.15 -5.65 30.78
CA VAL B 931 -18.22 -4.68 30.57
C VAL B 931 -18.11 -3.55 31.60
N ALA B 932 -17.76 -3.88 32.85
CA ALA B 932 -17.61 -2.85 33.87
C ALA B 932 -16.59 -1.79 33.45
N GLN B 933 -15.40 -2.21 33.04
CA GLN B 933 -14.42 -1.25 32.51
C GLN B 933 -15.03 -0.39 31.42
N ILE B 934 -15.64 -1.06 30.42
CA ILE B 934 -16.20 -0.37 29.28
C ILE B 934 -17.10 0.76 29.75
N LEU B 935 -18.02 0.46 30.67
CA LEU B 935 -18.87 1.52 31.18
C LEU B 935 -18.07 2.52 32.01
N ASP B 936 -17.33 2.01 33.01
CA ASP B 936 -16.70 2.88 33.98
C ASP B 936 -15.76 3.87 33.32
N SER B 937 -14.91 3.40 32.42
CA SER B 937 -13.94 4.29 31.79
C SER B 937 -14.61 5.30 30.86
N ARG B 938 -15.80 4.95 30.30
CA ARG B 938 -16.56 5.84 29.43
C ARG B 938 -17.26 6.96 30.19
N MET B 939 -17.44 6.79 31.51
CA MET B 939 -18.09 7.78 32.36
C MET B 939 -17.11 8.80 32.91
N ASN B 940 -16.06 8.33 33.57
CA ASN B 940 -15.12 9.17 34.31
C ASN B 940 -14.02 9.63 33.37
N THR B 941 -14.23 10.78 32.75
CA THR B 941 -13.18 11.34 31.93
C THR B 941 -12.28 12.26 32.76
N LYS B 942 -12.84 12.89 33.80
CA LYS B 942 -12.12 13.86 34.61
C LYS B 942 -11.11 13.18 35.54
N TYR B 943 -9.98 13.87 35.72
CA TYR B 943 -8.89 13.49 36.61
C TYR B 943 -8.60 14.70 37.49
N ASP B 944 -8.35 14.47 38.78
CA ASP B 944 -8.00 15.57 39.68
C ASP B 944 -6.56 16.00 39.44
N GLU B 945 -6.08 16.98 40.20
CA GLU B 945 -4.69 17.45 40.01
C GLU B 945 -3.69 16.32 40.26
N ASN B 946 -4.00 15.41 41.18
CA ASN B 946 -3.17 14.22 41.34
C ASN B 946 -3.34 13.31 40.12
N ASP B 947 -2.45 12.34 39.97
CA ASP B 947 -2.59 11.42 38.84
C ASP B 947 -3.86 10.56 38.98
N LYS B 948 -4.31 10.32 40.22
CA LYS B 948 -5.37 9.37 40.49
C LYS B 948 -6.67 9.75 39.77
N LEU B 949 -7.43 8.73 39.38
CA LEU B 949 -8.69 8.96 38.68
C LEU B 949 -9.80 9.38 39.64
N ILE B 950 -10.74 10.16 39.13
CA ILE B 950 -11.87 10.66 39.89
C ILE B 950 -13.05 9.74 39.68
N ARG B 951 -13.57 9.16 40.75
CA ARG B 951 -14.65 8.18 40.61
C ARG B 951 -16.00 8.89 40.79
N GLU B 952 -16.50 9.46 39.68
CA GLU B 952 -17.81 10.11 39.65
C GLU B 952 -18.97 9.12 39.53
N VAL B 953 -18.90 8.20 38.57
CA VAL B 953 -19.96 7.22 38.31
C VAL B 953 -19.53 5.88 38.88
N LYS B 954 -20.44 5.21 39.60
CA LYS B 954 -20.20 3.90 40.20
C LYS B 954 -20.84 2.80 39.37
N VAL B 955 -20.04 1.86 38.85
CA VAL B 955 -20.52 0.75 38.04
C VAL B 955 -20.57 -0.52 38.89
N ILE B 956 -21.79 -0.98 39.19
CA ILE B 956 -22.04 -2.17 39.99
C ILE B 956 -22.30 -3.37 39.09
N THR B 957 -21.71 -4.52 39.41
CA THR B 957 -22.05 -5.78 38.75
C THR B 957 -22.85 -6.62 39.72
N LEU B 958 -24.11 -6.89 39.39
CA LEU B 958 -25.01 -7.65 40.24
C LEU B 958 -25.14 -9.07 39.73
N LYS B 959 -25.01 -10.03 40.64
CA LYS B 959 -25.33 -11.39 40.27
C LYS B 959 -26.83 -11.49 39.96
N SER B 960 -27.20 -12.43 39.10
CA SER B 960 -28.60 -12.53 38.66
C SER B 960 -29.48 -13.26 39.65
N LYS B 961 -28.91 -14.17 40.44
CA LYS B 961 -29.68 -14.94 41.42
C LYS B 961 -30.33 -14.05 42.46
N LEU B 962 -29.65 -12.99 42.89
CA LEU B 962 -30.16 -12.18 43.99
C LEU B 962 -31.56 -11.66 43.66
N VAL B 963 -31.68 -11.02 42.51
CA VAL B 963 -32.99 -10.58 42.04
C VAL B 963 -33.90 -11.78 41.79
N SER B 964 -33.32 -12.89 41.32
CA SER B 964 -34.15 -14.06 41.05
C SER B 964 -34.88 -14.51 42.31
N ASP B 965 -34.19 -14.57 43.44
CA ASP B 965 -34.86 -14.88 44.70
C ASP B 965 -35.70 -13.71 45.20
N PHE B 966 -35.24 -12.47 45.00
CA PHE B 966 -35.97 -11.31 45.50
C PHE B 966 -37.40 -11.25 45.00
N ARG B 967 -37.62 -11.57 43.71
CA ARG B 967 -38.98 -11.55 43.18
C ARG B 967 -39.83 -12.65 43.79
N LYS B 968 -39.29 -13.86 43.91
CA LYS B 968 -40.03 -14.95 44.54
C LYS B 968 -40.23 -14.67 46.02
N ASP B 969 -39.19 -14.18 46.70
CA ASP B 969 -39.31 -13.88 48.13
C ASP B 969 -40.36 -12.80 48.41
N PHE B 970 -40.42 -11.73 47.59
CA PHE B 970 -41.18 -10.53 47.89
C PHE B 970 -42.35 -10.31 46.93
N GLN B 971 -42.89 -11.39 46.36
CA GLN B 971 -44.17 -11.41 45.66
C GLN B 971 -44.11 -10.70 44.30
N PHE B 972 -42.93 -10.57 43.68
CA PHE B 972 -42.79 -9.96 42.35
C PHE B 972 -42.54 -11.01 41.26
N TYR B 973 -43.44 -11.99 41.19
CA TYR B 973 -43.25 -13.19 40.38
C TYR B 973 -43.16 -12.84 38.90
N LYS B 974 -42.27 -13.53 38.19
CA LYS B 974 -41.97 -13.26 36.80
C LYS B 974 -42.46 -14.42 35.94
N VAL B 975 -43.32 -14.12 34.97
CA VAL B 975 -43.73 -15.10 33.98
C VAL B 975 -43.28 -14.61 32.62
N ARG B 976 -42.46 -15.43 31.95
CA ARG B 976 -41.81 -15.02 30.71
C ARG B 976 -42.82 -14.78 29.59
N GLU B 977 -43.72 -15.72 29.36
CA GLU B 977 -44.36 -15.81 28.05
C GLU B 977 -45.66 -15.03 27.93
N ILE B 978 -46.24 -14.59 29.05
CA ILE B 978 -47.46 -13.79 29.01
C ILE B 978 -47.24 -12.47 28.28
N ASN B 979 -46.02 -11.93 28.39
CA ASN B 979 -45.73 -10.52 28.12
C ASN B 979 -44.24 -10.39 27.81
N ASN B 980 -43.84 -9.24 27.29
CA ASN B 980 -42.42 -8.98 27.16
C ASN B 980 -41.88 -7.97 28.17
N TYR B 981 -42.69 -7.52 29.13
CA TYR B 981 -42.22 -6.43 29.98
C TYR B 981 -41.15 -6.89 30.97
N HIS B 982 -41.01 -8.19 31.16
CA HIS B 982 -40.14 -8.65 32.23
C HIS B 982 -38.69 -8.29 32.00
N HIS B 983 -38.32 -7.99 30.75
CA HIS B 983 -36.94 -7.58 30.48
C HIS B 983 -36.64 -6.23 31.11
N ALA B 984 -37.53 -5.25 30.95
CA ALA B 984 -37.40 -4.03 31.72
C ALA B 984 -37.57 -4.32 33.20
N HIS B 985 -38.49 -5.23 33.54
CA HIS B 985 -38.78 -5.53 34.94
C HIS B 985 -37.54 -6.02 35.67
N ASP B 986 -36.72 -6.84 35.01
CA ASP B 986 -35.52 -7.31 35.67
C ASP B 986 -34.50 -6.19 35.77
N ALA B 987 -34.51 -5.26 34.81
CA ALA B 987 -33.60 -4.13 34.91
C ALA B 987 -34.00 -3.26 36.06
N TYR B 988 -35.30 -3.00 36.21
CA TYR B 988 -35.73 -2.24 37.37
C TYR B 988 -35.33 -2.97 38.63
N LEU B 989 -35.69 -4.24 38.70
CA LEU B 989 -35.44 -4.98 39.93
C LEU B 989 -33.95 -5.24 40.18
N ASN B 990 -33.10 -5.13 39.14
CA ASN B 990 -31.67 -5.14 39.41
C ASN B 990 -31.22 -3.80 39.93
N ALA B 991 -31.88 -2.73 39.48
CA ALA B 991 -31.58 -1.38 39.97
C ALA B 991 -31.95 -1.22 41.44
N VAL B 992 -33.06 -1.83 41.86
CA VAL B 992 -33.49 -1.68 43.25
C VAL B 992 -32.52 -2.40 44.19
N VAL B 993 -32.32 -3.69 43.96
CA VAL B 993 -31.49 -4.48 44.88
C VAL B 993 -30.03 -4.05 44.83
N GLY B 994 -29.58 -3.48 43.72
CA GLY B 994 -28.21 -3.01 43.58
C GLY B 994 -27.87 -1.80 44.42
N THR B 995 -28.64 -0.72 44.25
CA THR B 995 -28.37 0.51 44.98
C THR B 995 -28.59 0.34 46.47
N ALA B 996 -29.49 -0.57 46.86
CA ALA B 996 -29.74 -0.83 48.28
C ALA B 996 -28.57 -1.53 48.94
N LEU B 997 -27.97 -2.48 48.22
CA LEU B 997 -26.88 -3.25 48.79
C LEU B 997 -25.61 -2.41 48.92
N ILE B 998 -25.45 -1.36 48.09
CA ILE B 998 -24.30 -0.46 48.23
C ILE B 998 -24.60 0.73 49.13
N LYS B 999 -25.88 1.06 49.33
CA LYS B 999 -26.25 2.07 50.32
C LYS B 999 -25.95 1.59 51.73
N LYS B 1000 -26.23 0.34 52.02
CA LYS B 1000 -26.00 -0.13 53.38
C LYS B 1000 -24.59 -0.69 53.60
N TYR B 1001 -23.76 -0.81 52.57
CA TYR B 1001 -22.48 -1.50 52.72
C TYR B 1001 -21.35 -0.93 51.86
N PRO B 1002 -20.81 0.23 52.24
CA PRO B 1002 -19.71 0.81 51.45
C PRO B 1002 -18.40 0.06 51.62
N LYS B 1003 -18.28 -0.82 52.62
CA LYS B 1003 -17.10 -1.67 52.75
C LYS B 1003 -17.00 -2.65 51.60
N LEU B 1004 -18.13 -2.97 50.97
CA LEU B 1004 -18.17 -3.90 49.86
C LEU B 1004 -17.99 -3.22 48.49
N GLU B 1005 -17.74 -1.90 48.45
CA GLU B 1005 -17.61 -1.20 47.16
C GLU B 1005 -16.52 -1.82 46.29
N SER B 1006 -15.38 -2.16 46.90
CA SER B 1006 -14.30 -2.80 46.16
C SER B 1006 -14.70 -4.18 45.65
N GLU B 1007 -15.57 -4.89 46.40
CA GLU B 1007 -16.02 -6.21 45.98
C GLU B 1007 -17.05 -6.14 44.85
N PHE B 1008 -17.96 -5.17 44.89
CA PHE B 1008 -19.01 -5.06 43.88
C PHE B 1008 -18.76 -4.03 42.79
N VAL B 1009 -18.07 -2.95 43.09
CA VAL B 1009 -17.84 -1.95 42.06
C VAL B 1009 -16.42 -2.10 41.54
N TYR B 1010 -16.26 -1.80 40.24
CA TYR B 1010 -14.98 -1.88 39.56
C TYR B 1010 -14.26 -0.62 40.05
N GLY B 1011 -13.55 -0.75 41.16
CA GLY B 1011 -12.98 0.42 41.82
C GLY B 1011 -11.86 0.07 42.77
N ASP B 1012 -10.64 0.44 42.39
CA ASP B 1012 -9.43 0.14 43.16
C ASP B 1012 -8.67 1.40 43.60
N LYS B 1014 -12.44 0.56 45.92
CA LYS B 1014 -11.38 0.87 46.88
C LYS B 1014 -10.60 -0.39 47.27
N VAL B 1015 -10.58 -0.67 48.58
CA VAL B 1015 -9.95 -1.85 49.17
C VAL B 1015 -10.88 -2.33 50.28
N TYR B 1016 -11.09 -3.66 50.38
CA TYR B 1016 -11.97 -4.23 51.39
C TYR B 1016 -11.28 -5.34 52.19
N ASP B 1017 -11.43 -5.30 53.51
CA ASP B 1017 -10.82 -6.28 54.40
C ASP B 1017 -11.86 -7.30 54.90
N VAL B 1018 -11.50 -8.59 54.87
CA VAL B 1018 -12.35 -9.69 55.32
C VAL B 1018 -12.61 -9.69 56.82
N ARG B 1019 -11.88 -8.87 57.58
CA ARG B 1019 -11.78 -9.06 59.03
C ARG B 1019 -13.13 -8.90 59.71
N LYS B 1020 -13.91 -7.89 59.33
CA LYS B 1020 -15.23 -7.71 59.93
C LYS B 1020 -16.15 -8.87 59.55
N MET B 1021 -16.95 -9.31 60.52
CA MET B 1021 -17.85 -10.41 60.28
C MET B 1021 -19.07 -10.32 61.17
N ALA B 1034 -18.53 -0.68 62.27
CA ALA B 1034 -18.52 -1.28 60.93
C ALA B 1034 -18.70 -2.81 61.01
N LYS B 1035 -19.16 -3.28 62.16
CA LYS B 1035 -19.48 -4.70 62.37
C LYS B 1035 -20.48 -5.25 61.36
N TYR B 1036 -21.50 -4.47 61.01
CA TYR B 1036 -22.66 -4.93 60.25
C TYR B 1036 -23.30 -6.17 60.86
N PHE B 1037 -23.41 -7.23 60.08
CA PHE B 1037 -24.45 -8.22 60.31
C PHE B 1037 -23.85 -9.52 60.83
N PHE B 1038 -24.57 -10.13 61.78
CA PHE B 1038 -24.31 -11.49 62.24
C PHE B 1038 -24.79 -12.53 61.22
N TYR B 1039 -25.84 -12.23 60.49
CA TYR B 1039 -26.54 -13.25 59.71
C TYR B 1039 -25.86 -13.50 58.38
N SER B 1040 -25.67 -14.78 58.06
CA SER B 1040 -24.95 -15.15 56.85
C SER B 1040 -25.80 -14.96 55.59
N ASN B 1041 -27.05 -14.55 55.74
CA ASN B 1041 -27.91 -14.34 54.59
C ASN B 1041 -27.80 -12.86 54.26
N ILE B 1042 -27.32 -12.54 53.08
CA ILE B 1042 -27.19 -11.13 52.70
C ILE B 1042 -28.54 -10.46 52.45
N MET B 1043 -29.53 -11.20 51.96
CA MET B 1043 -30.79 -10.59 51.47
C MET B 1043 -31.87 -10.48 52.55
N ASN B 1044 -31.48 -10.13 53.78
CA ASN B 1044 -32.39 -10.03 54.89
C ASN B 1044 -32.93 -8.63 55.15
N PHE B 1045 -32.18 -7.57 54.87
CA PHE B 1045 -32.61 -6.25 55.33
C PHE B 1045 -33.84 -5.73 54.59
N PHE B 1046 -34.07 -6.16 53.35
CA PHE B 1046 -35.31 -5.79 52.64
C PHE B 1046 -36.55 -6.28 53.36
N LYS B 1047 -36.46 -7.45 53.99
CA LYS B 1047 -37.61 -8.10 54.60
C LYS B 1047 -38.23 -7.21 55.66
N THR B 1048 -39.55 -7.06 55.58
CA THR B 1048 -40.28 -6.41 56.65
C THR B 1048 -40.21 -7.24 57.94
N GLU B 1049 -40.49 -8.53 57.82
CA GLU B 1049 -40.36 -9.49 58.89
C GLU B 1049 -39.47 -10.61 58.39
N ILE B 1050 -38.64 -11.15 59.28
CA ILE B 1050 -37.69 -12.20 58.96
C ILE B 1050 -37.98 -13.42 59.82
N THR B 1051 -37.92 -14.61 59.21
CA THR B 1051 -38.02 -15.86 59.96
C THR B 1051 -36.80 -15.99 60.83
N LEU B 1052 -37.01 -16.31 62.10
CA LEU B 1052 -35.93 -16.37 63.08
C LEU B 1052 -35.01 -17.61 62.85
N LYS B 1059 -37.15 -9.85 62.84
CA LYS B 1059 -37.09 -8.55 63.49
C LYS B 1059 -36.26 -7.52 62.76
N ARG B 1060 -36.91 -6.50 62.19
CA ARG B 1060 -36.14 -5.40 61.65
C ARG B 1060 -36.99 -4.14 61.54
N PRO B 1061 -36.41 -2.96 61.77
CA PRO B 1061 -37.20 -1.74 61.68
C PRO B 1061 -37.52 -1.45 60.24
N LEU B 1062 -38.72 -0.93 60.00
CA LEU B 1062 -39.09 -0.66 58.63
C LEU B 1062 -38.35 0.53 58.03
N ILE B 1063 -37.67 1.37 58.84
CA ILE B 1063 -36.88 2.50 58.34
C ILE B 1063 -35.40 2.19 58.57
N GLU B 1064 -34.69 1.87 57.48
CA GLU B 1064 -33.28 1.48 57.50
C GLU B 1064 -32.38 2.66 57.19
N THR B 1065 -31.25 2.73 57.89
CA THR B 1065 -30.29 3.78 57.62
C THR B 1065 -28.91 3.20 57.83
N ASN B 1066 -27.95 3.65 57.03
CA ASN B 1066 -26.59 3.19 57.20
C ASN B 1066 -26.09 3.66 58.55
N GLY B 1067 -25.41 2.78 59.28
CA GLY B 1067 -24.99 3.11 60.62
C GLY B 1067 -23.96 4.22 60.70
N GLU B 1068 -23.06 4.29 59.72
CA GLU B 1068 -21.92 5.20 59.78
C GLU B 1068 -22.22 6.61 59.26
N THR B 1069 -22.99 6.74 58.19
CA THR B 1069 -23.28 8.04 57.61
C THR B 1069 -24.64 8.60 58.02
N GLY B 1070 -25.57 7.75 58.46
CA GLY B 1070 -26.91 8.21 58.78
C GLY B 1070 -27.80 8.40 57.58
N GLU B 1071 -27.34 7.99 56.40
CA GLU B 1071 -28.14 8.11 55.18
C GLU B 1071 -29.30 7.11 55.23
N ILE B 1072 -30.49 7.57 54.83
CA ILE B 1072 -31.72 6.77 54.86
C ILE B 1072 -31.74 5.87 53.64
N VAL B 1073 -31.63 4.56 53.84
CA VAL B 1073 -31.38 3.63 52.73
C VAL B 1073 -32.62 2.85 52.31
N TRP B 1074 -33.42 2.34 53.25
CA TRP B 1074 -34.58 1.53 52.87
C TRP B 1074 -35.74 1.76 53.83
N ASP B 1075 -36.91 2.10 53.29
CA ASP B 1075 -38.14 2.20 54.08
C ASP B 1075 -39.08 1.10 53.58
N LYS B 1076 -39.26 0.05 54.39
CA LYS B 1076 -40.07 -1.09 53.98
C LYS B 1076 -41.52 -0.70 53.70
N GLY B 1077 -42.05 0.23 54.47
CA GLY B 1077 -43.42 0.69 54.23
C GLY B 1077 -43.56 1.54 52.98
N ARG B 1078 -42.61 2.45 52.76
CA ARG B 1078 -42.75 3.47 51.74
C ARG B 1078 -42.33 2.95 50.36
N ASP B 1079 -41.16 2.30 50.30
CA ASP B 1079 -40.55 2.00 49.02
C ASP B 1079 -41.23 0.84 48.31
N PHE B 1080 -41.66 -0.18 49.07
CA PHE B 1080 -42.26 -1.37 48.45
C PHE B 1080 -43.55 -1.04 47.72
N ALA B 1081 -44.23 0.03 48.11
CA ALA B 1081 -45.44 0.40 47.40
C ALA B 1081 -45.11 0.81 45.97
N THR B 1082 -44.07 1.64 45.80
CA THR B 1082 -43.75 2.11 44.46
C THR B 1082 -43.22 0.98 43.58
N VAL B 1083 -42.52 0.01 44.16
CA VAL B 1083 -41.92 -1.07 43.36
C VAL B 1083 -42.99 -1.92 42.70
N ARG B 1084 -44.03 -2.31 43.44
CA ARG B 1084 -45.13 -3.04 42.80
C ARG B 1084 -45.86 -2.13 41.82
N LYS B 1085 -45.98 -0.85 42.15
CA LYS B 1085 -46.60 0.10 41.24
C LYS B 1085 -45.82 0.17 39.93
N VAL B 1086 -44.48 0.19 40.02
CA VAL B 1086 -43.61 0.26 38.84
C VAL B 1086 -43.71 -1.03 38.02
N LEU B 1087 -43.68 -2.19 38.69
CA LEU B 1087 -43.90 -3.46 38.00
C LEU B 1087 -45.21 -3.42 37.24
N SER B 1088 -46.28 -3.05 37.94
CA SER B 1088 -47.63 -3.03 37.39
C SER B 1088 -47.89 -1.78 36.56
N MET B 1089 -46.83 -1.18 36.06
CA MET B 1089 -47.02 -0.07 35.16
C MET B 1089 -47.38 -0.61 33.79
N PRO B 1090 -48.37 -0.05 33.14
CA PRO B 1090 -48.88 -0.56 31.86
C PRO B 1090 -48.15 -0.02 30.64
N GLN B 1091 -47.41 1.10 30.77
CA GLN B 1091 -46.61 1.65 29.67
C GLN B 1091 -45.12 1.46 29.95
N VAL B 1092 -44.47 0.60 29.13
CA VAL B 1092 -43.01 0.38 29.08
C VAL B 1092 -42.60 0.53 27.63
N ASN B 1093 -41.42 1.07 27.42
CA ASN B 1093 -40.89 1.26 26.06
C ASN B 1093 -40.24 -0.03 25.59
N ILE B 1094 -40.86 -0.65 24.62
CA ILE B 1094 -40.30 -1.83 24.02
C ILE B 1094 -40.01 -1.51 22.57
N VAL B 1095 -38.74 -1.68 22.21
CA VAL B 1095 -38.26 -1.39 20.87
C VAL B 1095 -37.60 -2.66 20.32
N LYS B 1096 -37.99 -3.05 19.09
CA LYS B 1096 -37.30 -4.08 18.34
C LYS B 1096 -36.35 -3.38 17.37
N LYS B 1097 -35.05 -3.61 17.55
CA LYS B 1097 -34.04 -2.99 16.70
C LYS B 1097 -34.31 -3.29 15.23
N THR B 1098 -34.26 -2.25 14.41
CA THR B 1098 -34.48 -2.41 12.98
C THR B 1098 -33.18 -2.88 12.33
N GLU B 1099 -33.29 -3.77 11.35
CA GLU B 1099 -32.12 -4.42 10.80
C GLU B 1099 -32.32 -4.64 9.30
N VAL B 1100 -31.43 -4.09 8.49
CA VAL B 1100 -31.38 -4.53 7.10
C VAL B 1100 -30.98 -5.99 7.11
N GLN B 1101 -31.67 -6.81 6.32
CA GLN B 1101 -31.37 -8.24 6.27
C GLN B 1101 -30.21 -8.54 5.34
N THR B 1102 -29.19 -9.22 5.88
CA THR B 1102 -28.02 -9.59 5.07
C THR B 1102 -27.84 -11.11 4.98
N GLY B 1103 -27.01 -11.56 4.03
CA GLY B 1103 -26.58 -12.94 3.98
C GLY B 1103 -26.88 -13.68 2.73
N GLY B 1104 -27.37 -14.84 2.71
CA GLY B 1104 -27.54 -15.59 1.52
C GLY B 1104 -28.67 -15.01 0.70
N PHE B 1105 -28.45 -15.00 -0.61
CA PHE B 1105 -29.34 -14.35 -1.56
C PHE B 1105 -30.72 -14.92 -1.47
N SER B 1106 -30.83 -16.23 -1.33
CA SER B 1106 -32.08 -16.96 -1.57
C SER B 1106 -31.93 -18.33 -0.94
N LYS B 1107 -33.03 -19.06 -0.89
CA LYS B 1107 -32.92 -20.44 -0.43
C LYS B 1107 -31.93 -21.19 -1.30
N GLU B 1108 -31.13 -22.02 -0.65
CA GLU B 1108 -30.00 -22.65 -1.32
C GLU B 1108 -30.42 -23.75 -2.29
N SER B 1109 -31.55 -24.42 -2.05
CA SER B 1109 -31.96 -25.55 -2.89
C SER B 1109 -32.03 -25.15 -4.36
N ILE B 1110 -31.63 -26.06 -5.26
CA ILE B 1110 -31.89 -25.91 -6.70
C ILE B 1110 -33.34 -26.33 -6.99
N LEU B 1111 -34.01 -25.61 -7.87
CA LEU B 1111 -35.38 -26.05 -8.10
C LEU B 1111 -35.57 -26.50 -9.54
N PRO B 1112 -36.37 -27.55 -9.80
CA PRO B 1112 -36.54 -28.00 -11.18
C PRO B 1112 -37.13 -26.91 -12.05
N LYS B 1113 -36.99 -27.07 -13.35
CA LYS B 1113 -37.47 -26.04 -14.27
C LYS B 1113 -38.94 -25.75 -14.03
N ARG B 1114 -39.32 -24.49 -14.25
CA ARG B 1114 -40.71 -24.06 -14.19
C ARG B 1114 -40.92 -22.94 -15.19
N ASN B 1115 -42.19 -22.63 -15.41
CA ASN B 1115 -42.51 -21.43 -16.15
C ASN B 1115 -42.84 -20.25 -15.24
N SER B 1116 -42.54 -20.34 -13.94
CA SER B 1116 -42.68 -19.20 -13.04
C SER B 1116 -41.72 -18.08 -13.35
N ASP B 1117 -42.08 -16.91 -12.87
CA ASP B 1117 -41.25 -15.72 -12.90
C ASP B 1117 -40.56 -15.42 -11.56
N LYS B 1118 -40.81 -16.24 -10.52
CA LYS B 1118 -40.03 -16.16 -9.29
C LYS B 1118 -38.82 -17.06 -9.30
N LEU B 1119 -38.57 -17.74 -10.42
CA LEU B 1119 -37.42 -18.61 -10.55
C LEU B 1119 -36.21 -17.76 -10.90
N ILE B 1120 -35.22 -17.76 -10.02
CA ILE B 1120 -34.04 -16.94 -10.23
C ILE B 1120 -33.06 -17.74 -11.04
N ALA B 1121 -32.38 -17.09 -11.98
CA ALA B 1121 -31.46 -17.83 -12.83
C ALA B 1121 -30.20 -18.24 -12.08
N ARG B 1122 -29.74 -19.47 -12.33
CA ARG B 1122 -28.54 -19.96 -11.65
C ARG B 1122 -27.27 -19.35 -12.20
N LYS B 1123 -27.15 -19.26 -13.53
CA LYS B 1123 -26.11 -18.54 -14.25
C LYS B 1123 -26.75 -17.95 -15.51
N LYS B 1124 -26.18 -16.85 -16.02
CA LYS B 1124 -26.92 -15.98 -16.93
C LYS B 1124 -27.46 -16.73 -18.17
N ASP B 1125 -26.64 -17.56 -18.79
CA ASP B 1125 -27.07 -18.17 -20.04
C ASP B 1125 -28.10 -19.26 -19.86
N TRP B 1126 -28.57 -19.48 -18.63
CA TRP B 1126 -29.46 -20.58 -18.32
C TRP B 1126 -30.84 -20.03 -17.99
N ASP B 1127 -31.79 -20.08 -18.94
CA ASP B 1127 -33.16 -19.65 -18.61
C ASP B 1127 -33.65 -20.65 -17.58
N PRO B 1128 -34.01 -20.23 -16.37
CA PRO B 1128 -34.52 -21.21 -15.40
C PRO B 1128 -35.65 -22.05 -15.98
N LYS B 1129 -36.45 -21.48 -16.90
CA LYS B 1129 -37.48 -22.27 -17.56
C LYS B 1129 -36.92 -23.50 -18.23
N LYS B 1130 -35.71 -23.41 -18.77
CA LYS B 1130 -35.13 -24.58 -19.43
C LYS B 1130 -34.27 -25.43 -18.50
N TYR B 1131 -33.55 -24.79 -17.55
CA TYR B 1131 -32.52 -25.44 -16.72
C TYR B 1131 -32.82 -25.48 -15.23
N GLY B 1132 -33.76 -24.71 -14.72
CA GLY B 1132 -33.95 -24.74 -13.28
C GLY B 1132 -33.05 -23.78 -12.55
N GLY B 1133 -33.53 -23.34 -11.39
CA GLY B 1133 -32.95 -22.21 -10.71
C GLY B 1133 -33.33 -22.11 -9.26
N PHE B 1134 -33.08 -20.93 -8.71
CA PHE B 1134 -33.33 -20.56 -7.34
C PHE B 1134 -34.74 -20.02 -7.18
N ASP B 1135 -35.07 -19.81 -5.91
CA ASP B 1135 -36.39 -19.47 -5.44
C ASP B 1135 -36.25 -18.74 -4.10
N SER B 1136 -37.29 -18.07 -3.68
CA SER B 1136 -37.38 -17.54 -2.32
C SER B 1136 -36.21 -16.62 -1.93
N PRO B 1137 -36.02 -15.52 -2.68
CA PRO B 1137 -34.97 -14.58 -2.31
C PRO B 1137 -35.28 -14.00 -0.96
N THR B 1138 -34.25 -13.79 -0.17
CA THR B 1138 -34.42 -13.01 1.02
C THR B 1138 -34.45 -11.53 0.63
N VAL B 1139 -35.28 -10.75 1.35
CA VAL B 1139 -35.49 -9.34 1.06
C VAL B 1139 -34.64 -8.51 2.00
N ALA B 1140 -33.58 -7.92 1.47
CA ALA B 1140 -32.63 -7.18 2.31
C ALA B 1140 -33.31 -6.01 3.02
N TYR B 1141 -34.06 -5.23 2.25
CA TYR B 1141 -34.92 -4.19 2.81
C TYR B 1141 -35.94 -3.77 1.76
N SER B 1142 -37.06 -3.21 2.24
CA SER B 1142 -38.16 -2.74 1.40
C SER B 1142 -38.04 -1.23 1.17
N VAL B 1143 -38.40 -0.80 -0.05
CA VAL B 1143 -38.38 0.59 -0.47
C VAL B 1143 -39.77 0.98 -0.93
N LEU B 1144 -40.20 2.19 -0.56
CA LEU B 1144 -41.55 2.65 -0.84
C LEU B 1144 -41.51 3.47 -2.13
N VAL B 1145 -42.31 3.05 -3.10
CA VAL B 1145 -42.27 3.60 -4.44
C VAL B 1145 -43.63 4.23 -4.72
N VAL B 1146 -43.63 5.53 -5.04
CA VAL B 1146 -44.81 6.29 -5.45
C VAL B 1146 -44.54 6.80 -6.88
N ALA B 1147 -45.22 6.19 -7.85
CA ALA B 1147 -45.06 6.49 -9.29
C ALA B 1147 -46.19 5.82 -10.09
N LYS B 1148 -46.11 5.94 -11.40
CA LYS B 1148 -47.11 5.44 -12.34
C LYS B 1148 -46.65 4.18 -13.09
N VAL B 1149 -47.66 3.38 -13.48
CA VAL B 1149 -47.45 2.13 -14.21
C VAL B 1149 -48.51 1.96 -15.31
N GLU B 1150 -48.15 1.20 -16.34
CA GLU B 1150 -49.07 0.91 -17.43
C GLU B 1150 -50.03 -0.23 -17.03
N LYS B 1151 -51.33 -0.07 -17.33
CA LYS B 1151 -52.36 -1.10 -17.09
C LYS B 1151 -53.19 -1.41 -18.35
N GLY B 1152 -53.34 -2.73 -18.63
CA GLY B 1152 -54.16 -3.21 -19.73
C GLY B 1152 -53.50 -3.14 -21.09
N LYS B 1153 -54.21 -3.63 -22.12
CA LYS B 1153 -53.83 -3.31 -23.49
C LYS B 1153 -53.90 -1.80 -23.69
N SER B 1154 -54.73 -1.13 -22.88
CA SER B 1154 -54.85 0.32 -22.93
C SER B 1154 -53.53 1.03 -22.56
N LYS B 1155 -52.69 0.39 -21.73
CA LYS B 1155 -51.40 0.95 -21.25
C LYS B 1155 -51.48 2.40 -20.76
N LYS B 1156 -52.61 2.73 -20.12
CA LYS B 1156 -52.79 4.05 -19.52
C LYS B 1156 -51.97 4.18 -18.24
N LEU B 1157 -51.32 5.33 -18.07
CA LEU B 1157 -50.46 5.57 -16.91
C LEU B 1157 -51.32 6.01 -15.72
N LYS B 1158 -51.41 5.15 -14.70
CA LYS B 1158 -52.13 5.42 -13.45
C LYS B 1158 -51.21 5.28 -12.25
N SER B 1159 -51.41 6.11 -11.22
CA SER B 1159 -50.45 6.29 -10.15
C SER B 1159 -50.68 5.27 -9.03
N VAL B 1160 -49.64 4.50 -8.71
CA VAL B 1160 -49.67 3.50 -7.64
C VAL B 1160 -48.56 3.82 -6.64
N LYS B 1161 -48.90 3.66 -5.37
CA LYS B 1161 -47.96 3.75 -4.26
C LYS B 1161 -47.97 2.41 -3.52
N GLU B 1162 -46.83 1.72 -3.53
CA GLU B 1162 -46.72 0.35 -3.06
C GLU B 1162 -45.29 0.12 -2.54
N LEU B 1163 -45.03 -1.09 -2.03
CA LEU B 1163 -43.79 -1.45 -1.34
C LEU B 1163 -42.95 -2.36 -2.23
N LEU B 1164 -41.78 -1.89 -2.65
CA LEU B 1164 -40.91 -2.70 -3.47
C LEU B 1164 -39.89 -3.38 -2.59
N GLY B 1165 -39.70 -4.66 -2.82
CA GLY B 1165 -38.71 -5.47 -2.12
C GLY B 1165 -37.34 -5.48 -2.79
N ILE B 1166 -36.38 -4.80 -2.17
CA ILE B 1166 -34.99 -4.90 -2.61
C ILE B 1166 -34.35 -6.12 -1.94
N THR B 1167 -33.95 -7.08 -2.76
CA THR B 1167 -33.36 -8.29 -2.25
C THR B 1167 -31.88 -8.07 -2.07
N ILE B 1168 -31.24 -9.07 -1.49
CA ILE B 1168 -29.82 -8.95 -1.29
C ILE B 1168 -29.10 -8.94 -2.63
N MET B 1169 -29.49 -9.82 -3.54
CA MET B 1169 -28.84 -9.77 -4.85
C MET B 1169 -29.06 -8.44 -5.51
N GLU B 1170 -30.27 -7.91 -5.41
CA GLU B 1170 -30.61 -6.65 -6.07
C GLU B 1170 -29.83 -5.46 -5.47
N ARG B 1171 -29.55 -5.51 -4.15
CA ARG B 1171 -29.25 -4.30 -3.40
C ARG B 1171 -28.09 -3.52 -3.97
N SER B 1172 -27.01 -4.21 -4.29
CA SER B 1172 -25.83 -3.55 -4.82
C SER B 1172 -26.19 -2.78 -6.08
N SER B 1173 -26.91 -3.43 -7.00
CA SER B 1173 -27.35 -2.79 -8.24
C SER B 1173 -28.25 -1.60 -7.94
N PHE B 1174 -29.13 -1.73 -6.94
CA PHE B 1174 -30.06 -0.67 -6.56
C PHE B 1174 -29.33 0.58 -6.11
N GLU B 1175 -28.29 0.42 -5.28
CA GLU B 1175 -27.64 1.55 -4.62
C GLU B 1175 -26.89 2.44 -5.62
N LYS B 1176 -26.29 1.84 -6.64
CA LYS B 1176 -25.59 2.61 -7.68
C LYS B 1176 -26.50 3.63 -8.35
N ASN B 1177 -27.63 3.15 -8.86
CA ASN B 1177 -28.61 4.03 -9.51
C ASN B 1177 -30.00 3.57 -9.10
N PRO B 1178 -30.62 4.25 -8.12
CA PRO B 1178 -31.99 3.87 -7.75
C PRO B 1178 -32.99 4.10 -8.88
N ILE B 1179 -32.99 5.27 -9.50
CA ILE B 1179 -34.01 5.58 -10.53
C ILE B 1179 -33.90 4.65 -11.73
N ASP B 1180 -32.71 4.52 -12.33
CA ASP B 1180 -32.59 3.61 -13.49
C ASP B 1180 -33.01 2.20 -13.12
N PHE B 1181 -32.64 1.78 -11.90
CA PHE B 1181 -33.05 0.49 -11.39
C PHE B 1181 -34.56 0.43 -11.21
N LEU B 1182 -35.13 1.46 -10.58
CA LEU B 1182 -36.58 1.49 -10.42
C LEU B 1182 -37.27 1.40 -11.77
N GLU B 1183 -36.80 2.17 -12.76
CA GLU B 1183 -37.46 2.15 -14.07
C GLU B 1183 -37.35 0.78 -14.74
N ALA B 1184 -36.29 0.03 -14.43
CA ALA B 1184 -36.15 -1.30 -15.01
C ALA B 1184 -37.21 -2.26 -14.49
N LYS B 1185 -37.57 -2.15 -13.21
CA LYS B 1185 -38.61 -3.00 -12.64
C LYS B 1185 -40.01 -2.62 -13.11
N GLY B 1186 -40.17 -1.50 -13.82
CA GLY B 1186 -41.45 -1.15 -14.42
C GLY B 1186 -42.00 0.21 -14.00
N TYR B 1187 -41.37 0.90 -13.07
CA TYR B 1187 -41.92 2.17 -12.64
C TYR B 1187 -41.62 3.25 -13.67
N LYS B 1188 -42.52 4.24 -13.71
CA LYS B 1188 -42.39 5.45 -14.51
C LYS B 1188 -42.71 6.65 -13.61
N GLU B 1189 -41.97 7.76 -13.80
CA GLU B 1189 -42.23 9.04 -13.12
C GLU B 1189 -42.16 8.90 -11.59
N VAL B 1190 -41.09 8.28 -11.12
CA VAL B 1190 -40.93 8.01 -9.69
C VAL B 1190 -40.57 9.27 -8.93
N LYS B 1191 -41.21 9.48 -7.78
CA LYS B 1191 -40.90 10.62 -6.92
C LYS B 1191 -39.65 10.31 -6.11
N LYS B 1192 -38.49 10.82 -6.55
CA LYS B 1192 -37.21 10.44 -5.96
C LYS B 1192 -37.08 10.94 -4.52
N ASP B 1193 -37.64 12.10 -4.22
CA ASP B 1193 -37.49 12.66 -2.89
C ASP B 1193 -38.16 11.81 -1.82
N LEU B 1194 -39.27 11.16 -2.18
CA LEU B 1194 -40.15 10.42 -1.29
C LEU B 1194 -39.82 8.92 -1.15
N ILE B 1195 -38.83 8.39 -1.86
CA ILE B 1195 -38.48 6.98 -1.75
C ILE B 1195 -37.99 6.71 -0.34
N ILE B 1196 -38.63 5.77 0.36
CA ILE B 1196 -38.25 5.49 1.75
C ILE B 1196 -37.84 4.03 1.86
N LYS B 1197 -36.64 3.82 2.40
CA LYS B 1197 -36.02 2.51 2.54
C LYS B 1197 -36.41 1.97 3.91
N LEU B 1198 -37.24 0.92 3.91
CA LEU B 1198 -37.88 0.36 5.09
C LEU B 1198 -37.22 -0.92 5.58
N PRO B 1199 -36.43 -0.86 6.66
CA PRO B 1199 -35.74 -2.07 7.14
C PRO B 1199 -36.71 -3.03 7.80
N LYS B 1200 -36.23 -4.23 8.05
CA LYS B 1200 -37.06 -5.23 8.69
C LYS B 1200 -37.38 -4.78 10.11
N TYR B 1201 -38.54 -5.19 10.58
CA TYR B 1201 -39.04 -4.84 11.90
C TYR B 1201 -39.50 -3.38 12.01
N SER B 1202 -39.68 -2.70 10.88
CA SER B 1202 -40.01 -1.29 10.97
C SER B 1202 -41.45 -1.13 11.45
N LEU B 1203 -41.74 0.02 12.04
CA LEU B 1203 -42.89 0.16 12.94
C LEU B 1203 -43.98 1.05 12.34
N PHE B 1204 -45.21 0.53 12.34
CA PHE B 1204 -46.38 1.26 11.84
C PHE B 1204 -47.53 1.19 12.85
N GLU B 1205 -48.10 2.35 13.16
CA GLU B 1205 -49.32 2.48 13.93
C GLU B 1205 -50.38 2.96 12.96
N LEU B 1206 -51.48 2.24 12.92
CA LEU B 1206 -52.57 2.56 12.05
C LEU B 1206 -53.82 2.49 12.90
N GLU B 1207 -54.82 3.29 12.53
CA GLU B 1207 -56.16 3.24 13.13
C GLU B 1207 -56.02 3.30 14.65
N ASN B 1208 -56.63 2.39 15.40
CA ASN B 1208 -56.87 2.46 16.83
C ASN B 1208 -55.61 2.22 17.66
N GLY B 1209 -54.46 2.65 17.16
CA GLY B 1209 -53.21 2.47 17.88
C GLY B 1209 -52.61 1.09 17.74
N ARG B 1210 -53.28 0.20 17.02
CA ARG B 1210 -52.70 -1.10 16.78
C ARG B 1210 -51.45 -0.89 15.96
N LYS B 1211 -50.42 -1.64 16.33
CA LYS B 1211 -49.08 -1.51 15.78
C LYS B 1211 -48.73 -2.76 14.97
N ARG B 1212 -48.08 -2.51 13.85
CA ARG B 1212 -47.60 -3.51 12.92
C ARG B 1212 -46.12 -3.30 12.68
N MET B 1213 -45.37 -4.38 12.70
CA MET B 1213 -43.99 -4.34 12.31
C MET B 1213 -43.88 -4.98 10.93
N LEU B 1214 -43.22 -4.27 10.02
CA LEU B 1214 -43.05 -4.72 8.66
C LEU B 1214 -41.99 -5.83 8.64
N ALA B 1215 -42.43 -7.06 8.39
CA ALA B 1215 -41.54 -8.22 8.42
C ALA B 1215 -41.01 -8.57 7.05
N SER B 1216 -41.58 -7.98 6.03
CA SER B 1216 -41.16 -8.19 4.66
C SER B 1216 -41.73 -7.06 3.83
N ALA B 1217 -41.29 -6.99 2.58
CA ALA B 1217 -42.00 -6.15 1.65
C ALA B 1217 -43.48 -6.53 1.58
N GLY B 1218 -43.80 -7.82 1.71
CA GLY B 1218 -45.14 -8.32 1.53
C GLY B 1218 -45.79 -8.95 2.73
N GLU B 1219 -45.11 -9.02 3.87
CA GLU B 1219 -45.65 -9.61 5.11
C GLU B 1219 -45.50 -8.63 6.26
N LEU B 1220 -46.38 -8.77 7.25
CA LEU B 1220 -46.39 -7.95 8.44
C LEU B 1220 -46.30 -8.81 9.69
N GLN B 1221 -45.99 -8.17 10.82
CA GLN B 1221 -45.77 -8.84 12.08
C GLN B 1221 -46.44 -8.09 13.24
N LYS B 1222 -46.67 -8.78 14.36
CA LYS B 1222 -47.47 -8.21 15.44
C LYS B 1222 -46.82 -7.03 16.16
N GLY B 1223 -47.58 -5.94 16.24
CA GLY B 1223 -47.23 -4.71 16.93
C GLY B 1223 -47.17 -4.55 18.44
N ASN B 1224 -48.11 -5.19 19.13
CA ASN B 1224 -48.55 -4.75 20.45
C ASN B 1224 -48.32 -5.72 21.58
N GLU B 1225 -48.02 -5.20 22.76
CA GLU B 1225 -47.80 -6.02 23.93
C GLU B 1225 -48.90 -5.85 24.97
N LEU B 1226 -49.45 -6.96 25.44
CA LEU B 1226 -50.67 -6.98 26.25
C LEU B 1226 -50.36 -6.84 27.73
N ALA B 1227 -50.86 -5.76 28.33
CA ALA B 1227 -50.53 -5.43 29.73
C ALA B 1227 -51.46 -6.15 30.71
N LEU B 1228 -51.26 -7.46 30.80
CA LEU B 1228 -51.94 -8.25 31.82
C LEU B 1228 -51.62 -7.69 33.20
N PRO B 1229 -52.62 -7.44 34.04
CA PRO B 1229 -52.36 -6.82 35.34
C PRO B 1229 -51.57 -7.74 36.27
N SER B 1230 -50.93 -7.10 37.26
CA SER B 1230 -49.92 -7.76 38.08
C SER B 1230 -50.49 -8.88 38.94
N LYS B 1231 -51.78 -8.76 39.32
CA LYS B 1231 -52.44 -9.80 40.11
C LYS B 1231 -52.46 -11.14 39.39
N TYR B 1232 -52.62 -11.11 38.06
CA TYR B 1232 -52.62 -12.31 37.22
C TYR B 1232 -51.22 -12.86 37.01
N VAL B 1233 -50.25 -11.98 36.74
CA VAL B 1233 -48.87 -12.39 36.59
C VAL B 1233 -48.43 -13.12 37.86
N ASN B 1234 -48.59 -12.45 39.00
CA ASN B 1234 -48.29 -13.05 40.29
C ASN B 1234 -49.14 -14.29 40.52
N PHE B 1235 -50.38 -14.24 40.05
CA PHE B 1235 -51.24 -15.41 40.11
C PHE B 1235 -50.71 -16.54 39.23
N LEU B 1236 -50.54 -16.27 37.93
CA LEU B 1236 -50.24 -17.35 36.99
C LEU B 1236 -48.93 -18.05 37.32
N TYR B 1237 -47.94 -17.33 37.86
CA TYR B 1237 -46.70 -18.02 38.26
C TYR B 1237 -46.99 -18.99 39.38
N LEU B 1238 -47.79 -18.54 40.35
CA LEU B 1238 -48.28 -19.40 41.40
C LEU B 1238 -49.33 -20.37 40.86
N ALA B 1239 -50.14 -19.95 39.88
CA ALA B 1239 -51.10 -20.85 39.27
C ALA B 1239 -50.41 -21.97 38.49
N SER B 1240 -49.38 -21.64 37.72
CA SER B 1240 -48.64 -22.65 37.00
C SER B 1240 -48.04 -23.68 37.95
N HIS B 1241 -47.83 -23.28 39.20
CA HIS B 1241 -47.36 -24.14 40.28
C HIS B 1241 -45.93 -24.60 39.97
N TYR B 1242 -45.07 -23.61 39.70
CA TYR B 1242 -43.70 -23.84 39.25
C TYR B 1242 -42.90 -24.70 40.23
N GLU B 1243 -42.46 -25.87 39.72
CA GLU B 1243 -41.62 -26.83 40.44
C GLU B 1243 -42.22 -27.15 41.80
N LYS B 1244 -43.52 -27.46 41.80
CA LYS B 1244 -44.30 -27.74 43.02
C LYS B 1244 -44.16 -26.53 43.94
N LEU B 1245 -43.67 -26.69 45.16
CA LEU B 1245 -43.40 -25.56 46.04
C LEU B 1245 -42.03 -25.76 46.68
N LYS B 1246 -41.15 -24.75 46.50
CA LYS B 1246 -39.79 -24.78 47.03
C LYS B 1246 -39.66 -24.16 48.41
N GLY B 1247 -40.43 -23.11 48.68
CA GLY B 1247 -40.29 -22.26 49.86
C GLY B 1247 -40.63 -22.94 51.16
N SER B 1248 -40.95 -22.13 52.19
CA SER B 1248 -41.37 -22.61 53.51
C SER B 1248 -42.83 -23.08 53.44
N PRO B 1249 -43.18 -24.18 54.12
CA PRO B 1249 -44.52 -24.77 53.94
C PRO B 1249 -45.66 -23.90 54.41
N GLU B 1250 -45.42 -23.06 55.45
CA GLU B 1250 -46.46 -22.18 55.99
C GLU B 1250 -46.80 -21.06 55.01
N ASP B 1251 -45.79 -20.50 54.34
CA ASP B 1251 -46.03 -19.55 53.25
C ASP B 1251 -46.77 -20.24 52.10
N ASN B 1252 -46.50 -21.53 51.88
CA ASN B 1252 -47.04 -22.22 50.72
C ASN B 1252 -48.55 -22.41 50.84
N GLU B 1253 -49.05 -22.57 52.06
CA GLU B 1253 -50.48 -22.77 52.25
C GLU B 1253 -51.29 -21.57 51.78
N GLN B 1254 -50.85 -20.35 52.12
CA GLN B 1254 -51.49 -19.15 51.57
C GLN B 1254 -51.24 -18.99 50.07
N LYS B 1255 -50.09 -19.43 49.56
CA LYS B 1255 -49.86 -19.45 48.10
C LYS B 1255 -50.84 -20.40 47.41
N GLN B 1256 -51.12 -21.55 48.04
CA GLN B 1256 -52.16 -22.48 47.61
C GLN B 1256 -53.56 -21.87 47.75
N LEU B 1257 -53.82 -21.21 48.89
CA LEU B 1257 -55.07 -20.50 49.14
C LEU B 1257 -55.29 -19.39 48.11
N PHE B 1258 -54.20 -18.70 47.75
CA PHE B 1258 -54.24 -17.69 46.69
C PHE B 1258 -54.84 -18.25 45.41
N VAL B 1259 -54.65 -19.54 45.16
CA VAL B 1259 -55.17 -20.12 43.93
C VAL B 1259 -56.70 -20.13 43.95
N GLU B 1260 -57.30 -20.68 45.01
CA GLU B 1260 -58.75 -20.76 45.09
C GLU B 1260 -59.38 -19.38 45.23
N GLN B 1261 -58.78 -18.52 46.08
CA GLN B 1261 -59.31 -17.18 46.31
C GLN B 1261 -59.47 -16.44 44.99
N HIS B 1262 -58.48 -16.59 44.11
CA HIS B 1262 -58.47 -15.94 42.81
C HIS B 1262 -58.84 -16.93 41.71
N LYS B 1263 -59.57 -17.99 42.05
CA LYS B 1263 -59.90 -19.05 41.08
C LYS B 1263 -60.72 -18.54 39.90
N HIS B 1264 -61.59 -17.56 40.13
CA HIS B 1264 -62.39 -17.00 39.03
C HIS B 1264 -61.55 -16.20 38.03
N TYR B 1265 -60.26 -15.96 38.34
CA TYR B 1265 -59.39 -15.16 37.47
C TYR B 1265 -59.30 -15.75 36.06
N LEU B 1266 -59.39 -17.08 35.96
CA LEU B 1266 -59.22 -17.75 34.68
C LEU B 1266 -60.14 -17.16 33.63
N ASP B 1267 -61.40 -16.90 34.01
CA ASP B 1267 -62.31 -16.18 33.12
C ASP B 1267 -61.88 -14.73 32.87
N GLU B 1268 -61.26 -14.07 33.85
CA GLU B 1268 -60.72 -12.73 33.64
C GLU B 1268 -59.53 -12.74 32.68
N ILE B 1269 -58.63 -13.71 32.83
CA ILE B 1269 -57.48 -13.81 31.92
C ILE B 1269 -57.94 -14.04 30.49
N ILE B 1270 -58.84 -14.99 30.27
CA ILE B 1270 -59.33 -15.29 28.92
C ILE B 1270 -60.05 -14.09 28.34
N GLU B 1271 -60.73 -13.29 29.18
CA GLU B 1271 -61.41 -12.11 28.67
C GLU B 1271 -60.41 -11.05 28.24
N GLN B 1272 -59.35 -10.87 29.03
CA GLN B 1272 -58.34 -9.85 28.75
C GLN B 1272 -57.93 -9.90 27.29
N ILE B 1273 -57.64 -11.13 26.82
CA ILE B 1273 -57.14 -11.40 25.48
C ILE B 1273 -58.16 -11.00 24.42
N SER B 1274 -59.45 -11.18 24.71
CA SER B 1274 -60.47 -10.99 23.68
C SER B 1274 -60.56 -9.53 23.23
N GLU B 1275 -60.60 -8.59 24.17
CA GLU B 1275 -60.60 -7.18 23.78
C GLU B 1275 -59.30 -6.78 23.08
N PHE B 1276 -58.17 -7.26 23.62
CA PHE B 1276 -56.84 -7.05 23.05
C PHE B 1276 -56.70 -7.73 21.70
N SER B 1277 -57.31 -8.90 21.53
CA SER B 1277 -57.35 -9.53 20.22
C SER B 1277 -58.04 -8.62 19.23
N LYS B 1278 -59.26 -8.17 19.57
CA LYS B 1278 -60.06 -7.38 18.64
C LYS B 1278 -59.45 -6.01 18.35
N ARG B 1279 -58.85 -5.36 19.36
CA ARG B 1279 -58.25 -4.05 19.19
C ARG B 1279 -57.04 -4.07 18.26
N VAL B 1280 -56.11 -5.00 18.49
CA VAL B 1280 -54.78 -5.01 17.88
C VAL B 1280 -54.59 -6.15 16.90
N ILE B 1281 -55.05 -7.35 17.27
CA ILE B 1281 -54.59 -8.60 16.65
C ILE B 1281 -55.36 -8.94 15.37
N LEU B 1282 -56.65 -8.67 15.32
CA LEU B 1282 -57.44 -8.80 14.11
C LEU B 1282 -57.60 -10.25 13.66
N ALA B 1283 -57.23 -11.21 14.49
CA ALA B 1283 -57.47 -12.62 14.21
C ALA B 1283 -58.71 -13.10 14.97
N ASP B 1284 -59.89 -12.98 14.33
CA ASP B 1284 -61.10 -13.56 14.94
C ASP B 1284 -61.32 -14.99 14.52
N ALA B 1285 -60.94 -15.33 13.29
CA ALA B 1285 -60.98 -16.70 12.82
C ALA B 1285 -60.37 -17.62 13.85
N ASN B 1286 -59.19 -17.28 14.33
CA ASN B 1286 -58.53 -18.17 15.28
C ASN B 1286 -59.13 -18.04 16.68
N LEU B 1287 -59.36 -16.80 17.14
CA LEU B 1287 -59.79 -16.56 18.51
C LEU B 1287 -61.05 -17.33 18.84
N ASP B 1288 -61.87 -17.57 17.84
CA ASP B 1288 -63.14 -18.26 18.07
C ASP B 1288 -62.92 -19.72 18.45
N LYS B 1289 -62.02 -20.44 17.75
CA LYS B 1289 -61.69 -21.78 18.23
C LYS B 1289 -61.02 -21.72 19.60
N VAL B 1290 -60.33 -20.62 19.92
CA VAL B 1290 -59.79 -20.46 21.27
C VAL B 1290 -60.93 -20.35 22.26
N LEU B 1291 -61.81 -19.37 22.06
CA LEU B 1291 -62.90 -19.12 22.99
C LEU B 1291 -63.73 -20.38 23.19
N SER B 1292 -63.94 -21.13 22.10
CA SER B 1292 -64.75 -22.34 22.14
C SER B 1292 -64.03 -23.52 22.79
N ALA B 1293 -62.70 -23.44 22.91
CA ALA B 1293 -61.90 -24.48 23.53
C ALA B 1293 -61.80 -24.30 25.03
N TYR B 1294 -61.64 -23.07 25.51
CA TYR B 1294 -61.60 -22.84 26.94
C TYR B 1294 -62.92 -23.24 27.58
N ASN B 1295 -64.04 -23.06 26.85
CA ASN B 1295 -65.36 -23.38 27.38
C ASN B 1295 -65.48 -24.85 27.80
N LYS B 1296 -64.74 -25.74 27.11
CA LYS B 1296 -64.90 -27.19 27.27
C LYS B 1296 -64.11 -27.76 28.45
N HIS B 1297 -63.00 -27.14 28.83
CA HIS B 1297 -62.09 -27.73 29.81
C HIS B 1297 -62.19 -27.02 31.16
N ARG B 1298 -63.38 -26.48 31.45
CA ARG B 1298 -63.62 -25.77 32.69
C ARG B 1298 -63.49 -26.68 33.91
N ASP B 1299 -63.87 -27.94 33.76
CA ASP B 1299 -63.84 -28.92 34.85
C ASP B 1299 -62.44 -29.52 35.10
N LYS B 1300 -61.46 -29.29 34.20
CA LYS B 1300 -60.10 -29.79 34.43
C LYS B 1300 -59.42 -28.93 35.49
N PRO B 1301 -58.42 -29.47 36.21
CA PRO B 1301 -57.88 -28.74 37.36
C PRO B 1301 -57.23 -27.42 36.94
N ILE B 1302 -57.08 -26.51 37.91
CA ILE B 1302 -56.54 -25.19 37.59
C ILE B 1302 -55.07 -25.32 37.19
N ARG B 1303 -54.28 -26.10 37.93
CA ARG B 1303 -52.87 -26.26 37.61
C ARG B 1303 -52.69 -26.78 36.19
N GLU B 1304 -53.50 -27.76 35.79
CA GLU B 1304 -53.50 -28.22 34.40
C GLU B 1304 -54.10 -27.17 33.46
N GLN B 1305 -55.18 -26.50 33.89
CA GLN B 1305 -55.85 -25.54 33.00
C GLN B 1305 -55.01 -24.27 32.81
N ALA B 1306 -54.46 -23.71 33.88
CA ALA B 1306 -53.78 -22.43 33.79
C ALA B 1306 -52.53 -22.53 32.91
N GLU B 1307 -51.72 -23.56 33.10
CA GLU B 1307 -50.51 -23.70 32.29
C GLU B 1307 -50.85 -23.66 30.80
N ASN B 1308 -51.92 -24.35 30.38
CA ASN B 1308 -52.32 -24.30 28.98
C ASN B 1308 -52.90 -22.96 28.58
N ILE B 1309 -53.41 -22.18 29.55
CA ILE B 1309 -53.81 -20.80 29.26
C ILE B 1309 -52.60 -19.97 28.89
N ILE B 1310 -51.44 -20.30 29.47
CA ILE B 1310 -50.21 -19.57 29.20
C ILE B 1310 -49.83 -19.65 27.72
N HIS B 1311 -50.08 -20.79 27.06
CA HIS B 1311 -49.80 -20.92 25.63
C HIS B 1311 -50.50 -19.83 24.85
N LEU B 1312 -51.75 -19.53 25.24
CA LEU B 1312 -52.59 -18.64 24.47
C LEU B 1312 -51.90 -17.31 24.22
N PHE B 1313 -51.14 -16.81 25.19
CA PHE B 1313 -50.50 -15.51 25.01
C PHE B 1313 -49.61 -15.46 23.78
N THR B 1314 -49.03 -16.58 23.35
CA THR B 1314 -48.16 -16.55 22.17
C THR B 1314 -48.93 -15.99 20.97
N LEU B 1315 -50.25 -16.18 20.98
CA LEU B 1315 -51.13 -15.49 20.04
C LEU B 1315 -51.04 -13.98 20.18
N THR B 1316 -50.99 -13.47 21.42
CA THR B 1316 -50.96 -12.03 21.61
C THR B 1316 -49.55 -11.44 21.50
N ASN B 1317 -48.50 -12.27 21.64
CA ASN B 1317 -47.10 -11.84 21.69
C ASN B 1317 -46.72 -10.89 20.57
N LEU B 1318 -45.89 -9.89 20.92
CA LEU B 1318 -45.20 -9.12 19.89
C LEU B 1318 -44.32 -10.09 19.13
N GLY B 1319 -44.38 -10.01 17.80
CA GLY B 1319 -43.48 -10.75 16.93
C GLY B 1319 -44.20 -11.65 15.94
N ALA B 1320 -43.69 -12.78 15.75
CA ALA B 1320 -44.37 -13.37 14.61
C ALA B 1320 -45.51 -14.27 15.05
N PRO B 1321 -46.52 -14.39 14.19
CA PRO B 1321 -47.52 -15.43 14.39
C PRO B 1321 -46.88 -16.79 14.37
N ALA B 1322 -47.05 -17.53 15.47
CA ALA B 1322 -46.62 -18.91 15.51
C ALA B 1322 -47.72 -19.76 16.13
N ALA B 1323 -47.60 -21.07 15.93
CA ALA B 1323 -48.66 -22.01 16.27
C ALA B 1323 -48.63 -22.33 17.76
N PHE B 1324 -49.82 -22.42 18.36
CA PHE B 1324 -49.95 -22.78 19.77
C PHE B 1324 -51.06 -23.79 19.96
N LYS B 1325 -50.88 -24.63 20.98
CA LYS B 1325 -51.79 -25.71 21.31
C LYS B 1325 -52.37 -25.53 22.71
N TYR B 1326 -53.69 -25.67 22.80
CA TYR B 1326 -54.39 -25.80 24.07
C TYR B 1326 -54.72 -27.26 24.32
N PHE B 1327 -54.21 -27.80 25.43
CA PHE B 1327 -54.64 -29.14 25.82
C PHE B 1327 -54.38 -30.15 24.71
N ASP B 1328 -55.40 -30.45 23.88
CA ASP B 1328 -55.28 -31.37 22.76
C ASP B 1328 -55.51 -30.74 21.38
N THR B 1329 -55.76 -29.45 21.28
CA THR B 1329 -56.08 -28.81 20.00
C THR B 1329 -54.97 -27.83 19.59
N THR B 1330 -54.34 -28.09 18.44
CA THR B 1330 -53.32 -27.19 17.90
C THR B 1330 -53.97 -26.06 17.10
N ILE B 1331 -53.66 -24.82 17.46
CA ILE B 1331 -54.27 -23.63 16.85
C ILE B 1331 -53.22 -22.98 15.97
N ASP B 1332 -53.46 -23.01 14.66
CA ASP B 1332 -52.51 -22.50 13.68
C ASP B 1332 -52.38 -20.98 13.79
N ARG B 1333 -51.39 -20.45 13.08
CA ARG B 1333 -51.06 -19.03 13.09
C ARG B 1333 -51.87 -18.25 12.05
N LYS B 1334 -51.99 -16.93 12.29
CA LYS B 1334 -52.70 -16.01 11.40
C LYS B 1334 -51.71 -15.05 10.75
N ARG B 1335 -51.32 -15.34 9.51
CA ARG B 1335 -50.31 -14.53 8.82
C ARG B 1335 -50.95 -13.44 7.93
N TYR B 1336 -50.30 -12.26 7.93
CA TYR B 1336 -50.85 -11.02 7.37
C TYR B 1336 -50.29 -10.80 5.97
N THR B 1337 -50.84 -11.51 4.99
CA THR B 1337 -50.13 -11.60 3.72
C THR B 1337 -50.32 -10.35 2.85
N SER B 1338 -50.86 -9.27 3.40
CA SER B 1338 -50.99 -7.98 2.72
C SER B 1338 -50.32 -6.90 3.55
N THR B 1339 -49.58 -6.02 2.87
CA THR B 1339 -48.99 -4.83 3.47
C THR B 1339 -49.71 -3.56 3.05
N LYS B 1340 -50.92 -3.69 2.51
CA LYS B 1340 -51.63 -2.50 2.03
C LYS B 1340 -51.87 -1.53 3.17
N GLU B 1341 -52.40 -2.04 4.28
CA GLU B 1341 -52.87 -1.17 5.34
C GLU B 1341 -51.76 -0.27 5.89
N VAL B 1342 -50.50 -0.68 5.76
CA VAL B 1342 -49.37 0.11 6.25
C VAL B 1342 -49.26 1.44 5.51
N LEU B 1343 -49.52 1.42 4.22
CA LEU B 1343 -49.16 2.56 3.38
C LEU B 1343 -49.89 3.84 3.77
N ASP B 1344 -51.08 3.75 4.38
CA ASP B 1344 -51.83 4.90 4.86
C ASP B 1344 -51.74 5.13 6.37
N ALA B 1345 -50.81 4.46 7.05
CA ALA B 1345 -50.60 4.63 8.49
C ALA B 1345 -49.47 5.62 8.74
N THR B 1346 -49.16 5.88 10.00
CA THR B 1346 -48.07 6.78 10.35
C THR B 1346 -46.84 5.94 10.67
N LEU B 1347 -45.72 6.28 10.06
CA LEU B 1347 -44.47 5.57 10.30
C LEU B 1347 -43.80 6.13 11.55
N ILE B 1348 -43.31 5.22 12.41
CA ILE B 1348 -42.62 5.59 13.64
C ILE B 1348 -41.15 5.22 13.53
N HIS B 1349 -40.29 6.24 13.55
CA HIS B 1349 -38.86 6.10 13.73
C HIS B 1349 -38.57 6.32 15.20
N GLN B 1350 -38.06 5.31 15.90
CA GLN B 1350 -37.78 5.44 17.31
C GLN B 1350 -36.29 5.24 17.55
N SER B 1351 -35.75 5.94 18.53
CA SER B 1351 -34.34 5.83 18.83
C SER B 1351 -34.10 4.62 19.71
N ILE B 1352 -32.83 4.35 19.98
CA ILE B 1352 -32.46 3.14 20.71
C ILE B 1352 -33.31 2.95 21.96
N THR B 1353 -33.55 4.02 22.71
CA THR B 1353 -34.33 3.87 23.93
C THR B 1353 -35.80 3.64 23.65
N GLY B 1354 -36.29 4.25 22.57
CA GLY B 1354 -37.69 4.34 22.26
C GLY B 1354 -38.33 5.67 22.59
N LEU B 1355 -37.58 6.58 23.25
CA LEU B 1355 -38.15 7.82 23.78
C LEU B 1355 -38.21 8.95 22.75
N TYR B 1356 -37.18 9.11 21.94
CA TYR B 1356 -37.14 10.14 20.93
C TYR B 1356 -37.70 9.57 19.63
N GLU B 1357 -38.59 10.30 18.96
CA GLU B 1357 -39.26 9.75 17.78
C GLU B 1357 -39.27 10.73 16.63
N THR B 1358 -39.56 10.23 15.43
CA THR B 1358 -40.07 11.09 14.35
C THR B 1358 -41.22 10.34 13.66
N ARG B 1359 -42.43 10.87 13.76
CA ARG B 1359 -43.62 10.23 13.22
C ARG B 1359 -43.95 10.79 11.84
N ILE B 1360 -44.28 9.92 10.90
CA ILE B 1360 -44.56 10.37 9.54
C ILE B 1360 -45.87 9.79 8.98
N ASP B 1361 -46.86 10.66 8.73
CA ASP B 1361 -48.13 10.21 8.17
C ASP B 1361 -48.01 10.17 6.66
N LEU B 1362 -48.41 9.03 6.11
CA LEU B 1362 -48.23 8.66 4.71
C LEU B 1362 -49.48 9.01 3.91
N SER B 1363 -49.31 9.94 2.98
CA SER B 1363 -50.34 10.34 2.02
C SER B 1363 -49.68 10.57 0.66
N GLN B 1364 -50.14 9.82 -0.35
CA GLN B 1364 -49.64 9.83 -1.74
C GLN B 1364 -49.13 11.18 -2.21
N LYS F 4 19.24 -6.83 -49.29
CA LYS F 4 19.32 -6.21 -50.59
C LYS F 4 18.92 -4.77 -50.45
N TYR F 5 18.86 -4.23 -49.25
CA TYR F 5 18.51 -2.82 -49.16
C TYR F 5 19.10 -2.27 -47.90
N SER F 6 19.01 -0.95 -47.76
CA SER F 6 19.53 -0.26 -46.58
C SER F 6 18.65 0.95 -46.30
N ILE F 7 18.48 1.25 -45.00
CA ILE F 7 17.60 2.28 -44.49
C ILE F 7 18.44 3.48 -44.11
N GLY F 8 17.93 4.68 -44.39
CA GLY F 8 18.58 5.91 -43.99
C GLY F 8 17.66 6.75 -43.12
N LEU F 9 18.12 7.15 -41.95
CA LEU F 9 17.30 8.04 -41.15
C LEU F 9 17.96 9.40 -40.97
N ALA F 10 17.17 10.41 -40.67
CA ALA F 10 17.74 11.69 -40.24
C ALA F 10 16.85 12.24 -39.13
N ILE F 11 17.32 12.07 -37.87
CA ILE F 11 16.51 12.21 -36.66
C ILE F 11 16.59 13.63 -36.15
N GLY F 12 15.46 14.22 -35.90
CA GLY F 12 15.55 15.54 -35.38
C GLY F 12 14.55 15.74 -34.28
N THR F 13 14.29 16.98 -33.90
CA THR F 13 13.43 17.33 -32.79
C THR F 13 11.98 17.32 -33.21
N ASN F 14 11.72 17.72 -34.45
CA ASN F 14 10.34 17.89 -34.88
C ASN F 14 9.98 16.92 -35.95
N SER F 15 10.96 16.18 -36.46
CA SER F 15 10.72 15.33 -37.61
C SER F 15 11.72 14.20 -37.59
N VAL F 16 11.25 13.00 -37.91
CA VAL F 16 12.12 11.88 -38.24
C VAL F 16 11.95 11.60 -39.70
N GLY F 17 13.03 11.67 -40.45
CA GLY F 17 13.00 11.36 -41.87
C GLY F 17 13.64 10.02 -42.12
N TRP F 18 13.09 9.27 -43.08
CA TRP F 18 13.45 7.89 -43.34
C TRP F 18 13.34 7.60 -44.83
N ALA F 19 14.31 6.86 -45.38
CA ALA F 19 14.21 6.40 -46.75
C ALA F 19 14.89 5.06 -46.95
N VAL F 20 14.51 4.37 -48.01
CA VAL F 20 14.97 3.02 -48.28
C VAL F 20 15.72 2.99 -49.62
N ILE F 21 16.87 2.33 -49.66
CA ILE F 21 17.63 2.27 -50.90
C ILE F 21 18.07 0.85 -51.21
N THR F 22 18.18 0.59 -52.51
CA THR F 22 18.50 -0.70 -53.10
C THR F 22 19.99 -0.78 -53.34
N ASP F 23 20.40 -1.80 -54.10
CA ASP F 23 21.82 -1.94 -54.36
C ASP F 23 22.38 -0.76 -55.16
N GLU F 24 21.60 -0.16 -56.03
CA GLU F 24 22.16 0.81 -56.97
C GLU F 24 21.89 2.27 -56.56
N TYR F 25 21.39 2.50 -55.35
CA TYR F 25 21.06 3.82 -54.80
C TYR F 25 19.71 4.30 -55.30
N LYS F 26 18.88 3.40 -55.81
CA LYS F 26 17.47 3.68 -56.07
C LYS F 26 16.65 3.53 -54.80
N VAL F 27 15.52 4.24 -54.75
CA VAL F 27 14.52 4.05 -53.70
C VAL F 27 13.44 3.16 -54.28
N PRO F 28 13.01 2.13 -53.59
CA PRO F 28 12.04 1.22 -54.16
C PRO F 28 10.65 1.83 -54.14
N SER F 29 9.77 1.18 -54.88
CA SER F 29 8.34 1.50 -54.95
C SER F 29 7.64 0.20 -54.64
N LYS F 30 6.42 0.29 -54.15
CA LYS F 30 5.76 -0.92 -53.71
C LYS F 30 4.27 -0.68 -53.60
N LYS F 31 3.52 -1.70 -54.04
CA LYS F 31 2.07 -1.64 -54.10
C LYS F 31 1.49 -2.02 -52.73
N PHE F 32 0.54 -1.22 -52.23
CA PHE F 32 0.07 -1.34 -50.86
C PHE F 32 -1.41 -1.63 -50.72
N LYS F 33 -1.73 -2.52 -49.78
CA LYS F 33 -3.12 -2.80 -49.48
C LYS F 33 -3.71 -1.56 -48.81
N VAL F 34 -4.95 -1.23 -49.16
CA VAL F 34 -5.61 -0.14 -48.47
C VAL F 34 -6.94 -0.63 -47.95
N LEU F 35 -7.15 -0.44 -46.65
CA LEU F 35 -8.30 -0.88 -45.92
C LEU F 35 -9.36 0.22 -45.93
N GLY F 36 -10.49 -0.01 -45.26
CA GLY F 36 -11.57 0.96 -45.13
C GLY F 36 -12.57 0.83 -46.28
N ASN F 37 -13.72 1.50 -46.12
CA ASN F 37 -14.85 1.18 -47.02
C ASN F 37 -14.71 1.74 -48.43
N THR F 38 -13.66 2.47 -48.74
CA THR F 38 -13.56 3.06 -50.08
C THR F 38 -13.09 2.01 -51.09
N ASP F 39 -13.50 2.21 -52.35
CA ASP F 39 -13.23 1.29 -53.45
C ASP F 39 -11.72 1.12 -53.72
N ARG F 40 -10.89 2.10 -53.31
CA ARG F 40 -9.43 1.98 -53.42
C ARG F 40 -8.91 0.84 -52.58
N HIS F 41 -8.39 -0.18 -53.22
CA HIS F 41 -7.87 -1.28 -52.49
C HIS F 41 -6.35 -1.30 -52.58
N SER F 42 -5.77 -0.47 -53.44
CA SER F 42 -4.32 -0.50 -53.58
C SER F 42 -3.82 0.88 -53.97
N ILE F 43 -2.58 1.15 -53.56
CA ILE F 43 -1.84 2.39 -53.82
C ILE F 43 -0.38 2.03 -54.04
N LYS F 44 0.24 2.80 -54.92
CA LYS F 44 1.67 2.73 -55.17
C LYS F 44 2.27 3.88 -54.41
N LYS F 45 3.36 3.61 -53.68
CA LYS F 45 4.01 4.62 -52.87
C LYS F 45 5.51 4.39 -52.99
N ASN F 46 6.26 5.49 -53.02
CA ASN F 46 7.71 5.40 -52.95
C ASN F 46 8.12 5.15 -51.50
N LEU F 47 9.23 4.46 -51.33
CA LEU F 47 9.67 4.09 -49.98
C LEU F 47 10.55 5.20 -49.38
N ILE F 48 10.06 6.43 -49.42
CA ILE F 48 10.76 7.52 -48.77
C ILE F 48 9.78 8.35 -47.95
N GLY F 49 10.24 8.90 -46.85
CA GLY F 49 9.27 9.72 -46.15
C GLY F 49 9.84 10.51 -45.00
N ALA F 50 8.95 11.18 -44.31
CA ALA F 50 9.31 11.84 -43.07
C ALA F 50 8.09 11.76 -42.18
N LEU F 51 8.30 12.02 -40.90
CA LEU F 51 7.24 12.00 -39.92
C LEU F 51 7.38 13.29 -39.13
N LEU F 52 6.49 14.24 -39.36
CA LEU F 52 6.51 15.49 -38.60
C LEU F 52 5.84 15.28 -37.26
N PHE F 53 6.26 16.02 -36.23
CA PHE F 53 5.50 15.88 -35.01
C PHE F 53 5.70 17.09 -34.12
N ASP F 54 4.72 17.36 -33.27
CA ASP F 54 4.92 18.45 -32.36
C ASP F 54 6.07 18.11 -31.44
N SER F 55 6.79 19.15 -31.05
CA SER F 55 8.02 18.99 -30.27
C SER F 55 7.72 18.42 -28.90
N GLY F 56 8.70 17.75 -28.32
CA GLY F 56 8.54 17.20 -26.98
C GLY F 56 8.62 18.27 -25.89
N GLU F 57 7.76 18.13 -24.88
CA GLU F 57 7.61 19.10 -23.83
C GLU F 57 8.47 18.66 -22.65
N THR F 58 9.31 19.57 -22.15
CA THR F 58 10.06 19.28 -20.92
C THR F 58 9.11 19.26 -19.72
N ALA F 59 9.43 18.42 -18.75
CA ALA F 59 8.60 18.32 -17.54
C ALA F 59 8.68 19.56 -16.64
N GLU F 60 9.62 20.49 -16.90
CA GLU F 60 9.85 21.61 -16.00
C GLU F 60 8.60 22.47 -15.85
N ALA F 61 7.94 22.78 -16.97
CA ALA F 61 6.72 23.57 -16.95
C ALA F 61 5.71 22.97 -15.97
N THR F 62 5.54 21.65 -16.04
CA THR F 62 4.62 20.95 -15.17
C THR F 62 5.09 20.99 -13.74
N ARG F 63 6.39 20.74 -13.54
CA ARG F 63 6.95 20.65 -12.19
C ARG F 63 6.74 21.96 -11.43
N LEU F 64 6.99 23.10 -12.08
CA LEU F 64 6.75 24.36 -11.37
C LEU F 64 5.32 24.44 -10.85
N LYS F 65 4.35 24.05 -11.67
CA LYS F 65 2.95 24.03 -11.22
C LYS F 65 2.74 23.08 -10.05
N ARG F 66 3.46 21.95 -10.03
CA ARG F 66 3.37 21.04 -8.88
C ARG F 66 3.71 21.75 -7.59
N THR F 67 4.56 22.78 -7.67
CA THR F 67 4.92 23.53 -6.48
C THR F 67 3.68 24.20 -5.88
N ALA F 68 2.89 24.86 -6.73
CA ALA F 68 1.73 25.62 -6.27
C ALA F 68 0.63 24.74 -5.70
N ARG F 69 0.28 23.66 -6.40
CA ARG F 69 -0.78 22.77 -5.92
C ARG F 69 -0.58 22.39 -4.47
N ARG F 70 0.68 22.19 -4.08
CA ARG F 70 1.01 21.92 -2.69
C ARG F 70 1.23 23.20 -1.89
N ARG F 71 1.82 24.25 -2.47
CA ARG F 71 1.95 25.48 -1.68
C ARG F 71 0.62 26.01 -1.21
N TYR F 72 -0.43 25.77 -2.00
CA TYR F 72 -1.77 26.24 -1.70
C TYR F 72 -2.53 25.33 -0.74
N THR F 73 -2.40 24.00 -0.86
CA THR F 73 -2.94 23.13 0.18
C THR F 73 -2.01 23.08 1.41
N ARG F 74 -0.87 23.81 1.39
CA ARG F 74 0.00 24.03 2.55
C ARG F 74 -0.21 25.38 3.19
N ARG F 75 -0.89 26.29 2.53
CA ARG F 75 -1.25 27.53 3.18
C ARG F 75 -2.67 27.48 3.73
N LYS F 76 -3.61 26.80 3.05
CA LYS F 76 -4.92 26.50 3.62
C LYS F 76 -4.81 25.51 4.79
N ASN F 77 -3.85 24.60 4.77
CA ASN F 77 -3.71 23.71 5.92
C ASN F 77 -3.04 24.38 7.11
N ARG F 78 -2.15 25.35 6.89
CA ARG F 78 -1.49 26.01 8.01
C ARG F 78 -2.44 26.94 8.76
N ILE F 79 -3.29 27.67 8.03
CA ILE F 79 -4.27 28.52 8.71
C ILE F 79 -5.36 27.65 9.34
N CYS F 80 -5.74 26.55 8.67
CA CYS F 80 -6.76 25.63 9.20
C CYS F 80 -6.39 25.05 10.57
N TYR F 81 -5.09 25.06 10.92
CA TYR F 81 -4.61 24.64 12.23
C TYR F 81 -4.97 25.67 13.32
N LEU F 82 -4.99 26.96 12.96
CA LEU F 82 -5.50 27.98 13.87
C LEU F 82 -6.95 27.74 14.25
N GLN F 83 -7.71 27.01 13.42
CA GLN F 83 -9.14 26.77 13.64
C GLN F 83 -9.40 25.83 14.80
N GLU F 84 -8.63 24.73 14.91
CA GLU F 84 -8.85 23.79 16.00
C GLU F 84 -8.40 24.36 17.36
N ILE F 85 -7.36 25.20 17.36
CA ILE F 85 -6.94 25.85 18.60
C ILE F 85 -8.02 26.80 19.11
N PHE F 86 -8.53 27.68 18.22
CA PHE F 86 -9.50 28.71 18.60
C PHE F 86 -10.94 28.20 18.65
N SER F 87 -11.26 27.08 17.97
CA SER F 87 -12.67 26.71 17.78
C SER F 87 -13.38 26.66 19.11
N ASN F 88 -12.70 26.14 20.14
CA ASN F 88 -13.27 26.15 21.49
C ASN F 88 -13.44 27.56 22.03
N GLU F 89 -12.36 28.35 22.00
CA GLU F 89 -12.39 29.68 22.61
C GLU F 89 -13.16 30.70 21.77
N MET F 90 -13.08 30.59 20.46
CA MET F 90 -13.73 31.58 19.60
C MET F 90 -15.25 31.58 19.78
N ALA F 91 -15.84 30.40 20.02
CA ALA F 91 -17.30 30.24 20.09
C ALA F 91 -17.93 31.15 21.13
N LYS F 92 -17.16 31.56 22.14
CA LYS F 92 -17.66 32.50 23.14
C LYS F 92 -17.91 33.90 22.56
N VAL F 93 -16.99 34.45 21.77
CA VAL F 93 -17.15 35.81 21.26
C VAL F 93 -18.11 35.86 20.08
N ASP F 94 -17.95 34.96 19.10
CA ASP F 94 -18.67 35.02 17.83
C ASP F 94 -19.21 33.64 17.45
N ASP F 95 -20.54 33.53 17.34
CA ASP F 95 -21.17 32.21 17.16
C ASP F 95 -20.64 31.49 15.92
N SER F 96 -20.56 32.18 14.77
CA SER F 96 -20.17 31.58 13.50
C SER F 96 -19.06 32.36 12.80
N PHE F 97 -18.06 32.84 13.56
CA PHE F 97 -17.03 33.70 12.97
C PHE F 97 -16.21 32.98 11.89
N PHE F 98 -15.74 31.75 12.17
CA PHE F 98 -14.95 31.06 11.16
C PHE F 98 -15.81 30.76 9.96
N HIS F 99 -17.02 30.27 10.21
CA HIS F 99 -18.02 30.06 9.15
C HIS F 99 -18.27 31.35 8.37
N ARG F 100 -18.35 32.50 9.08
CA ARG F 100 -18.56 33.81 8.45
C ARG F 100 -17.48 34.16 7.42
N LEU F 101 -16.24 33.71 7.66
CA LEU F 101 -15.14 33.93 6.73
C LEU F 101 -15.18 32.97 5.54
N GLU F 102 -15.54 31.69 5.77
CA GLU F 102 -15.56 30.69 4.71
C GLU F 102 -16.37 31.16 3.49
N GLU F 103 -17.54 31.74 3.75
CA GLU F 103 -18.49 32.19 2.73
C GLU F 103 -18.40 33.70 2.48
N SER F 104 -17.27 34.31 2.85
CA SER F 104 -17.09 35.76 2.70
C SER F 104 -17.22 36.21 1.25
N PHE F 105 -16.68 35.42 0.31
CA PHE F 105 -16.73 35.75 -1.11
C PHE F 105 -18.09 35.50 -1.74
N LEU F 106 -18.92 34.66 -1.12
CA LEU F 106 -20.19 34.29 -1.72
C LEU F 106 -21.14 35.47 -1.71
N VAL F 107 -21.96 35.60 -2.75
CA VAL F 107 -22.84 36.75 -2.87
C VAL F 107 -23.99 36.67 -1.86
N GLU F 108 -24.51 37.84 -1.48
CA GLU F 108 -25.57 37.93 -0.49
C GLU F 108 -26.76 37.09 -0.91
N GLU F 109 -26.98 36.94 -2.21
CA GLU F 109 -28.02 36.05 -2.71
C GLU F 109 -27.70 34.59 -2.38
N ASP F 110 -26.42 34.23 -2.30
CA ASP F 110 -26.02 32.86 -2.01
C ASP F 110 -25.48 32.67 -0.60
N LYS F 111 -25.23 33.74 0.14
CA LYS F 111 -24.65 33.62 1.47
C LYS F 111 -25.57 32.85 2.41
N LYS F 112 -25.00 31.86 3.13
CA LYS F 112 -25.73 31.00 4.05
C LYS F 112 -25.69 31.50 5.49
N HIS F 113 -24.92 32.55 5.76
CA HIS F 113 -24.85 33.22 7.06
C HIS F 113 -24.81 34.72 6.81
N GLU F 114 -24.51 35.48 7.87
CA GLU F 114 -24.56 36.93 7.83
C GLU F 114 -23.69 37.50 6.70
N ARG F 115 -24.07 38.68 6.20
CA ARG F 115 -23.31 39.32 5.13
C ARG F 115 -21.93 39.80 5.60
N HIS F 116 -21.80 40.24 6.84
CA HIS F 116 -20.52 40.77 7.33
C HIS F 116 -19.90 39.87 8.39
N PRO F 117 -18.64 39.45 8.24
CA PRO F 117 -18.12 38.37 9.09
C PRO F 117 -17.47 38.84 10.39
N ILE F 118 -16.63 39.89 10.32
CA ILE F 118 -15.82 40.31 11.47
C ILE F 118 -16.71 40.62 12.65
N PHE F 119 -17.77 41.39 12.41
CA PHE F 119 -18.88 41.53 13.33
C PHE F 119 -20.12 41.53 12.47
N GLY F 120 -21.18 40.84 12.94
CA GLY F 120 -22.36 40.66 12.10
C GLY F 120 -22.97 41.98 11.67
N ASN F 121 -23.16 42.88 12.63
CA ASN F 121 -23.80 44.14 12.32
C ASN F 121 -22.91 44.97 11.41
N ILE F 122 -23.54 45.65 10.45
CA ILE F 122 -22.84 46.55 9.54
C ILE F 122 -22.12 47.63 10.33
N VAL F 123 -22.61 47.94 11.52
CA VAL F 123 -22.13 49.10 12.27
C VAL F 123 -20.68 48.92 12.71
N ASP F 124 -20.30 47.72 13.17
CA ASP F 124 -18.92 47.55 13.66
C ASP F 124 -17.93 47.50 12.50
N GLU F 125 -18.34 46.96 11.35
CA GLU F 125 -17.48 46.85 10.17
C GLU F 125 -17.26 48.21 9.47
N VAL F 126 -18.28 49.09 9.45
CA VAL F 126 -18.15 50.39 8.77
C VAL F 126 -17.09 51.26 9.45
N ALA F 127 -17.14 51.35 10.78
CA ALA F 127 -16.13 52.08 11.53
C ALA F 127 -14.73 51.49 11.32
N TYR F 128 -14.67 50.17 11.10
CA TYR F 128 -13.41 49.42 11.06
C TYR F 128 -12.42 50.02 10.07
N HIS F 129 -12.82 50.11 8.80
CA HIS F 129 -11.97 50.64 7.74
C HIS F 129 -11.60 52.10 7.97
N GLU F 130 -12.38 52.82 8.77
CA GLU F 130 -12.04 54.20 9.09
C GLU F 130 -10.78 54.28 9.94
N LYS F 131 -10.71 53.49 11.01
CA LYS F 131 -9.59 53.62 11.94
C LYS F 131 -8.35 52.88 11.47
N TYR F 132 -8.53 51.72 10.83
CA TYR F 132 -7.43 50.87 10.39
C TYR F 132 -7.59 50.65 8.89
N PRO F 133 -7.22 51.66 8.08
CA PRO F 133 -7.47 51.54 6.62
C PRO F 133 -6.75 50.37 5.97
N THR F 134 -5.58 49.99 6.43
CA THR F 134 -4.92 48.78 5.96
C THR F 134 -4.84 47.81 7.12
N ILE F 135 -4.89 46.51 6.82
CA ILE F 135 -4.75 45.51 7.87
C ILE F 135 -3.43 45.71 8.61
N TYR F 136 -2.37 46.12 7.91
CA TYR F 136 -1.10 46.40 8.55
C TYR F 136 -1.17 47.59 9.50
N HIS F 137 -2.12 48.50 9.28
CA HIS F 137 -2.32 49.59 10.23
C HIS F 137 -2.73 49.08 11.60
N LEU F 138 -3.66 48.12 11.65
CA LEU F 138 -4.09 47.56 12.92
C LEU F 138 -2.92 46.97 13.70
N ARG F 139 -1.99 46.33 12.97
CA ARG F 139 -0.89 45.60 13.59
C ARG F 139 0.01 46.52 14.42
N LYS F 140 0.32 47.71 13.91
CA LYS F 140 1.13 48.67 14.67
C LYS F 140 0.45 49.00 15.98
N LYS F 141 -0.86 49.28 15.94
CA LYS F 141 -1.61 49.56 17.16
C LYS F 141 -1.64 48.35 18.08
N LEU F 142 -1.77 47.14 17.53
CA LEU F 142 -1.87 45.95 18.37
C LEU F 142 -0.58 45.74 19.19
N VAL F 143 0.57 46.21 18.70
CA VAL F 143 1.82 46.11 19.47
C VAL F 143 1.86 47.10 20.64
N ASP F 144 1.48 48.37 20.39
CA ASP F 144 1.68 49.41 21.42
C ASP F 144 0.58 49.40 22.49
N SER F 145 -0.70 49.39 22.09
CA SER F 145 -1.77 49.52 23.06
C SER F 145 -1.87 48.25 23.92
N THR F 146 -2.42 48.40 25.11
CA THR F 146 -2.59 47.30 26.07
C THR F 146 -4.00 46.71 26.07
N ASP F 147 -4.86 47.12 25.15
CA ASP F 147 -6.27 46.80 25.22
C ASP F 147 -6.53 45.31 25.05
N LYS F 148 -7.50 44.78 25.79
CA LYS F 148 -8.03 43.46 25.49
C LYS F 148 -8.75 43.61 24.15
N ALA F 149 -8.07 43.28 23.05
CA ALA F 149 -8.68 43.43 21.73
C ALA F 149 -9.44 42.16 21.38
N ASP F 150 -10.58 42.31 20.67
CA ASP F 150 -11.51 41.20 20.46
C ASP F 150 -10.89 39.96 19.83
N LEU F 151 -11.21 38.80 20.40
CA LEU F 151 -10.64 37.52 19.99
C LEU F 151 -10.90 37.22 18.52
N ARG F 152 -12.02 37.73 17.98
CA ARG F 152 -12.25 37.69 16.52
C ARG F 152 -11.21 38.50 15.78
N LEU F 153 -10.80 39.67 16.32
CA LEU F 153 -9.76 40.46 15.63
C LEU F 153 -8.38 39.76 15.62
N ILE F 154 -7.92 39.14 16.74
CA ILE F 154 -6.61 38.46 16.68
C ILE F 154 -6.52 37.40 15.57
N TYR F 155 -7.52 36.53 15.39
CA TYR F 155 -7.37 35.53 14.32
C TYR F 155 -7.17 36.21 12.95
N LEU F 156 -7.91 37.29 12.68
CA LEU F 156 -7.68 38.10 11.49
C LEU F 156 -6.30 38.76 11.52
N ALA F 157 -5.86 39.24 12.69
CA ALA F 157 -4.53 39.84 12.78
C ALA F 157 -3.43 38.80 12.57
N LEU F 158 -3.48 37.71 13.36
CA LEU F 158 -2.48 36.62 13.29
C LEU F 158 -2.51 35.89 11.94
N ALA F 159 -3.71 35.54 11.44
CA ALA F 159 -3.79 34.82 10.18
C ALA F 159 -3.07 35.54 9.04
N HIS F 160 -2.98 36.87 9.10
CA HIS F 160 -2.35 37.61 8.02
C HIS F 160 -0.83 37.41 7.99
N MET F 161 -0.20 37.19 9.15
CA MET F 161 1.24 36.94 9.16
C MET F 161 1.58 35.56 8.61
N ILE F 162 0.80 34.55 9.00
CA ILE F 162 1.03 33.17 8.56
C ILE F 162 0.75 33.03 7.07
N LYS F 163 -0.25 33.77 6.56
CA LYS F 163 -0.58 33.68 5.14
C LYS F 163 0.54 34.28 4.29
N PHE F 164 1.13 35.38 4.75
CA PHE F 164 2.22 36.03 4.05
C PHE F 164 3.42 36.12 4.99
N ARG F 165 4.29 35.11 4.94
CA ARG F 165 5.40 35.10 5.89
C ARG F 165 6.63 35.88 5.41
N GLY F 166 6.86 35.99 4.11
CA GLY F 166 8.18 36.39 3.65
C GLY F 166 9.07 35.15 3.66
N HIS F 167 10.35 35.31 3.29
CA HIS F 167 11.20 34.17 2.93
C HIS F 167 12.08 33.70 4.07
N PHE F 168 12.63 32.52 3.89
CA PHE F 168 13.46 31.91 4.90
C PHE F 168 14.95 31.93 4.52
N LEU F 169 15.34 32.88 3.67
CA LEU F 169 16.71 32.93 3.17
C LEU F 169 17.68 33.59 4.13
N ILE F 170 17.29 33.83 5.38
CA ILE F 170 18.19 34.26 6.46
C ILE F 170 18.22 33.17 7.52
N GLU F 171 19.39 32.91 8.10
CA GLU F 171 19.51 31.92 9.15
C GLU F 171 20.00 32.60 10.43
N GLY F 172 19.23 32.44 11.51
CA GLY F 172 19.61 32.97 12.81
C GLY F 172 18.68 34.04 13.36
N ASP F 173 19.20 34.82 14.30
CA ASP F 173 18.44 35.97 14.77
C ASP F 173 18.42 36.99 13.65
N LEU F 174 17.37 37.80 13.64
CA LEU F 174 17.24 38.85 12.65
C LEU F 174 17.61 40.20 13.26
N ASN F 175 17.49 40.32 14.59
CA ASN F 175 17.75 41.55 15.32
C ASN F 175 16.96 42.74 14.78
N PRO F 176 15.62 42.64 14.72
CA PRO F 176 14.83 43.73 14.13
C PRO F 176 14.95 45.02 14.90
N ASP F 177 15.21 44.91 16.21
CA ASP F 177 15.53 46.08 17.03
C ASP F 177 16.87 46.71 16.61
N ASN F 178 17.79 45.92 16.08
CA ASN F 178 19.15 46.36 15.80
C ASN F 178 19.30 47.03 14.43
N SER F 179 18.51 48.07 14.16
CA SER F 179 18.54 48.77 12.89
C SER F 179 19.40 50.03 12.92
N ASP F 180 20.42 50.05 13.78
CA ASP F 180 21.33 51.19 13.95
C ASP F 180 22.43 51.05 12.91
N VAL F 181 22.31 51.82 11.82
CA VAL F 181 23.13 51.57 10.63
C VAL F 181 24.61 51.82 10.90
N ASP F 182 24.93 52.89 11.59
CA ASP F 182 26.31 53.15 11.95
C ASP F 182 26.54 53.04 13.43
N LYS F 183 25.52 53.36 14.23
CA LYS F 183 25.65 53.39 15.68
C LYS F 183 26.03 52.02 16.23
N LEU F 184 25.51 50.94 15.63
CA LEU F 184 25.91 49.60 16.04
C LEU F 184 27.38 49.34 15.73
N PHE F 185 27.89 49.96 14.65
CA PHE F 185 29.32 49.87 14.36
C PHE F 185 30.14 50.48 15.49
N ILE F 186 29.66 51.60 16.05
CA ILE F 186 30.38 52.33 17.09
C ILE F 186 30.63 51.46 18.33
N GLN F 187 29.68 50.57 18.69
CA GLN F 187 29.92 49.68 19.84
C GLN F 187 31.15 48.80 19.61
N LEU F 188 31.34 48.29 18.39
CA LEU F 188 32.52 47.49 18.08
C LEU F 188 33.79 48.31 18.16
N VAL F 189 33.76 49.54 17.66
CA VAL F 189 34.92 50.42 17.70
C VAL F 189 35.36 50.66 19.14
N GLN F 190 34.41 50.90 20.05
CA GLN F 190 34.76 51.16 21.45
C GLN F 190 35.32 49.91 22.10
N THR F 191 34.64 48.78 21.92
CA THR F 191 35.09 47.51 22.49
C THR F 191 36.42 47.05 21.90
N TYR F 192 36.59 47.22 20.58
CA TYR F 192 37.86 46.91 19.91
C TYR F 192 39.04 47.62 20.52
N ASN F 193 38.79 48.71 21.27
CA ASN F 193 39.82 49.44 22.01
C ASN F 193 40.20 48.74 23.31
N GLN F 194 39.24 48.06 23.95
CA GLN F 194 39.58 47.26 25.13
C GLN F 194 40.42 46.03 24.79
N LEU F 195 40.48 45.62 23.50
CA LEU F 195 41.30 44.49 23.06
C LEU F 195 42.57 44.92 22.31
N PHE F 196 42.57 46.12 21.71
CA PHE F 196 43.71 46.63 20.94
C PHE F 196 43.92 48.05 21.47
N GLU F 197 44.70 48.18 22.54
CA GLU F 197 44.90 49.48 23.16
C GLU F 197 45.93 50.32 22.39
N GLU F 198 46.75 49.70 21.56
CA GLU F 198 47.77 50.45 20.83
C GLU F 198 47.22 51.15 19.58
N ASN F 199 46.15 50.63 18.97
CA ASN F 199 45.61 51.23 17.74
C ASN F 199 44.75 52.45 18.07
N PRO F 200 44.94 53.55 17.33
CA PRO F 200 44.02 54.69 17.49
C PRO F 200 42.77 54.41 16.65
N ILE F 201 41.60 54.57 17.28
CA ILE F 201 40.36 54.22 16.62
C ILE F 201 39.42 55.42 16.68
N ASN F 202 38.54 55.55 15.66
CA ASN F 202 37.56 56.64 15.55
C ASN F 202 36.91 56.60 14.15
N ALA F 203 35.58 56.76 14.09
CA ALA F 203 34.84 56.71 12.83
C ALA F 203 34.83 58.07 12.14
N SER F 204 34.83 58.06 10.80
CA SER F 204 34.70 59.31 10.06
C SER F 204 33.82 59.15 8.83
N ASP F 207 30.02 57.21 6.01
CA ASP F 207 28.63 56.79 5.89
C ASP F 207 28.62 55.28 5.71
N ALA F 208 28.38 54.57 6.80
CA ALA F 208 28.38 53.11 6.75
C ALA F 208 27.34 52.57 5.77
N LYS F 209 26.18 53.26 5.64
CA LYS F 209 25.19 52.86 4.63
C LYS F 209 25.80 52.91 3.22
N ALA F 210 26.49 54.00 2.93
CA ALA F 210 27.21 54.13 1.65
C ALA F 210 28.33 53.12 1.55
N ILE F 211 28.98 52.82 2.68
CA ILE F 211 30.13 51.92 2.67
C ILE F 211 29.73 50.48 2.32
N LEU F 212 28.66 49.99 2.95
CA LEU F 212 28.31 48.56 2.88
C LEU F 212 27.66 48.13 1.55
N SER F 219 32.01 44.53 -2.17
CA SER F 219 33.37 43.96 -2.06
C SER F 219 34.35 45.07 -1.65
N ARG F 220 34.23 46.20 -2.32
CA ARG F 220 35.04 47.38 -2.07
C ARG F 220 34.82 47.93 -0.67
N ARG F 221 33.79 47.44 0.04
CA ARG F 221 33.40 47.99 1.34
C ARG F 221 34.53 47.87 2.37
N LEU F 222 35.28 46.77 2.36
CA LEU F 222 36.38 46.65 3.30
C LEU F 222 37.37 47.79 3.10
N GLU F 223 37.69 48.10 1.85
CA GLU F 223 38.40 49.33 1.53
C GLU F 223 37.48 50.55 1.68
N ASN F 224 36.19 50.39 1.35
CA ASN F 224 35.24 51.52 1.46
C ASN F 224 35.04 51.93 2.92
N LEU F 225 35.02 50.97 3.86
CA LEU F 225 35.09 51.33 5.28
C LEU F 225 36.38 52.07 5.53
N ILE F 226 37.44 51.58 4.91
CA ILE F 226 38.72 52.22 4.94
C ILE F 226 38.72 53.49 4.11
N ALA F 227 37.71 53.73 3.28
CA ALA F 227 37.62 55.05 2.67
C ALA F 227 37.63 56.14 3.75
N GLN F 228 37.08 55.84 4.93
CA GLN F 228 37.15 56.78 6.06
C GLN F 228 38.57 56.91 6.63
N LEU F 229 39.28 55.79 6.82
CA LEU F 229 40.68 55.78 7.28
C LEU F 229 41.48 54.89 6.35
N PRO F 230 42.03 55.46 5.27
CA PRO F 230 42.62 54.61 4.22
C PRO F 230 43.90 53.91 4.67
N GLY F 231 44.00 52.63 4.33
CA GLY F 231 45.20 51.86 4.61
C GLY F 231 45.19 50.93 5.80
N GLU F 232 44.03 50.46 6.25
CA GLU F 232 44.03 49.44 7.29
C GLU F 232 44.19 48.10 6.58
N LYS F 233 44.79 47.14 7.27
CA LYS F 233 45.15 45.89 6.62
C LYS F 233 43.94 44.97 6.58
N LYS F 234 43.54 44.56 5.36
CA LYS F 234 42.53 43.51 5.21
C LYS F 234 42.99 42.22 5.87
N ASN F 235 44.29 41.93 5.73
CA ASN F 235 44.92 40.80 6.39
C ASN F 235 44.97 40.99 7.90
N GLY F 236 44.94 42.25 8.35
CA GLY F 236 44.87 42.56 9.76
C GLY F 236 43.59 42.06 10.40
N LEU F 237 43.63 42.03 11.75
CA LEU F 237 42.54 41.45 12.53
C LEU F 237 41.24 42.26 12.40
N PHE F 238 41.35 43.59 12.28
CA PHE F 238 40.15 44.41 12.10
C PHE F 238 39.43 44.01 10.81
N GLY F 239 40.20 43.71 9.75
CA GLY F 239 39.65 43.23 8.49
C GLY F 239 38.94 41.90 8.57
N ASN F 240 39.38 41.02 9.48
CA ASN F 240 38.77 39.68 9.64
C ASN F 240 37.28 39.76 10.03
N LEU F 241 36.91 40.63 10.98
CA LEU F 241 35.49 40.79 11.33
C LEU F 241 34.73 41.61 10.29
N ILE F 242 35.34 42.68 9.75
CA ILE F 242 34.70 43.53 8.76
C ILE F 242 34.23 42.70 7.56
N ALA F 243 35.01 41.69 7.17
CA ALA F 243 34.57 40.77 6.12
C ALA F 243 33.27 40.07 6.50
N LEU F 244 33.00 39.86 7.79
CA LEU F 244 31.69 39.32 8.20
C LEU F 244 30.57 40.32 7.91
N SER F 245 30.87 41.62 7.88
CA SER F 245 29.95 42.62 7.37
C SER F 245 29.67 42.42 5.88
N LEU F 246 30.66 41.91 5.14
CA LEU F 246 30.56 41.58 3.71
C LEU F 246 29.63 40.38 3.46
N GLY F 247 29.32 39.61 4.49
CA GLY F 247 28.45 38.45 4.41
C GLY F 247 29.09 37.15 3.97
N LEU F 248 30.29 37.21 3.36
CA LEU F 248 31.13 36.03 3.18
C LEU F 248 32.03 35.90 4.40
N THR F 249 32.06 34.71 4.97
CA THR F 249 32.69 34.51 6.27
C THR F 249 34.08 33.92 6.07
N PRO F 250 35.15 34.73 6.13
CA PRO F 250 36.48 34.17 5.94
C PRO F 250 37.04 33.55 7.21
N ASN F 251 37.95 32.59 7.02
CA ASN F 251 38.72 32.01 8.11
C ASN F 251 40.11 32.63 7.99
N PHE F 252 40.26 33.82 8.57
CA PHE F 252 41.50 34.59 8.51
C PHE F 252 42.33 34.23 9.74
N LYS F 253 43.01 33.08 9.62
CA LYS F 253 43.81 32.49 10.69
C LYS F 253 45.02 33.34 11.07
N SER F 254 45.53 34.14 10.13
CA SER F 254 46.85 34.79 10.29
C SER F 254 46.93 35.59 11.58
N ASN F 255 45.83 36.24 11.96
CA ASN F 255 45.77 36.95 13.23
C ASN F 255 45.86 35.98 14.41
N PHE F 256 45.28 34.77 14.26
CA PHE F 256 45.24 33.75 15.30
C PHE F 256 46.46 32.83 15.25
N ASP F 257 47.16 32.81 14.11
CA ASP F 257 48.42 32.06 13.88
C ASP F 257 48.34 30.57 14.26
N LEU F 258 47.22 29.92 13.94
CA LEU F 258 47.14 28.49 14.19
C LEU F 258 48.06 27.74 13.22
N ALA F 259 48.52 26.55 13.65
CA ALA F 259 49.34 25.70 12.79
C ALA F 259 48.56 25.27 11.54
N GLU F 260 47.25 25.07 11.69
CA GLU F 260 46.34 24.84 10.57
C GLU F 260 45.34 25.99 10.55
N ASP F 261 45.01 26.49 9.35
CA ASP F 261 44.19 27.69 9.25
C ASP F 261 42.82 27.46 9.87
N ALA F 262 42.34 28.47 10.59
CA ALA F 262 41.03 28.39 11.20
C ALA F 262 40.21 29.62 10.85
N SER F 267 28.51 33.58 7.57
CA SER F 267 27.09 33.56 7.27
C SER F 267 26.44 32.17 7.38
N LYS F 268 27.07 31.11 6.89
CA LYS F 268 26.42 29.79 6.82
C LYS F 268 25.97 29.32 8.20
N ASP F 269 24.91 28.52 8.22
CA ASP F 269 24.27 28.19 9.49
C ASP F 269 25.21 27.41 10.40
N THR F 270 25.96 26.48 9.82
CA THR F 270 26.86 25.59 10.57
C THR F 270 28.21 26.26 10.92
N TYR F 271 28.36 27.57 10.69
CA TYR F 271 29.65 28.23 10.85
C TYR F 271 29.99 28.46 12.33
N ASP F 272 29.02 28.86 13.18
CA ASP F 272 29.29 29.03 14.60
C ASP F 272 29.72 27.72 15.27
N ASP F 273 29.16 26.58 14.83
CA ASP F 273 29.59 25.29 15.35
C ASP F 273 31.05 25.02 15.01
N ASP F 274 31.43 25.32 13.76
CA ASP F 274 32.84 25.36 13.39
C ASP F 274 33.57 26.53 14.07
N LEU F 275 32.88 27.66 14.28
CA LEU F 275 33.47 28.81 14.96
C LEU F 275 33.79 28.51 16.42
N ASP F 276 32.99 27.67 17.08
CA ASP F 276 33.24 27.34 18.48
C ASP F 276 34.53 26.54 18.67
N ASN F 277 34.85 25.60 17.76
CA ASN F 277 36.18 24.97 17.83
C ASN F 277 37.26 26.00 17.54
N LEU F 278 36.95 26.99 16.71
CA LEU F 278 37.83 28.15 16.53
C LEU F 278 37.83 29.03 17.77
N LEU F 279 36.66 29.26 18.39
CA LEU F 279 36.55 30.21 19.51
C LEU F 279 37.30 29.72 20.74
N ALA F 280 37.33 28.41 20.99
CA ALA F 280 37.96 27.88 22.21
C ALA F 280 39.44 28.27 22.28
N GLN F 281 40.11 28.31 21.12
CA GLN F 281 41.54 28.64 21.02
C GLN F 281 41.82 30.09 21.43
N ILE F 282 41.05 31.03 20.89
CA ILE F 282 41.27 32.44 21.20
C ILE F 282 40.96 32.74 22.66
N GLY F 283 39.98 32.06 23.23
CA GLY F 283 39.53 32.34 24.58
C GLY F 283 38.20 33.05 24.58
N ASP F 284 37.47 32.91 25.68
CA ASP F 284 36.09 33.42 25.73
C ASP F 284 36.02 34.94 25.73
N GLN F 285 37.04 35.63 26.25
CA GLN F 285 36.96 37.08 26.39
C GLN F 285 36.65 37.76 25.05
N TYR F 286 37.32 37.30 23.99
CA TYR F 286 37.23 37.93 22.68
C TYR F 286 35.84 37.85 22.06
N ALA F 287 35.11 36.76 22.31
CA ALA F 287 33.87 36.49 21.57
C ALA F 287 32.84 37.60 21.74
N ASP F 288 32.83 38.26 22.90
CA ASP F 288 31.85 39.31 23.13
C ASP F 288 31.97 40.40 22.05
N LEU F 289 33.19 40.66 21.58
CA LEU F 289 33.38 41.62 20.50
C LEU F 289 32.77 41.10 19.21
N PHE F 290 32.97 39.81 18.90
CA PHE F 290 32.47 39.26 17.63
C PHE F 290 30.95 39.33 17.56
N LEU F 291 30.26 39.08 18.68
CA LEU F 291 28.81 39.29 18.70
C LEU F 291 28.47 40.74 18.41
N ALA F 292 29.36 41.68 18.79
CA ALA F 292 29.15 43.06 18.41
C ALA F 292 29.22 43.25 16.90
N ALA F 293 30.15 42.56 16.22
CA ALA F 293 30.22 42.63 14.76
C ALA F 293 29.00 42.01 14.09
N LYS F 294 28.49 40.91 14.67
CA LYS F 294 27.32 40.22 14.14
C LYS F 294 26.15 41.16 13.94
N ASN F 295 26.00 42.14 14.83
CA ASN F 295 24.89 43.06 14.73
C ASN F 295 24.93 43.90 13.46
N LEU F 296 26.12 44.33 13.04
CA LEU F 296 26.25 45.17 11.85
C LEU F 296 25.66 44.49 10.62
N SER F 297 25.88 43.18 10.48
CA SER F 297 25.28 42.42 9.39
C SER F 297 23.75 42.48 9.45
N ASP F 298 23.18 42.26 10.64
CA ASP F 298 21.72 42.35 10.84
C ASP F 298 21.17 43.75 10.55
N ALA F 299 21.97 44.80 10.75
CA ALA F 299 21.52 46.14 10.38
C ALA F 299 21.42 46.31 8.86
N ILE F 300 22.41 45.80 8.12
CA ILE F 300 22.39 45.86 6.66
C ILE F 300 21.11 45.24 6.12
N LEU F 301 20.81 44.02 6.57
CA LEU F 301 19.63 43.30 6.12
C LEU F 301 18.41 44.20 6.31
N LEU F 302 18.32 44.81 7.49
CA LEU F 302 17.22 45.71 7.79
C LEU F 302 17.44 47.10 7.23
N SER F 303 18.60 47.39 6.64
CA SER F 303 18.76 48.72 6.04
C SER F 303 17.86 48.88 4.83
N ASP F 304 17.85 47.89 3.92
CA ASP F 304 17.06 48.05 2.71
C ASP F 304 15.57 47.80 2.95
N ILE F 305 15.24 46.76 3.72
CA ILE F 305 13.85 46.33 3.83
C ILE F 305 13.01 47.22 4.76
N LEU F 306 13.56 47.66 5.89
CA LEU F 306 12.73 48.26 6.95
C LEU F 306 13.08 49.72 7.22
N ARG F 307 12.41 50.63 6.49
CA ARG F 307 12.55 52.07 6.66
C ARG F 307 11.64 52.57 7.79
N VAL F 308 12.16 52.62 9.01
CA VAL F 308 11.39 53.05 10.17
C VAL F 308 12.25 53.17 11.43
N ASN F 309 11.83 54.07 12.34
CA ASN F 309 12.39 54.20 13.68
C ASN F 309 12.11 52.93 14.49
N THR F 310 13.11 52.45 15.23
CA THR F 310 12.90 51.20 15.98
C THR F 310 12.70 51.43 17.46
N GLU F 311 12.81 52.69 17.91
CA GLU F 311 12.48 53.05 19.28
C GLU F 311 10.97 53.19 19.45
N ILE F 312 10.28 53.62 18.38
CA ILE F 312 8.84 53.82 18.48
C ILE F 312 8.12 52.48 18.64
N THR F 313 8.55 51.46 17.91
CA THR F 313 7.78 50.23 17.86
C THR F 313 8.72 49.03 17.82
N LYS F 314 8.20 47.89 18.29
CA LYS F 314 8.84 46.57 18.11
C LYS F 314 8.30 45.86 16.87
N ALA F 315 7.50 46.56 16.05
CA ALA F 315 6.95 46.06 14.79
C ALA F 315 7.29 47.05 13.68
N PRO F 316 8.56 47.07 13.24
CA PRO F 316 8.99 48.09 12.28
C PRO F 316 8.40 47.95 10.88
N LEU F 317 8.21 46.72 10.41
CA LEU F 317 7.71 46.52 9.04
C LEU F 317 6.30 47.06 8.89
N SER F 318 5.36 46.58 9.72
CA SER F 318 4.02 47.15 9.65
C SER F 318 4.09 48.65 9.86
N ALA F 319 5.05 49.09 10.69
CA ALA F 319 5.32 50.52 10.83
C ALA F 319 5.86 51.09 9.52
N SER F 320 6.67 50.31 8.81
CA SER F 320 7.10 50.72 7.47
C SER F 320 5.92 50.79 6.51
N MET F 321 4.91 49.92 6.70
CA MET F 321 3.68 49.98 5.91
C MET F 321 2.86 51.21 6.24
N ILE F 322 2.54 51.39 7.52
CA ILE F 322 1.69 52.50 7.95
C ILE F 322 2.27 53.82 7.48
N LYS F 323 3.59 53.95 7.54
CA LYS F 323 4.23 55.12 6.99
C LYS F 323 3.97 55.21 5.49
N ARG F 324 3.99 54.06 4.82
CA ARG F 324 3.78 54.03 3.37
C ARG F 324 2.39 54.52 2.96
N TYR F 325 1.36 54.13 3.72
CA TYR F 325 -0.02 54.51 3.38
C TYR F 325 -0.20 56.01 3.48
N ASP F 326 0.23 56.60 4.61
CA ASP F 326 0.15 58.05 4.76
C ASP F 326 0.95 58.71 3.65
N GLU F 327 2.05 58.10 3.25
CA GLU F 327 2.75 58.58 2.08
C GLU F 327 1.80 58.59 0.88
N HIS F 328 1.05 57.50 0.69
CA HIS F 328 0.10 57.38 -0.42
C HIS F 328 -0.97 58.46 -0.38
N HIS F 329 -1.61 58.63 0.77
CA HIS F 329 -2.69 59.62 0.88
C HIS F 329 -2.16 61.02 0.64
N GLN F 330 -1.09 61.40 1.34
CA GLN F 330 -0.50 62.72 1.16
C GLN F 330 -0.20 62.96 -0.31
N ASP F 331 0.49 62.01 -0.94
CA ASP F 331 0.86 62.18 -2.34
C ASP F 331 -0.37 62.18 -3.23
N LEU F 332 -1.38 61.39 -2.87
CA LEU F 332 -2.65 61.43 -3.59
C LEU F 332 -3.32 62.80 -3.44
N THR F 333 -3.44 63.29 -2.20
CA THR F 333 -4.23 64.49 -1.93
C THR F 333 -3.63 65.72 -2.58
N LEU F 334 -2.31 65.87 -2.46
CA LEU F 334 -1.64 66.91 -3.23
C LEU F 334 -1.89 66.75 -4.72
N LEU F 335 -1.87 65.51 -5.21
CA LEU F 335 -2.05 65.25 -6.63
C LEU F 335 -3.44 65.63 -7.11
N LYS F 336 -4.47 65.13 -6.42
CA LYS F 336 -5.84 65.45 -6.84
C LYS F 336 -6.03 66.95 -6.89
N ALA F 337 -5.47 67.65 -5.90
CA ALA F 337 -5.45 69.10 -5.94
C ALA F 337 -4.64 69.58 -7.13
N LEU F 338 -3.40 69.11 -7.24
CA LEU F 338 -2.53 69.55 -8.33
C LEU F 338 -3.18 69.25 -9.69
N VAL F 339 -3.91 68.14 -9.78
CA VAL F 339 -4.55 67.77 -11.03
C VAL F 339 -5.74 68.69 -11.34
N ARG F 340 -6.63 68.90 -10.37
CA ARG F 340 -7.80 69.77 -10.60
C ARG F 340 -7.38 71.20 -10.87
N GLN F 341 -6.39 71.69 -10.12
CA GLN F 341 -6.00 73.09 -10.18
C GLN F 341 -5.50 73.48 -11.58
N GLN F 342 -4.59 72.70 -12.13
CA GLN F 342 -3.93 73.07 -13.37
C GLN F 342 -4.36 72.26 -14.57
N LEU F 343 -4.67 70.97 -14.40
CA LEU F 343 -4.94 70.06 -15.51
C LEU F 343 -6.36 69.49 -15.43
N PRO F 344 -7.40 70.35 -15.41
CA PRO F 344 -8.76 69.85 -15.19
C PRO F 344 -9.38 69.28 -16.46
N GLU F 345 -8.55 68.91 -17.42
CA GLU F 345 -9.02 68.14 -18.57
C GLU F 345 -8.70 66.66 -18.42
N LYS F 346 -7.51 66.33 -17.90
CA LYS F 346 -7.12 64.95 -17.68
C LYS F 346 -7.67 64.38 -16.38
N TYR F 347 -8.11 65.23 -15.44
CA TYR F 347 -8.62 64.73 -14.17
C TYR F 347 -9.72 63.71 -14.41
N LYS F 348 -10.61 63.98 -15.38
CA LYS F 348 -11.62 62.99 -15.72
C LYS F 348 -10.96 61.71 -16.23
N GLU F 349 -9.96 61.84 -17.09
CA GLU F 349 -9.26 60.66 -17.59
C GLU F 349 -8.48 59.96 -16.50
N ILE F 350 -7.87 60.72 -15.59
CA ILE F 350 -6.92 60.13 -14.64
C ILE F 350 -7.66 59.30 -13.58
N PHE F 351 -8.77 59.81 -13.05
CA PHE F 351 -9.43 59.20 -11.88
C PHE F 351 -10.72 58.44 -12.20
N PHE F 352 -11.21 58.48 -13.45
CA PHE F 352 -12.45 57.80 -13.83
C PHE F 352 -12.33 56.83 -14.99
N ASP F 353 -11.30 56.95 -15.84
CA ASP F 353 -11.18 56.15 -17.06
C ASP F 353 -10.36 54.90 -16.73
N GLN F 354 -11.05 53.75 -16.67
CA GLN F 354 -10.38 52.50 -16.29
C GLN F 354 -9.46 51.98 -17.39
N SER F 355 -9.85 52.12 -18.66
CA SER F 355 -9.06 51.49 -19.71
C SER F 355 -7.72 52.20 -19.91
N LYS F 356 -7.68 53.50 -19.65
CA LYS F 356 -6.42 54.20 -19.84
C LYS F 356 -5.64 54.15 -18.53
N ASN F 357 -4.34 54.37 -18.62
CA ASN F 357 -3.44 54.21 -17.48
C ASN F 357 -3.57 55.35 -16.46
N GLY F 358 -4.81 55.74 -16.18
CA GLY F 358 -5.05 56.67 -15.10
C GLY F 358 -5.11 55.98 -13.75
N TYR F 359 -5.32 56.80 -12.71
CA TYR F 359 -5.32 56.29 -11.34
C TYR F 359 -6.30 55.13 -11.15
N ALA F 360 -7.50 55.21 -11.76
CA ALA F 360 -8.42 54.10 -11.71
C ALA F 360 -7.84 52.88 -12.40
N GLY F 361 -7.11 53.09 -13.48
CA GLY F 361 -6.40 51.99 -14.09
C GLY F 361 -5.36 51.41 -13.15
N TYR F 362 -4.74 52.27 -12.34
CA TYR F 362 -3.78 51.78 -11.34
C TYR F 362 -4.49 50.97 -10.24
N ILE F 363 -5.61 51.48 -9.70
CA ILE F 363 -6.31 50.80 -8.62
C ILE F 363 -7.27 49.74 -9.14
N ASP F 364 -8.33 50.19 -9.82
CA ASP F 364 -9.42 49.30 -10.24
C ASP F 364 -9.15 48.61 -11.58
N GLY F 365 -8.35 49.23 -12.45
CA GLY F 365 -8.02 48.65 -13.74
C GLY F 365 -6.83 47.71 -13.67
N GLY F 366 -6.45 47.19 -14.85
CA GLY F 366 -5.36 46.23 -14.93
C GLY F 366 -3.98 46.75 -15.31
N ALA F 367 -3.46 47.74 -14.58
CA ALA F 367 -2.19 48.35 -14.88
C ALA F 367 -1.23 48.14 -13.73
N SER F 368 0.00 47.74 -14.04
CA SER F 368 0.98 47.54 -12.99
C SER F 368 1.56 48.89 -12.58
N GLN F 369 2.21 48.89 -11.41
CA GLN F 369 2.82 50.12 -10.89
C GLN F 369 3.78 50.71 -11.91
N GLU F 370 4.55 49.87 -12.60
CA GLU F 370 5.46 50.35 -13.61
C GLU F 370 4.70 50.83 -14.86
N GLU F 371 3.59 50.17 -15.20
CA GLU F 371 2.80 50.60 -16.35
C GLU F 371 2.18 51.97 -16.08
N PHE F 372 1.81 52.21 -14.83
CA PHE F 372 1.20 53.48 -14.43
C PHE F 372 2.15 54.68 -14.55
N TYR F 373 3.43 54.51 -14.16
CA TYR F 373 4.39 55.63 -14.14
C TYR F 373 4.65 56.22 -15.53
N LYS F 374 4.77 55.37 -16.56
CA LYS F 374 5.15 55.90 -17.86
C LYS F 374 4.12 56.90 -18.39
N PHE F 375 2.82 56.61 -18.20
CA PHE F 375 1.72 57.45 -18.68
C PHE F 375 1.65 58.81 -18.00
N ILE F 376 2.11 58.89 -16.76
CA ILE F 376 1.93 60.10 -15.96
C ILE F 376 3.05 61.13 -16.16
N LYS F 377 4.22 60.72 -16.66
CA LYS F 377 5.28 61.69 -16.92
C LYS F 377 4.89 62.73 -17.97
N PRO F 378 4.14 62.42 -19.05
CA PRO F 378 3.69 63.50 -19.97
C PRO F 378 2.79 64.51 -19.30
N ILE F 379 1.81 64.06 -18.52
CA ILE F 379 0.95 64.97 -17.77
C ILE F 379 1.79 65.76 -16.77
N LEU F 380 2.80 65.11 -16.18
CA LEU F 380 3.66 65.71 -15.15
C LEU F 380 4.36 66.96 -15.64
N GLU F 381 4.82 66.94 -16.88
CA GLU F 381 5.71 67.98 -17.38
C GLU F 381 4.92 69.17 -17.93
N LYS F 382 3.59 69.08 -18.02
CA LYS F 382 2.72 70.20 -18.38
C LYS F 382 2.19 70.96 -17.17
N MET F 383 2.28 70.37 -15.98
CA MET F 383 1.91 71.01 -14.74
C MET F 383 3.19 71.47 -14.06
N ASP F 384 3.09 72.49 -13.20
CA ASP F 384 4.26 73.16 -12.64
C ASP F 384 4.37 73.02 -11.12
N GLY F 385 5.61 72.98 -10.66
CA GLY F 385 5.91 72.85 -9.24
C GLY F 385 5.90 71.44 -8.72
N THR F 386 5.92 70.44 -9.62
CA THR F 386 5.82 69.03 -9.25
C THR F 386 7.18 68.34 -9.33
N GLU F 387 8.14 68.88 -8.59
CA GLU F 387 9.49 68.32 -8.54
C GLU F 387 9.66 67.26 -7.46
N GLU F 388 9.16 67.51 -6.25
CA GLU F 388 9.14 66.43 -5.27
C GLU F 388 8.34 65.24 -5.77
N LEU F 389 7.47 65.44 -6.76
CA LEU F 389 6.79 64.33 -7.41
C LEU F 389 7.66 63.72 -8.51
N LEU F 390 8.53 64.54 -9.13
CA LEU F 390 9.48 64.03 -10.12
C LEU F 390 10.59 63.16 -9.49
N VAL F 391 11.16 63.58 -8.37
CA VAL F 391 12.12 62.73 -7.66
C VAL F 391 11.44 61.47 -7.17
N LYS F 392 10.14 61.55 -6.85
CA LYS F 392 9.35 60.38 -6.48
C LYS F 392 9.16 59.41 -7.66
N LEU F 393 9.34 59.89 -8.90
CA LEU F 393 9.32 59.03 -10.07
C LEU F 393 10.69 58.38 -10.32
N ASN F 394 11.78 59.13 -10.25
CA ASN F 394 13.10 58.51 -10.33
C ASN F 394 13.33 57.57 -9.14
N ARG F 395 12.83 57.95 -7.96
CA ARG F 395 12.82 57.03 -6.82
C ARG F 395 11.90 55.83 -7.03
N GLU F 396 10.94 55.92 -7.95
CA GLU F 396 9.95 54.87 -8.23
C GLU F 396 9.04 54.64 -7.03
N ASP F 397 8.91 55.66 -6.18
CA ASP F 397 8.05 55.68 -5.01
C ASP F 397 7.01 56.80 -5.15
N LEU F 398 5.91 56.49 -5.82
CA LEU F 398 4.74 57.37 -5.86
C LEU F 398 3.52 56.51 -5.71
N LEU F 399 2.79 56.71 -4.62
CA LEU F 399 1.55 55.99 -4.40
C LEU F 399 1.79 54.47 -4.30
N ARG F 400 2.80 54.09 -3.53
CA ARG F 400 3.08 52.67 -3.38
C ARG F 400 1.90 52.01 -2.68
N LYS F 401 1.42 50.93 -3.26
CA LYS F 401 0.47 50.14 -2.52
C LYS F 401 1.24 49.43 -1.41
N GLN F 402 0.50 48.99 -0.42
CA GLN F 402 1.15 48.24 0.63
C GLN F 402 1.57 46.87 0.11
N ARG F 403 0.78 46.30 -0.78
CA ARG F 403 1.10 45.02 -1.40
C ARG F 403 1.71 45.28 -2.77
N THR F 404 2.98 44.91 -2.92
CA THR F 404 3.73 45.09 -4.15
C THR F 404 4.69 43.92 -4.33
N PHE F 405 5.41 43.99 -5.45
CA PHE F 405 6.22 42.87 -5.89
C PHE F 405 7.57 42.71 -5.18
N ASP F 406 8.22 43.80 -4.73
CA ASP F 406 9.52 43.64 -4.06
C ASP F 406 9.40 43.14 -2.63
N ASN F 407 8.18 42.96 -2.14
CA ASN F 407 7.91 42.50 -0.78
C ASN F 407 8.43 41.08 -0.55
N GLY F 408 9.02 40.46 -1.58
CA GLY F 408 9.66 39.19 -1.35
C GLY F 408 10.89 39.33 -0.47
N SER F 409 11.44 40.54 -0.38
CA SER F 409 12.55 40.90 0.51
C SER F 409 12.21 40.84 1.99
N ILE F 410 10.96 40.60 2.33
CA ILE F 410 10.56 40.44 3.72
C ILE F 410 11.01 39.07 4.22
N PRO F 411 11.83 39.01 5.27
CA PRO F 411 12.15 37.71 5.90
C PRO F 411 11.10 37.26 6.89
N HIS F 412 10.97 35.94 7.05
CA HIS F 412 9.91 35.43 7.91
C HIS F 412 10.06 35.93 9.34
N GLN F 413 11.28 36.28 9.73
CA GLN F 413 11.56 36.71 11.10
C GLN F 413 10.85 38.02 11.43
N ILE F 414 10.83 38.97 10.50
CA ILE F 414 10.21 40.27 10.77
C ILE F 414 8.73 40.11 11.06
N HIS F 415 8.06 39.25 10.28
CA HIS F 415 6.70 38.86 10.61
C HIS F 415 6.68 38.10 11.92
N LEU F 416 7.60 37.14 12.08
CA LEU F 416 7.70 36.42 13.36
C LEU F 416 8.04 37.36 14.50
N GLY F 417 8.92 38.35 14.28
CA GLY F 417 9.23 39.30 15.32
C GLY F 417 8.02 40.12 15.73
N GLU F 418 7.25 40.57 14.75
CA GLU F 418 6.00 41.27 15.04
C GLU F 418 4.95 40.35 15.62
N LEU F 419 4.83 39.13 15.07
CA LEU F 419 3.85 38.17 15.56
C LEU F 419 4.09 37.80 17.03
N HIS F 420 5.36 37.50 17.40
CA HIS F 420 5.65 37.20 18.80
C HIS F 420 5.46 38.44 19.68
N ALA F 421 5.95 39.61 19.22
CA ALA F 421 5.84 40.83 20.02
C ALA F 421 4.38 41.17 20.32
N ILE F 422 3.52 41.03 19.33
CA ILE F 422 2.08 41.13 19.56
C ILE F 422 1.60 40.03 20.49
N LEU F 423 2.14 38.81 20.33
CA LEU F 423 1.62 37.66 21.07
C LEU F 423 1.74 37.83 22.59
N ARG F 424 2.88 38.30 23.10
CA ARG F 424 3.17 38.21 24.54
C ARG F 424 2.24 39.07 25.40
N ARG F 425 1.83 40.24 24.89
CA ARG F 425 1.01 41.15 25.69
C ARG F 425 -0.36 40.57 26.03
N GLN F 426 -1.05 39.99 25.04
CA GLN F 426 -2.47 39.71 25.21
C GLN F 426 -2.76 38.31 25.76
N GLU F 427 -1.72 37.49 25.97
CA GLU F 427 -1.92 36.15 26.53
C GLU F 427 -2.42 36.24 27.96
N ASP F 428 -2.05 37.32 28.65
CA ASP F 428 -2.60 37.62 29.97
C ASP F 428 -4.12 37.66 29.91
N PHE F 429 -4.66 38.25 28.85
CA PHE F 429 -6.10 38.49 28.77
C PHE F 429 -6.83 37.20 28.42
N TYR F 430 -6.24 36.38 27.56
CA TYR F 430 -6.85 35.17 27.04
C TYR F 430 -5.99 33.95 27.36
N PRO F 431 -6.54 32.96 28.08
CA PRO F 431 -5.72 31.81 28.54
C PRO F 431 -5.10 31.00 27.42
N PHE F 432 -5.81 30.84 26.30
CA PHE F 432 -5.34 29.98 25.21
C PHE F 432 -4.06 30.53 24.58
N LEU F 433 -3.89 31.86 24.57
CA LEU F 433 -2.69 32.45 23.98
C LEU F 433 -1.43 32.06 24.76
N LYS F 434 -1.46 32.11 26.09
CA LYS F 434 -0.25 31.78 26.84
C LYS F 434 0.11 30.29 26.73
N ASP F 435 -0.87 29.40 26.95
CA ASP F 435 -0.62 27.96 26.97
C ASP F 435 -0.23 27.42 25.59
N ASN F 436 -0.95 27.85 24.54
CA ASN F 436 -0.71 27.44 23.15
C ASN F 436 0.18 28.42 22.40
N ARG F 437 0.86 29.32 23.10
CA ARG F 437 1.75 30.27 22.45
C ARG F 437 2.82 29.55 21.61
N GLU F 438 3.37 28.46 22.16
CA GLU F 438 4.38 27.69 21.42
C GLU F 438 3.79 27.07 20.15
N LYS F 439 2.58 26.52 20.23
CA LYS F 439 1.98 25.79 19.10
C LYS F 439 1.82 26.69 17.86
N ILE F 440 1.41 27.94 18.07
CA ILE F 440 1.23 28.92 16.98
C ILE F 440 2.59 29.38 16.43
N GLU F 441 3.57 29.55 17.32
CA GLU F 441 4.89 29.93 16.88
C GLU F 441 5.48 28.91 15.89
N LYS F 442 5.18 27.61 16.10
CA LYS F 442 5.57 26.56 15.16
C LYS F 442 4.76 26.61 13.87
N ILE F 443 3.52 27.14 13.91
CA ILE F 443 2.70 27.25 12.70
C ILE F 443 3.32 28.20 11.69
N LEU F 444 3.71 29.40 12.13
CA LEU F 444 4.28 30.33 11.14
C LEU F 444 5.67 29.93 10.69
N THR F 445 6.51 29.44 11.60
CA THR F 445 7.93 29.35 11.24
C THR F 445 8.31 28.05 10.54
N PHE F 446 7.53 26.97 10.69
CA PHE F 446 8.00 25.71 10.15
C PHE F 446 8.11 25.82 8.64
N ARG F 447 9.10 25.13 8.09
CA ARG F 447 9.37 25.05 6.66
C ARG F 447 9.75 23.61 6.39
N ILE F 448 9.09 22.96 5.44
CA ILE F 448 9.43 21.56 5.22
C ILE F 448 10.90 21.47 4.81
N PRO F 449 11.70 20.65 5.48
CA PRO F 449 13.11 20.54 5.09
C PRO F 449 13.21 19.82 3.75
N TYR F 450 14.05 20.34 2.85
CA TYR F 450 14.04 19.80 1.49
C TYR F 450 14.35 18.32 1.48
N TYR F 451 15.37 17.89 2.23
CA TYR F 451 15.75 16.48 2.19
C TYR F 451 14.57 15.57 2.55
N VAL F 452 13.56 16.08 3.24
CA VAL F 452 12.41 15.27 3.64
C VAL F 452 11.46 15.04 2.46
N GLY F 453 11.16 16.09 1.70
CA GLY F 453 10.20 15.99 0.63
C GLY F 453 8.75 16.02 1.07
N PRO F 454 7.86 15.73 0.12
CA PRO F 454 6.43 15.67 0.45
C PRO F 454 6.11 14.48 1.37
N LEU F 455 5.26 14.74 2.34
CA LEU F 455 4.93 13.79 3.40
C LEU F 455 3.87 12.79 2.93
N ALA F 456 4.29 11.62 2.50
CA ALA F 456 3.36 10.72 1.83
C ALA F 456 3.00 9.56 2.75
N ARG F 457 2.06 8.75 2.28
CA ARG F 457 1.72 7.47 2.89
C ARG F 457 1.79 6.47 1.73
N GLY F 458 3.00 6.31 1.19
CA GLY F 458 3.23 5.40 0.08
C GLY F 458 2.45 5.77 -1.16
N ASN F 459 1.84 6.97 -1.18
CA ASN F 459 0.89 7.37 -2.23
C ASN F 459 1.37 8.57 -3.03
N SER F 460 2.65 8.92 -2.96
CA SER F 460 3.21 9.99 -3.78
C SER F 460 4.45 9.54 -4.52
N ARG F 461 4.45 9.69 -5.83
CA ARG F 461 5.64 9.34 -6.60
C ARG F 461 6.86 10.12 -6.14
N PHE F 462 6.72 11.41 -5.88
CA PHE F 462 7.91 12.26 -5.67
C PHE F 462 8.56 12.11 -4.31
N ALA F 463 7.78 11.71 -3.30
CA ALA F 463 8.25 11.70 -1.93
C ALA F 463 9.29 10.60 -1.70
N TRP F 464 10.22 10.84 -0.78
CA TRP F 464 11.16 9.80 -0.40
C TRP F 464 11.34 9.57 1.11
N MET F 465 10.66 10.32 1.96
CA MET F 465 10.93 10.15 3.38
C MET F 465 10.30 8.84 3.90
N THR F 466 10.79 8.41 5.06
CA THR F 466 10.30 7.24 5.78
C THR F 466 9.81 7.69 7.14
N ARG F 467 8.83 6.97 7.68
CA ARG F 467 8.13 7.37 8.91
C ARG F 467 8.34 6.35 10.02
N LYS F 468 8.54 6.84 11.26
CA LYS F 468 8.68 6.01 12.45
C LYS F 468 7.33 5.52 12.99
N SER F 469 6.32 6.39 13.05
CA SER F 469 5.00 6.01 13.53
C SER F 469 3.94 6.34 12.48
N GLU F 470 2.97 5.43 12.31
CA GLU F 470 1.91 5.57 11.31
C GLU F 470 0.86 6.60 11.73
N GLU F 471 1.28 7.63 12.45
CA GLU F 471 0.40 8.68 12.96
C GLU F 471 0.44 9.90 12.06
N THR F 472 -0.56 10.76 12.24
CA THR F 472 -0.70 11.97 11.44
C THR F 472 0.42 12.97 11.73
N ILE F 473 0.97 13.57 10.68
CA ILE F 473 2.16 14.42 10.75
C ILE F 473 1.69 15.87 10.63
N THR F 474 2.03 16.66 11.62
CA THR F 474 1.75 18.09 11.68
C THR F 474 3.05 18.79 12.03
N PRO F 475 3.11 20.12 11.98
CA PRO F 475 4.40 20.78 12.23
C PRO F 475 5.01 20.50 13.59
N TRP F 476 4.21 20.16 14.61
CA TRP F 476 4.75 20.02 15.96
C TRP F 476 5.22 18.62 16.29
N ASN F 477 4.67 17.59 15.63
CA ASN F 477 5.01 16.21 15.98
C ASN F 477 6.01 15.60 15.01
N PHE F 478 6.67 16.42 14.20
CA PHE F 478 7.59 15.88 13.22
C PHE F 478 8.68 15.08 13.91
N GLU F 479 9.20 15.60 15.01
CA GLU F 479 10.40 15.06 15.60
C GLU F 479 10.22 13.60 15.97
N GLU F 480 9.06 13.27 16.55
CA GLU F 480 8.75 11.89 16.91
C GLU F 480 8.36 11.03 15.71
N VAL F 481 7.74 11.60 14.67
CA VAL F 481 7.13 10.73 13.66
C VAL F 481 8.13 10.30 12.60
N VAL F 482 8.94 11.23 12.08
CA VAL F 482 9.87 10.91 11.00
C VAL F 482 11.30 11.33 11.35
N ASP F 483 12.25 10.42 11.05
CA ASP F 483 13.69 10.61 11.25
C ASP F 483 14.30 11.30 10.04
N LYS F 484 14.57 12.60 10.20
CA LYS F 484 15.03 13.44 9.10
C LYS F 484 16.28 12.87 8.43
N GLY F 485 17.25 12.43 9.24
CA GLY F 485 18.47 11.88 8.67
C GLY F 485 18.20 10.66 7.81
N ALA F 486 17.54 9.66 8.39
CA ALA F 486 17.28 8.42 7.63
C ALA F 486 16.51 8.70 6.34
N SER F 487 15.64 9.72 6.32
CA SER F 487 15.10 10.20 5.05
C SER F 487 16.15 10.94 4.23
N ALA F 488 16.92 11.85 4.86
CA ALA F 488 17.92 12.64 4.12
C ALA F 488 18.97 11.77 3.46
N GLN F 489 19.22 10.57 4.00
CA GLN F 489 20.07 9.58 3.35
C GLN F 489 19.37 9.02 2.10
N SER F 490 18.12 8.58 2.28
CA SER F 490 17.28 8.11 1.19
C SER F 490 17.19 9.18 0.10
N PHE F 491 17.31 10.46 0.49
CA PHE F 491 17.18 11.56 -0.46
C PHE F 491 18.28 11.58 -1.52
N ILE F 492 19.55 11.66 -1.11
CA ILE F 492 20.59 11.62 -2.13
C ILE F 492 20.74 10.21 -2.65
N GLU F 493 20.57 9.21 -1.81
CA GLU F 493 20.74 7.83 -2.29
C GLU F 493 19.79 7.50 -3.44
N ARG F 494 18.67 8.22 -3.55
CA ARG F 494 17.78 8.07 -4.69
C ARG F 494 18.29 8.81 -5.92
N MET F 495 19.22 9.75 -5.75
CA MET F 495 19.86 10.41 -6.88
C MET F 495 21.30 9.96 -7.18
N THR F 496 21.93 9.15 -6.36
CA THR F 496 23.26 8.70 -6.71
C THR F 496 23.14 7.56 -7.69
N ASN F 497 24.08 7.53 -8.62
CA ASN F 497 24.09 6.50 -9.65
C ASN F 497 24.31 5.11 -9.01
N PHE F 498 23.88 4.06 -9.71
CA PHE F 498 24.13 2.71 -9.29
C PHE F 498 25.31 2.16 -10.07
N ASP F 499 25.73 0.96 -9.73
CA ASP F 499 26.91 0.41 -10.41
C ASP F 499 26.51 -0.19 -11.75
N LYS F 500 27.25 0.20 -12.78
CA LYS F 500 26.99 -0.31 -14.11
C LYS F 500 27.19 -1.83 -14.16
N ASN F 501 28.24 -2.33 -13.50
CA ASN F 501 28.54 -3.77 -13.46
C ASN F 501 27.54 -4.55 -12.60
N LEU F 502 27.14 -4.00 -11.44
CA LEU F 502 26.19 -4.64 -10.54
C LEU F 502 25.07 -3.66 -10.25
N PRO F 503 24.01 -3.65 -11.05
CA PRO F 503 22.97 -2.61 -10.91
C PRO F 503 22.07 -2.80 -9.70
N ASN F 504 22.46 -3.71 -8.83
CA ASN F 504 21.81 -3.98 -7.55
C ASN F 504 22.44 -3.18 -6.44
N GLU F 505 23.72 -2.84 -6.59
CA GLU F 505 24.47 -2.20 -5.52
C GLU F 505 24.78 -0.73 -5.83
N LYS F 506 24.70 0.10 -4.80
CA LYS F 506 24.95 1.54 -4.87
C LYS F 506 26.42 1.85 -4.98
N VAL F 507 26.72 2.95 -5.69
CA VAL F 507 28.10 3.45 -5.79
C VAL F 507 28.61 3.91 -4.43
N LEU F 508 29.84 3.55 -4.11
CA LEU F 508 30.47 3.96 -2.87
C LEU F 508 31.04 5.37 -3.03
N PRO F 509 31.22 6.08 -1.92
CA PRO F 509 31.68 7.48 -1.99
C PRO F 509 33.01 7.62 -2.69
N LYS F 510 33.27 8.82 -3.17
CA LYS F 510 34.50 9.13 -3.89
C LYS F 510 35.74 9.04 -3.01
N HIS F 511 35.63 9.39 -1.74
CA HIS F 511 36.79 9.34 -0.86
C HIS F 511 36.87 8.04 -0.03
N SER F 512 35.97 7.06 -0.26
CA SER F 512 36.02 5.82 0.51
C SER F 512 37.38 5.15 0.37
N LEU F 513 37.84 4.55 1.46
CA LEU F 513 39.18 3.98 1.51
C LEU F 513 39.35 2.84 0.52
N LEU F 514 38.30 2.01 0.35
CA LEU F 514 38.40 0.86 -0.52
C LEU F 514 38.56 1.30 -1.98
N TYR F 515 37.90 2.40 -2.35
CA TYR F 515 38.03 3.02 -3.67
C TYR F 515 39.45 3.56 -3.88
N GLU F 516 40.04 4.08 -2.80
CA GLU F 516 41.39 4.61 -2.84
C GLU F 516 42.40 3.48 -2.98
N TYR F 517 42.20 2.41 -2.21
CA TYR F 517 43.06 1.25 -2.33
C TYR F 517 42.90 0.61 -3.71
N PHE F 518 41.66 0.43 -4.14
CA PHE F 518 41.40 -0.18 -5.43
C PHE F 518 42.13 0.57 -6.53
N THR F 519 42.11 1.91 -6.49
CA THR F 519 42.70 2.68 -7.59
C THR F 519 44.22 2.63 -7.58
N VAL F 520 44.82 2.50 -6.40
CA VAL F 520 46.27 2.33 -6.34
C VAL F 520 46.67 0.97 -6.90
N TYR F 521 46.05 -0.12 -6.41
CA TYR F 521 46.37 -1.45 -6.91
C TYR F 521 46.08 -1.54 -8.41
N ASN F 522 45.13 -0.75 -8.88
CA ASN F 522 44.88 -0.65 -10.31
C ASN F 522 46.02 0.07 -11.02
N GLU F 523 46.54 1.14 -10.42
CA GLU F 523 47.64 1.87 -11.04
C GLU F 523 48.99 1.22 -10.82
N LEU F 524 49.15 0.42 -9.77
CA LEU F 524 50.44 -0.20 -9.46
C LEU F 524 50.68 -1.42 -10.35
N THR F 525 49.62 -2.18 -10.62
CA THR F 525 49.69 -3.37 -11.46
C THR F 525 50.23 -3.07 -12.86
N LYS F 526 49.98 -1.87 -13.39
CA LYS F 526 50.44 -1.49 -14.72
C LYS F 526 51.82 -0.80 -14.71
N VAL F 527 52.66 -1.10 -13.71
CA VAL F 527 54.04 -0.59 -13.63
C VAL F 527 55.05 -1.69 -13.93
N LYS F 528 55.89 -1.46 -14.93
CA LYS F 528 57.06 -2.28 -15.19
C LYS F 528 58.30 -1.42 -14.95
N TYR F 529 59.37 -2.05 -14.46
CA TYR F 529 60.62 -1.36 -14.16
C TYR F 529 61.77 -1.93 -14.99
N VAL F 530 62.56 -1.03 -15.60
CA VAL F 530 63.67 -1.38 -16.47
C VAL F 530 64.96 -0.91 -15.80
N THR F 531 65.93 -1.82 -15.65
CA THR F 531 67.22 -1.55 -15.02
C THR F 531 68.32 -2.24 -15.81
N GLU F 532 69.57 -1.89 -15.49
CA GLU F 532 70.71 -2.49 -16.16
C GLU F 532 70.84 -3.99 -15.83
N GLY F 533 70.47 -4.37 -14.60
CA GLY F 533 70.64 -5.76 -14.17
C GLY F 533 69.78 -6.79 -14.89
N MET F 534 68.50 -6.45 -15.14
CA MET F 534 67.57 -7.34 -15.80
C MET F 534 67.65 -7.11 -17.31
N ARG F 535 67.58 -8.18 -18.09
CA ARG F 535 67.65 -8.01 -19.55
C ARG F 535 66.41 -7.29 -20.09
N LYS F 536 65.23 -7.72 -19.68
CA LYS F 536 63.96 -7.25 -20.22
C LYS F 536 62.99 -6.88 -19.10
N PRO F 537 62.11 -5.90 -19.36
CA PRO F 537 61.22 -5.42 -18.30
C PRO F 537 60.25 -6.49 -17.79
N ALA F 538 60.03 -6.46 -16.47
CA ALA F 538 59.14 -7.37 -15.79
C ALA F 538 58.20 -6.59 -14.88
N PHE F 539 56.96 -7.05 -14.77
CA PHE F 539 55.99 -6.49 -13.85
C PHE F 539 56.47 -6.71 -12.40
N LEU F 540 55.95 -5.90 -11.47
CA LEU F 540 56.21 -6.15 -10.06
C LEU F 540 55.62 -7.48 -9.61
N SER F 541 56.32 -8.14 -8.68
CA SER F 541 55.85 -9.40 -8.16
C SER F 541 54.84 -9.18 -7.02
N GLY F 542 54.14 -10.26 -6.64
CA GLY F 542 53.01 -10.13 -5.72
C GLY F 542 53.39 -9.51 -4.39
N GLU F 543 54.57 -9.84 -3.89
CA GLU F 543 55.07 -9.28 -2.64
C GLU F 543 55.37 -7.79 -2.78
N GLN F 544 56.03 -7.39 -3.88
CA GLN F 544 56.54 -6.02 -4.04
C GLN F 544 55.43 -4.98 -4.04
N LYS F 545 54.33 -5.25 -4.77
CA LYS F 545 53.21 -4.33 -4.83
C LYS F 545 52.65 -4.04 -3.43
N LYS F 546 52.44 -5.10 -2.65
CA LYS F 546 51.88 -4.96 -1.32
C LYS F 546 52.83 -4.25 -0.36
N ALA F 547 54.14 -4.32 -0.60
CA ALA F 547 55.09 -3.61 0.25
C ALA F 547 55.04 -2.09 0.03
N ILE F 548 55.10 -1.64 -1.23
CA ILE F 548 55.26 -0.21 -1.53
C ILE F 548 54.11 0.58 -0.92
N VAL F 549 52.89 0.04 -1.02
CA VAL F 549 51.72 0.73 -0.46
C VAL F 549 51.97 1.05 1.01
N ASP F 550 52.50 0.08 1.75
CA ASP F 550 52.79 0.29 3.18
C ASP F 550 53.91 1.31 3.39
N LEU F 551 54.95 1.27 2.54
CA LEU F 551 56.10 2.17 2.72
C LEU F 551 55.79 3.58 2.27
N LEU F 552 55.24 3.75 1.09
CA LEU F 552 55.19 5.09 0.53
C LEU F 552 53.78 5.64 0.34
N PHE F 553 52.77 4.79 0.14
CA PHE F 553 51.41 5.28 -0.11
C PHE F 553 50.65 5.58 1.17
N LYS F 554 50.76 4.70 2.17
CA LYS F 554 50.17 4.98 3.47
C LYS F 554 50.90 6.10 4.19
N THR F 555 52.20 6.27 3.90
CA THR F 555 53.04 7.26 4.56
C THR F 555 52.90 8.67 3.98
N ASN F 556 52.74 8.80 2.66
CA ASN F 556 52.70 10.12 2.01
C ASN F 556 51.54 10.22 1.03
N ARG F 557 51.01 11.44 0.90
CA ARG F 557 49.84 11.72 0.07
C ARG F 557 50.12 11.47 -1.40
N LYS F 558 51.15 12.13 -1.93
CA LYS F 558 51.57 11.92 -3.30
C LYS F 558 52.94 11.22 -3.25
N VAL F 559 53.13 10.25 -4.13
CA VAL F 559 54.35 9.46 -4.22
C VAL F 559 54.97 9.79 -5.57
N THR F 560 56.05 10.56 -5.56
CA THR F 560 56.72 10.89 -6.81
C THR F 560 57.53 9.70 -7.31
N VAL F 561 57.77 9.69 -8.61
CA VAL F 561 58.59 8.62 -9.19
C VAL F 561 59.95 8.61 -8.52
N LYS F 562 60.50 9.81 -8.28
CA LYS F 562 61.80 9.95 -7.64
C LYS F 562 61.78 9.40 -6.21
N GLN F 563 60.65 9.54 -5.51
CA GLN F 563 60.49 8.83 -4.24
C GLN F 563 60.46 7.32 -4.43
N LEU F 564 59.74 6.83 -5.46
CA LEU F 564 59.66 5.38 -5.67
C LEU F 564 60.98 4.81 -6.19
N LYS F 565 61.61 5.48 -7.16
CA LYS F 565 62.87 5.01 -7.72
C LYS F 565 64.02 5.10 -6.72
N GLU F 566 64.08 6.19 -5.95
CA GLU F 566 65.12 6.39 -4.94
C GLU F 566 64.82 5.72 -3.58
N ASP F 567 63.65 5.95 -3.01
CA ASP F 567 63.40 5.43 -1.67
C ASP F 567 63.08 3.94 -1.64
N TYR F 568 62.47 3.38 -2.69
CA TYR F 568 62.20 1.94 -2.59
C TYR F 568 63.21 1.11 -3.37
N PHE F 569 63.42 1.40 -4.66
CA PHE F 569 64.33 0.58 -5.46
C PHE F 569 65.77 0.67 -4.96
N LYS F 570 66.25 1.88 -4.68
CA LYS F 570 67.64 2.09 -4.25
C LYS F 570 67.89 1.62 -2.82
N LYS F 571 66.98 1.94 -1.89
CA LYS F 571 67.16 1.59 -0.48
C LYS F 571 66.88 0.12 -0.18
N ILE F 572 65.85 -0.48 -0.80
CA ILE F 572 65.41 -1.82 -0.44
C ILE F 572 65.82 -2.88 -1.47
N GLU F 573 65.76 -2.57 -2.76
CA GLU F 573 66.15 -3.50 -3.83
C GLU F 573 67.55 -3.26 -4.35
N CYS F 574 68.23 -2.24 -3.84
CA CYS F 574 69.64 -2.00 -4.12
C CYS F 574 69.93 -1.80 -5.62
N PHE F 575 69.03 -1.11 -6.31
CA PHE F 575 69.33 -0.55 -7.63
C PHE F 575 69.65 0.93 -7.46
N ASP F 576 70.82 1.33 -7.88
CA ASP F 576 71.19 2.72 -7.65
C ASP F 576 70.58 3.64 -8.70
N SER F 577 70.33 3.13 -9.91
CA SER F 577 69.65 3.86 -10.97
C SER F 577 68.74 2.90 -11.75
N VAL F 578 67.60 3.42 -12.22
CA VAL F 578 66.57 2.59 -12.83
C VAL F 578 65.64 3.49 -13.66
N GLU F 579 64.91 2.88 -14.62
CA GLU F 579 63.88 3.54 -15.41
C GLU F 579 62.59 2.73 -15.30
N ILE F 580 61.47 3.42 -15.09
CA ILE F 580 60.18 2.80 -14.80
C ILE F 580 59.24 3.01 -15.98
N SER F 581 58.61 1.93 -16.44
CA SER F 581 57.73 2.00 -17.59
C SER F 581 56.32 2.44 -17.23
N GLY F 582 55.81 2.01 -16.07
CA GLY F 582 54.38 2.15 -15.80
C GLY F 582 53.93 3.58 -15.54
N VAL F 583 54.69 4.34 -14.75
CA VAL F 583 54.22 5.59 -14.16
C VAL F 583 54.42 6.76 -15.11
N GLU F 584 53.77 7.89 -14.81
CA GLU F 584 53.77 9.10 -15.61
C GLU F 584 54.99 10.00 -15.30
N ASP F 585 55.07 10.53 -14.06
CA ASP F 585 56.00 11.57 -13.63
C ASP F 585 55.82 11.74 -12.13
N ARG F 586 54.61 11.48 -11.68
CA ARG F 586 54.22 11.41 -10.27
C ARG F 586 53.12 10.35 -10.23
N PHE F 587 52.80 9.85 -9.05
CA PHE F 587 51.78 8.83 -9.00
C PHE F 587 50.38 9.44 -9.01
N ASN F 588 49.59 9.03 -10.02
CA ASN F 588 48.25 9.56 -10.22
C ASN F 588 47.32 9.14 -9.07
N ALA F 589 47.42 7.89 -8.61
CA ALA F 589 46.60 7.44 -7.50
C ALA F 589 47.18 7.92 -6.18
N SER F 590 46.31 7.98 -5.18
CA SER F 590 46.75 8.46 -3.88
C SER F 590 45.84 7.85 -2.83
N LEU F 591 46.33 7.81 -1.60
CA LEU F 591 45.53 7.36 -0.45
C LEU F 591 45.09 8.55 0.40
N GLY F 592 44.45 9.54 -0.24
CA GLY F 592 44.16 10.82 0.42
C GLY F 592 43.27 10.71 1.65
N THR F 593 42.32 9.77 1.65
CA THR F 593 41.47 9.54 2.81
C THR F 593 42.26 8.96 3.99
N TYR F 594 43.29 8.15 3.70
CA TYR F 594 44.13 7.56 4.75
C TYR F 594 44.82 8.65 5.58
N HIS F 595 45.43 9.64 4.92
CA HIS F 595 46.23 10.65 5.61
C HIS F 595 45.37 11.62 6.40
N ASP F 596 44.29 12.11 5.79
CA ASP F 596 43.38 13.00 6.49
C ASP F 596 42.72 12.31 7.68
N LEU F 597 42.42 11.00 7.55
CA LEU F 597 41.92 10.19 8.66
C LEU F 597 43.01 9.87 9.68
N LEU F 598 44.25 9.64 9.22
CA LEU F 598 45.35 9.33 10.13
C LEU F 598 45.57 10.48 11.11
N LYS F 599 45.46 11.71 10.64
CA LYS F 599 45.65 12.89 11.49
C LYS F 599 44.67 12.91 12.65
N ILE F 600 43.45 12.45 12.39
CA ILE F 600 42.40 12.41 13.42
C ILE F 600 42.64 11.26 14.41
N ILE F 601 42.78 10.03 13.90
CA ILE F 601 42.77 8.85 14.75
C ILE F 601 44.15 8.56 15.37
N LYS F 602 45.24 8.69 14.58
CA LYS F 602 46.63 8.44 14.98
C LYS F 602 46.87 6.97 15.40
N ASP F 603 46.12 6.04 14.79
CA ASP F 603 46.24 4.60 15.03
C ASP F 603 46.49 3.92 13.69
N LYS F 604 47.75 3.79 13.33
CA LYS F 604 48.07 3.13 12.07
C LYS F 604 47.70 1.63 12.10
N ASP F 605 47.75 0.97 13.28
CA ASP F 605 47.30 -0.42 13.39
C ASP F 605 45.83 -0.60 13.02
N PHE F 606 44.95 0.26 13.54
CA PHE F 606 43.52 0.07 13.29
C PHE F 606 43.25 0.10 11.79
N LEU F 607 44.01 0.94 11.09
CA LEU F 607 43.90 1.13 9.65
C LEU F 607 44.53 -0.02 8.88
N ASP F 608 45.34 -0.85 9.51
CA ASP F 608 45.95 -1.98 8.81
C ASP F 608 45.26 -3.29 9.13
N ASN F 609 44.49 -3.34 10.20
CA ASN F 609 43.81 -4.57 10.62
C ASN F 609 42.60 -4.80 9.73
N GLU F 610 42.66 -5.86 8.92
CA GLU F 610 41.65 -6.12 7.90
C GLU F 610 40.25 -6.33 8.49
N GLU F 611 40.17 -6.77 9.76
CA GLU F 611 38.89 -6.98 10.43
C GLU F 611 38.09 -5.70 10.66
N ASN F 612 38.75 -4.54 10.60
CA ASN F 612 38.09 -3.28 10.91
C ASN F 612 37.64 -2.47 9.69
N GLU F 613 37.91 -2.93 8.46
CA GLU F 613 37.55 -2.14 7.28
C GLU F 613 36.03 -1.98 7.14
N ASP F 614 35.27 -2.99 7.56
CA ASP F 614 33.81 -2.97 7.56
C ASP F 614 33.25 -1.80 8.38
N ILE F 615 33.95 -1.42 9.45
CA ILE F 615 33.54 -0.34 10.32
C ILE F 615 33.85 1.03 9.74
N LEU F 616 34.97 1.14 9.01
CA LEU F 616 35.44 2.42 8.48
C LEU F 616 34.78 2.83 7.16
N GLU F 617 34.27 1.88 6.37
CA GLU F 617 33.57 2.31 5.16
C GLU F 617 32.31 3.08 5.52
N ASP F 618 31.51 2.56 6.44
CA ASP F 618 30.22 3.17 6.76
C ASP F 618 30.38 4.57 7.34
N ILE F 619 31.43 4.81 8.11
CA ILE F 619 31.54 6.11 8.77
C ILE F 619 31.74 7.21 7.73
N VAL F 620 32.55 6.95 6.69
CA VAL F 620 32.80 7.98 5.67
C VAL F 620 31.54 8.24 4.84
N LEU F 621 30.81 7.18 4.48
CA LEU F 621 29.56 7.33 3.73
C LEU F 621 28.61 8.27 4.46
N THR F 622 28.41 8.04 5.76
CA THR F 622 27.63 8.95 6.59
C THR F 622 28.33 10.30 6.74
N LEU F 623 29.66 10.32 6.68
CA LEU F 623 30.36 11.61 6.64
C LEU F 623 30.21 12.29 5.28
N THR F 624 30.23 11.51 4.19
CA THR F 624 30.02 12.10 2.86
C THR F 624 28.56 12.48 2.66
N LEU F 625 27.66 11.57 3.02
CA LEU F 625 26.26 11.68 2.65
C LEU F 625 25.66 12.95 3.25
N PHE F 626 25.78 13.12 4.56
CA PHE F 626 24.84 13.96 5.28
C PHE F 626 25.33 15.39 5.36
N GLU F 627 24.40 16.31 5.19
CA GLU F 627 24.60 17.70 5.54
C GLU F 627 24.33 17.92 7.03
N ASP F 628 23.55 17.02 7.64
CA ASP F 628 23.05 17.16 9.00
C ASP F 628 24.07 16.61 10.01
N ARG F 629 24.52 17.49 10.93
CA ARG F 629 25.55 17.14 11.92
C ARG F 629 25.09 16.11 12.94
N GLU F 630 23.86 16.23 13.44
CA GLU F 630 23.40 15.38 14.54
C GLU F 630 23.32 13.92 14.13
N MET F 631 22.81 13.63 12.93
CA MET F 631 22.69 12.24 12.47
C MET F 631 24.06 11.62 12.23
N ILE F 632 25.07 12.45 11.92
CA ILE F 632 26.45 11.94 11.89
C ILE F 632 26.77 11.27 13.22
N GLU F 633 26.45 11.98 14.30
CA GLU F 633 26.71 11.50 15.64
C GLU F 633 25.85 10.30 15.96
N GLU F 634 24.55 10.37 15.63
CA GLU F 634 23.64 9.24 15.83
C GLU F 634 24.13 8.00 15.10
N ARG F 635 24.76 8.19 13.94
CA ARG F 635 25.41 7.10 13.20
C ARG F 635 26.74 6.76 13.84
N LEU F 636 27.53 7.78 14.18
CA LEU F 636 28.83 7.62 14.85
C LEU F 636 28.70 7.14 16.31
N LYS F 637 27.54 7.33 16.95
CA LYS F 637 27.38 6.90 18.35
C LYS F 637 27.61 5.40 18.50
N THR F 638 27.08 4.61 17.55
CA THR F 638 27.36 3.16 17.55
C THR F 638 28.86 2.90 17.37
N TYR F 639 29.59 3.84 16.76
CA TYR F 639 31.02 3.70 16.56
C TYR F 639 31.85 4.30 17.70
N ALA F 640 31.25 5.15 18.52
CA ALA F 640 32.02 5.94 19.47
C ALA F 640 32.74 5.10 20.51
N HIS F 641 32.27 3.87 20.75
CA HIS F 641 32.85 3.05 21.82
C HIS F 641 34.29 2.68 21.52
N LEU F 642 34.58 2.28 20.28
CA LEU F 642 35.98 2.01 19.91
C LEU F 642 36.81 3.29 19.88
N PHE F 643 36.22 4.42 19.46
CA PHE F 643 37.04 5.60 19.19
C PHE F 643 36.97 6.65 20.29
N ASP F 644 38.12 7.32 20.46
CA ASP F 644 38.35 8.27 21.53
C ASP F 644 37.31 9.38 21.49
N ASP F 645 37.06 9.95 22.67
CA ASP F 645 36.13 11.07 22.80
C ASP F 645 36.62 12.30 22.05
N LYS F 646 37.94 12.50 21.97
CA LYS F 646 38.51 13.55 21.14
C LYS F 646 38.39 13.23 19.65
N VAL F 647 38.57 11.95 19.26
CA VAL F 647 38.44 11.51 17.86
C VAL F 647 37.03 11.79 17.35
N MET F 648 36.02 11.58 18.20
CA MET F 648 34.63 11.84 17.84
C MET F 648 34.42 13.32 17.51
N LYS F 649 35.12 14.21 18.20
CA LYS F 649 34.95 15.65 17.99
C LYS F 649 35.57 16.13 16.69
N GLN F 650 36.84 15.75 16.41
CA GLN F 650 37.55 16.19 15.21
C GLN F 650 36.95 15.60 13.94
N LEU F 651 36.47 14.37 14.02
CA LEU F 651 36.03 13.62 12.84
C LEU F 651 34.91 14.33 12.11
N LYS F 652 33.86 14.73 12.83
CA LYS F 652 32.68 15.30 12.18
C LYS F 652 33.00 16.58 11.43
N ARG F 653 34.03 17.31 11.83
CA ARG F 653 34.33 18.58 11.18
C ARG F 653 34.61 18.36 9.69
N ARG F 654 35.39 17.33 9.37
CA ARG F 654 35.84 17.08 8.01
C ARG F 654 34.70 16.54 7.18
N ARG F 655 34.33 17.23 6.12
CA ARG F 655 33.27 16.72 5.26
C ARG F 655 33.84 16.30 3.90
N TYR F 656 33.24 15.25 3.33
CA TYR F 656 33.67 14.69 2.05
C TYR F 656 32.52 14.78 1.05
N THR F 657 32.86 15.18 -0.18
CA THR F 657 31.88 15.44 -1.24
C THR F 657 32.25 14.69 -2.52
N GLY F 658 31.31 13.95 -3.08
CA GLY F 658 31.51 13.29 -4.35
C GLY F 658 31.26 11.80 -4.40
N TRP F 659 30.98 11.27 -5.59
CA TRP F 659 30.70 9.86 -5.71
C TRP F 659 31.50 9.26 -6.86
N GLY F 660 31.95 8.05 -6.64
CA GLY F 660 32.82 7.35 -7.56
C GLY F 660 32.03 6.62 -8.62
N ARG F 661 32.66 5.57 -9.11
CA ARG F 661 32.15 4.78 -10.22
C ARG F 661 31.70 3.38 -9.79
N LEU F 662 32.23 2.84 -8.71
CA LEU F 662 32.24 1.39 -8.50
C LEU F 662 31.55 1.02 -7.20
N SER F 663 30.91 -0.15 -7.20
CA SER F 663 30.13 -0.65 -6.06
C SER F 663 31.01 -1.38 -5.05
N ARG F 664 30.44 -1.61 -3.87
CA ARG F 664 31.08 -2.51 -2.92
C ARG F 664 31.06 -3.94 -3.43
N LYS F 665 29.89 -4.46 -3.87
CA LYS F 665 29.83 -5.86 -4.34
C LYS F 665 30.81 -6.13 -5.47
N LEU F 666 31.07 -5.14 -6.32
CA LEU F 666 32.06 -5.33 -7.37
C LEU F 666 33.47 -5.50 -6.79
N ILE F 667 33.84 -4.65 -5.82
CA ILE F 667 35.20 -4.69 -5.28
C ILE F 667 35.47 -6.06 -4.64
N ASN F 668 34.47 -6.63 -3.96
CA ASN F 668 34.56 -7.92 -3.24
C ASN F 668 33.51 -8.90 -3.83
N GLY F 669 33.79 -9.37 -5.08
CA GLY F 669 32.99 -10.39 -5.73
C GLY F 669 33.37 -11.81 -5.31
N ILE F 670 32.45 -12.74 -5.60
CA ILE F 670 32.64 -14.14 -5.24
C ILE F 670 33.76 -14.77 -6.07
N ARG F 671 34.44 -15.75 -5.47
CA ARG F 671 35.60 -16.44 -6.06
C ARG F 671 35.37 -16.74 -7.54
N ASP F 672 36.40 -16.47 -8.35
CA ASP F 672 36.40 -16.81 -9.77
C ASP F 672 36.30 -18.34 -9.90
N LYS F 673 35.49 -18.81 -10.87
CA LYS F 673 35.16 -20.25 -10.94
C LYS F 673 36.42 -21.13 -10.99
N GLN F 674 37.36 -20.78 -11.86
CA GLN F 674 38.61 -21.53 -11.92
C GLN F 674 39.64 -20.95 -10.97
N SER F 675 39.76 -19.62 -10.94
CA SER F 675 40.85 -18.96 -10.23
C SER F 675 40.67 -18.95 -8.70
N GLY F 676 39.43 -18.98 -8.21
CA GLY F 676 39.18 -18.89 -6.78
C GLY F 676 39.47 -17.55 -6.12
N LYS F 677 39.80 -16.52 -6.89
CA LYS F 677 40.17 -15.21 -6.37
C LYS F 677 39.08 -14.17 -6.67
N THR F 678 39.02 -13.09 -5.86
CA THR F 678 38.05 -12.01 -6.00
C THR F 678 38.63 -10.88 -6.87
N ILE F 679 37.81 -9.85 -7.13
CA ILE F 679 38.24 -8.71 -7.94
C ILE F 679 39.36 -7.91 -7.28
N LEU F 680 39.18 -7.57 -6.00
CA LEU F 680 40.23 -6.86 -5.28
C LEU F 680 41.54 -7.66 -5.31
N ASP F 681 41.42 -8.97 -5.19
CA ASP F 681 42.54 -9.86 -5.05
C ASP F 681 43.26 -10.17 -6.35
N PHE F 682 42.59 -10.01 -7.51
CA PHE F 682 43.20 -10.24 -8.82
C PHE F 682 44.11 -9.11 -9.28
N LEU F 683 43.92 -7.89 -8.77
CA LEU F 683 44.81 -6.79 -9.13
C LEU F 683 46.16 -6.91 -8.40
N LYS F 684 46.19 -7.58 -7.25
CA LYS F 684 47.39 -7.90 -6.50
C LYS F 684 47.77 -9.37 -6.60
N SER F 685 49.08 -9.64 -6.60
CA SER F 685 49.60 -10.99 -6.44
C SER F 685 49.17 -11.98 -7.53
N ASP F 686 48.97 -11.50 -8.74
CA ASP F 686 48.50 -12.39 -9.80
C ASP F 686 49.63 -13.12 -10.51
N GLY F 687 50.30 -14.03 -9.81
CA GLY F 687 51.31 -14.86 -10.43
C GLY F 687 52.37 -14.06 -11.14
N PHE F 688 52.70 -14.47 -12.36
CA PHE F 688 53.76 -13.86 -13.15
C PHE F 688 53.48 -12.41 -13.51
N ALA F 689 52.25 -12.14 -13.91
CA ALA F 689 51.85 -10.81 -14.35
C ALA F 689 50.50 -10.44 -13.79
N ASN F 690 50.29 -9.15 -13.51
CA ASN F 690 49.04 -8.73 -12.91
C ASN F 690 48.14 -8.06 -13.94
N ARG F 691 46.96 -8.63 -14.15
CA ARG F 691 46.02 -8.06 -15.11
C ARG F 691 45.14 -7.02 -14.46
N ASN F 692 44.70 -6.04 -15.25
CA ASN F 692 43.93 -4.89 -14.81
C ASN F 692 42.43 -5.24 -14.67
N PHE F 693 41.68 -4.34 -14.04
CA PHE F 693 40.27 -4.58 -13.75
C PHE F 693 39.48 -4.77 -15.05
N MET F 694 39.64 -3.85 -16.00
CA MET F 694 39.01 -3.99 -17.31
C MET F 694 39.50 -5.25 -18.03
N GLN F 695 40.80 -5.57 -17.90
CA GLN F 695 41.33 -6.77 -18.54
C GLN F 695 40.63 -8.03 -18.05
N LEU F 696 40.29 -8.09 -16.75
CA LEU F 696 39.57 -9.23 -16.22
C LEU F 696 38.16 -9.35 -16.81
N ILE F 697 37.49 -8.20 -17.01
CA ILE F 697 36.08 -8.19 -17.41
C ILE F 697 35.90 -8.53 -18.91
N HIS F 698 36.83 -8.14 -19.77
CA HIS F 698 36.77 -8.44 -21.20
C HIS F 698 37.63 -9.66 -21.58
N ASP F 699 37.72 -10.64 -20.69
CA ASP F 699 38.59 -11.81 -20.87
C ASP F 699 37.77 -13.08 -20.97
N ASP F 700 37.82 -13.73 -22.14
CA ASP F 700 37.11 -15.00 -22.28
C ASP F 700 37.73 -16.09 -21.41
N SER F 701 39.05 -16.02 -21.18
CA SER F 701 39.73 -17.06 -20.40
C SER F 701 39.32 -17.07 -18.92
N LEU F 702 39.17 -15.90 -18.29
CA LEU F 702 38.59 -15.84 -16.96
C LEU F 702 37.08 -15.68 -17.06
N THR F 703 36.37 -16.09 -16.01
CA THR F 703 34.91 -16.18 -16.06
C THR F 703 34.17 -14.89 -15.73
N PHE F 704 34.85 -13.75 -15.54
CA PHE F 704 34.13 -12.55 -15.10
C PHE F 704 33.20 -11.99 -16.16
N LYS F 705 33.62 -12.03 -17.45
CA LYS F 705 32.72 -11.61 -18.53
C LYS F 705 31.45 -12.44 -18.54
N GLU F 706 31.54 -13.69 -18.07
CA GLU F 706 30.39 -14.58 -17.89
C GLU F 706 29.61 -14.22 -16.62
N ASP F 707 30.31 -13.77 -15.57
CA ASP F 707 29.66 -13.30 -14.35
C ASP F 707 28.81 -12.06 -14.61
N ILE F 708 29.41 -11.05 -15.25
CA ILE F 708 28.75 -9.79 -15.57
C ILE F 708 27.53 -10.00 -16.46
N GLN F 709 27.71 -10.73 -17.57
CA GLN F 709 26.62 -10.96 -18.52
C GLN F 709 25.42 -11.61 -17.84
N LYS F 710 25.66 -12.38 -16.76
CA LYS F 710 24.58 -13.02 -15.99
C LYS F 710 23.85 -12.01 -15.09
N ALA F 711 24.60 -11.22 -14.31
CA ALA F 711 24.00 -10.29 -13.35
C ALA F 711 23.23 -9.16 -14.04
N GLN F 712 23.69 -8.71 -15.21
CA GLN F 712 23.08 -7.59 -15.93
C GLN F 712 21.70 -7.96 -16.48
N VAL F 713 21.49 -9.23 -16.86
CA VAL F 713 20.24 -9.68 -17.46
C VAL F 713 19.07 -9.36 -16.54
N SER F 714 19.33 -9.29 -15.24
CA SER F 714 18.33 -8.95 -14.25
C SER F 714 17.54 -7.66 -14.49
N GLY F 717 19.10 -5.68 -19.19
CA GLY F 717 17.90 -5.93 -19.99
C GLY F 717 16.63 -5.27 -19.47
N ASP F 718 16.09 -4.34 -20.26
CA ASP F 718 14.88 -3.60 -19.90
C ASP F 718 14.17 -3.20 -21.19
N SER F 719 12.90 -2.81 -21.06
CA SER F 719 12.12 -2.43 -22.24
C SER F 719 12.69 -1.15 -22.88
N LEU F 720 12.21 -0.88 -24.11
CA LEU F 720 12.73 0.22 -24.90
C LEU F 720 12.43 1.57 -24.24
N HIS F 721 11.20 1.73 -23.73
CA HIS F 721 10.78 3.03 -23.19
C HIS F 721 11.72 3.49 -22.12
N GLU F 722 12.02 2.61 -21.17
CA GLU F 722 12.99 2.97 -20.15
C GLU F 722 14.32 3.27 -20.81
N HIS F 723 14.66 2.49 -21.84
CA HIS F 723 16.01 2.55 -22.38
C HIS F 723 16.33 3.95 -22.94
N ILE F 724 15.38 4.58 -23.64
CA ILE F 724 15.59 5.92 -24.20
C ILE F 724 15.58 6.97 -23.11
N ALA F 725 14.72 6.82 -22.11
CA ALA F 725 14.62 7.82 -21.05
C ALA F 725 15.87 7.86 -20.18
N ASN F 726 16.60 6.76 -20.02
CA ASN F 726 17.89 6.89 -19.33
C ASN F 726 18.85 7.83 -20.06
N LEU F 727 18.75 7.91 -21.38
CA LEU F 727 19.67 8.76 -22.12
C LEU F 727 19.52 10.20 -21.68
N ALA F 728 20.63 10.90 -21.55
CA ALA F 728 20.57 12.32 -21.27
C ALA F 728 20.63 13.08 -22.57
N GLY F 729 19.85 14.14 -22.64
CA GLY F 729 19.66 14.96 -23.80
C GLY F 729 18.25 15.51 -23.80
N SER F 730 17.95 16.39 -24.75
CA SER F 730 16.70 17.13 -24.74
C SER F 730 15.53 16.16 -24.64
N PRO F 731 14.60 16.37 -23.73
CA PRO F 731 13.49 15.40 -23.62
C PRO F 731 12.65 15.36 -24.89
N ALA F 732 12.85 16.36 -25.76
CA ALA F 732 12.28 16.37 -27.09
C ALA F 732 13.09 15.55 -28.08
N ILE F 733 14.43 15.60 -28.00
CA ILE F 733 15.21 14.72 -28.87
C ILE F 733 15.12 13.28 -28.40
N LYS F 734 14.63 13.08 -27.18
CA LYS F 734 14.27 11.72 -26.87
C LYS F 734 13.05 11.33 -27.69
N LYS F 735 12.17 12.27 -27.97
CA LYS F 735 10.96 11.96 -28.72
C LYS F 735 11.29 11.43 -30.10
N GLY F 736 12.12 12.16 -30.86
CA GLY F 736 12.50 11.73 -32.19
C GLY F 736 13.14 10.35 -32.22
N ILE F 737 13.85 9.99 -31.15
CA ILE F 737 14.45 8.66 -31.06
C ILE F 737 13.35 7.59 -31.04
N LEU F 738 12.46 7.65 -30.06
CA LEU F 738 11.41 6.65 -29.91
C LEU F 738 10.68 6.49 -31.23
N GLN F 739 10.32 7.61 -31.85
CA GLN F 739 9.68 7.53 -33.15
C GLN F 739 10.61 6.85 -34.14
N THR F 740 11.89 7.23 -34.13
CA THR F 740 12.73 6.65 -35.15
C THR F 740 12.84 5.12 -34.97
N VAL F 741 12.77 4.59 -33.73
CA VAL F 741 12.81 3.13 -33.61
C VAL F 741 11.47 2.55 -34.06
N LYS F 742 10.37 3.27 -33.86
CA LYS F 742 9.11 2.80 -34.41
C LYS F 742 9.17 2.86 -35.93
N VAL F 743 9.81 3.88 -36.48
CA VAL F 743 9.84 3.99 -37.93
C VAL F 743 10.60 2.82 -38.51
N VAL F 744 11.73 2.45 -37.89
CA VAL F 744 12.55 1.33 -38.39
C VAL F 744 11.85 -0.04 -38.29
N ASP F 745 11.14 -0.33 -37.20
CA ASP F 745 10.54 -1.67 -37.15
C ASP F 745 9.57 -1.85 -38.30
N GLU F 746 8.77 -0.82 -38.59
CA GLU F 746 7.72 -0.92 -39.61
C GLU F 746 8.31 -1.02 -41.03
N LEU F 747 9.35 -0.22 -41.31
CA LEU F 747 10.05 -0.33 -42.59
C LEU F 747 10.55 -1.74 -42.79
N VAL F 748 11.15 -2.36 -41.77
CA VAL F 748 11.55 -3.76 -41.93
C VAL F 748 10.32 -4.63 -42.13
N LYS F 749 9.23 -4.36 -41.39
CA LYS F 749 8.00 -5.10 -41.67
C LYS F 749 7.65 -4.88 -43.12
N VAL F 750 7.62 -3.63 -43.55
CA VAL F 750 7.34 -3.35 -44.95
C VAL F 750 8.24 -4.20 -45.84
N MET F 751 9.50 -4.30 -45.48
CA MET F 751 10.44 -4.98 -46.35
C MET F 751 10.35 -6.51 -46.31
N GLY F 752 9.20 -7.06 -45.92
CA GLY F 752 9.14 -8.52 -45.86
C GLY F 752 10.04 -9.14 -44.79
N ARG F 753 10.12 -8.52 -43.62
CA ARG F 753 10.83 -9.08 -42.48
C ARG F 753 12.28 -9.47 -42.83
N HIS F 754 12.85 -8.79 -43.82
CA HIS F 754 14.27 -8.85 -44.10
C HIS F 754 14.93 -7.71 -43.30
N LYS F 755 16.03 -7.96 -42.72
CA LYS F 755 16.69 -6.83 -42.09
C LYS F 755 17.51 -6.04 -43.13
N PRO F 756 17.72 -4.74 -42.91
CA PRO F 756 18.50 -3.96 -43.87
C PRO F 756 19.99 -4.13 -43.65
N GLU F 757 20.74 -4.08 -44.75
CA GLU F 757 22.18 -4.31 -44.67
C GLU F 757 22.88 -3.18 -43.93
N ASN F 758 22.63 -1.94 -44.32
CA ASN F 758 23.18 -0.80 -43.59
C ASN F 758 22.03 0.08 -43.07
N ILE F 759 22.26 0.72 -41.93
CA ILE F 759 21.30 1.66 -41.37
C ILE F 759 22.11 2.89 -40.97
N VAL F 760 21.84 4.02 -41.61
CA VAL F 760 22.65 5.21 -41.49
C VAL F 760 21.87 6.27 -40.78
N ILE F 761 22.26 6.61 -39.55
CA ILE F 761 21.51 7.60 -38.78
C ILE F 761 22.35 8.86 -38.74
N GLU F 762 21.68 10.03 -38.75
CA GLU F 762 22.22 11.40 -38.70
C GLU F 762 21.35 12.22 -37.75
N MET F 763 21.93 13.13 -36.96
CA MET F 763 21.17 13.92 -35.99
C MET F 763 21.40 15.41 -36.15
N ALA F 764 20.32 16.19 -36.08
CA ALA F 764 20.39 17.64 -36.18
C ALA F 764 21.01 18.26 -34.92
N ARG F 765 21.45 19.51 -35.07
CA ARG F 765 22.03 20.31 -33.98
C ARG F 765 21.25 20.37 -32.66
N ASN F 776 25.83 35.60 -34.21
CA ASN F 776 27.14 35.88 -34.79
C ASN F 776 27.23 37.26 -35.48
N SER F 777 26.10 37.91 -35.76
CA SER F 777 26.13 39.18 -36.49
C SER F 777 26.82 40.28 -35.70
N ARG F 778 26.52 40.36 -34.40
CA ARG F 778 27.14 41.36 -33.53
C ARG F 778 28.46 40.87 -32.95
N GLU F 779 28.62 39.54 -32.87
CA GLU F 779 29.86 38.94 -32.40
C GLU F 779 31.05 39.37 -33.25
N ARG F 780 30.82 39.49 -34.57
CA ARG F 780 31.91 39.82 -35.50
C ARG F 780 32.48 41.21 -35.23
N MET F 781 31.63 42.19 -34.91
CA MET F 781 32.18 43.52 -34.72
C MET F 781 33.04 43.61 -33.47
N LYS F 782 32.73 42.80 -32.45
CA LYS F 782 33.46 42.91 -31.19
C LYS F 782 34.85 42.28 -31.28
N ARG F 783 35.02 41.26 -32.13
CA ARG F 783 36.33 40.66 -32.31
C ARG F 783 37.28 41.57 -33.08
N ILE F 784 36.76 42.53 -33.86
CA ILE F 784 37.59 43.62 -34.37
C ILE F 784 37.68 44.74 -33.33
N GLU F 785 36.60 44.92 -32.56
CA GLU F 785 36.55 46.00 -31.59
C GLU F 785 37.69 45.86 -30.59
N GLU F 786 37.79 44.68 -29.94
CA GLU F 786 38.80 44.37 -28.95
C GLU F 786 40.11 43.94 -29.59
N GLY F 787 40.08 43.59 -30.88
CA GLY F 787 41.24 43.19 -31.67
C GLY F 787 42.02 44.32 -32.30
N ILE F 788 41.43 45.52 -32.36
CA ILE F 788 42.19 46.74 -32.66
C ILE F 788 42.48 47.56 -31.40
N LYS F 789 41.95 47.13 -30.23
CA LYS F 789 42.27 47.74 -28.92
C LYS F 789 43.67 47.35 -28.43
N GLU F 790 44.11 46.12 -28.70
CA GLU F 790 45.49 45.69 -28.45
C GLU F 790 46.38 45.86 -29.68
N LEU F 791 45.80 45.82 -30.89
CA LEU F 791 46.53 46.20 -32.10
C LEU F 791 46.74 47.69 -32.22
N GLY F 792 45.74 48.47 -31.82
CA GLY F 792 45.91 49.90 -31.75
C GLY F 792 45.94 50.67 -33.05
N SER F 793 45.78 50.02 -34.20
CA SER F 793 45.64 50.84 -35.41
C SER F 793 44.30 51.57 -35.40
N GLN F 794 44.21 52.60 -36.23
CA GLN F 794 43.04 53.47 -36.26
C GLN F 794 42.14 53.25 -37.47
N ILE F 795 42.24 52.11 -38.16
CA ILE F 795 41.40 51.89 -39.34
C ILE F 795 39.92 51.65 -38.97
N LEU F 796 39.62 51.36 -37.70
CA LEU F 796 38.23 51.20 -37.29
C LEU F 796 37.49 52.53 -37.33
N LYS F 797 38.09 53.60 -36.79
CA LYS F 797 37.55 54.97 -36.88
C LYS F 797 37.73 55.57 -38.28
N GLU F 798 38.79 55.17 -39.01
CA GLU F 798 39.11 55.73 -40.31
C GLU F 798 37.98 55.53 -41.30
N HIS F 799 37.31 54.39 -41.25
CA HIS F 799 36.12 54.10 -42.04
C HIS F 799 35.08 53.48 -41.13
N PRO F 800 33.86 54.01 -41.10
CA PRO F 800 32.82 53.40 -40.28
C PRO F 800 32.03 52.35 -41.04
N VAL F 801 31.56 51.36 -40.28
CA VAL F 801 30.65 50.32 -40.73
C VAL F 801 29.75 49.92 -39.56
N GLU F 802 28.82 48.99 -39.81
CA GLU F 802 27.86 48.52 -38.80
C GLU F 802 28.05 47.04 -38.55
N ASN F 803 27.37 46.54 -37.51
CA ASN F 803 27.53 45.16 -37.06
C ASN F 803 26.78 44.18 -37.95
N THR F 804 25.81 44.67 -38.73
CA THR F 804 25.08 43.88 -39.72
C THR F 804 25.81 43.81 -41.06
N GLN F 805 26.87 44.60 -41.24
CA GLN F 805 27.61 44.72 -42.51
C GLN F 805 28.68 43.66 -42.69
N LEU F 806 29.19 43.09 -41.59
CA LEU F 806 30.34 42.20 -41.57
C LEU F 806 29.98 40.75 -41.90
N GLN F 807 28.70 40.48 -42.18
CA GLN F 807 28.29 39.14 -42.58
C GLN F 807 28.57 38.88 -44.05
N ASN F 808 29.08 39.87 -44.77
CA ASN F 808 29.71 39.63 -46.06
C ASN F 808 31.14 39.14 -45.81
N GLU F 809 31.52 38.03 -46.45
CA GLU F 809 32.82 37.42 -46.16
C GLU F 809 34.00 38.33 -46.48
N LYS F 810 34.11 38.84 -47.72
CA LYS F 810 35.33 39.57 -48.09
C LYS F 810 35.54 40.79 -47.20
N LEU F 811 34.45 41.48 -46.87
CA LEU F 811 34.53 42.62 -45.99
C LEU F 811 35.10 42.23 -44.61
N TYR F 812 34.52 41.22 -43.97
CA TYR F 812 35.00 40.83 -42.65
C TYR F 812 36.47 40.41 -42.72
N LEU F 813 36.91 39.86 -43.86
CA LEU F 813 38.31 39.48 -44.00
C LEU F 813 39.23 40.68 -44.05
N TYR F 814 38.83 41.74 -44.76
CA TYR F 814 39.65 42.94 -44.85
C TYR F 814 40.02 43.43 -43.45
N TYR F 815 39.02 43.50 -42.56
CA TYR F 815 39.19 44.06 -41.22
C TYR F 815 40.06 43.18 -40.34
N LEU F 816 39.86 41.87 -40.39
CA LEU F 816 40.75 40.98 -39.65
C LEU F 816 42.17 41.19 -40.14
N GLN F 817 42.34 41.40 -41.44
CA GLN F 817 43.67 41.57 -42.02
C GLN F 817 44.33 42.88 -41.61
N ASN F 818 43.53 43.92 -41.26
CA ASN F 818 43.91 45.31 -40.86
C ASN F 818 44.09 46.30 -42.02
N GLY F 819 43.52 45.96 -43.15
CA GLY F 819 43.65 46.76 -44.33
C GLY F 819 44.82 46.35 -45.19
N ARG F 820 45.57 45.35 -44.76
CA ARG F 820 46.82 44.92 -45.38
C ARG F 820 46.57 43.56 -46.01
N ASP F 821 47.32 43.24 -47.06
CA ASP F 821 47.17 41.94 -47.70
C ASP F 821 47.89 40.85 -46.91
N MET F 822 47.23 39.66 -46.87
CA MET F 822 47.77 38.48 -46.20
C MET F 822 49.02 37.91 -46.88
N TYR F 823 49.10 38.03 -48.21
CA TYR F 823 50.24 37.53 -48.98
C TYR F 823 51.28 38.60 -49.38
N VAL F 824 50.92 39.89 -49.37
CA VAL F 824 51.76 40.99 -49.87
C VAL F 824 52.03 41.99 -48.74
N ASP F 825 52.87 42.99 -49.04
CA ASP F 825 53.26 44.02 -48.07
C ASP F 825 52.75 45.38 -48.53
N GLN F 826 51.43 45.57 -48.47
CA GLN F 826 50.79 46.78 -48.97
C GLN F 826 49.49 47.09 -48.24
N GLU F 827 48.95 48.27 -48.53
CA GLU F 827 47.58 48.62 -48.17
C GLU F 827 46.59 48.06 -49.22
N LEU F 828 45.46 47.54 -48.74
CA LEU F 828 44.47 46.84 -49.56
C LEU F 828 43.29 47.77 -49.86
N ASP F 829 42.80 47.70 -51.11
CA ASP F 829 41.69 48.54 -51.57
C ASP F 829 40.42 48.32 -50.75
N ILE F 830 39.79 49.43 -50.32
CA ILE F 830 38.50 49.36 -49.61
C ILE F 830 37.34 49.24 -50.61
N ASN F 831 37.42 49.90 -51.77
CA ASN F 831 36.28 49.92 -52.71
C ASN F 831 36.17 48.59 -53.46
N ARG F 832 37.29 48.04 -53.92
CA ARG F 832 37.27 46.85 -54.76
C ARG F 832 37.84 45.64 -54.02
N LEU F 833 36.96 44.97 -53.27
CA LEU F 833 37.28 43.64 -52.78
C LEU F 833 36.81 42.57 -53.74
N SER F 834 35.90 42.91 -54.66
CA SER F 834 35.42 41.95 -55.65
C SER F 834 36.55 41.42 -56.53
N ASP F 835 37.58 42.21 -56.78
CA ASP F 835 38.69 41.74 -57.62
C ASP F 835 39.63 40.80 -56.86
N TYR F 836 39.75 40.98 -55.55
CA TYR F 836 40.61 40.13 -54.74
C TYR F 836 39.95 38.75 -54.51
N ASP F 837 40.73 37.67 -54.61
CA ASP F 837 40.13 36.34 -54.47
C ASP F 837 40.19 35.84 -53.03
N VAL F 838 39.14 35.11 -52.64
CA VAL F 838 39.17 34.36 -51.39
C VAL F 838 39.80 33.00 -51.66
N ASP F 839 40.82 32.67 -50.87
CA ASP F 839 41.62 31.46 -51.03
C ASP F 839 41.66 30.72 -49.70
N ALA F 840 41.58 29.40 -49.71
CA ALA F 840 41.67 28.64 -48.46
C ALA F 840 43.10 28.50 -47.97
N ILE F 841 43.29 28.61 -46.64
CA ILE F 841 44.62 28.39 -46.07
C ILE F 841 45.09 26.99 -46.40
N VAL F 842 44.36 25.98 -45.94
CA VAL F 842 44.69 24.61 -46.26
C VAL F 842 43.59 24.14 -47.21
N PRO F 843 43.93 23.81 -48.45
CA PRO F 843 42.92 23.69 -49.51
C PRO F 843 41.75 22.78 -49.15
N GLN F 844 40.58 23.16 -49.68
CA GLN F 844 39.36 22.38 -49.46
C GLN F 844 39.53 20.95 -50.01
N SER F 845 40.20 20.79 -51.16
CA SER F 845 40.53 19.47 -51.67
C SER F 845 41.34 18.63 -50.67
N PHE F 846 41.80 19.22 -49.58
CA PHE F 846 42.39 18.47 -48.49
C PHE F 846 41.36 18.11 -47.44
N LEU F 847 40.62 19.10 -46.94
CA LEU F 847 39.36 18.89 -46.21
C LEU F 847 38.53 20.16 -46.34
N LYS F 848 37.23 19.99 -46.49
CA LYS F 848 36.30 21.12 -46.57
C LYS F 848 36.37 21.98 -45.33
N ASP F 849 36.70 23.26 -45.53
CA ASP F 849 36.67 24.30 -44.50
C ASP F 849 36.41 25.64 -45.15
N ASP F 850 35.31 26.29 -44.77
CA ASP F 850 34.98 27.64 -45.19
C ASP F 850 34.90 28.57 -44.01
N SER F 851 35.25 28.12 -42.81
CA SER F 851 35.14 28.97 -41.64
C SER F 851 36.24 30.05 -41.69
N ILE F 852 36.20 30.96 -40.71
CA ILE F 852 37.15 32.06 -40.66
C ILE F 852 38.57 31.54 -40.47
N ASP F 853 38.73 30.46 -39.69
CA ASP F 853 40.04 29.91 -39.36
C ASP F 853 40.82 29.49 -40.61
N ASN F 854 40.11 29.21 -41.72
CA ASN F 854 40.72 28.67 -42.92
C ASN F 854 40.51 29.55 -44.12
N LYS F 855 39.96 30.73 -43.92
CA LYS F 855 39.66 31.63 -45.01
C LYS F 855 40.69 32.76 -45.05
N VAL F 856 41.07 33.15 -46.26
CA VAL F 856 42.03 34.22 -46.49
C VAL F 856 41.57 35.05 -47.67
N LEU F 857 41.80 36.36 -47.59
CA LEU F 857 41.55 37.32 -48.66
C LEU F 857 42.86 37.92 -49.13
N THR F 858 43.17 37.70 -50.41
CA THR F 858 44.32 38.30 -51.09
C THR F 858 43.91 38.72 -52.50
N ARG F 859 44.66 39.68 -53.05
CA ARG F 859 44.35 40.23 -54.37
C ARG F 859 44.36 39.15 -55.43
N SER F 860 45.25 38.18 -55.30
CA SER F 860 45.36 37.07 -56.24
C SER F 860 45.67 35.78 -55.51
N ASP F 861 44.97 34.71 -55.90
CA ASP F 861 45.10 33.42 -55.25
C ASP F 861 46.38 32.65 -55.61
N LYS F 862 47.18 33.11 -56.55
CA LYS F 862 48.44 32.40 -56.79
C LYS F 862 49.53 32.78 -55.81
N ASN F 863 49.35 33.88 -55.08
CA ASN F 863 50.38 34.42 -54.20
C ASN F 863 50.80 33.45 -53.11
N ARG F 864 49.98 32.44 -52.84
CA ARG F 864 50.41 31.44 -51.89
C ARG F 864 51.56 30.60 -52.45
N GLY F 865 51.60 30.39 -53.77
CA GLY F 865 52.65 29.62 -54.43
C GLY F 865 52.16 28.30 -54.98
N LYS F 866 52.68 27.18 -54.45
CA LYS F 866 52.19 25.84 -54.77
C LYS F 866 51.05 25.48 -53.83
N SER F 867 49.83 25.44 -54.35
CA SER F 867 48.67 25.10 -53.54
C SER F 867 48.53 23.60 -53.34
N ASP F 868 49.48 22.82 -53.83
CA ASP F 868 49.54 21.40 -53.52
C ASP F 868 49.91 21.15 -52.07
N ASN F 869 49.46 22.03 -51.18
CA ASN F 869 49.86 22.07 -49.78
C ASN F 869 49.46 23.48 -49.28
N VAL F 870 49.65 23.77 -47.99
CA VAL F 870 49.52 25.12 -47.45
C VAL F 870 50.52 26.09 -48.13
N PRO F 871 50.25 27.40 -48.18
CA PRO F 871 51.17 28.36 -48.82
C PRO F 871 52.62 28.26 -48.40
N SER F 872 53.53 28.27 -49.40
CA SER F 872 54.93 27.81 -49.28
C SER F 872 55.72 28.66 -48.27
N GLU F 873 56.93 28.21 -47.96
CA GLU F 873 57.83 28.97 -47.08
C GLU F 873 58.19 30.34 -47.65
N GLU F 874 57.98 30.60 -48.94
CA GLU F 874 58.32 31.92 -49.48
C GLU F 874 57.50 33.03 -48.83
N VAL F 875 56.20 32.84 -48.73
CA VAL F 875 55.37 33.87 -48.12
C VAL F 875 55.50 33.84 -46.59
N VAL F 876 55.71 32.66 -46.00
CA VAL F 876 55.81 32.52 -44.53
C VAL F 876 56.89 33.43 -43.96
N LYS F 877 58.08 33.43 -44.59
CA LYS F 877 59.22 34.19 -44.09
C LYS F 877 58.97 35.68 -44.12
N LYS F 878 58.01 36.12 -44.92
CA LYS F 878 57.67 37.54 -45.00
C LYS F 878 56.90 38.03 -43.76
N MET F 879 55.96 37.25 -43.23
CA MET F 879 55.02 37.82 -42.27
C MET F 879 54.92 37.08 -40.94
N LYS F 880 55.90 36.24 -40.57
CA LYS F 880 55.80 35.50 -39.30
C LYS F 880 55.68 36.43 -38.07
N ASN F 881 56.21 37.67 -38.11
CA ASN F 881 55.96 38.63 -37.02
C ASN F 881 54.59 39.31 -37.20
N TYR F 882 54.26 39.71 -38.43
CA TYR F 882 53.03 40.42 -38.73
C TYR F 882 51.79 39.67 -38.23
N TRP F 883 51.79 38.36 -38.42
CA TRP F 883 50.71 37.48 -37.98
C TRP F 883 50.69 37.29 -36.46
N ARG F 884 51.80 37.58 -35.75
CA ARG F 884 51.90 37.43 -34.28
C ARG F 884 51.20 38.54 -33.50
N GLN F 885 51.35 39.80 -33.93
CA GLN F 885 50.56 40.88 -33.35
C GLN F 885 49.07 40.59 -33.50
N LEU F 886 48.70 40.04 -34.66
CA LEU F 886 47.32 39.67 -34.90
C LEU F 886 46.86 38.62 -33.89
N LEU F 887 47.77 37.76 -33.43
CA LEU F 887 47.41 36.68 -32.49
C LEU F 887 47.04 37.18 -31.09
N ASN F 888 47.91 37.97 -30.45
CA ASN F 888 47.66 38.36 -29.05
C ASN F 888 46.44 39.26 -28.89
N ALA F 889 46.01 39.96 -29.94
CA ALA F 889 44.78 40.73 -29.93
C ALA F 889 43.55 39.94 -30.43
N LYS F 890 43.71 38.63 -30.65
CA LYS F 890 42.63 37.70 -30.98
C LYS F 890 41.79 38.19 -32.17
N LEU F 891 42.40 38.94 -33.10
CA LEU F 891 41.72 39.34 -34.34
C LEU F 891 41.91 38.36 -35.49
N ILE F 892 42.77 37.37 -35.33
CA ILE F 892 42.70 36.14 -36.11
C ILE F 892 43.00 35.04 -35.12
N THR F 893 42.69 33.82 -35.51
CA THR F 893 42.84 32.76 -34.53
C THR F 893 44.25 32.19 -34.58
N GLN F 894 44.68 31.65 -33.44
CA GLN F 894 45.99 31.04 -33.41
C GLN F 894 46.06 29.93 -34.44
N ARG F 895 44.93 29.21 -34.60
CA ARG F 895 44.83 28.14 -35.58
C ARG F 895 45.10 28.65 -36.99
N LYS F 896 44.56 29.82 -37.35
CA LYS F 896 44.81 30.38 -38.68
C LYS F 896 46.28 30.70 -38.89
N PHE F 897 46.98 31.10 -37.83
CA PHE F 897 48.42 31.33 -37.94
C PHE F 897 49.20 30.02 -38.10
N ASP F 898 48.93 29.04 -37.22
CA ASP F 898 49.69 27.79 -37.26
C ASP F 898 49.52 27.04 -38.58
N ASN F 899 48.35 27.15 -39.24
CA ASN F 899 48.20 26.52 -40.56
C ASN F 899 48.92 27.31 -41.64
N LEU F 900 49.00 28.62 -41.50
CA LEU F 900 49.82 29.41 -42.42
C LEU F 900 51.31 29.09 -42.27
N THR F 901 51.84 29.07 -41.02
CA THR F 901 53.26 28.75 -40.83
C THR F 901 53.55 27.25 -40.96
N LYS F 902 52.54 26.37 -40.84
CA LYS F 902 52.82 24.93 -40.89
C LYS F 902 53.50 24.52 -42.20
N ALA F 903 53.48 25.38 -43.21
CA ALA F 903 54.20 25.09 -44.44
C ALA F 903 55.73 25.05 -44.24
N GLU F 904 56.26 25.85 -43.31
CA GLU F 904 57.69 25.87 -43.06
C GLU F 904 58.13 24.69 -42.19
N ARG F 905 57.19 24.04 -41.51
CA ARG F 905 57.48 22.80 -40.81
C ARG F 905 57.15 21.61 -41.72
N GLY F 906 57.62 21.68 -42.95
CA GLY F 906 57.41 20.62 -43.91
C GLY F 906 55.99 20.42 -44.40
N GLY F 907 55.09 21.37 -44.17
CA GLY F 907 53.75 21.22 -44.68
C GLY F 907 52.80 20.38 -43.82
N LEU F 908 51.79 19.83 -44.49
CA LEU F 908 50.79 18.98 -43.87
C LEU F 908 51.35 17.59 -43.62
N SER F 909 51.59 17.25 -42.36
CA SER F 909 52.20 15.97 -42.00
C SER F 909 51.19 14.84 -42.21
N GLU F 910 51.69 13.61 -42.38
CA GLU F 910 50.79 12.48 -42.27
C GLU F 910 50.13 12.48 -40.89
N LEU F 911 50.92 12.74 -39.84
CA LEU F 911 50.35 12.86 -38.51
C LEU F 911 49.28 13.96 -38.49
N ASP F 912 49.41 14.95 -39.38
CA ASP F 912 48.43 16.02 -39.59
C ASP F 912 47.20 15.54 -40.33
N LYS F 913 47.41 14.76 -41.39
CA LYS F 913 46.35 14.36 -42.30
C LYS F 913 45.42 13.34 -41.67
N ALA F 914 45.93 12.49 -40.80
CA ALA F 914 45.07 11.55 -40.12
C ALA F 914 44.05 12.29 -39.28
N GLY F 915 44.47 13.36 -38.61
CA GLY F 915 43.53 14.16 -37.84
C GLY F 915 42.49 14.79 -38.72
N PHE F 916 42.83 15.05 -39.97
CA PHE F 916 41.86 15.56 -40.92
C PHE F 916 40.79 14.52 -41.16
N ILE F 917 41.19 13.25 -41.26
CA ILE F 917 40.22 12.24 -41.58
C ILE F 917 39.29 12.04 -40.39
N LYS F 918 39.87 11.82 -39.20
CA LYS F 918 39.06 11.48 -38.04
C LYS F 918 38.07 12.59 -37.72
N ARG F 919 38.54 13.83 -37.76
CA ARG F 919 37.70 14.99 -37.45
C ARG F 919 36.57 15.12 -38.44
N GLN F 920 36.86 14.86 -39.70
CA GLN F 920 35.84 14.87 -40.74
C GLN F 920 34.87 13.67 -40.68
N LEU F 921 35.31 12.49 -40.21
CA LEU F 921 34.54 11.25 -40.33
C LEU F 921 33.65 10.88 -39.15
N VAL F 922 34.11 11.10 -37.93
CA VAL F 922 33.45 10.54 -36.75
C VAL F 922 32.48 11.54 -36.14
N GLU F 923 31.38 11.00 -35.59
CA GLU F 923 30.46 11.80 -34.81
C GLU F 923 30.86 11.82 -33.34
N THR F 924 31.06 13.02 -32.83
CA THR F 924 31.56 13.22 -31.48
C THR F 924 30.45 13.35 -30.45
N ARG F 925 29.22 13.61 -30.87
CA ARG F 925 28.16 13.91 -29.91
C ARG F 925 27.86 12.65 -29.13
N GLN F 926 27.85 12.74 -27.82
CA GLN F 926 27.68 11.50 -27.09
C GLN F 926 26.32 10.89 -27.36
N ILE F 927 25.26 11.69 -27.41
CA ILE F 927 23.94 11.06 -27.50
C ILE F 927 23.79 10.28 -28.81
N THR F 928 24.23 10.84 -29.93
CA THR F 928 24.04 10.16 -31.21
C THR F 928 24.69 8.77 -31.23
N LYS F 929 25.84 8.59 -30.54
CA LYS F 929 26.43 7.25 -30.37
C LYS F 929 25.45 6.28 -29.71
N HIS F 930 24.79 6.73 -28.64
CA HIS F 930 23.83 5.90 -27.92
C HIS F 930 22.69 5.42 -28.82
N VAL F 931 22.15 6.32 -29.65
CA VAL F 931 21.11 5.91 -30.59
C VAL F 931 21.65 4.83 -31.49
N ALA F 932 22.89 4.95 -31.93
CA ALA F 932 23.47 3.88 -32.74
C ALA F 932 23.37 2.54 -32.00
N GLN F 933 23.76 2.51 -30.72
CA GLN F 933 23.63 1.27 -29.93
C GLN F 933 22.20 0.74 -29.93
N ILE F 934 21.23 1.56 -29.53
CA ILE F 934 19.86 1.05 -29.43
C ILE F 934 19.49 0.30 -30.69
N LEU F 935 19.78 0.90 -31.85
CA LEU F 935 19.52 0.23 -33.11
C LEU F 935 20.33 -1.06 -33.20
N ASP F 936 21.63 -0.98 -32.98
CA ASP F 936 22.44 -2.19 -33.09
C ASP F 936 21.95 -3.30 -32.18
N SER F 937 21.60 -2.98 -30.94
CA SER F 937 21.16 -4.05 -30.05
C SER F 937 19.78 -4.58 -30.46
N ARG F 938 18.90 -3.71 -30.98
CA ARG F 938 17.63 -4.23 -31.39
C ARG F 938 17.72 -5.02 -32.69
N MET F 939 18.76 -4.77 -33.52
CA MET F 939 18.90 -5.42 -34.83
C MET F 939 19.70 -6.71 -34.73
N ASN F 940 20.90 -6.66 -34.13
CA ASN F 940 21.80 -7.81 -34.05
C ASN F 940 21.54 -8.58 -32.76
N THR F 941 20.62 -9.54 -32.81
CA THR F 941 20.32 -10.44 -31.70
C THR F 941 21.04 -11.78 -31.81
N LYS F 942 21.35 -12.24 -33.02
CA LYS F 942 21.89 -13.59 -33.20
C LYS F 942 23.33 -13.71 -32.67
N TYR F 943 23.64 -14.91 -32.13
CA TYR F 943 24.95 -15.27 -31.58
C TYR F 943 25.47 -16.56 -32.21
N ASP F 944 26.75 -16.54 -32.59
CA ASP F 944 27.41 -17.71 -33.18
C ASP F 944 27.80 -18.71 -32.09
N GLU F 945 28.37 -19.85 -32.51
CA GLU F 945 28.84 -20.84 -31.53
C GLU F 945 29.95 -20.26 -30.65
N ASN F 946 30.78 -19.37 -31.20
CA ASN F 946 31.76 -18.57 -30.47
C ASN F 946 31.03 -17.51 -29.63
N ASP F 947 31.82 -16.75 -28.85
CA ASP F 947 31.28 -15.63 -28.07
C ASP F 947 30.76 -14.50 -28.97
N LYS F 948 31.32 -14.38 -30.16
CA LYS F 948 31.18 -13.20 -31.01
C LYS F 948 29.72 -12.92 -31.37
N LEU F 949 29.40 -11.63 -31.50
CA LEU F 949 28.09 -11.20 -31.96
C LEU F 949 27.99 -11.28 -33.48
N ILE F 950 26.78 -11.48 -33.98
CA ILE F 950 26.60 -11.52 -35.43
C ILE F 950 26.03 -10.18 -35.93
N ARG F 951 26.86 -9.46 -36.70
CA ARG F 951 26.53 -8.10 -37.14
C ARG F 951 25.89 -8.19 -38.53
N GLU F 952 24.59 -8.49 -38.54
CA GLU F 952 23.93 -8.44 -39.84
C GLU F 952 23.73 -7.00 -40.25
N VAL F 953 23.21 -6.21 -39.33
CA VAL F 953 22.90 -4.83 -39.61
C VAL F 953 24.03 -3.99 -39.07
N LYS F 954 24.63 -3.17 -39.96
CA LYS F 954 25.67 -2.25 -39.54
C LYS F 954 25.03 -0.90 -39.37
N VAL F 955 25.10 -0.36 -38.17
CA VAL F 955 24.49 0.92 -37.87
C VAL F 955 25.55 2.00 -37.97
N ILE F 956 25.49 2.79 -39.03
CA ILE F 956 26.47 3.83 -39.32
C ILE F 956 26.03 5.13 -38.74
N THR F 957 26.96 5.87 -38.17
CA THR F 957 26.70 7.24 -37.73
C THR F 957 27.40 8.25 -38.63
N LEU F 958 26.61 9.08 -39.30
CA LEU F 958 27.10 10.07 -40.24
C LEU F 958 27.08 11.48 -39.64
N LYS F 959 28.20 12.18 -39.78
CA LYS F 959 28.28 13.61 -39.53
C LYS F 959 27.46 14.42 -40.54
N SER F 960 26.81 15.51 -40.08
CA SER F 960 25.90 16.16 -41.01
C SER F 960 26.60 17.06 -41.99
N LYS F 961 27.80 17.54 -41.69
CA LYS F 961 28.55 18.33 -42.68
C LYS F 961 28.79 17.51 -43.97
N LEU F 962 28.97 16.18 -43.85
CA LEU F 962 29.24 15.39 -45.06
C LEU F 962 28.12 15.51 -46.08
N VAL F 963 26.89 15.24 -45.66
CA VAL F 963 25.80 15.47 -46.61
C VAL F 963 25.66 16.97 -46.90
N SER F 964 25.87 17.82 -45.88
CA SER F 964 25.71 19.26 -46.06
C SER F 964 26.62 19.76 -47.17
N ASP F 965 27.88 19.37 -47.15
CA ASP F 965 28.72 19.72 -48.27
C ASP F 965 28.34 18.95 -49.53
N PHE F 966 27.92 17.71 -49.38
CA PHE F 966 27.62 16.89 -50.55
C PHE F 966 26.61 17.56 -51.46
N ARG F 967 25.59 18.22 -50.89
CA ARG F 967 24.60 18.91 -51.72
C ARG F 967 25.19 20.13 -52.41
N LYS F 968 25.95 20.94 -51.66
CA LYS F 968 26.56 22.13 -52.22
C LYS F 968 27.53 21.77 -53.34
N ASP F 969 28.33 20.71 -53.14
CA ASP F 969 29.30 20.28 -54.15
C ASP F 969 28.64 19.99 -55.48
N PHE F 970 27.50 19.33 -55.44
CA PHE F 970 26.88 18.75 -56.63
C PHE F 970 25.52 19.34 -56.95
N GLN F 971 25.15 20.44 -56.32
CA GLN F 971 24.02 21.24 -56.74
C GLN F 971 22.67 20.54 -56.47
N PHE F 972 22.60 19.79 -55.36
CA PHE F 972 21.35 19.21 -54.83
C PHE F 972 20.83 20.03 -53.69
N TYR F 973 20.76 21.34 -53.94
CA TYR F 973 20.62 22.32 -52.87
C TYR F 973 19.29 22.17 -52.17
N LYS F 974 19.30 22.42 -50.87
CA LYS F 974 18.13 22.24 -50.04
C LYS F 974 17.58 23.60 -49.71
N VAL F 975 16.29 23.81 -49.93
CA VAL F 975 15.63 24.99 -49.39
C VAL F 975 14.63 24.53 -48.34
N ARG F 976 14.77 25.06 -47.13
CA ARG F 976 14.01 24.55 -46.00
C ARG F 976 12.52 24.79 -46.21
N GLU F 977 12.21 26.02 -46.59
CA GLU F 977 10.88 26.58 -46.41
C GLU F 977 9.92 26.37 -47.53
N ILE F 978 10.39 25.92 -48.67
CA ILE F 978 9.47 25.69 -49.79
C ILE F 978 8.49 24.60 -49.44
N ASN F 979 8.99 23.55 -48.80
CA ASN F 979 8.15 22.45 -48.41
C ASN F 979 8.80 21.53 -47.40
N ASN F 980 8.09 20.48 -47.00
CA ASN F 980 8.54 19.58 -45.95
C ASN F 980 9.29 18.36 -46.44
N TYR F 981 9.50 18.24 -47.74
CA TYR F 981 10.06 17.00 -48.28
C TYR F 981 11.52 16.91 -47.95
N HIS F 982 12.15 18.03 -47.58
CA HIS F 982 13.60 18.02 -47.42
C HIS F 982 13.99 17.18 -46.24
N HIS F 983 13.07 16.88 -45.32
CA HIS F 983 13.43 15.95 -44.26
C HIS F 983 13.63 14.56 -44.83
N ALA F 984 12.76 14.15 -45.73
CA ALA F 984 12.93 12.86 -46.40
C ALA F 984 14.19 12.88 -47.27
N HIS F 985 14.45 13.98 -47.94
CA HIS F 985 15.64 14.05 -48.76
C HIS F 985 16.91 13.83 -47.98
N ASP F 986 16.95 14.26 -46.72
CA ASP F 986 18.17 14.01 -45.98
C ASP F 986 18.32 12.55 -45.62
N ALA F 987 17.23 11.83 -45.43
CA ALA F 987 17.44 10.43 -45.11
C ALA F 987 18.02 9.73 -46.31
N TYR F 988 17.51 10.05 -47.48
CA TYR F 988 18.01 9.47 -48.71
C TYR F 988 19.48 9.73 -48.89
N LEU F 989 19.88 11.00 -48.73
CA LEU F 989 21.28 11.40 -48.89
C LEU F 989 22.17 10.85 -47.78
N ASN F 990 21.61 10.48 -46.62
CA ASN F 990 22.47 9.75 -45.70
C ASN F 990 22.57 8.28 -46.08
N ALA F 991 21.51 7.70 -46.59
CA ALA F 991 21.67 6.33 -47.00
C ALA F 991 22.71 6.25 -48.10
N VAL F 992 22.72 7.22 -49.01
CA VAL F 992 23.66 7.09 -50.12
C VAL F 992 25.08 7.33 -49.63
N VAL F 993 25.30 8.44 -48.92
CA VAL F 993 26.66 8.72 -48.46
C VAL F 993 27.17 7.71 -47.41
N GLY F 994 26.28 7.12 -46.61
CA GLY F 994 26.72 6.17 -45.62
C GLY F 994 27.22 4.91 -46.27
N THR F 995 26.36 4.31 -47.09
CA THR F 995 26.70 3.07 -47.78
C THR F 995 27.78 3.25 -48.82
N ALA F 996 27.99 4.46 -49.31
CA ALA F 996 29.12 4.73 -50.18
C ALA F 996 30.41 4.71 -49.38
N LEU F 997 30.38 5.28 -48.18
CA LEU F 997 31.57 5.44 -47.37
C LEU F 997 31.99 4.15 -46.70
N ILE F 998 31.14 3.13 -46.55
CA ILE F 998 31.70 1.86 -46.06
C ILE F 998 32.12 0.97 -47.24
N LYS F 999 31.48 1.11 -48.42
CA LYS F 999 31.91 0.34 -49.59
C LYS F 999 33.29 0.79 -50.03
N LYS F 1000 33.47 2.09 -50.14
CA LYS F 1000 34.78 2.69 -50.38
C LYS F 1000 35.39 2.99 -49.00
N TYR F 1001 36.67 2.75 -48.81
CA TYR F 1001 37.34 2.93 -47.50
C TYR F 1001 36.68 2.18 -46.34
N PRO F 1002 36.55 0.85 -46.39
CA PRO F 1002 35.88 0.15 -45.29
C PRO F 1002 36.75 -0.05 -44.09
N LYS F 1003 38.05 0.12 -44.23
CA LYS F 1003 38.91 -0.02 -43.07
C LYS F 1003 38.56 1.02 -42.01
N LEU F 1004 37.93 2.10 -42.43
CA LEU F 1004 37.56 3.16 -41.50
C LEU F 1004 36.29 2.83 -40.77
N GLU F 1005 35.82 1.59 -40.90
CA GLU F 1005 34.57 1.22 -40.24
C GLU F 1005 34.60 1.65 -38.79
N SER F 1006 35.75 1.48 -38.16
CA SER F 1006 35.92 1.82 -36.76
C SER F 1006 35.51 3.25 -36.46
N GLU F 1007 35.58 4.13 -37.45
CA GLU F 1007 35.26 5.53 -37.21
C GLU F 1007 33.76 5.78 -37.09
N PHE F 1008 32.95 5.26 -38.05
CA PHE F 1008 31.52 5.52 -38.08
C PHE F 1008 30.59 4.35 -37.75
N VAL F 1009 31.02 3.11 -37.83
CA VAL F 1009 30.08 2.03 -37.57
C VAL F 1009 30.05 1.74 -36.09
N TYR F 1010 28.92 1.26 -35.60
CA TYR F 1010 28.83 1.11 -34.16
C TYR F 1010 29.58 -0.06 -33.58
N GLY F 1011 29.77 -1.15 -34.32
CA GLY F 1011 30.31 -2.40 -33.77
C GLY F 1011 31.41 -2.40 -32.70
N ASP F 1012 32.46 -1.58 -32.88
CA ASP F 1012 33.62 -1.46 -31.96
C ASP F 1012 34.37 -2.80 -31.76
N TYR F 1013 34.28 -3.70 -32.73
CA TYR F 1013 35.00 -4.96 -32.59
C TYR F 1013 36.42 -4.84 -33.11
N LYS F 1014 36.65 -4.03 -34.16
CA LYS F 1014 37.97 -3.91 -34.76
C LYS F 1014 38.28 -2.44 -34.94
N VAL F 1015 39.50 -2.03 -34.50
CA VAL F 1015 40.00 -0.65 -34.53
C VAL F 1015 41.36 -0.62 -35.22
N TYR F 1016 41.46 0.09 -36.35
CA TYR F 1016 42.68 0.01 -37.16
C TYR F 1016 43.60 1.18 -36.87
N ASP F 1017 44.86 0.99 -37.25
CA ASP F 1017 45.84 2.06 -37.18
C ASP F 1017 45.54 3.07 -38.27
N VAL F 1018 45.69 4.34 -37.94
CA VAL F 1018 45.10 5.40 -38.73
C VAL F 1018 46.13 6.10 -39.61
N ARG F 1019 47.42 6.04 -39.24
CA ARG F 1019 48.47 6.85 -39.84
C ARG F 1019 48.99 6.26 -41.14
N LYS F 1020 49.35 4.97 -41.14
CA LYS F 1020 49.90 4.31 -42.32
C LYS F 1020 48.89 4.26 -43.46
N MET F 1021 48.12 5.33 -43.64
CA MET F 1021 47.06 5.34 -44.63
C MET F 1021 47.15 6.61 -45.45
N ILE F 1022 48.32 7.22 -45.44
CA ILE F 1022 48.57 8.38 -46.27
C ILE F 1022 49.86 8.08 -47.02
N ALA F 1023 50.04 8.77 -48.15
CA ALA F 1023 51.36 8.82 -48.78
C ALA F 1023 52.05 10.13 -48.41
N ALA F 1034 46.02 -0.85 -48.71
CA ALA F 1034 45.14 0.02 -47.93
C ALA F 1034 45.69 1.44 -47.86
N LYS F 1035 46.60 1.77 -48.79
CA LYS F 1035 47.16 3.12 -48.90
C LYS F 1035 46.08 4.18 -48.87
N TYR F 1036 44.94 3.91 -49.51
CA TYR F 1036 43.84 4.87 -49.57
C TYR F 1036 44.34 6.24 -49.99
N PHE F 1037 44.06 7.30 -49.22
CA PHE F 1037 44.13 8.62 -49.84
C PHE F 1037 45.32 9.41 -49.32
N PHE F 1038 45.96 10.13 -50.26
CA PHE F 1038 46.86 11.22 -49.94
C PHE F 1038 46.07 12.47 -49.58
N TYR F 1039 44.98 12.73 -50.29
CA TYR F 1039 44.19 13.90 -49.98
C TYR F 1039 43.16 13.57 -48.91
N SER F 1040 43.14 14.37 -47.88
CA SER F 1040 42.41 14.03 -46.69
C SER F 1040 40.88 14.18 -46.84
N ASN F 1041 40.37 14.52 -48.04
CA ASN F 1041 38.98 15.01 -48.05
C ASN F 1041 37.89 13.94 -48.19
N ILE F 1042 38.18 12.66 -47.93
CA ILE F 1042 37.29 11.48 -47.85
C ILE F 1042 36.11 11.46 -48.83
N MET F 1043 35.55 12.61 -49.15
CA MET F 1043 34.40 12.70 -50.01
C MET F 1043 34.79 12.96 -51.45
N ASN F 1044 35.97 12.57 -51.85
CA ASN F 1044 36.47 13.01 -53.15
C ASN F 1044 36.09 12.04 -54.26
N PHE F 1045 35.95 10.75 -53.93
CA PHE F 1045 35.77 9.75 -54.97
C PHE F 1045 34.50 10.00 -55.76
N PHE F 1046 33.59 10.79 -55.18
CA PHE F 1046 32.42 11.32 -55.87
C PHE F 1046 32.76 12.35 -56.94
N LYS F 1047 33.71 13.25 -56.67
CA LYS F 1047 33.99 14.35 -57.60
C LYS F 1047 34.42 13.79 -58.93
N THR F 1048 33.93 14.36 -60.03
CA THR F 1048 34.37 13.84 -61.32
C THR F 1048 35.87 14.04 -61.49
N GLU F 1049 36.34 15.28 -61.31
CA GLU F 1049 37.75 15.65 -61.24
C GLU F 1049 37.90 16.60 -60.04
N ILE F 1050 38.98 16.49 -59.29
CA ILE F 1050 39.17 17.30 -58.10
C ILE F 1050 40.27 18.30 -58.40
N THR F 1051 40.01 19.60 -58.18
CA THR F 1051 41.02 20.62 -58.43
C THR F 1051 42.10 20.62 -57.35
N LEU F 1052 43.37 20.65 -57.77
CA LEU F 1052 44.46 20.60 -56.80
C LEU F 1052 44.62 21.89 -55.99
N ALA F 1053 43.92 22.97 -56.36
CA ALA F 1053 44.10 24.31 -55.78
C ALA F 1053 45.37 25.00 -56.30
N ASN F 1054 46.41 24.24 -56.70
CA ASN F 1054 47.59 24.78 -57.40
C ASN F 1054 47.29 25.13 -58.86
N GLY F 1055 46.12 25.71 -59.14
CA GLY F 1055 45.57 25.79 -60.50
C GLY F 1055 45.40 24.46 -61.21
N GLU F 1056 46.27 23.51 -60.92
CA GLU F 1056 46.34 22.23 -61.63
C GLU F 1056 45.16 21.31 -61.23
N ILE F 1057 44.81 20.40 -62.16
CA ILE F 1057 43.55 19.63 -62.11
C ILE F 1057 43.90 18.14 -62.09
N ARG F 1058 43.32 17.40 -61.14
CA ARG F 1058 43.37 15.94 -61.11
C ARG F 1058 42.05 15.36 -61.59
N LYS F 1059 42.14 14.33 -62.45
CA LYS F 1059 41.00 13.59 -62.98
C LYS F 1059 40.89 12.30 -62.20
N ARG F 1060 39.76 12.13 -61.51
CA ARG F 1060 39.30 10.88 -60.87
C ARG F 1060 38.61 9.97 -61.85
N PRO F 1061 38.56 8.67 -61.60
CA PRO F 1061 37.88 7.81 -62.56
C PRO F 1061 36.36 7.96 -62.50
N LEU F 1062 35.73 7.65 -63.63
CA LEU F 1062 34.30 7.84 -63.76
C LEU F 1062 33.51 6.78 -63.00
N ILE F 1063 34.04 5.60 -62.82
CA ILE F 1063 33.34 4.60 -62.04
C ILE F 1063 34.21 4.33 -60.84
N GLU F 1064 33.76 4.71 -59.67
CA GLU F 1064 34.68 4.61 -58.58
C GLU F 1064 34.50 3.23 -57.95
N THR F 1065 35.62 2.56 -57.64
CA THR F 1065 35.59 1.18 -57.18
C THR F 1065 36.64 0.92 -56.10
N ASN F 1066 36.31 0.09 -55.11
CA ASN F 1066 37.25 -0.19 -54.03
C ASN F 1066 38.46 -0.95 -54.58
N GLY F 1067 39.66 -0.56 -54.14
CA GLY F 1067 40.88 -1.17 -54.65
C GLY F 1067 41.05 -2.63 -54.27
N GLU F 1068 40.59 -3.00 -53.08
CA GLU F 1068 40.79 -4.37 -52.61
C GLU F 1068 39.70 -5.30 -53.10
N THR F 1069 38.47 -4.84 -53.18
CA THR F 1069 37.42 -5.80 -53.52
C THR F 1069 37.04 -5.77 -54.98
N GLY F 1070 37.32 -4.68 -55.69
CA GLY F 1070 36.86 -4.49 -57.05
C GLY F 1070 35.39 -4.10 -57.12
N GLU F 1071 34.74 -3.96 -55.96
CA GLU F 1071 33.32 -3.64 -55.86
C GLU F 1071 33.07 -2.21 -56.32
N ILE F 1072 32.08 -2.04 -57.20
CA ILE F 1072 31.78 -0.70 -57.70
C ILE F 1072 30.93 0.06 -56.69
N VAL F 1073 31.46 1.19 -56.22
CA VAL F 1073 30.83 1.99 -55.18
C VAL F 1073 30.16 3.23 -55.76
N TRP F 1074 30.77 3.91 -56.73
CA TRP F 1074 30.14 5.09 -57.32
C TRP F 1074 30.40 5.16 -58.81
N ASP F 1075 29.32 5.18 -59.58
CA ASP F 1075 29.39 5.23 -61.03
C ASP F 1075 28.95 6.64 -61.38
N LYS F 1076 29.93 7.51 -61.61
CA LYS F 1076 29.59 8.90 -61.71
C LYS F 1076 28.59 9.15 -62.81
N GLY F 1077 28.70 8.42 -63.92
CA GLY F 1077 27.75 8.67 -64.99
C GLY F 1077 26.31 8.36 -64.60
N ARG F 1078 26.09 7.20 -63.99
CA ARG F 1078 24.75 6.70 -63.79
C ARG F 1078 24.18 7.25 -62.50
N ASP F 1079 24.96 7.19 -61.43
CA ASP F 1079 24.35 7.42 -60.11
C ASP F 1079 24.04 8.87 -59.83
N PHE F 1080 24.82 9.80 -60.36
CA PHE F 1080 24.46 11.14 -59.99
C PHE F 1080 23.07 11.43 -60.48
N ALA F 1081 22.70 10.81 -61.61
CA ALA F 1081 21.35 10.98 -62.12
C ALA F 1081 20.32 10.30 -61.22
N THR F 1082 20.60 9.07 -60.76
CA THR F 1082 19.58 8.37 -59.98
C THR F 1082 19.33 9.07 -58.64
N VAL F 1083 20.35 9.74 -58.09
CA VAL F 1083 20.14 10.66 -56.97
C VAL F 1083 19.30 11.85 -57.39
N ARG F 1084 19.58 12.43 -58.55
CA ARG F 1084 18.74 13.55 -58.97
C ARG F 1084 17.32 13.12 -59.24
N LYS F 1085 17.13 11.92 -59.78
CA LYS F 1085 15.75 11.46 -60.05
C LYS F 1085 14.98 11.19 -58.75
N VAL F 1086 15.63 10.58 -57.76
CA VAL F 1086 14.99 10.28 -56.47
C VAL F 1086 14.54 11.58 -55.79
N LEU F 1087 15.42 12.58 -55.83
CA LEU F 1087 15.14 13.91 -55.31
C LEU F 1087 13.92 14.51 -55.97
N SER F 1088 13.87 14.51 -57.30
CA SER F 1088 12.75 15.15 -57.97
C SER F 1088 11.48 14.24 -58.03
N MET F 1089 11.36 13.25 -57.16
CA MET F 1089 10.14 12.43 -57.09
C MET F 1089 9.02 13.24 -56.45
N PRO F 1090 7.82 13.18 -56.99
CA PRO F 1090 6.74 14.07 -56.56
C PRO F 1090 5.96 13.59 -55.38
N GLN F 1091 5.96 12.27 -55.16
CA GLN F 1091 5.19 11.67 -54.08
C GLN F 1091 6.13 11.18 -53.01
N VAL F 1092 6.04 11.79 -51.83
CA VAL F 1092 6.78 11.40 -50.66
C VAL F 1092 5.81 11.28 -49.52
N ASN F 1093 6.08 10.36 -48.59
CA ASN F 1093 5.19 10.15 -47.45
C ASN F 1093 5.54 11.12 -46.34
N ILE F 1094 4.63 12.04 -46.10
CA ILE F 1094 4.78 12.98 -45.01
C ILE F 1094 3.61 12.74 -44.08
N VAL F 1095 3.90 12.41 -42.85
CA VAL F 1095 2.84 12.10 -41.91
C VAL F 1095 2.98 13.00 -40.73
N LYS F 1096 1.89 13.61 -40.29
CA LYS F 1096 1.93 14.27 -39.00
C LYS F 1096 1.37 13.33 -37.97
N LYS F 1097 2.21 12.94 -37.02
CA LYS F 1097 1.77 12.10 -35.94
C LYS F 1097 0.52 12.71 -35.31
N THR F 1098 -0.52 11.90 -35.21
CA THR F 1098 -1.80 12.35 -34.65
C THR F 1098 -1.69 12.29 -33.13
N GLU F 1099 -2.18 13.32 -32.46
CA GLU F 1099 -1.89 13.51 -31.04
C GLU F 1099 -3.07 14.01 -30.23
N VAL F 1100 -3.46 13.21 -29.23
CA VAL F 1100 -4.39 13.70 -28.24
C VAL F 1100 -3.72 14.83 -27.49
N GLN F 1101 -4.41 15.96 -27.32
CA GLN F 1101 -3.76 17.07 -26.65
C GLN F 1101 -3.85 16.88 -25.16
N THR F 1102 -2.72 16.97 -24.47
CA THR F 1102 -2.68 16.95 -23.01
C THR F 1102 -2.13 18.25 -22.42
N GLY F 1103 -2.38 18.43 -21.12
CA GLY F 1103 -1.88 19.60 -20.43
C GLY F 1103 -2.90 20.40 -19.64
N GLY F 1104 -2.86 21.71 -19.88
CA GLY F 1104 -3.77 22.61 -19.20
C GLY F 1104 -5.21 22.49 -19.68
N PHE F 1105 -6.14 22.66 -18.73
CA PHE F 1105 -7.56 22.62 -19.03
C PHE F 1105 -7.97 23.73 -19.97
N SER F 1106 -7.44 24.93 -19.74
CA SER F 1106 -8.03 26.13 -20.32
C SER F 1106 -7.04 27.24 -20.10
N LYS F 1107 -7.25 28.37 -20.74
CA LYS F 1107 -6.37 29.50 -20.48
C LYS F 1107 -6.37 29.85 -19.01
N GLU F 1108 -5.21 30.29 -18.52
CA GLU F 1108 -5.00 30.40 -17.08
C GLU F 1108 -5.79 31.53 -16.45
N SER F 1109 -6.05 32.62 -17.16
CA SER F 1109 -6.76 33.77 -16.57
C SER F 1109 -8.12 33.39 -15.99
N ILE F 1110 -8.45 34.06 -14.88
CA ILE F 1110 -9.80 34.06 -14.35
C ILE F 1110 -10.60 35.08 -15.16
N LEU F 1111 -11.81 34.69 -15.55
CA LEU F 1111 -12.45 35.77 -16.26
C LEU F 1111 -13.64 36.30 -15.48
N PRO F 1112 -13.87 37.62 -15.56
CA PRO F 1112 -15.00 38.22 -14.87
C PRO F 1112 -16.34 37.64 -15.33
N LYS F 1113 -17.36 37.80 -14.49
CA LYS F 1113 -18.70 37.24 -14.74
C LYS F 1113 -19.28 37.71 -16.07
N ARG F 1114 -20.03 36.81 -16.70
CA ARG F 1114 -20.79 37.07 -17.92
C ARG F 1114 -21.96 36.10 -17.92
N ASN F 1115 -22.90 36.31 -18.85
CA ASN F 1115 -23.91 35.30 -19.18
C ASN F 1115 -23.37 34.58 -20.41
N SER F 1116 -22.64 33.49 -20.18
CA SER F 1116 -22.20 32.60 -21.24
C SER F 1116 -22.32 31.15 -20.78
N ASP F 1117 -22.58 30.27 -21.74
CA ASP F 1117 -22.56 28.83 -21.48
C ASP F 1117 -21.26 28.23 -21.95
N LYS F 1118 -20.44 29.03 -22.63
CA LYS F 1118 -19.09 28.68 -23.00
C LYS F 1118 -18.10 29.13 -21.95
N LEU F 1119 -18.59 29.70 -20.85
CA LEU F 1119 -17.80 30.09 -19.69
C LEU F 1119 -17.70 28.91 -18.74
N ILE F 1120 -16.47 28.56 -18.38
CA ILE F 1120 -16.20 27.37 -17.58
C ILE F 1120 -16.27 27.72 -16.09
N ALA F 1121 -16.91 26.84 -15.33
CA ALA F 1121 -17.12 27.10 -13.91
C ALA F 1121 -15.80 26.96 -13.13
N ARG F 1122 -15.63 27.85 -12.14
CA ARG F 1122 -14.41 27.91 -11.33
C ARG F 1122 -14.34 26.79 -10.29
N LYS F 1123 -15.44 26.54 -9.60
CA LYS F 1123 -15.55 25.42 -8.68
C LYS F 1123 -17.00 24.94 -8.76
N LYS F 1124 -17.21 23.66 -8.43
CA LYS F 1124 -18.45 22.99 -8.83
C LYS F 1124 -19.70 23.81 -8.47
N ASP F 1125 -19.77 24.28 -7.22
CA ASP F 1125 -20.96 24.94 -6.70
C ASP F 1125 -21.09 26.42 -7.10
N TRP F 1126 -20.11 26.99 -7.81
CA TRP F 1126 -20.07 28.42 -8.05
C TRP F 1126 -20.45 28.68 -9.50
N ASP F 1127 -21.66 29.17 -9.72
CA ASP F 1127 -22.09 29.47 -11.08
C ASP F 1127 -21.26 30.61 -11.69
N PRO F 1128 -20.61 30.38 -12.84
CA PRO F 1128 -19.83 31.46 -13.49
C PRO F 1128 -20.63 32.71 -13.83
N LYS F 1129 -21.94 32.59 -14.11
CA LYS F 1129 -22.77 33.76 -14.38
C LYS F 1129 -22.74 34.74 -13.22
N LYS F 1130 -22.62 34.21 -12.00
CA LYS F 1130 -22.56 35.02 -10.79
C LYS F 1130 -21.13 35.37 -10.39
N TYR F 1131 -20.20 34.40 -10.49
CA TYR F 1131 -18.89 34.53 -9.87
C TYR F 1131 -17.71 34.67 -10.83
N GLY F 1132 -17.86 34.30 -12.08
CA GLY F 1132 -16.74 34.32 -12.99
C GLY F 1132 -16.00 33.00 -13.03
N GLY F 1133 -15.34 32.77 -14.16
CA GLY F 1133 -14.78 31.47 -14.43
C GLY F 1133 -13.76 31.51 -15.54
N PHE F 1134 -13.37 30.31 -15.95
CA PHE F 1134 -12.33 30.06 -16.96
C PHE F 1134 -12.88 30.23 -18.36
N ASP F 1135 -11.96 30.28 -19.31
CA ASP F 1135 -12.33 30.52 -20.69
C ASP F 1135 -11.39 29.75 -21.59
N SER F 1136 -11.80 29.54 -22.83
CA SER F 1136 -10.92 29.06 -23.89
C SER F 1136 -10.20 27.75 -23.52
N PRO F 1137 -10.96 26.68 -23.31
CA PRO F 1137 -10.31 25.38 -23.06
C PRO F 1137 -9.60 24.85 -24.31
N THR F 1138 -8.49 24.14 -24.06
CA THR F 1138 -7.81 23.36 -25.09
C THR F 1138 -8.63 22.10 -25.39
N VAL F 1139 -8.78 21.75 -26.66
CA VAL F 1139 -9.68 20.67 -27.04
C VAL F 1139 -8.84 19.40 -27.08
N ALA F 1140 -8.98 18.54 -26.08
CA ALA F 1140 -8.10 17.38 -25.97
C ALA F 1140 -8.19 16.51 -27.21
N TYR F 1141 -9.41 16.16 -27.63
CA TYR F 1141 -9.63 15.51 -28.93
C TYR F 1141 -11.10 15.56 -29.28
N SER F 1142 -11.37 15.56 -30.59
CA SER F 1142 -12.73 15.69 -31.12
C SER F 1142 -13.33 14.32 -31.41
N VAL F 1143 -14.64 14.21 -31.16
CA VAL F 1143 -15.35 12.96 -31.36
C VAL F 1143 -16.55 13.19 -32.25
N LEU F 1144 -16.80 12.25 -33.16
CA LEU F 1144 -17.82 12.39 -34.20
C LEU F 1144 -19.10 11.70 -33.76
N VAL F 1145 -20.19 12.46 -33.70
CA VAL F 1145 -21.46 12.00 -33.17
C VAL F 1145 -22.56 12.14 -34.25
N VAL F 1146 -23.24 11.03 -34.57
CA VAL F 1146 -24.40 10.99 -35.47
C VAL F 1146 -25.61 10.56 -34.64
N ALA F 1147 -26.47 11.54 -34.36
CA ALA F 1147 -27.58 11.42 -33.43
C ALA F 1147 -28.54 12.59 -33.68
N LYS F 1148 -29.63 12.62 -32.92
CA LYS F 1148 -30.64 13.67 -33.06
C LYS F 1148 -30.61 14.67 -31.91
N VAL F 1149 -30.94 15.92 -32.21
CA VAL F 1149 -31.01 17.00 -31.23
C VAL F 1149 -32.34 17.73 -31.42
N GLU F 1150 -32.82 18.35 -30.35
CA GLU F 1150 -34.13 19.00 -30.44
C GLU F 1150 -34.02 20.33 -31.14
N LYS F 1151 -34.88 20.55 -32.13
CA LYS F 1151 -34.94 21.82 -32.84
C LYS F 1151 -36.37 22.32 -32.87
N GLY F 1152 -36.52 23.62 -32.57
CA GLY F 1152 -37.81 24.27 -32.52
C GLY F 1152 -38.52 24.08 -31.18
N LYS F 1153 -39.67 24.74 -31.07
CA LYS F 1153 -40.55 24.52 -29.93
C LYS F 1153 -41.03 23.07 -29.88
N SER F 1154 -41.23 22.45 -31.05
CA SER F 1154 -41.85 21.13 -31.18
C SER F 1154 -41.11 20.02 -30.45
N LYS F 1155 -39.85 20.24 -30.06
CA LYS F 1155 -38.98 19.17 -29.57
C LYS F 1155 -38.88 18.08 -30.62
N LYS F 1156 -38.82 18.55 -31.86
CA LYS F 1156 -38.66 17.71 -33.03
C LYS F 1156 -37.22 17.23 -33.12
N LEU F 1157 -37.08 15.93 -33.32
CA LEU F 1157 -35.77 15.32 -33.42
C LEU F 1157 -35.30 15.46 -34.87
N LYS F 1158 -34.24 16.23 -35.08
CA LYS F 1158 -33.62 16.41 -36.38
C LYS F 1158 -32.22 15.83 -36.29
N SER F 1159 -31.79 15.20 -37.38
CA SER F 1159 -30.59 14.37 -37.36
C SER F 1159 -29.37 15.24 -37.70
N VAL F 1160 -28.36 15.25 -36.83
CA VAL F 1160 -27.12 16.01 -37.01
C VAL F 1160 -25.91 15.08 -36.93
N LYS F 1161 -24.94 15.34 -37.80
CA LYS F 1161 -23.63 14.72 -37.76
C LYS F 1161 -22.61 15.85 -37.66
N GLU F 1162 -21.88 15.89 -36.54
CA GLU F 1162 -20.98 17.00 -36.22
C GLU F 1162 -19.84 16.52 -35.32
N LEU F 1163 -18.96 17.46 -35.00
CA LEU F 1163 -17.68 17.24 -34.33
C LEU F 1163 -17.79 17.80 -32.93
N LEU F 1164 -17.76 16.93 -31.93
CA LEU F 1164 -17.85 17.41 -30.56
C LEU F 1164 -16.44 17.58 -30.05
N GLY F 1165 -16.18 18.73 -29.44
CA GLY F 1165 -14.89 18.98 -28.83
C GLY F 1165 -14.88 18.47 -27.40
N ILE F 1166 -14.21 17.35 -27.19
CA ILE F 1166 -14.02 16.88 -25.84
C ILE F 1166 -12.82 17.64 -25.30
N THR F 1167 -13.00 18.38 -24.19
CA THR F 1167 -11.86 19.05 -23.57
C THR F 1167 -11.14 18.10 -22.62
N ILE F 1168 -10.02 18.56 -22.03
CA ILE F 1168 -9.35 17.70 -21.04
C ILE F 1168 -10.26 17.46 -19.85
N MET F 1169 -10.94 18.53 -19.41
CA MET F 1169 -11.84 18.38 -18.28
C MET F 1169 -12.95 17.38 -18.60
N GLU F 1170 -13.50 17.45 -19.82
CA GLU F 1170 -14.54 16.48 -20.16
C GLU F 1170 -13.95 15.09 -20.25
N ARG F 1171 -12.69 14.99 -20.69
CA ARG F 1171 -12.17 13.72 -21.15
C ARG F 1171 -12.32 12.63 -20.09
N SER F 1172 -12.06 12.96 -18.82
CA SER F 1172 -12.21 11.95 -17.77
C SER F 1172 -13.64 11.42 -17.75
N SER F 1173 -14.60 12.35 -17.70
CA SER F 1173 -16.01 11.99 -17.59
C SER F 1173 -16.47 11.20 -18.80
N PHE F 1174 -16.12 11.71 -19.99
CA PHE F 1174 -16.58 11.09 -21.22
C PHE F 1174 -16.05 9.66 -21.33
N GLU F 1175 -14.80 9.43 -20.92
CA GLU F 1175 -14.20 8.12 -21.11
C GLU F 1175 -14.90 7.05 -20.28
N LYS F 1176 -15.36 7.39 -19.06
CA LYS F 1176 -15.96 6.39 -18.19
C LYS F 1176 -17.22 5.79 -18.82
N ASN F 1177 -18.17 6.64 -19.22
CA ASN F 1177 -19.39 6.20 -19.88
C ASN F 1177 -19.61 7.18 -21.03
N PRO F 1178 -19.33 6.77 -22.27
CA PRO F 1178 -19.45 7.71 -23.39
C PRO F 1178 -20.88 8.16 -23.67
N ILE F 1179 -21.79 7.19 -23.85
CA ILE F 1179 -23.14 7.52 -24.29
C ILE F 1179 -23.81 8.45 -23.28
N ASP F 1180 -23.72 8.11 -22.00
CA ASP F 1180 -24.33 8.95 -20.98
C ASP F 1180 -23.77 10.36 -21.02
N PHE F 1181 -22.46 10.50 -21.29
CA PHE F 1181 -21.85 11.82 -21.31
C PHE F 1181 -22.38 12.67 -22.46
N LEU F 1182 -22.46 12.08 -23.66
CA LEU F 1182 -22.99 12.79 -24.81
C LEU F 1182 -24.40 13.30 -24.57
N GLU F 1183 -25.27 12.45 -23.99
CA GLU F 1183 -26.69 12.76 -23.86
C GLU F 1183 -26.93 14.02 -23.06
N ALA F 1184 -26.06 14.30 -22.08
CA ALA F 1184 -26.20 15.50 -21.26
C ALA F 1184 -25.95 16.76 -22.08
N LYS F 1185 -25.13 16.68 -23.11
CA LYS F 1185 -24.92 17.85 -23.96
C LYS F 1185 -26.12 18.12 -24.89
N GLY F 1186 -27.05 17.18 -25.04
CA GLY F 1186 -28.24 17.36 -25.85
C GLY F 1186 -28.47 16.33 -26.96
N TYR F 1187 -27.55 15.38 -27.17
CA TYR F 1187 -27.68 14.40 -28.25
C TYR F 1187 -28.58 13.22 -27.83
N LYS F 1188 -29.34 12.70 -28.80
CA LYS F 1188 -30.26 11.57 -28.59
C LYS F 1188 -30.07 10.52 -29.68
N GLU F 1189 -30.21 9.24 -29.29
CA GLU F 1189 -30.14 8.10 -30.20
C GLU F 1189 -28.78 8.04 -30.91
N VAL F 1190 -27.71 8.15 -30.11
CA VAL F 1190 -26.35 8.22 -30.65
C VAL F 1190 -25.93 6.82 -31.09
N LYS F 1191 -25.42 6.71 -32.32
CA LYS F 1191 -25.02 5.43 -32.89
C LYS F 1191 -23.62 5.03 -32.45
N LYS F 1192 -23.53 4.08 -31.51
CA LYS F 1192 -22.27 3.81 -30.80
C LYS F 1192 -21.20 3.21 -31.72
N ASP F 1193 -21.59 2.32 -32.64
CA ASP F 1193 -20.59 1.69 -33.51
C ASP F 1193 -19.91 2.70 -34.42
N LEU F 1194 -20.62 3.78 -34.75
CA LEU F 1194 -20.18 4.82 -35.66
C LEU F 1194 -19.42 5.95 -34.98
N ILE F 1195 -19.20 5.89 -33.66
CA ILE F 1195 -18.44 6.92 -32.96
C ILE F 1195 -16.97 6.83 -33.39
N ILE F 1196 -16.41 7.94 -33.89
CA ILE F 1196 -15.03 7.96 -34.38
C ILE F 1196 -14.24 9.01 -33.61
N LYS F 1197 -13.09 8.60 -33.05
CA LYS F 1197 -12.26 9.47 -32.21
C LYS F 1197 -11.21 10.16 -33.06
N LEU F 1198 -11.36 11.45 -33.25
CA LEU F 1198 -10.44 12.18 -34.11
C LEU F 1198 -9.50 13.10 -33.32
N PRO F 1199 -8.28 12.66 -33.01
CA PRO F 1199 -7.31 13.51 -32.32
C PRO F 1199 -6.74 14.57 -33.24
N LYS F 1200 -5.96 15.46 -32.64
CA LYS F 1200 -5.42 16.60 -33.36
C LYS F 1200 -4.47 16.17 -34.47
N TYR F 1201 -4.44 17.00 -35.50
CA TYR F 1201 -3.70 16.85 -36.76
C TYR F 1201 -4.27 15.75 -37.66
N SER F 1202 -5.50 15.28 -37.42
CA SER F 1202 -5.94 14.19 -38.26
C SER F 1202 -6.48 14.67 -39.61
N LEU F 1203 -6.42 13.74 -40.57
CA LEU F 1203 -6.31 14.04 -41.99
C LEU F 1203 -7.57 13.76 -42.78
N PHE F 1204 -8.04 14.75 -43.55
CA PHE F 1204 -9.18 14.52 -44.43
C PHE F 1204 -8.78 14.89 -45.85
N GLU F 1205 -9.13 14.01 -46.77
CA GLU F 1205 -8.92 14.21 -48.18
C GLU F 1205 -10.28 14.44 -48.80
N LEU F 1206 -10.40 15.47 -49.61
CA LEU F 1206 -11.64 15.70 -50.31
C LEU F 1206 -11.32 16.16 -51.74
N GLU F 1207 -12.27 15.95 -52.65
CA GLU F 1207 -12.27 16.55 -54.01
C GLU F 1207 -10.91 16.35 -54.71
N ASN F 1208 -10.27 17.40 -55.24
CA ASN F 1208 -9.09 17.37 -56.12
C ASN F 1208 -7.74 17.08 -55.50
N GLY F 1209 -7.72 16.22 -54.48
CA GLY F 1209 -6.51 15.89 -53.78
C GLY F 1209 -6.13 16.85 -52.68
N ARG F 1210 -6.94 17.87 -52.45
CA ARG F 1210 -6.76 18.78 -51.34
C ARG F 1210 -6.99 18.02 -50.03
N LYS F 1211 -6.10 18.22 -49.07
CA LYS F 1211 -6.16 17.58 -47.76
C LYS F 1211 -6.21 18.65 -46.68
N ARG F 1212 -6.99 18.40 -45.64
CA ARG F 1212 -7.10 19.31 -44.52
C ARG F 1212 -6.79 18.56 -43.23
N MET F 1213 -6.00 19.16 -42.35
CA MET F 1213 -5.68 18.57 -41.05
C MET F 1213 -6.56 19.20 -40.01
N LEU F 1214 -7.15 18.36 -39.17
CA LEU F 1214 -8.11 18.82 -38.16
C LEU F 1214 -7.37 19.51 -37.01
N ALA F 1215 -7.54 20.81 -36.85
CA ALA F 1215 -6.77 21.51 -35.82
C ALA F 1215 -7.57 21.71 -34.55
N SER F 1216 -8.87 21.49 -34.62
CA SER F 1216 -9.77 21.70 -33.50
C SER F 1216 -11.01 20.90 -33.79
N ALA F 1217 -11.91 20.86 -32.82
CA ALA F 1217 -13.25 20.43 -33.14
C ALA F 1217 -13.79 21.24 -34.30
N GLY F 1218 -13.40 22.51 -34.39
CA GLY F 1218 -13.89 23.49 -35.36
C GLY F 1218 -12.93 24.15 -36.34
N GLU F 1219 -11.62 23.91 -36.29
CA GLU F 1219 -10.68 24.56 -37.21
C GLU F 1219 -9.86 23.54 -37.97
N LEU F 1220 -9.36 23.92 -39.15
CA LEU F 1220 -8.56 23.03 -39.95
C LEU F 1220 -7.26 23.71 -40.38
N GLN F 1221 -6.34 22.90 -40.91
CA GLN F 1221 -5.01 23.31 -41.36
C GLN F 1221 -4.72 22.67 -42.70
N LYS F 1222 -4.06 23.42 -43.59
CA LYS F 1222 -3.66 22.83 -44.86
C LYS F 1222 -2.88 21.54 -44.63
N GLY F 1223 -3.13 20.55 -45.51
CA GLY F 1223 -2.57 19.22 -45.38
C GLY F 1223 -1.91 18.65 -46.63
N ASN F 1224 -1.43 19.55 -47.49
CA ASN F 1224 -0.80 19.19 -48.76
C ASN F 1224 0.62 19.74 -48.80
N GLU F 1225 1.46 19.06 -49.58
CA GLU F 1225 2.84 19.45 -49.80
C GLU F 1225 3.01 19.91 -51.24
N LEU F 1226 3.69 21.02 -51.48
CA LEU F 1226 3.82 21.56 -52.84
C LEU F 1226 5.04 21.00 -53.59
N ALA F 1227 4.80 20.27 -54.68
CA ALA F 1227 5.92 19.56 -55.34
C ALA F 1227 6.66 20.43 -56.35
N LEU F 1228 7.26 21.50 -55.83
CA LEU F 1228 8.03 22.42 -56.67
C LEU F 1228 9.17 21.68 -57.35
N PRO F 1229 9.28 21.72 -58.68
CA PRO F 1229 10.30 20.91 -59.34
C PRO F 1229 11.69 21.38 -58.97
N SER F 1230 12.67 20.53 -59.26
CA SER F 1230 14.00 20.72 -58.70
C SER F 1230 14.70 21.97 -59.25
N LYS F 1231 14.56 22.26 -60.55
CA LYS F 1231 15.30 23.39 -61.12
C LYS F 1231 14.96 24.69 -60.41
N TYR F 1232 13.72 24.84 -59.99
CA TYR F 1232 13.35 26.05 -59.28
C TYR F 1232 13.95 26.05 -57.89
N VAL F 1233 13.92 24.91 -57.19
CA VAL F 1233 14.56 24.87 -55.87
C VAL F 1233 16.04 25.21 -55.99
N ASN F 1234 16.74 24.55 -56.91
CA ASN F 1234 18.15 24.86 -57.06
C ASN F 1234 18.36 26.33 -57.34
N PHE F 1235 17.45 26.93 -58.13
CA PHE F 1235 17.52 28.36 -58.46
C PHE F 1235 17.37 29.19 -57.20
N LEU F 1236 16.27 29.00 -56.48
CA LEU F 1236 15.94 29.84 -55.35
C LEU F 1236 17.02 29.76 -54.27
N TYR F 1237 17.74 28.65 -54.18
CA TYR F 1237 18.86 28.66 -53.24
C TYR F 1237 19.98 29.54 -53.77
N LEU F 1238 20.30 29.45 -55.05
CA LEU F 1238 21.35 30.32 -55.63
C LEU F 1238 20.94 31.78 -55.65
N ALA F 1239 19.68 32.07 -55.92
CA ALA F 1239 19.25 33.44 -55.75
C ALA F 1239 19.27 33.83 -54.27
N SER F 1240 18.91 32.92 -53.34
CA SER F 1240 18.94 33.32 -51.93
C SER F 1240 20.32 33.78 -51.53
N HIS F 1241 21.37 33.18 -52.13
CA HIS F 1241 22.72 33.74 -52.11
C HIS F 1241 23.16 33.96 -50.66
N TYR F 1242 22.96 32.92 -49.83
CA TYR F 1242 23.07 33.05 -48.37
C TYR F 1242 24.39 33.69 -47.94
N GLU F 1243 24.31 34.89 -47.34
CA GLU F 1243 25.49 35.64 -46.86
C GLU F 1243 26.60 35.68 -47.92
N LYS F 1244 26.24 36.17 -49.11
CA LYS F 1244 27.05 36.19 -50.34
C LYS F 1244 27.35 34.72 -50.68
N LEU F 1245 28.61 34.33 -50.89
CA LEU F 1245 28.96 32.92 -51.09
C LEU F 1245 30.35 32.64 -50.51
N LYS F 1246 30.51 31.56 -49.71
CA LYS F 1246 31.82 31.32 -49.09
C LYS F 1246 32.83 30.62 -50.01
N GLY F 1247 32.37 29.82 -50.98
CA GLY F 1247 33.27 28.93 -51.72
C GLY F 1247 34.37 29.55 -52.59
N SER F 1248 34.88 28.73 -53.57
CA SER F 1248 35.97 29.15 -54.48
C SER F 1248 35.43 30.06 -55.57
N PRO F 1249 36.18 31.12 -55.89
CA PRO F 1249 35.62 32.18 -56.77
C PRO F 1249 35.28 31.72 -58.18
N GLU F 1250 36.02 30.75 -58.75
CA GLU F 1250 35.74 30.37 -60.13
C GLU F 1250 34.44 29.60 -60.26
N ASP F 1251 34.13 28.70 -59.31
CA ASP F 1251 32.83 28.04 -59.40
C ASP F 1251 31.68 29.01 -59.24
N ASN F 1252 31.77 29.95 -58.32
CA ASN F 1252 30.59 30.74 -57.96
C ASN F 1252 30.16 31.72 -59.05
N GLU F 1253 31.08 32.20 -59.89
CA GLU F 1253 30.63 33.11 -60.93
C GLU F 1253 29.68 32.42 -61.91
N GLN F 1254 29.95 31.16 -62.24
CA GLN F 1254 29.05 30.40 -63.11
C GLN F 1254 27.69 30.20 -62.43
N LYS F 1255 27.68 30.01 -61.12
CA LYS F 1255 26.42 29.95 -60.40
C LYS F 1255 25.68 31.27 -60.51
N GLN F 1256 26.42 32.38 -60.48
CA GLN F 1256 25.79 33.68 -60.60
C GLN F 1256 25.08 33.75 -61.96
N LEU F 1257 25.77 33.33 -63.04
CA LEU F 1257 25.18 33.37 -64.37
C LEU F 1257 23.92 32.53 -64.45
N PHE F 1258 23.90 31.36 -63.79
CA PHE F 1258 22.68 30.57 -63.69
C PHE F 1258 21.54 31.43 -63.13
N VAL F 1259 21.84 32.32 -62.17
CA VAL F 1259 20.78 33.16 -61.63
C VAL F 1259 20.31 34.19 -62.66
N GLU F 1260 21.25 34.97 -63.25
CA GLU F 1260 20.81 36.04 -64.19
C GLU F 1260 20.17 35.49 -65.45
N GLN F 1261 20.75 34.48 -66.04
CA GLN F 1261 20.13 33.98 -67.26
C GLN F 1261 18.70 33.58 -67.01
N HIS F 1262 18.42 33.06 -65.82
CA HIS F 1262 17.13 32.45 -65.54
C HIS F 1262 16.18 33.40 -64.85
N LYS F 1263 16.33 34.70 -65.08
CA LYS F 1263 15.46 35.64 -64.38
C LYS F 1263 14.00 35.32 -64.66
N HIS F 1264 13.72 34.68 -65.79
CA HIS F 1264 12.36 34.31 -66.18
C HIS F 1264 11.71 33.27 -65.28
N TYR F 1265 12.46 32.67 -64.34
CA TYR F 1265 11.88 31.68 -63.43
C TYR F 1265 10.88 32.32 -62.48
N LEU F 1266 11.17 33.53 -62.01
CA LEU F 1266 10.39 34.12 -60.92
C LEU F 1266 8.90 34.12 -61.24
N ASP F 1267 8.51 34.49 -62.46
CA ASP F 1267 7.10 34.33 -62.84
C ASP F 1267 6.72 32.87 -62.94
N GLU F 1268 7.64 32.02 -63.38
CA GLU F 1268 7.31 30.61 -63.48
C GLU F 1268 7.02 30.04 -62.10
N ILE F 1269 7.83 30.41 -61.10
CA ILE F 1269 7.58 30.03 -59.71
C ILE F 1269 6.25 30.59 -59.22
N ILE F 1270 6.00 31.88 -59.44
CA ILE F 1270 4.76 32.46 -58.89
C ILE F 1270 3.57 31.74 -59.46
N GLU F 1271 3.67 31.26 -60.70
CA GLU F 1271 2.53 30.49 -61.19
C GLU F 1271 2.44 29.18 -60.44
N GLN F 1272 3.58 28.53 -60.19
CA GLN F 1272 3.55 27.32 -59.41
C GLN F 1272 2.80 27.56 -58.12
N ILE F 1273 3.15 28.63 -57.42
CA ILE F 1273 2.52 28.94 -56.13
C ILE F 1273 1.04 29.20 -56.34
N SER F 1274 0.70 29.96 -57.39
CA SER F 1274 -0.70 30.33 -57.62
C SER F 1274 -1.51 29.14 -58.08
N GLU F 1275 -1.00 28.39 -59.05
CA GLU F 1275 -1.73 27.23 -59.52
C GLU F 1275 -1.93 26.22 -58.39
N PHE F 1276 -0.91 26.03 -57.55
CA PHE F 1276 -1.08 25.19 -56.37
C PHE F 1276 -2.01 25.85 -55.37
N SER F 1277 -1.95 27.17 -55.22
CA SER F 1277 -2.81 27.81 -54.24
C SER F 1277 -4.26 27.46 -54.51
N LYS F 1278 -4.69 27.65 -55.77
CA LYS F 1278 -6.10 27.53 -56.12
C LYS F 1278 -6.63 26.13 -55.89
N ARG F 1279 -5.84 25.13 -56.27
CA ARG F 1279 -6.29 23.76 -56.12
C ARG F 1279 -6.46 23.42 -54.66
N VAL F 1280 -5.48 23.81 -53.83
CA VAL F 1280 -5.35 23.30 -52.49
C VAL F 1280 -5.55 24.38 -51.42
N ILE F 1281 -4.99 25.57 -51.62
CA ILE F 1281 -4.93 26.48 -50.49
C ILE F 1281 -6.21 27.28 -50.34
N LEU F 1282 -6.82 27.72 -51.45
CA LEU F 1282 -8.16 28.31 -51.48
C LEU F 1282 -8.24 29.63 -50.74
N ALA F 1283 -7.14 30.24 -50.38
CA ALA F 1283 -7.19 31.60 -49.87
C ALA F 1283 -7.03 32.46 -51.11
N ASP F 1284 -8.16 32.85 -51.67
CA ASP F 1284 -8.14 33.68 -52.86
C ASP F 1284 -8.01 35.15 -52.50
N ALA F 1285 -8.63 35.56 -51.39
CA ALA F 1285 -8.41 36.90 -50.89
C ALA F 1285 -6.91 37.19 -50.77
N ASN F 1286 -6.19 36.27 -50.13
CA ASN F 1286 -4.78 36.49 -49.83
C ASN F 1286 -3.94 36.39 -51.10
N LEU F 1287 -4.20 35.34 -51.89
CA LEU F 1287 -3.38 35.07 -53.07
C LEU F 1287 -3.38 36.27 -54.00
N ASP F 1288 -4.53 36.96 -54.11
CA ASP F 1288 -4.58 38.14 -54.97
C ASP F 1288 -3.71 39.24 -54.42
N LYS F 1289 -3.85 39.48 -53.11
CA LYS F 1289 -2.97 40.42 -52.44
C LYS F 1289 -1.51 40.02 -52.60
N VAL F 1290 -1.23 38.71 -52.67
CA VAL F 1290 0.11 38.25 -53.00
C VAL F 1290 0.44 38.56 -54.44
N LEU F 1291 -0.39 38.07 -55.36
CA LEU F 1291 -0.09 38.19 -56.78
C LEU F 1291 0.28 39.62 -57.14
N SER F 1292 -0.47 40.59 -56.58
CA SER F 1292 -0.27 41.99 -56.94
C SER F 1292 0.94 42.62 -56.28
N ALA F 1293 1.44 42.03 -55.20
CA ALA F 1293 2.61 42.61 -54.57
C ALA F 1293 3.86 42.23 -55.34
N TYR F 1294 3.89 41.01 -55.89
CA TYR F 1294 4.99 40.62 -56.75
C TYR F 1294 5.00 41.46 -58.03
N ASN F 1295 3.82 41.75 -58.60
CA ASN F 1295 3.78 42.58 -59.82
C ASN F 1295 4.38 43.96 -59.60
N LYS F 1296 4.27 44.50 -58.39
CA LYS F 1296 4.73 45.86 -58.13
C LYS F 1296 6.25 45.95 -57.92
N HIS F 1297 6.92 44.86 -57.61
CA HIS F 1297 8.30 44.95 -57.17
C HIS F 1297 9.33 44.33 -58.13
N ARG F 1298 9.05 44.32 -59.44
CA ARG F 1298 9.99 43.77 -60.41
C ARG F 1298 11.30 44.58 -60.53
N ASP F 1299 11.25 45.88 -60.24
CA ASP F 1299 12.43 46.74 -60.34
C ASP F 1299 13.44 46.40 -59.26
N LYS F 1300 13.04 45.60 -58.28
CA LYS F 1300 13.97 45.22 -57.26
C LYS F 1300 14.96 44.22 -57.87
N PRO F 1301 16.14 44.09 -57.28
CA PRO F 1301 17.18 43.22 -57.86
C PRO F 1301 16.73 41.76 -57.85
N ILE F 1302 17.50 40.89 -58.52
CA ILE F 1302 17.11 39.48 -58.56
C ILE F 1302 17.16 38.88 -57.17
N ARG F 1303 18.26 39.10 -56.45
CA ARG F 1303 18.37 38.55 -55.11
C ARG F 1303 17.23 39.07 -54.22
N GLU F 1304 17.03 40.39 -54.18
CA GLU F 1304 15.98 40.98 -53.34
C GLU F 1304 14.60 40.50 -53.75
N GLN F 1305 14.37 40.30 -55.04
CA GLN F 1305 13.06 39.83 -55.48
C GLN F 1305 12.87 38.37 -55.12
N ALA F 1306 13.87 37.53 -55.45
CA ALA F 1306 13.75 36.09 -55.25
C ALA F 1306 13.63 35.76 -53.78
N GLU F 1307 14.50 36.37 -52.97
CA GLU F 1307 14.50 36.11 -51.54
C GLU F 1307 13.10 36.23 -50.97
N ASN F 1308 12.37 37.26 -51.37
CA ASN F 1308 11.00 37.36 -50.90
C ASN F 1308 10.06 36.34 -51.54
N ILE F 1309 10.39 35.80 -52.71
CA ILE F 1309 9.49 34.78 -53.23
C ILE F 1309 9.44 33.60 -52.30
N ILE F 1310 10.57 33.28 -51.66
CA ILE F 1310 10.59 32.15 -50.74
C ILE F 1310 9.59 32.34 -49.60
N HIS F 1311 9.42 33.59 -49.14
CA HIS F 1311 8.49 33.83 -48.05
C HIS F 1311 7.10 33.33 -48.39
N LEU F 1312 6.70 33.48 -49.64
CA LEU F 1312 5.33 33.16 -50.03
C LEU F 1312 4.94 31.72 -49.71
N PHE F 1313 5.87 30.78 -49.81
CA PHE F 1313 5.47 29.37 -49.67
C PHE F 1313 4.70 29.13 -48.39
N THR F 1314 4.98 29.88 -47.33
CA THR F 1314 4.29 29.66 -46.06
C THR F 1314 2.77 29.78 -46.20
N LEU F 1315 2.32 30.43 -47.27
CA LEU F 1315 0.92 30.32 -47.66
C LEU F 1315 0.57 28.87 -48.02
N THR F 1316 1.42 28.22 -48.84
CA THR F 1316 1.17 26.85 -49.28
C THR F 1316 1.60 25.78 -48.26
N ASN F 1317 2.53 26.12 -47.36
CA ASN F 1317 3.13 25.20 -46.42
C ASN F 1317 2.08 24.32 -45.75
N LEU F 1318 2.39 23.04 -45.61
CA LEU F 1318 1.59 22.19 -44.75
C LEU F 1318 1.58 22.80 -43.35
N GLY F 1319 0.42 22.80 -42.71
CA GLY F 1319 0.32 23.09 -41.30
C GLY F 1319 -0.58 24.28 -40.99
N ALA F 1320 -0.13 25.10 -39.99
CA ALA F 1320 -1.23 26.03 -39.77
C ALA F 1320 -1.01 27.31 -40.54
N PRO F 1321 -2.08 27.97 -40.95
CA PRO F 1321 -1.96 29.32 -41.49
C PRO F 1321 -1.34 30.30 -40.47
N ALA F 1322 -0.24 30.94 -40.89
CA ALA F 1322 0.33 32.05 -40.11
C ALA F 1322 0.77 33.19 -41.04
N ALA F 1323 1.09 34.31 -40.42
CA ALA F 1323 1.27 35.58 -41.11
C ALA F 1323 2.64 35.69 -41.75
N PHE F 1324 2.68 36.14 -43.00
CA PHE F 1324 3.96 36.33 -43.66
C PHE F 1324 3.98 37.65 -44.41
N LYS F 1325 5.16 38.25 -44.48
CA LYS F 1325 5.27 39.52 -45.17
C LYS F 1325 6.19 39.32 -46.37
N TYR F 1326 5.68 39.78 -47.51
CA TYR F 1326 6.46 39.92 -48.72
C TYR F 1326 6.89 41.38 -48.77
N PHE F 1327 8.21 41.61 -48.78
CA PHE F 1327 8.75 42.96 -48.79
C PHE F 1327 8.27 43.77 -47.59
N ASP F 1328 7.29 44.67 -47.76
CA ASP F 1328 6.70 45.40 -46.63
C ASP F 1328 5.19 45.19 -46.52
N THR F 1329 4.68 44.11 -47.13
CA THR F 1329 3.26 43.81 -47.13
C THR F 1329 2.93 42.69 -46.16
N THR F 1330 2.23 43.02 -45.08
CA THR F 1330 1.78 42.00 -44.13
C THR F 1330 0.47 41.38 -44.61
N ILE F 1331 0.53 40.08 -44.82
CA ILE F 1331 -0.55 39.31 -45.36
C ILE F 1331 -1.09 38.45 -44.22
N ASP F 1332 -2.30 38.77 -43.78
CA ASP F 1332 -2.87 38.07 -42.66
C ASP F 1332 -3.02 36.61 -43.06
N ARG F 1333 -3.21 35.76 -42.08
CA ARG F 1333 -3.31 34.36 -42.40
C ARG F 1333 -4.74 34.06 -42.79
N LYS F 1334 -4.97 33.01 -43.55
CA LYS F 1334 -6.35 32.65 -43.91
C LYS F 1334 -6.70 31.38 -43.13
N ARG F 1335 -7.39 31.54 -42.02
CA ARG F 1335 -7.65 30.41 -41.13
C ARG F 1335 -8.89 29.68 -41.62
N TYR F 1336 -8.85 28.35 -41.54
CA TYR F 1336 -9.90 27.52 -42.12
C TYR F 1336 -10.87 27.20 -41.01
N THR F 1337 -11.79 28.15 -40.78
CA THR F 1337 -12.59 28.18 -39.57
C THR F 1337 -13.84 27.29 -39.60
N SER F 1338 -14.01 26.36 -40.54
CA SER F 1338 -15.21 25.52 -40.51
C SER F 1338 -14.86 24.04 -40.53
N THR F 1339 -15.66 23.22 -39.87
CA THR F 1339 -15.49 21.78 -39.95
C THR F 1339 -16.56 21.07 -40.76
N LYS F 1340 -17.33 21.79 -41.57
CA LYS F 1340 -18.38 21.10 -42.30
C LYS F 1340 -17.81 20.12 -43.32
N GLU F 1341 -16.87 20.60 -44.17
CA GLU F 1341 -16.49 19.89 -45.39
C GLU F 1341 -15.94 18.51 -45.12
N VAL F 1342 -15.42 18.30 -43.91
CA VAL F 1342 -14.87 17.02 -43.57
C VAL F 1342 -15.93 15.93 -43.60
N LEU F 1343 -17.10 16.21 -43.05
CA LEU F 1343 -18.10 15.17 -42.79
C LEU F 1343 -18.55 14.47 -44.07
N ASP F 1344 -18.45 15.16 -45.21
CA ASP F 1344 -18.67 14.60 -46.53
C ASP F 1344 -17.37 14.25 -47.23
N ALA F 1345 -16.23 14.38 -46.55
CA ALA F 1345 -14.91 14.06 -47.10
C ALA F 1345 -14.47 12.67 -46.63
N THR F 1346 -13.31 12.24 -47.10
CA THR F 1346 -12.77 10.93 -46.74
C THR F 1346 -11.71 11.10 -45.65
N LEU F 1347 -11.80 10.28 -44.62
CA LEU F 1347 -10.82 10.25 -43.55
C LEU F 1347 -9.66 9.34 -43.93
N ILE F 1348 -8.43 9.79 -43.72
CA ILE F 1348 -7.28 8.93 -43.97
C ILE F 1348 -6.58 8.67 -42.65
N HIS F 1349 -6.54 7.40 -42.22
CA HIS F 1349 -5.72 7.01 -41.08
C HIS F 1349 -4.38 6.50 -41.57
N GLN F 1350 -3.30 7.07 -41.03
CA GLN F 1350 -1.95 6.79 -41.46
C GLN F 1350 -1.10 6.11 -40.41
N SER F 1351 -0.24 5.20 -40.86
CA SER F 1351 0.72 4.52 -40.00
C SER F 1351 1.97 5.37 -39.85
N ILE F 1352 2.87 4.95 -38.96
CA ILE F 1352 4.02 5.78 -38.64
C ILE F 1352 4.84 6.07 -39.89
N THR F 1353 4.99 5.09 -40.79
CA THR F 1353 5.72 5.37 -42.02
C THR F 1353 4.91 6.24 -42.96
N GLY F 1354 3.62 6.09 -42.93
CA GLY F 1354 2.80 6.72 -43.93
C GLY F 1354 2.41 5.80 -45.04
N LEU F 1355 2.95 4.56 -45.03
CA LEU F 1355 2.77 3.60 -46.11
C LEU F 1355 1.49 2.79 -45.97
N TYR F 1356 1.18 2.29 -44.77
CA TYR F 1356 -0.01 1.50 -44.59
C TYR F 1356 -1.12 2.47 -44.22
N GLU F 1357 -2.28 2.34 -44.84
CA GLU F 1357 -3.39 3.26 -44.60
C GLU F 1357 -4.65 2.44 -44.34
N THR F 1358 -5.64 3.09 -43.73
CA THR F 1358 -7.03 2.66 -43.86
C THR F 1358 -7.81 3.95 -44.12
N ARG F 1359 -8.45 3.99 -45.29
CA ARG F 1359 -9.19 5.14 -45.81
C ARG F 1359 -10.65 4.98 -45.44
N ILE F 1360 -11.26 6.03 -44.92
CA ILE F 1360 -12.62 6.01 -44.42
C ILE F 1360 -13.35 7.11 -45.15
N ASP F 1361 -14.34 6.74 -45.95
CA ASP F 1361 -15.22 7.69 -46.62
C ASP F 1361 -16.39 7.98 -45.71
N LEU F 1362 -16.69 9.25 -45.51
CA LEU F 1362 -17.76 9.62 -44.59
C LEU F 1362 -19.06 9.78 -45.37
N SER F 1363 -19.96 8.81 -45.18
CA SER F 1363 -21.32 8.85 -45.69
C SER F 1363 -22.15 8.10 -44.67
N GLN F 1364 -23.03 8.82 -43.97
CA GLN F 1364 -23.89 8.26 -42.91
C GLN F 1364 -25.28 8.89 -42.89
#